data_2WVX
#
_entry.id   2WVX
#
_cell.length_a   64.230
_cell.length_b   190.950
_cell.length_c   135.100
_cell.angle_alpha   90.00
_cell.angle_beta   96.97
_cell.angle_gamma   90.00
#
_symmetry.space_group_name_H-M   'P 1 21 1'
#
loop_
_entity.id
_entity.type
_entity.pdbx_description
1 polymer 'PUTATIVE ALPHA-1,2-MANNOSIDASE'
2 polymer 'PUTATIVE ALPHA-1,2-MANNOSIDASE'
3 non-polymer 'CALCIUM ION'
4 non-polymer GLYCEROL
5 water water
#
loop_
_entity_poly.entity_id
_entity_poly.type
_entity_poly.pdbx_seq_one_letter_code
_entity_poly.pdbx_strand_id
1 'polypeptide(L)'
;KDWTQYVNPL(MSE)GSQSTFELSTGNTYPAIARPWG(MSE)NFWTPQTGK(MSE)GDGWQYTYTANKIRGFKQTHQPSP
WINDYGQFSI(MSE)PIVGQPVFDEEKRASWFAHKGEVATPYYYKVYLAEHDIVTE(MSE)TPTERAVLFRFTFPENDHS
YVVVDAFDKGSYIKIIPEENKIIGYTTRNSGGVPENFKNYFIIEFDKPFTYKATVENGNLQENVAEQTTDHAGAIIGFKT
RKGEQVNARIASSFISFEQAAAN(MSE)NELGKDNIEQLAQKGKDAWNQVLGKIEVEGGNLDQYRTFYSCLYRSLLFPRK
FYELDANGQPIHYSPYNGQVLPGY(MSE)FTDTGFWDTFRCLFPLLNL(MSE)YPSVNKE(MSE)QEGLINTYLESGFFP
EWASPGHRGC(MSE)VGNNSASILVDAY(MSE)KGVKVDDIKTLYEGLIHGTENVHPEVSSTGRLGYEYYNKLGYVPYDV
KINENAARTLEYAYDDWCIYRLAKELKRPKKEISLFAKRA(MSE)NYKNLFDKESKL(MSE)RGRNEDGTFQSPFSPLKW
GDAFTEGNSWHYTWSVFHDPQGLIDL(MSE)GGKE(MSE)FVT(MSE)(MSE)DSVFAVPPIFDDSYYGQVIHEIRE
(MSE)TV(MSE)N(MSE)GNYAHGNQPIQH(MSE)IYLYDYAGQPWKAQYWLRQV(MSE)DR(MSE)YTPGPDGYCGDED
NGQTSAWYVFSALGFYPVCPGTDEYV(MSE)GTPLFKKATLHFENGNSLVIDAPNNSTENFYIDS(MSE)SFNGADHTKN
YLRHEDLFKGGTIKVD(MSE)SNRPNLNRGTKEED(MSE)PYSFSKELEHHHHHH
;
A,C,D
2 'polypeptide(L)'
;KDWTQYVNPL(MSE)GSQSTFELSTGNTYPAIARPWG(MSE)NFWTPQTGK(MSE)GDGWQYTYTANKIRGFKQTHQPSP
WINDYGQFSI(MSE)PIVGQPVFDEEKRASWFAHKGEVATPYYYKVYLAEHDIVTE(MSE)TPTERAVLFRFTFPENDHS
YVVVDAFDKGSYIKIIPEENKIIGYTTRNSGGVPENFKNYFIIEFDKPFTYKATVEQGNLQENVAEQTTDHAGAIIGFKT
RKGEQVNARIASSFISFEQAAAN(MSE)NELGKDNIEQLAQKGKDAWNQVLGKIEVEGGNLDQYRTFYSCLYRSLLFPRK
FYELDANGQPIHYSPYNGQVLPGY(MSE)FTDTGFWDTFRCLFPLLNL(MSE)YPSVNKE(MSE)QEGLINTYLESGFFP
EWASPGHRGC(MSE)VGNNSASILVDAY(MSE)KGVKVDDIKTLYEGLIHGTENVHPEVSSTGRLGYEYYNKLGYVPYDV
KINENAARTLEYAYDDWCIYRLAKELKRPKKEISLFAKRA(MSE)NYKNLFDKESKL(MSE)RGRNEDGTFQSPFSPLKW
GDAFTEGNSWHYTWSVFHDPQGLIDL(MSE)GGKE(MSE)FVT(MSE)(MSE)DSVFAVPPIFDDSYYGQVIHEIRE
(MSE)TV(MSE)N(MSE)GNYAHGNQPIQH(MSE)IYLYDYAGQPWKAQYWLRQV(MSE)DR(MSE)YTPGPDGYCGDED
NGQTSAWYVFSALGFYPVCPGTDEYV(MSE)GTPLFKKATLHFENGNSLVIDAPNNSTENFYIDS(MSE)SFNGADHTKN
YLRHEDLFKGGTIKVD(MSE)SNRPNLNRGTKEED(MSE)PYSFSKELEHHHHHH
;
B
#
loop_
_chem_comp.id
_chem_comp.type
_chem_comp.name
_chem_comp.formula
CA non-polymer 'CALCIUM ION' 'Ca 2'
GOL non-polymer GLYCEROL 'C3 H8 O3'
#
# COMPACT_ATOMS: atom_id res chain seq x y z
N LYS A 1 -16.53 -4.47 51.33
CA LYS A 1 -16.56 -5.23 50.03
C LYS A 1 -16.71 -6.74 50.30
N ASP A 2 -17.66 -7.41 49.65
CA ASP A 2 -17.84 -8.83 49.91
C ASP A 2 -17.45 -9.66 48.68
N TRP A 3 -16.68 -10.71 48.88
CA TRP A 3 -16.39 -11.62 47.78
C TRP A 3 -17.07 -12.98 47.96
N THR A 4 -17.54 -13.29 49.17
CA THR A 4 -18.19 -14.59 49.43
C THR A 4 -19.45 -14.77 48.56
N GLN A 5 -20.10 -13.65 48.17
CA GLN A 5 -21.29 -13.75 47.32
C GLN A 5 -21.01 -14.51 46.03
N TYR A 6 -19.74 -14.54 45.61
CA TYR A 6 -19.37 -15.20 44.35
C TYR A 6 -18.97 -16.67 44.54
N VAL A 7 -18.78 -17.09 45.77
CA VAL A 7 -18.33 -18.45 46.04
C VAL A 7 -19.50 -19.46 45.95
N ASN A 8 -19.37 -20.46 45.07
CA ASN A 8 -20.35 -21.55 45.01
C ASN A 8 -19.78 -22.87 45.56
N PRO A 9 -20.08 -23.18 46.84
CA PRO A 9 -19.54 -24.45 47.40
C PRO A 9 -20.13 -25.68 46.69
N LEU A 10 -21.15 -25.51 45.86
CA LEU A 10 -21.71 -26.67 45.13
C LEU A 10 -20.99 -26.95 43.80
N MSE A 11 -20.01 -26.12 43.45
CA MSE A 11 -19.31 -26.32 42.19
C MSE A 11 -18.47 -27.58 42.29
O MSE A 11 -17.61 -27.69 43.16
CB MSE A 11 -18.40 -25.12 41.89
CG MSE A 11 -17.65 -25.21 40.53
SE MSE A 11 -16.48 -23.63 40.32
CE MSE A 11 -15.35 -24.42 38.89
N GLY A 12 -18.71 -28.52 41.39
CA GLY A 12 -18.05 -29.81 41.41
C GLY A 12 -18.86 -30.94 42.06
N SER A 13 -20.03 -30.62 42.62
CA SER A 13 -20.87 -31.61 43.30
C SER A 13 -21.71 -32.49 42.36
N GLN A 14 -21.81 -32.09 41.10
CA GLN A 14 -22.59 -32.88 40.12
C GLN A 14 -21.66 -33.92 39.47
N SER A 15 -21.21 -34.85 40.29
CA SER A 15 -20.17 -35.82 39.90
C SER A 15 -20.63 -37.21 40.29
N THR A 16 -20.08 -38.22 39.63
CA THR A 16 -20.36 -39.61 39.99
C THR A 16 -19.06 -40.41 39.82
N PHE A 17 -19.05 -41.61 40.39
CA PHE A 17 -18.01 -42.61 40.15
C PHE A 17 -17.61 -42.60 38.69
N GLU A 18 -18.62 -42.67 37.82
CA GLU A 18 -18.39 -42.78 36.35
C GLU A 18 -17.80 -41.60 35.67
N LEU A 19 -18.07 -40.40 36.20
CA LEU A 19 -17.74 -39.22 35.42
C LEU A 19 -17.59 -37.98 36.32
N SER A 20 -16.37 -37.43 36.41
CA SER A 20 -16.14 -36.34 37.38
C SER A 20 -16.35 -34.94 36.76
N THR A 21 -16.99 -34.05 37.52
CA THR A 21 -16.95 -32.64 37.17
C THR A 21 -16.37 -31.88 38.35
N GLY A 22 -15.57 -32.56 39.18
CA GLY A 22 -14.83 -31.93 40.28
C GLY A 22 -14.68 -32.89 41.44
N ASN A 23 -15.71 -33.73 41.62
CA ASN A 23 -15.76 -34.63 42.75
C ASN A 23 -15.58 -33.87 44.07
N THR A 24 -16.33 -32.77 44.22
CA THR A 24 -16.26 -32.00 45.47
C THR A 24 -17.51 -32.17 46.32
N TYR A 25 -17.42 -31.72 47.57
CA TYR A 25 -18.61 -31.55 48.41
C TYR A 25 -18.60 -30.15 48.95
N PRO A 26 -19.76 -29.67 49.41
CA PRO A 26 -19.77 -28.31 49.91
C PRO A 26 -19.06 -28.27 51.26
N ALA A 27 -17.83 -27.76 51.28
CA ALA A 27 -17.10 -27.71 52.54
C ALA A 27 -17.53 -26.45 53.30
N ILE A 28 -18.37 -26.62 54.31
CA ILE A 28 -18.76 -25.47 55.12
C ILE A 28 -17.74 -25.39 56.26
N ALA A 29 -16.89 -24.37 56.24
CA ALA A 29 -15.65 -24.44 57.02
C ALA A 29 -15.02 -23.06 57.06
N ARG A 30 -14.11 -22.86 57.98
CA ARG A 30 -13.24 -21.72 57.94
C ARG A 30 -12.04 -22.09 56.99
N PRO A 31 -11.28 -21.11 56.55
CA PRO A 31 -10.12 -21.38 55.74
C PRO A 31 -9.18 -22.33 56.50
N TRP A 32 -8.77 -23.38 55.82
CA TRP A 32 -7.89 -24.40 56.36
C TRP A 32 -8.45 -25.00 57.65
N GLY A 33 -9.75 -24.96 57.82
CA GLY A 33 -10.34 -25.40 59.06
C GLY A 33 -9.98 -26.86 59.42
N MSE A 34 -9.78 -27.12 60.71
CA MSE A 34 -9.51 -28.45 61.15
C MSE A 34 -10.67 -29.43 60.92
O MSE A 34 -10.47 -30.51 60.58
CB MSE A 34 -9.10 -28.55 62.60
CG MSE A 34 -8.85 -29.92 63.06
SE MSE A 34 -8.05 -30.06 64.86
CE MSE A 34 -9.65 -30.67 65.82
N ASN A 35 -11.87 -28.98 61.20
CA ASN A 35 -13.08 -29.75 60.97
C ASN A 35 -13.96 -29.08 59.91
N PHE A 36 -14.34 -29.83 58.87
CA PHE A 36 -15.28 -29.29 57.86
C PHE A 36 -16.63 -29.91 58.14
N TRP A 37 -17.70 -29.21 57.76
CA TRP A 37 -19.05 -29.74 57.91
C TRP A 37 -19.77 -29.76 56.56
N THR A 38 -20.55 -30.80 56.30
CA THR A 38 -21.24 -30.89 55.04
C THR A 38 -22.58 -31.59 55.19
N PRO A 39 -23.59 -31.17 54.40
CA PRO A 39 -24.76 -32.02 54.30
C PRO A 39 -24.35 -33.35 53.68
N GLN A 40 -24.99 -34.45 54.09
CA GLN A 40 -24.58 -35.75 53.62
C GLN A 40 -25.73 -36.42 52.90
N THR A 41 -25.57 -36.69 51.60
CA THR A 41 -26.61 -37.32 50.83
C THR A 41 -26.26 -38.80 50.62
N GLY A 42 -24.96 -39.08 50.56
CA GLY A 42 -24.44 -40.42 50.38
C GLY A 42 -24.59 -41.26 51.65
N LYS A 43 -24.60 -42.58 51.47
CA LYS A 43 -24.63 -43.49 52.60
C LYS A 43 -23.27 -43.48 53.31
N MSE A 44 -23.27 -43.80 54.59
CA MSE A 44 -22.04 -43.86 55.37
C MSE A 44 -20.98 -44.63 54.61
O MSE A 44 -21.27 -45.71 54.12
CB MSE A 44 -22.28 -44.60 56.70
CG MSE A 44 -21.03 -44.60 57.56
SE MSE A 44 -21.31 -45.40 59.31
CE MSE A 44 -22.04 -47.10 58.71
N GLY A 45 -19.76 -44.12 54.55
CA GLY A 45 -18.69 -44.85 53.88
C GLY A 45 -18.47 -44.48 52.41
N ASP A 46 -19.50 -43.93 51.76
CA ASP A 46 -19.43 -43.64 50.33
C ASP A 46 -18.57 -42.40 50.16
N GLY A 47 -17.56 -42.47 49.30
CA GLY A 47 -16.74 -41.28 49.05
C GLY A 47 -17.55 -40.16 48.44
N TRP A 48 -18.66 -40.50 47.77
CA TRP A 48 -19.52 -39.47 47.20
C TRP A 48 -20.53 -39.09 48.27
N GLN A 49 -20.09 -38.30 49.23
CA GLN A 49 -20.89 -38.03 50.41
C GLN A 49 -21.96 -36.96 50.14
N TYR A 50 -21.75 -36.12 49.13
CA TYR A 50 -22.74 -35.15 48.67
C TYR A 50 -22.67 -35.12 47.16
N THR A 51 -23.82 -35.36 46.52
CA THR A 51 -23.89 -35.27 45.07
C THR A 51 -25.11 -34.41 44.72
N TYR A 52 -24.96 -33.58 43.69
CA TYR A 52 -25.99 -32.61 43.37
C TYR A 52 -27.31 -33.29 42.94
N THR A 53 -27.20 -34.46 42.32
CA THR A 53 -28.43 -35.09 41.80
C THR A 53 -29.14 -35.92 42.85
N ALA A 54 -28.55 -36.05 44.03
CA ALA A 54 -29.20 -36.75 45.14
C ALA A 54 -30.43 -36.00 45.67
N ASN A 55 -31.46 -36.74 46.05
CA ASN A 55 -32.73 -36.15 46.56
C ASN A 55 -32.92 -36.04 48.06
N LYS A 56 -32.07 -36.70 48.82
CA LYS A 56 -32.26 -36.82 50.26
C LYS A 56 -30.99 -36.56 51.07
N ILE A 57 -31.16 -35.89 52.20
CA ILE A 57 -30.09 -35.70 53.17
C ILE A 57 -30.34 -36.65 54.36
N ARG A 58 -29.29 -37.33 54.85
CA ARG A 58 -29.47 -38.27 55.95
C ARG A 58 -28.65 -37.89 57.16
N GLY A 59 -27.89 -36.80 57.05
CA GLY A 59 -27.17 -36.27 58.19
C GLY A 59 -26.41 -35.02 57.82
N PHE A 60 -25.96 -34.29 58.85
CA PHE A 60 -25.06 -33.16 58.72
C PHE A 60 -23.77 -33.64 59.33
N LYS A 61 -22.72 -33.72 58.52
CA LYS A 61 -21.59 -34.57 58.89
C LYS A 61 -20.32 -33.78 59.06
N GLN A 62 -19.57 -34.12 60.11
CA GLN A 62 -18.23 -33.59 60.25
C GLN A 62 -17.34 -34.45 59.36
N THR A 63 -16.53 -33.82 58.52
CA THR A 63 -15.74 -34.60 57.57
C THR A 63 -14.32 -34.03 57.45
N HIS A 64 -13.37 -34.88 57.03
CA HIS A 64 -11.98 -34.43 56.79
C HIS A 64 -11.56 -34.89 55.38
N GLN A 65 -12.51 -35.37 54.62
CA GLN A 65 -12.21 -36.05 53.36
C GLN A 65 -11.61 -35.11 52.30
N PRO A 66 -10.45 -35.49 51.72
CA PRO A 66 -9.85 -34.67 50.66
C PRO A 66 -10.28 -35.09 49.26
N SER A 67 -10.73 -36.33 49.09
CA SER A 67 -11.23 -36.81 47.79
C SER A 67 -12.03 -38.09 48.00
N PRO A 68 -12.93 -38.40 47.06
CA PRO A 68 -13.72 -39.59 47.28
C PRO A 68 -12.84 -40.84 47.25
N TRP A 69 -11.77 -40.80 46.50
CA TRP A 69 -10.87 -41.90 46.39
C TRP A 69 -10.09 -42.16 47.73
N ILE A 70 -9.61 -41.11 48.34
CA ILE A 70 -8.95 -41.17 49.62
C ILE A 70 -9.94 -41.51 50.78
N ASN A 71 -11.11 -40.95 50.67
CA ASN A 71 -12.20 -41.16 51.59
C ASN A 71 -11.84 -40.49 52.93
N ASP A 72 -12.52 -40.88 54.00
CA ASP A 72 -12.73 -40.08 55.18
C ASP A 72 -12.20 -40.68 56.53
N TYR A 73 -12.14 -39.80 57.55
CA TYR A 73 -11.77 -40.13 58.92
C TYR A 73 -12.30 -39.04 59.88
N GLY A 74 -12.37 -39.35 61.18
CA GLY A 74 -12.83 -38.37 62.15
C GLY A 74 -14.20 -37.85 61.76
N GLN A 75 -15.12 -38.78 61.54
CA GLN A 75 -16.43 -38.49 60.91
C GLN A 75 -17.58 -38.94 61.82
N PHE A 76 -18.54 -38.06 62.03
CA PHE A 76 -19.78 -38.38 62.73
C PHE A 76 -20.85 -37.43 62.23
N SER A 77 -22.13 -37.72 62.49
CA SER A 77 -23.18 -36.85 61.96
C SER A 77 -24.31 -36.62 62.95
N ILE A 78 -25.14 -35.64 62.63
CA ILE A 78 -26.29 -35.30 63.47
C ILE A 78 -27.46 -35.10 62.50
N MSE A 79 -28.65 -35.46 62.93
CA MSE A 79 -29.79 -35.44 62.02
C MSE A 79 -31.04 -35.18 62.84
O MSE A 79 -31.39 -36.02 63.66
CB MSE A 79 -29.92 -36.78 61.30
CG MSE A 79 -31.05 -36.87 60.31
SE MSE A 79 -30.87 -35.59 58.79
CE MSE A 79 -32.65 -35.82 58.03
N PRO A 80 -31.71 -34.05 62.61
CA PRO A 80 -32.96 -33.76 63.30
C PRO A 80 -34.11 -34.47 62.56
N ILE A 81 -35.08 -35.01 63.30
CA ILE A 81 -36.20 -35.76 62.70
C ILE A 81 -37.46 -35.51 63.52
N VAL A 82 -38.63 -35.87 63.00
CA VAL A 82 -39.83 -35.91 63.83
C VAL A 82 -40.56 -37.21 63.55
N GLY A 83 -41.52 -37.55 64.41
CA GLY A 83 -42.35 -38.74 64.19
C GLY A 83 -41.84 -39.88 65.06
N GLN A 84 -41.32 -40.94 64.46
CA GLN A 84 -40.73 -42.04 65.22
C GLN A 84 -39.23 -41.84 65.45
N PRO A 85 -38.72 -42.26 66.62
CA PRO A 85 -37.28 -42.13 66.79
C PRO A 85 -36.57 -43.20 65.97
N VAL A 86 -36.02 -42.84 64.83
CA VAL A 86 -35.37 -43.88 64.03
C VAL A 86 -33.90 -43.58 63.77
N PHE A 87 -33.03 -44.58 63.96
CA PHE A 87 -31.60 -44.37 63.77
C PHE A 87 -31.14 -44.71 62.38
N ASP A 88 -31.81 -45.66 61.74
CA ASP A 88 -31.38 -46.15 60.44
C ASP A 88 -31.15 -44.98 59.44
N GLU A 89 -30.01 -45.00 58.75
CA GLU A 89 -29.60 -43.87 57.91
C GLU A 89 -30.50 -43.67 56.67
N GLU A 90 -31.27 -44.69 56.30
CA GLU A 90 -32.28 -44.51 55.25
C GLU A 90 -33.59 -44.03 55.80
N LYS A 91 -34.06 -44.69 56.84
CA LYS A 91 -35.35 -44.32 57.40
C LYS A 91 -35.36 -42.89 57.96
N ARG A 92 -34.23 -42.37 58.41
CA ARG A 92 -34.24 -41.03 58.99
C ARG A 92 -34.10 -39.92 57.96
N ALA A 93 -33.72 -40.30 56.74
CA ALA A 93 -33.38 -39.34 55.70
C ALA A 93 -34.59 -38.53 55.21
N SER A 94 -34.33 -37.37 54.61
CA SER A 94 -35.41 -36.50 54.13
C SER A 94 -35.14 -35.95 52.74
N TRP A 95 -36.15 -36.00 51.88
CA TRP A 95 -36.15 -35.16 50.70
C TRP A 95 -35.73 -33.73 50.98
N PHE A 96 -35.02 -33.14 50.02
CA PHE A 96 -34.87 -31.70 49.96
C PHE A 96 -34.75 -31.27 48.51
N ALA A 97 -34.71 -29.96 48.27
CA ALA A 97 -34.37 -29.43 46.95
C ALA A 97 -33.36 -28.30 47.05
N HIS A 98 -32.59 -28.12 46.00
CA HIS A 98 -31.62 -27.05 46.00
C HIS A 98 -32.27 -25.66 46.13
N LYS A 99 -33.52 -25.53 45.71
CA LYS A 99 -34.21 -24.24 45.92
C LYS A 99 -34.66 -24.06 47.37
N GLY A 100 -34.50 -25.08 48.21
CA GLY A 100 -34.75 -24.92 49.65
C GLY A 100 -33.45 -24.98 50.42
N GLU A 101 -32.34 -24.66 49.75
CA GLU A 101 -30.99 -24.83 50.29
C GLU A 101 -30.18 -23.55 50.07
N VAL A 102 -29.36 -23.17 51.03
CA VAL A 102 -28.50 -22.00 50.85
C VAL A 102 -27.12 -22.50 51.26
N ALA A 103 -26.21 -22.60 50.30
CA ALA A 103 -24.83 -23.02 50.62
C ALA A 103 -23.81 -21.89 50.43
N THR A 104 -23.16 -21.47 51.52
CA THR A 104 -22.05 -20.51 51.45
C THR A 104 -20.90 -21.10 52.26
N PRO A 105 -19.68 -20.56 52.11
CA PRO A 105 -18.61 -21.16 52.90
C PRO A 105 -18.77 -21.01 54.43
N TYR A 106 -19.55 -20.04 54.88
CA TYR A 106 -19.61 -19.74 56.30
C TYR A 106 -20.95 -20.08 56.93
N TYR A 107 -21.90 -20.56 56.12
CA TYR A 107 -23.26 -20.75 56.57
C TYR A 107 -23.98 -21.66 55.58
N TYR A 108 -24.64 -22.69 56.12
CA TYR A 108 -25.41 -23.62 55.32
C TYR A 108 -26.80 -23.76 55.91
N LYS A 109 -27.84 -23.67 55.06
CA LYS A 109 -29.22 -23.90 55.51
C LYS A 109 -29.94 -24.84 54.54
N VAL A 110 -30.80 -25.69 55.08
CA VAL A 110 -31.64 -26.50 54.20
C VAL A 110 -32.96 -26.82 54.83
N TYR A 111 -34.00 -26.90 54.02
CA TYR A 111 -35.30 -27.35 54.47
C TYR A 111 -35.49 -28.86 54.23
N LEU A 112 -35.67 -29.58 55.32
CA LEU A 112 -35.88 -31.03 55.28
C LEU A 112 -37.38 -31.33 55.15
N ALA A 113 -37.81 -31.56 53.90
CA ALA A 113 -39.24 -31.58 53.55
C ALA A 113 -40.05 -32.66 54.25
N GLU A 114 -39.43 -33.80 54.50
CA GLU A 114 -40.17 -34.88 55.10
C GLU A 114 -40.34 -34.74 56.62
N HIS A 115 -39.51 -33.90 57.24
CA HIS A 115 -39.68 -33.66 58.68
C HIS A 115 -40.25 -32.29 58.98
N ASP A 116 -40.40 -31.45 57.95
CA ASP A 116 -40.76 -30.03 58.13
C ASP A 116 -39.79 -29.34 59.10
N ILE A 117 -38.49 -29.56 58.90
CA ILE A 117 -37.46 -28.99 59.79
C ILE A 117 -36.48 -28.19 58.95
N VAL A 118 -36.18 -26.97 59.40
CA VAL A 118 -35.05 -26.20 58.83
C VAL A 118 -33.78 -26.46 59.64
N THR A 119 -32.67 -26.74 58.94
CA THR A 119 -31.38 -26.88 59.60
C THR A 119 -30.45 -25.79 59.10
N GLU A 120 -29.80 -25.11 60.03
CA GLU A 120 -28.78 -24.12 59.73
C GLU A 120 -27.50 -24.46 60.50
N MSE A 121 -26.34 -24.21 59.90
CA MSE A 121 -25.09 -24.44 60.63
C MSE A 121 -24.03 -23.44 60.24
O MSE A 121 -23.94 -23.02 59.06
CB MSE A 121 -24.62 -25.89 60.40
CG MSE A 121 -24.36 -26.27 58.94
SE MSE A 121 -23.78 -28.12 58.82
CE MSE A 121 -23.12 -28.19 56.94
N THR A 122 -23.22 -23.03 61.22
CA THR A 122 -22.15 -22.05 61.02
C THR A 122 -20.94 -22.54 61.79
N PRO A 123 -19.88 -22.94 61.07
CA PRO A 123 -18.70 -23.47 61.73
C PRO A 123 -17.65 -22.43 62.11
N THR A 124 -16.79 -22.82 63.05
CA THR A 124 -15.56 -22.12 63.29
C THR A 124 -14.45 -23.10 62.85
N GLU A 125 -13.20 -22.87 63.23
CA GLU A 125 -12.11 -23.75 62.77
C GLU A 125 -12.28 -25.19 63.27
N ARG A 126 -12.80 -25.34 64.48
CA ARG A 126 -12.91 -26.67 65.10
C ARG A 126 -14.28 -26.99 65.68
N ALA A 127 -15.18 -26.01 65.65
CA ALA A 127 -16.50 -26.17 66.25
C ALA A 127 -17.58 -25.74 65.28
N VAL A 128 -18.84 -25.91 65.66
CA VAL A 128 -19.93 -25.48 64.78
C VAL A 128 -21.17 -25.26 65.64
N LEU A 129 -21.99 -24.29 65.27
CA LEU A 129 -23.31 -24.12 65.87
C LEU A 129 -24.39 -24.60 64.89
N PHE A 130 -25.29 -25.43 65.39
CA PHE A 130 -26.47 -25.83 64.63
C PHE A 130 -27.70 -25.14 65.20
N ARG A 131 -28.58 -24.65 64.31
CA ARG A 131 -29.92 -24.22 64.75
C ARG A 131 -30.96 -25.01 63.97
N PHE A 132 -31.75 -25.79 64.70
CA PHE A 132 -32.82 -26.54 64.08
C PHE A 132 -34.12 -25.82 64.35
N THR A 133 -34.91 -25.61 63.31
CA THR A 133 -36.26 -25.05 63.51
C THR A 133 -37.28 -26.18 63.31
N PHE A 134 -37.89 -26.64 64.41
CA PHE A 134 -38.83 -27.75 64.37
C PHE A 134 -40.28 -27.32 64.12
N PRO A 135 -41.12 -28.26 63.64
CA PRO A 135 -42.55 -28.01 63.51
C PRO A 135 -43.23 -28.35 64.84
N GLU A 136 -44.52 -28.08 64.94
CA GLU A 136 -45.25 -28.49 66.14
C GLU A 136 -45.30 -30.00 66.13
N ASN A 137 -44.88 -30.64 67.21
CA ASN A 137 -44.89 -32.08 67.21
C ASN A 137 -44.63 -32.59 68.60
N ASP A 138 -45.34 -33.63 68.97
CA ASP A 138 -45.13 -34.31 70.25
C ASP A 138 -43.86 -35.10 70.31
N HIS A 139 -43.33 -35.47 69.13
CA HIS A 139 -42.21 -36.35 69.04
C HIS A 139 -41.16 -35.80 68.07
N SER A 140 -40.34 -34.89 68.57
CA SER A 140 -39.24 -34.31 67.81
C SER A 140 -37.96 -34.89 68.34
N TYR A 141 -37.03 -35.22 67.46
CA TYR A 141 -35.80 -35.85 67.94
C TYR A 141 -34.57 -35.24 67.28
N VAL A 142 -33.42 -35.49 67.91
CA VAL A 142 -32.14 -35.28 67.23
C VAL A 142 -31.32 -36.58 67.30
N VAL A 143 -30.87 -37.05 66.15
CA VAL A 143 -30.07 -38.28 66.11
C VAL A 143 -28.58 -37.99 66.01
N VAL A 144 -27.78 -38.58 66.89
CA VAL A 144 -26.34 -38.42 66.80
C VAL A 144 -25.73 -39.76 66.40
N ASP A 145 -24.97 -39.76 65.32
CA ASP A 145 -24.48 -41.00 64.74
C ASP A 145 -22.95 -40.97 64.79
N ALA A 146 -22.35 -41.83 65.64
CA ALA A 146 -20.90 -41.85 65.81
C ALA A 146 -20.18 -42.70 64.75
N PHE A 147 -20.94 -43.25 63.82
CA PHE A 147 -20.44 -44.08 62.74
C PHE A 147 -19.94 -45.47 63.24
N ASP A 148 -19.47 -46.33 62.36
CA ASP A 148 -19.08 -47.66 62.71
C ASP A 148 -17.56 -47.92 62.89
N LYS A 149 -17.20 -49.18 62.94
CA LYS A 149 -15.82 -49.62 63.11
C LYS A 149 -15.29 -49.33 64.48
N GLY A 150 -16.18 -49.08 65.40
CA GLY A 150 -15.84 -48.87 66.78
C GLY A 150 -15.97 -47.42 67.22
N SER A 151 -17.01 -47.16 67.99
CA SER A 151 -17.36 -45.85 68.47
C SER A 151 -17.93 -45.86 69.86
N TYR A 152 -18.18 -44.69 70.38
CA TYR A 152 -18.64 -44.56 71.75
C TYR A 152 -19.57 -43.39 71.88
N ILE A 153 -20.58 -43.52 72.74
CA ILE A 153 -21.51 -42.44 72.93
C ILE A 153 -22.02 -42.39 74.39
N LYS A 154 -22.25 -41.19 74.89
CA LYS A 154 -22.82 -41.00 76.23
C LYS A 154 -23.76 -39.78 76.32
N ILE A 155 -24.97 -40.03 76.79
CA ILE A 155 -25.94 -38.98 77.01
C ILE A 155 -25.84 -38.51 78.47
N ILE A 156 -25.69 -37.21 78.66
CA ILE A 156 -25.61 -36.61 80.00
C ILE A 156 -26.75 -35.61 80.21
N PRO A 157 -27.92 -36.11 80.62
CA PRO A 157 -29.10 -35.26 80.65
C PRO A 157 -28.98 -34.10 81.62
N GLU A 158 -28.24 -34.24 82.71
CA GLU A 158 -28.16 -33.11 83.66
C GLU A 158 -27.38 -31.96 83.07
N GLU A 159 -26.78 -32.19 81.91
CA GLU A 159 -26.01 -31.14 81.26
C GLU A 159 -26.57 -30.82 79.87
N ASN A 160 -27.67 -31.46 79.49
CA ASN A 160 -28.24 -31.29 78.14
C ASN A 160 -27.17 -31.61 77.09
N LYS A 161 -26.40 -32.66 77.35
CA LYS A 161 -25.19 -32.91 76.58
C LYS A 161 -25.14 -34.32 76.04
N ILE A 162 -24.43 -34.50 74.94
CA ILE A 162 -24.11 -35.84 74.42
C ILE A 162 -22.63 -35.79 74.08
N ILE A 163 -21.87 -36.77 74.53
CA ILE A 163 -20.46 -36.81 74.14
C ILE A 163 -20.25 -38.13 73.42
N GLY A 164 -19.16 -38.26 72.67
CA GLY A 164 -18.85 -39.54 72.05
C GLY A 164 -17.49 -39.51 71.37
N TYR A 165 -17.08 -40.63 70.82
CA TYR A 165 -15.96 -40.57 69.90
C TYR A 165 -16.21 -41.46 68.71
N THR A 166 -15.59 -41.10 67.60
CA THR A 166 -15.68 -41.87 66.37
C THR A 166 -14.27 -42.28 65.93
N THR A 167 -14.16 -43.43 65.26
CA THR A 167 -12.89 -43.91 64.77
C THR A 167 -12.92 -44.35 63.31
N ARG A 168 -14.08 -44.44 62.69
CA ARG A 168 -14.10 -44.98 61.31
C ARG A 168 -13.13 -44.17 60.45
N ASN A 169 -12.22 -44.86 59.77
CA ASN A 169 -11.22 -44.14 58.97
C ASN A 169 -10.84 -44.95 57.74
N SER A 170 -9.97 -44.40 56.90
CA SER A 170 -9.67 -45.05 55.64
C SER A 170 -8.20 -45.44 55.59
N GLY A 171 -7.59 -45.57 56.76
CA GLY A 171 -6.18 -45.89 56.83
C GLY A 171 -5.36 -44.66 57.16
N GLY A 172 -4.06 -44.87 57.35
CA GLY A 172 -3.16 -43.77 57.69
C GLY A 172 -3.34 -43.20 59.08
N VAL A 173 -3.81 -44.02 60.04
CA VAL A 173 -4.00 -43.53 61.41
C VAL A 173 -3.32 -44.45 62.40
N PRO A 174 -2.90 -43.91 63.55
CA PRO A 174 -2.33 -44.77 64.64
C PRO A 174 -3.40 -45.65 65.27
N GLU A 175 -2.97 -46.66 66.04
CA GLU A 175 -3.90 -47.53 66.75
C GLU A 175 -4.83 -46.79 67.69
N ASN A 176 -4.34 -45.76 68.35
CA ASN A 176 -5.21 -45.09 69.34
C ASN A 176 -6.08 -44.00 68.73
N PHE A 177 -6.23 -44.03 67.41
CA PHE A 177 -6.95 -42.95 66.74
C PHE A 177 -8.40 -42.80 67.19
N LYS A 178 -8.75 -41.60 67.63
CA LYS A 178 -10.16 -41.26 67.91
C LYS A 178 -10.42 -39.77 67.66
N ASN A 179 -11.65 -39.44 67.34
CA ASN A 179 -12.07 -38.06 67.27
C ASN A 179 -13.13 -37.86 68.34
N TYR A 180 -12.80 -37.07 69.36
CA TYR A 180 -13.67 -36.89 70.53
C TYR A 180 -14.60 -35.72 70.25
N PHE A 181 -15.90 -35.90 70.44
CA PHE A 181 -16.84 -34.80 70.22
C PHE A 181 -17.78 -34.54 71.40
N ILE A 182 -18.27 -33.31 71.48
CA ILE A 182 -19.19 -32.88 72.54
C ILE A 182 -20.29 -32.05 71.89
N ILE A 183 -21.54 -32.32 72.25
CA ILE A 183 -22.69 -31.63 71.69
C ILE A 183 -23.54 -31.10 72.85
N GLU A 184 -23.71 -29.78 72.95
CA GLU A 184 -24.54 -29.19 74.00
C GLU A 184 -25.80 -28.57 73.40
N PHE A 185 -26.96 -28.99 73.91
CA PHE A 185 -28.25 -28.47 73.43
C PHE A 185 -28.78 -27.36 74.32
N ASP A 186 -29.47 -26.38 73.75
CA ASP A 186 -30.14 -25.34 74.57
C ASP A 186 -31.59 -25.67 74.88
N LYS A 187 -31.96 -26.93 74.69
CA LYS A 187 -33.28 -27.39 75.06
C LYS A 187 -33.11 -28.76 75.70
N PRO A 188 -33.70 -28.96 76.88
CA PRO A 188 -33.47 -30.21 77.61
C PRO A 188 -34.16 -31.41 76.99
N PHE A 189 -33.63 -32.61 77.25
CA PHE A 189 -34.16 -33.87 76.71
C PHE A 189 -35.28 -34.43 77.53
N THR A 190 -36.36 -34.79 76.86
CA THR A 190 -37.48 -35.45 77.48
C THR A 190 -37.52 -36.92 77.07
N TYR A 191 -36.77 -37.26 76.04
CA TYR A 191 -36.65 -38.62 75.59
C TYR A 191 -35.16 -38.85 75.37
N LYS A 192 -34.67 -40.02 75.72
CA LYS A 192 -33.24 -40.29 75.52
C LYS A 192 -33.00 -41.76 75.31
N ALA A 193 -32.20 -42.10 74.30
CA ALA A 193 -31.92 -43.50 74.00
C ALA A 193 -30.54 -43.57 73.39
N THR A 194 -29.79 -44.59 73.74
CA THR A 194 -28.58 -44.88 73.00
C THR A 194 -28.85 -45.96 72.01
N VAL A 195 -27.96 -46.15 71.07
CA VAL A 195 -28.12 -47.14 70.05
C VAL A 195 -26.90 -48.04 69.94
N GLU A 196 -27.17 -49.31 69.86
CA GLU A 196 -26.18 -50.33 69.87
C GLU A 196 -26.48 -51.33 68.75
N ASN A 197 -25.66 -51.27 67.75
CA ASN A 197 -25.81 -52.12 66.62
C ASN A 197 -27.27 -52.20 66.15
N GLY A 198 -27.80 -51.02 65.96
CA GLY A 198 -29.07 -50.79 65.40
C GLY A 198 -30.25 -50.90 66.34
N ASN A 199 -30.02 -51.26 67.59
CA ASN A 199 -31.06 -51.38 68.59
C ASN A 199 -31.15 -50.17 69.47
N LEU A 200 -32.34 -49.64 69.56
CA LEU A 200 -32.61 -48.51 70.38
C LEU A 200 -32.69 -48.96 71.82
N GLN A 201 -31.92 -48.34 72.68
CA GLN A 201 -31.90 -48.70 74.09
C GLN A 201 -32.29 -47.49 74.91
N GLU A 202 -33.58 -47.36 75.17
CA GLU A 202 -34.09 -46.20 75.87
C GLU A 202 -33.56 -46.10 77.32
N ASN A 203 -33.19 -44.89 77.71
CA ASN A 203 -32.68 -44.58 79.04
C ASN A 203 -31.38 -45.30 79.46
N VAL A 204 -30.68 -45.90 78.49
CA VAL A 204 -29.35 -46.45 78.75
C VAL A 204 -28.32 -45.40 78.36
N ALA A 205 -27.48 -44.98 79.30
CA ALA A 205 -26.75 -43.75 79.13
C ALA A 205 -25.58 -43.82 78.14
N GLU A 206 -25.00 -45.00 77.96
CA GLU A 206 -23.69 -45.11 77.35
C GLU A 206 -23.62 -46.34 76.47
N GLN A 207 -22.83 -46.28 75.40
CA GLN A 207 -22.50 -47.47 74.61
C GLN A 207 -21.06 -47.41 74.09
N THR A 208 -20.38 -48.55 74.14
CA THR A 208 -19.07 -48.70 73.52
C THR A 208 -19.26 -49.93 72.65
N THR A 209 -19.29 -49.73 71.34
CA THR A 209 -19.81 -50.77 70.46
C THR A 209 -19.35 -50.47 69.03
N ASP A 210 -19.60 -51.37 68.09
CA ASP A 210 -19.13 -51.15 66.72
C ASP A 210 -19.70 -49.84 66.14
N HIS A 211 -21.00 -49.64 66.34
CA HIS A 211 -21.68 -48.47 65.76
C HIS A 211 -22.55 -47.79 66.81
N ALA A 212 -21.98 -46.88 67.58
CA ALA A 212 -22.71 -46.21 68.65
C ALA A 212 -23.54 -45.03 68.09
N GLY A 213 -24.66 -44.77 68.74
CA GLY A 213 -25.51 -43.63 68.38
C GLY A 213 -26.31 -43.15 69.57
N ALA A 214 -26.98 -42.02 69.42
CA ALA A 214 -27.88 -41.50 70.46
C ALA A 214 -29.06 -40.86 69.75
N ILE A 215 -30.24 -40.98 70.35
CA ILE A 215 -31.41 -40.19 69.95
C ILE A 215 -31.96 -39.52 71.19
N ILE A 216 -32.00 -38.19 71.19
CA ILE A 216 -32.71 -37.45 72.22
C ILE A 216 -33.91 -36.76 71.61
N GLY A 217 -34.88 -36.35 72.43
CA GLY A 217 -36.05 -35.70 71.87
C GLY A 217 -36.82 -34.96 72.94
N PHE A 218 -37.93 -34.35 72.50
CA PHE A 218 -38.75 -33.44 73.28
C PHE A 218 -39.99 -33.11 72.45
N LYS A 219 -40.93 -32.42 73.07
CA LYS A 219 -42.09 -31.82 72.38
C LYS A 219 -41.66 -30.48 71.85
N THR A 220 -42.10 -30.11 70.65
CA THR A 220 -41.79 -28.81 70.08
C THR A 220 -43.05 -28.07 69.62
N ARG A 221 -42.99 -26.76 69.67
CA ARG A 221 -44.07 -25.98 69.10
C ARG A 221 -43.67 -25.55 67.71
N LYS A 222 -44.64 -25.10 66.94
CA LYS A 222 -44.34 -24.63 65.60
C LYS A 222 -43.24 -23.56 65.62
N GLY A 223 -42.23 -23.75 64.78
CA GLY A 223 -41.18 -22.75 64.66
C GLY A 223 -40.19 -22.69 65.81
N GLU A 224 -40.29 -23.65 66.73
CA GLU A 224 -39.38 -23.73 67.86
C GLU A 224 -37.95 -24.03 67.43
N GLN A 225 -37.02 -23.18 67.87
CA GLN A 225 -35.61 -23.31 67.52
C GLN A 225 -34.82 -24.03 68.60
N VAL A 226 -34.07 -25.02 68.20
CA VAL A 226 -33.19 -25.71 69.15
C VAL A 226 -31.77 -25.57 68.66
N ASN A 227 -30.89 -25.01 69.49
CA ASN A 227 -29.48 -24.85 69.10
C ASN A 227 -28.61 -25.92 69.67
N ALA A 228 -27.68 -26.41 68.86
CA ALA A 228 -26.67 -27.37 69.33
C ALA A 228 -25.25 -26.86 69.03
N ARG A 229 -24.47 -26.71 70.09
CA ARG A 229 -23.07 -26.29 70.00
C ARG A 229 -22.19 -27.55 69.97
N ILE A 230 -21.34 -27.67 68.96
CA ILE A 230 -20.60 -28.91 68.76
C ILE A 230 -19.14 -28.61 68.54
N ALA A 231 -18.27 -29.38 69.18
CA ALA A 231 -16.84 -29.25 68.85
C ALA A 231 -16.19 -30.64 68.91
N SER A 232 -15.06 -30.82 68.24
CA SER A 232 -14.32 -32.07 68.40
C SER A 232 -12.82 -31.81 68.49
N SER A 233 -12.10 -32.83 68.91
CA SER A 233 -10.66 -32.76 69.09
C SER A 233 -10.06 -34.13 68.70
N PHE A 234 -8.81 -34.15 68.25
CA PHE A 234 -8.13 -35.43 68.08
C PHE A 234 -7.29 -35.76 69.30
N ILE A 235 -7.41 -34.93 70.33
CA ILE A 235 -6.54 -35.09 71.49
C ILE A 235 -7.26 -35.74 72.67
N SER A 236 -8.40 -35.15 73.05
CA SER A 236 -9.13 -35.56 74.27
C SER A 236 -10.47 -34.88 74.36
N PHE A 237 -11.34 -35.40 75.23
CA PHE A 237 -12.58 -34.71 75.57
C PHE A 237 -12.32 -33.33 76.18
N GLU A 238 -11.38 -33.23 77.13
CA GLU A 238 -11.11 -31.90 77.71
C GLU A 238 -10.68 -30.90 76.60
N GLN A 239 -9.87 -31.34 75.65
CA GLN A 239 -9.46 -30.45 74.54
C GLN A 239 -10.65 -30.07 73.65
N ALA A 240 -11.57 -31.00 73.40
CA ALA A 240 -12.81 -30.66 72.67
C ALA A 240 -13.62 -29.59 73.41
N ALA A 241 -13.69 -29.71 74.72
CA ALA A 241 -14.41 -28.72 75.50
C ALA A 241 -13.72 -27.36 75.37
N ALA A 242 -12.40 -27.36 75.29
CA ALA A 242 -11.67 -26.11 75.10
C ALA A 242 -11.96 -25.57 73.70
N ASN A 243 -12.04 -26.47 72.72
CA ASN A 243 -12.28 -26.06 71.32
C ASN A 243 -13.66 -25.42 71.17
N MSE A 244 -14.61 -25.88 71.97
CA MSE A 244 -15.97 -25.31 71.97
C MSE A 244 -15.99 -23.81 72.26
O MSE A 244 -16.91 -23.07 71.83
CB MSE A 244 -16.81 -25.99 73.04
CG MSE A 244 -18.17 -25.41 73.01
SE MSE A 244 -19.17 -26.60 71.91
CE MSE A 244 -19.86 -27.38 73.54
N ASN A 245 -14.98 -23.33 72.97
CA ASN A 245 -14.94 -21.90 73.26
C ASN A 245 -14.82 -20.99 72.03
N GLU A 246 -14.42 -21.55 70.88
CA GLU A 246 -14.44 -20.79 69.63
C GLU A 246 -15.85 -20.27 69.34
N LEU A 247 -16.88 -20.95 69.85
CA LEU A 247 -18.25 -20.50 69.60
C LEU A 247 -18.64 -19.32 70.52
N GLY A 248 -17.89 -19.16 71.61
CA GLY A 248 -18.27 -18.15 72.60
C GLY A 248 -19.74 -18.35 72.90
N LYS A 249 -20.51 -17.28 73.00
CA LYS A 249 -21.96 -17.41 73.25
C LYS A 249 -22.74 -16.90 72.03
N ASP A 250 -22.05 -16.89 70.89
CA ASP A 250 -22.61 -16.35 69.67
C ASP A 250 -23.80 -17.15 69.16
N ASN A 251 -24.73 -16.45 68.52
CA ASN A 251 -25.79 -17.13 67.78
C ASN A 251 -25.43 -17.35 66.30
N ILE A 252 -26.34 -17.96 65.54
CA ILE A 252 -26.10 -18.27 64.11
C ILE A 252 -25.69 -17.01 63.31
N GLU A 253 -26.42 -15.92 63.50
CA GLU A 253 -26.18 -14.71 62.75
C GLU A 253 -24.79 -14.13 63.06
N GLN A 254 -24.41 -14.20 64.33
CA GLN A 254 -23.11 -13.68 64.75
C GLN A 254 -21.96 -14.54 64.23
N LEU A 255 -22.10 -15.84 64.37
CA LEU A 255 -21.08 -16.72 63.83
C LEU A 255 -20.98 -16.69 62.30
N ALA A 256 -22.13 -16.57 61.61
CA ALA A 256 -22.12 -16.43 60.15
C ALA A 256 -21.33 -15.18 59.77
N GLN A 257 -21.59 -14.07 60.44
CA GLN A 257 -20.84 -12.85 60.13
C GLN A 257 -19.32 -13.03 60.37
N LYS A 258 -18.93 -13.74 61.42
CA LYS A 258 -17.53 -13.96 61.69
C LYS A 258 -16.89 -14.85 60.62
N GLY A 259 -17.61 -15.87 60.17
CA GLY A 259 -17.10 -16.73 59.09
C GLY A 259 -17.04 -15.98 57.75
N LYS A 260 -18.07 -15.20 57.44
CA LYS A 260 -18.04 -14.38 56.24
C LYS A 260 -16.83 -13.44 56.28
N ASP A 261 -16.59 -12.82 57.43
CA ASP A 261 -15.44 -11.92 57.57
C ASP A 261 -14.14 -12.68 57.36
N ALA A 262 -14.05 -13.85 57.98
CA ALA A 262 -12.83 -14.66 57.85
C ALA A 262 -12.56 -14.95 56.38
N TRP A 263 -13.59 -15.38 55.65
CA TRP A 263 -13.44 -15.64 54.22
C TRP A 263 -13.07 -14.40 53.40
N ASN A 264 -13.71 -13.26 53.69
CA ASN A 264 -13.46 -12.04 52.92
C ASN A 264 -12.02 -11.56 53.16
N GLN A 265 -11.50 -11.84 54.35
CA GLN A 265 -10.13 -11.47 54.66
C GLN A 265 -9.17 -12.18 53.71
N VAL A 266 -9.41 -13.47 53.43
CA VAL A 266 -8.51 -14.16 52.51
C VAL A 266 -8.85 -13.97 51.03
N LEU A 267 -10.15 -13.99 50.69
CA LEU A 267 -10.57 -13.84 49.29
C LEU A 267 -10.19 -12.45 48.79
N GLY A 268 -10.35 -11.45 49.66
CA GLY A 268 -10.10 -10.06 49.33
C GLY A 268 -8.64 -9.70 49.11
N LYS A 269 -7.74 -10.65 49.35
CA LYS A 269 -6.34 -10.45 48.95
C LYS A 269 -6.17 -10.38 47.43
N ILE A 270 -7.15 -10.88 46.69
CA ILE A 270 -7.10 -10.78 45.24
C ILE A 270 -8.41 -10.25 44.72
N GLU A 271 -8.39 -9.03 44.17
CA GLU A 271 -9.62 -8.36 43.77
C GLU A 271 -9.63 -8.29 42.24
N VAL A 272 -10.60 -8.95 41.63
CA VAL A 272 -10.68 -8.90 40.19
C VAL A 272 -11.88 -8.04 39.82
N GLU A 273 -11.80 -7.38 38.68
CA GLU A 273 -12.91 -6.58 38.21
C GLU A 273 -12.82 -6.49 36.70
N GLY A 274 -13.88 -5.99 36.07
CA GLY A 274 -13.88 -5.95 34.61
C GLY A 274 -13.97 -7.34 33.99
N GLY A 275 -14.90 -8.14 34.51
CA GLY A 275 -15.24 -9.40 33.88
C GLY A 275 -16.73 -9.60 34.01
N ASN A 276 -17.21 -10.78 33.63
CA ASN A 276 -18.62 -11.05 33.74
C ASN A 276 -18.90 -11.91 34.98
N LEU A 277 -20.18 -12.04 35.34
CA LEU A 277 -20.53 -12.69 36.60
C LEU A 277 -20.10 -14.17 36.64
N ASP A 278 -20.12 -14.83 35.49
CA ASP A 278 -19.68 -16.25 35.45
C ASP A 278 -18.23 -16.30 35.85
N GLN A 279 -17.43 -15.36 35.33
CA GLN A 279 -15.99 -15.34 35.66
C GLN A 279 -15.73 -15.04 37.13
N TYR A 280 -16.44 -14.04 37.67
CA TYR A 280 -16.29 -13.77 39.09
C TYR A 280 -16.60 -15.01 39.92
N ARG A 281 -17.73 -15.65 39.63
CA ARG A 281 -18.08 -16.86 40.36
C ARG A 281 -17.06 -17.98 40.18
N THR A 282 -16.62 -18.20 38.95
CA THR A 282 -15.61 -19.23 38.76
C THR A 282 -14.33 -18.92 39.54
N PHE A 283 -13.88 -17.67 39.46
CA PHE A 283 -12.64 -17.27 40.11
C PHE A 283 -12.67 -17.41 41.64
N TYR A 284 -13.69 -16.81 42.26
CA TYR A 284 -13.74 -16.86 43.72
C TYR A 284 -14.10 -18.25 44.24
N SER A 285 -14.89 -19.00 43.47
CA SER A 285 -15.13 -20.42 43.86
C SER A 285 -13.80 -21.22 43.83
N CYS A 286 -13.00 -21.01 42.79
CA CYS A 286 -11.67 -21.67 42.73
C CYS A 286 -10.74 -21.17 43.84
N LEU A 287 -10.75 -19.86 44.12
CA LEU A 287 -9.93 -19.34 45.22
C LEU A 287 -10.37 -19.99 46.54
N TYR A 288 -11.68 -20.02 46.80
CA TYR A 288 -12.20 -20.71 48.00
C TYR A 288 -11.65 -22.13 48.09
N ARG A 289 -11.74 -22.86 46.98
CA ARG A 289 -11.25 -24.24 46.99
C ARG A 289 -9.75 -24.35 47.15
N SER A 290 -9.02 -23.28 46.91
CA SER A 290 -7.56 -23.25 47.10
C SER A 290 -7.12 -22.93 48.53
N LEU A 291 -8.06 -22.69 49.42
CA LEU A 291 -7.72 -22.28 50.77
C LEU A 291 -8.35 -23.23 51.79
N LEU A 292 -8.44 -24.50 51.44
CA LEU A 292 -9.06 -25.49 52.32
C LEU A 292 -8.04 -26.54 52.74
N PHE A 293 -7.20 -26.98 51.80
CA PHE A 293 -6.28 -28.08 52.05
C PHE A 293 -4.84 -27.63 51.79
N PRO A 294 -3.87 -28.11 52.58
CA PRO A 294 -4.07 -29.03 53.70
C PRO A 294 -4.70 -28.35 54.89
N ARG A 295 -5.44 -29.12 55.69
CA ARG A 295 -6.21 -28.54 56.79
C ARG A 295 -5.30 -28.41 57.98
N LYS A 296 -5.64 -27.46 58.86
CA LYS A 296 -5.02 -27.44 60.19
C LYS A 296 -5.27 -28.75 60.88
N PHE A 297 -4.25 -29.28 61.56
CA PHE A 297 -4.46 -30.47 62.35
C PHE A 297 -3.91 -30.21 63.76
N TYR A 298 -3.84 -28.93 64.15
CA TYR A 298 -3.38 -28.60 65.47
C TYR A 298 -4.50 -27.92 66.23
N GLU A 299 -4.35 -27.89 67.55
CA GLU A 299 -5.35 -27.30 68.44
C GLU A 299 -4.62 -26.38 69.43
N LEU A 300 -5.33 -25.60 70.22
CA LEU A 300 -4.66 -24.58 71.03
C LEU A 300 -4.71 -24.94 72.52
N ASP A 301 -3.57 -24.91 73.21
CA ASP A 301 -3.58 -25.27 74.62
C ASP A 301 -4.06 -24.09 75.47
N ALA A 302 -4.08 -24.29 76.79
CA ALA A 302 -4.58 -23.26 77.71
C ALA A 302 -3.82 -21.95 77.55
N ASN A 303 -2.58 -22.02 77.07
CA ASN A 303 -1.81 -20.79 76.84
C ASN A 303 -1.87 -20.27 75.42
N GLY A 304 -2.80 -20.82 74.64
CA GLY A 304 -2.93 -20.42 73.26
C GLY A 304 -1.85 -20.97 72.34
N GLN A 305 -1.04 -21.92 72.81
CA GLN A 305 0.06 -22.45 71.97
C GLN A 305 -0.36 -23.71 71.19
N PRO A 306 0.16 -23.88 69.97
CA PRO A 306 -0.35 -25.02 69.20
C PRO A 306 0.17 -26.39 69.72
N ILE A 307 -0.74 -27.36 69.77
CA ILE A 307 -0.39 -28.76 70.09
C ILE A 307 -1.14 -29.60 69.08
N HIS A 308 -0.72 -30.83 68.87
CA HIS A 308 -1.43 -31.69 67.94
C HIS A 308 -1.37 -33.16 68.35
N TYR A 309 -2.43 -33.88 68.06
CA TYR A 309 -2.38 -35.29 68.03
C TYR A 309 -1.51 -35.65 66.81
N SER A 310 -0.59 -36.58 66.96
CA SER A 310 0.22 -37.03 65.85
C SER A 310 -0.42 -38.20 65.11
N PRO A 311 -0.80 -37.94 63.87
CA PRO A 311 -1.40 -38.97 63.03
C PRO A 311 -0.36 -39.95 62.57
N TYR A 312 0.90 -39.64 62.84
CA TYR A 312 2.03 -40.46 62.51
C TYR A 312 2.48 -41.46 63.61
N ASN A 313 2.37 -41.06 64.86
CA ASN A 313 2.83 -41.93 65.96
C ASN A 313 1.91 -42.02 67.16
N GLY A 314 0.79 -41.30 67.12
CA GLY A 314 -0.21 -41.35 68.16
C GLY A 314 0.01 -40.54 69.41
N GLN A 315 1.14 -39.89 69.52
CA GLN A 315 1.41 -39.00 70.62
C GLN A 315 0.74 -37.64 70.52
N VAL A 316 0.64 -36.92 71.61
CA VAL A 316 0.19 -35.52 71.57
C VAL A 316 1.43 -34.67 71.78
N LEU A 317 1.71 -33.78 70.84
CA LEU A 317 3.00 -33.10 70.78
C LEU A 317 2.87 -31.59 70.50
N PRO A 318 3.88 -30.80 70.94
CA PRO A 318 3.80 -29.37 70.64
C PRO A 318 4.00 -29.07 69.17
N GLY A 319 3.39 -27.99 68.69
CA GLY A 319 3.78 -27.46 67.39
C GLY A 319 2.67 -27.55 66.38
N TYR A 320 2.97 -27.03 65.18
CA TYR A 320 2.00 -27.03 64.10
C TYR A 320 1.95 -28.39 63.44
N MSE A 321 0.79 -28.71 62.85
CA MSE A 321 0.62 -29.91 62.04
C MSE A 321 -0.55 -29.64 61.07
O MSE A 321 -1.55 -29.06 61.47
CB MSE A 321 0.31 -31.12 62.91
CG MSE A 321 -0.01 -32.43 62.15
SE MSE A 321 1.47 -33.03 61.04
CE MSE A 321 2.84 -33.28 62.41
N PHE A 322 -0.40 -30.03 59.84
CA PHE A 322 -1.42 -29.92 58.81
C PHE A 322 -1.46 -31.27 58.11
N THR A 323 -2.57 -31.54 57.47
CA THR A 323 -2.74 -32.77 56.69
C THR A 323 -3.80 -32.72 55.56
N ASP A 324 -4.02 -33.86 54.96
CA ASP A 324 -4.93 -33.97 53.84
C ASP A 324 -4.58 -33.23 52.55
N THR A 325 -3.38 -33.46 52.07
CA THR A 325 -3.00 -33.03 50.75
C THR A 325 -2.08 -34.06 50.12
N GLY A 326 -2.13 -34.15 48.80
CA GLY A 326 -1.19 -34.93 48.01
C GLY A 326 -0.27 -34.03 47.19
N PHE A 327 1.01 -33.96 47.57
CA PHE A 327 1.99 -33.12 46.90
C PHE A 327 2.09 -33.44 45.43
N TRP A 328 1.80 -34.68 45.03
CA TRP A 328 1.81 -34.99 43.59
C TRP A 328 0.88 -34.03 42.85
N ASP A 329 -0.23 -33.68 43.51
CA ASP A 329 -1.13 -32.64 42.96
C ASP A 329 -0.59 -31.24 43.23
N THR A 330 -0.33 -30.97 44.51
CA THR A 330 -0.29 -29.61 44.97
C THR A 330 1.05 -28.88 44.91
N PHE A 331 2.12 -29.56 44.58
CA PHE A 331 3.37 -28.86 44.34
C PHE A 331 3.28 -27.90 43.14
N ARG A 332 2.46 -28.29 42.18
CA ARG A 332 2.46 -27.62 40.91
C ARG A 332 2.11 -26.14 40.97
N CYS A 333 0.98 -25.79 41.56
CA CYS A 333 0.68 -24.39 41.79
C CYS A 333 -0.05 -24.05 43.09
N LEU A 334 -0.61 -25.05 43.77
CA LEU A 334 -1.32 -24.78 45.01
C LEU A 334 -0.41 -24.27 46.09
N PHE A 335 0.68 -24.97 46.38
CA PHE A 335 1.62 -24.47 47.37
C PHE A 335 2.28 -23.14 46.88
N PRO A 336 2.61 -23.02 45.63
CA PRO A 336 3.14 -21.74 45.16
C PRO A 336 2.17 -20.57 45.34
N LEU A 337 0.88 -20.82 45.16
CA LEU A 337 -0.09 -19.78 45.43
C LEU A 337 -0.01 -19.28 46.89
N LEU A 338 0.16 -20.20 47.83
CA LEU A 338 0.35 -19.83 49.23
C LEU A 338 1.64 -19.04 49.47
N ASN A 339 2.75 -19.42 48.83
CA ASN A 339 3.98 -18.65 48.96
C ASN A 339 3.88 -17.23 48.41
N LEU A 340 2.97 -17.02 47.46
CA LEU A 340 2.80 -15.70 46.89
C LEU A 340 1.84 -14.87 47.75
N MSE A 341 0.67 -15.43 48.04
CA MSE A 341 -0.42 -14.65 48.62
C MSE A 341 -0.62 -14.87 50.12
O MSE A 341 -1.16 -13.98 50.79
CB MSE A 341 -1.74 -14.96 47.87
CG MSE A 341 -1.67 -14.70 46.37
SE MSE A 341 -1.25 -12.80 45.97
CE MSE A 341 -2.42 -11.95 47.25
N TYR A 342 -0.23 -16.02 50.66
CA TYR A 342 -0.52 -16.31 52.07
C TYR A 342 0.69 -16.94 52.73
N PRO A 343 1.89 -16.33 52.58
CA PRO A 343 3.07 -17.02 53.07
C PRO A 343 3.06 -17.30 54.57
N SER A 344 2.46 -16.42 55.36
CA SER A 344 2.37 -16.68 56.81
C SER A 344 1.67 -18.03 57.08
N VAL A 345 0.73 -18.41 56.21
CA VAL A 345 0.01 -19.67 56.41
C VAL A 345 0.94 -20.83 56.05
N ASN A 346 1.66 -20.72 54.94
CA ASN A 346 2.58 -21.81 54.57
C ASN A 346 3.71 -21.96 55.58
N LYS A 347 4.07 -20.88 56.26
CA LYS A 347 5.05 -20.97 57.35
C LYS A 347 4.63 -22.01 58.40
N GLU A 348 3.36 -21.95 58.83
CA GLU A 348 2.83 -22.94 59.78
C GLU A 348 2.87 -24.35 59.16
N MSE A 349 2.44 -24.46 57.92
CA MSE A 349 2.43 -25.76 57.23
C MSE A 349 3.82 -26.36 57.09
O MSE A 349 4.00 -27.57 57.30
CB MSE A 349 1.80 -25.59 55.84
CG MSE A 349 0.35 -25.21 55.89
SE MSE A 349 -0.21 -24.75 54.07
CE MSE A 349 -2.12 -24.55 54.40
N GLN A 350 4.81 -25.54 56.75
CA GLN A 350 6.19 -26.00 56.63
C GLN A 350 6.71 -26.50 57.98
N GLU A 351 6.36 -25.81 59.07
CA GLU A 351 6.75 -26.34 60.40
C GLU A 351 6.07 -27.67 60.66
N GLY A 352 4.82 -27.78 60.18
CA GLY A 352 4.10 -29.05 60.25
C GLY A 352 4.80 -30.17 59.50
N LEU A 353 5.37 -29.87 58.35
CA LEU A 353 6.14 -30.89 57.63
C LEU A 353 7.39 -31.34 58.41
N ILE A 354 8.08 -30.39 59.04
CA ILE A 354 9.23 -30.74 59.87
C ILE A 354 8.75 -31.69 60.96
N ASN A 355 7.61 -31.34 61.58
CA ASN A 355 7.05 -32.23 62.59
C ASN A 355 6.68 -33.61 62.04
N THR A 356 6.19 -33.67 60.80
CA THR A 356 5.88 -34.96 60.17
C THR A 356 7.11 -35.84 60.03
N TYR A 357 8.20 -35.23 59.57
CA TYR A 357 9.47 -35.96 59.45
C TYR A 357 9.98 -36.39 60.84
N LEU A 358 9.82 -35.52 61.83
CA LEU A 358 10.35 -35.88 63.15
C LEU A 358 9.53 -37.03 63.73
N GLU A 359 8.24 -37.00 63.48
CA GLU A 359 7.34 -37.95 64.09
C GLU A 359 7.30 -39.31 63.39
N SER A 360 7.60 -39.35 62.10
CA SER A 360 7.36 -40.52 61.28
C SER A 360 8.61 -41.01 60.56
N GLY A 361 9.67 -40.18 60.56
CA GLY A 361 10.89 -40.55 59.83
C GLY A 361 10.92 -40.14 58.36
N PHE A 362 9.76 -39.74 57.80
CA PHE A 362 9.70 -39.29 56.40
C PHE A 362 8.89 -37.99 56.26
N PHE A 363 9.24 -37.18 55.29
CA PHE A 363 8.35 -36.14 54.84
C PHE A 363 7.19 -36.87 54.11
N PRO A 364 5.98 -36.33 54.21
CA PRO A 364 4.84 -36.95 53.55
C PRO A 364 4.84 -36.72 52.03
N GLU A 365 4.10 -37.52 51.27
CA GLU A 365 3.80 -37.22 49.91
C GLU A 365 2.27 -37.07 49.81
N TRP A 366 1.53 -38.16 50.07
CA TRP A 366 0.10 -38.16 50.34
C TRP A 366 -0.10 -38.46 51.86
N ALA A 367 -0.80 -37.55 52.52
CA ALA A 367 -1.13 -37.70 53.91
C ALA A 367 -2.62 -37.43 54.13
N SER A 368 -3.28 -38.36 54.81
CA SER A 368 -4.69 -38.25 55.16
C SER A 368 -5.15 -39.31 56.20
N PRO A 369 -4.99 -39.04 57.46
CA PRO A 369 -4.19 -37.93 57.98
C PRO A 369 -2.70 -38.28 58.07
N GLY A 370 -2.44 -39.55 58.21
CA GLY A 370 -1.11 -40.10 58.18
C GLY A 370 -0.64 -40.48 56.77
N HIS A 371 0.51 -41.15 56.68
CA HIS A 371 1.02 -41.51 55.38
C HIS A 371 0.04 -42.42 54.67
N ARG A 372 -0.29 -42.10 53.43
CA ARG A 372 -1.19 -42.89 52.62
C ARG A 372 -0.60 -43.28 51.25
N GLY A 373 -0.89 -44.47 50.74
CA GLY A 373 -0.33 -44.94 49.50
C GLY A 373 -1.15 -44.46 48.32
N CYS A 374 -0.66 -43.42 47.67
CA CYS A 374 -1.33 -42.84 46.53
C CYS A 374 -0.40 -41.96 45.69
N MSE A 375 -0.51 -42.07 44.39
CA MSE A 375 0.27 -41.32 43.42
C MSE A 375 1.79 -41.62 43.51
O MSE A 375 2.17 -42.61 44.04
CB MSE A 375 -0.05 -39.84 43.45
CG MSE A 375 -1.52 -39.55 43.38
SE MSE A 375 -2.48 -40.53 42.06
CE MSE A 375 -1.55 -40.04 40.53
N VAL A 376 2.61 -40.69 43.03
CA VAL A 376 4.04 -40.93 42.87
C VAL A 376 4.93 -39.71 43.05
N GLY A 377 6.24 -39.93 43.03
CA GLY A 377 7.21 -38.86 43.11
C GLY A 377 7.68 -38.41 44.49
N ASN A 378 8.66 -37.53 44.56
CA ASN A 378 9.24 -37.08 45.82
C ASN A 378 9.03 -35.57 45.91
N ASN A 379 7.81 -35.14 45.55
CA ASN A 379 7.53 -33.72 45.35
C ASN A 379 7.45 -32.91 46.64
N SER A 380 7.48 -33.59 47.79
CA SER A 380 7.72 -32.88 49.03
C SER A 380 9.00 -32.04 48.88
N ALA A 381 9.95 -32.47 48.05
CA ALA A 381 11.18 -31.70 47.87
C ALA A 381 10.89 -30.34 47.23
N SER A 382 10.00 -30.34 46.25
CA SER A 382 9.56 -29.11 45.58
C SER A 382 8.86 -28.17 46.59
N ILE A 383 7.97 -28.73 47.40
CA ILE A 383 7.25 -27.95 48.41
C ILE A 383 8.22 -27.25 49.39
N LEU A 384 9.11 -28.04 49.98
CA LEU A 384 10.03 -27.56 50.99
C LEU A 384 10.96 -26.49 50.44
N VAL A 385 11.52 -26.77 49.28
CA VAL A 385 12.51 -25.88 48.68
C VAL A 385 11.87 -24.61 48.15
N ASP A 386 10.71 -24.74 47.49
CA ASP A 386 10.03 -23.54 46.97
C ASP A 386 9.71 -22.59 48.11
N ALA A 387 9.25 -23.13 49.24
CA ALA A 387 8.95 -22.27 50.39
C ALA A 387 10.22 -21.54 50.81
N TYR A 388 11.28 -22.31 51.04
CA TYR A 388 12.52 -21.72 51.53
C TYR A 388 13.06 -20.61 50.64
N MSE A 389 13.14 -20.89 49.33
CA MSE A 389 13.71 -19.94 48.40
C MSE A 389 12.81 -18.72 48.28
O MSE A 389 13.23 -17.68 47.81
CB MSE A 389 13.90 -20.57 47.01
CG MSE A 389 14.79 -21.80 46.97
SE MSE A 389 16.61 -21.48 47.65
CE MSE A 389 16.25 -20.81 49.42
N LYS A 390 11.54 -18.87 48.66
CA LYS A 390 10.64 -17.71 48.61
C LYS A 390 10.46 -17.06 49.98
N GLY A 391 11.38 -17.36 50.88
CA GLY A 391 11.47 -16.66 52.15
C GLY A 391 10.56 -17.22 53.23
N VAL A 392 9.94 -18.37 52.97
CA VAL A 392 9.17 -19.06 54.02
C VAL A 392 10.09 -20.13 54.62
N LYS A 393 10.76 -19.75 55.70
CA LYS A 393 11.92 -20.49 56.18
C LYS A 393 11.62 -21.12 57.52
N VAL A 394 11.71 -22.41 57.58
CA VAL A 394 11.52 -23.09 58.81
C VAL A 394 12.67 -22.76 59.79
N ASP A 395 12.38 -22.92 61.08
CA ASP A 395 13.35 -22.70 62.13
C ASP A 395 14.53 -23.66 62.08
N ASP A 396 14.31 -24.92 61.73
CA ASP A 396 15.36 -25.93 61.80
C ASP A 396 15.77 -26.45 60.43
N ILE A 397 16.63 -25.66 59.83
CA ILE A 397 17.14 -25.91 58.51
C ILE A 397 17.94 -27.21 58.40
N LYS A 398 18.66 -27.51 59.45
CA LYS A 398 19.46 -28.70 59.44
C LYS A 398 18.59 -29.97 59.30
N THR A 399 17.51 -30.01 60.07
CA THR A 399 16.55 -31.10 60.00
C THR A 399 15.88 -31.14 58.62
N LEU A 400 15.53 -29.99 58.11
CA LEU A 400 14.94 -29.93 56.81
C LEU A 400 15.86 -30.56 55.78
N TYR A 401 17.13 -30.20 55.78
CA TYR A 401 18.02 -30.78 54.77
C TYR A 401 18.21 -32.28 54.97
N GLU A 402 18.41 -32.68 56.22
CA GLU A 402 18.57 -34.10 56.50
C GLU A 402 17.35 -34.90 56.04
N GLY A 403 16.15 -34.35 56.30
CA GLY A 403 14.91 -34.98 55.86
C GLY A 403 14.89 -35.15 54.35
N LEU A 404 15.31 -34.13 53.61
CA LEU A 404 15.33 -34.20 52.17
C LEU A 404 16.26 -35.31 51.70
N ILE A 405 17.47 -35.32 52.24
CA ILE A 405 18.43 -36.32 51.81
C ILE A 405 17.89 -37.71 52.19
N HIS A 406 17.35 -37.82 53.41
CA HIS A 406 16.77 -39.09 53.83
C HIS A 406 15.79 -39.63 52.80
N GLY A 407 14.99 -38.75 52.20
CA GLY A 407 13.95 -39.21 51.27
C GLY A 407 14.50 -39.67 49.91
N THR A 408 15.73 -39.28 49.59
CA THR A 408 16.31 -39.68 48.31
C THR A 408 16.91 -41.09 48.32
N GLU A 409 17.07 -41.68 49.50
CA GLU A 409 17.66 -43.01 49.58
C GLU A 409 16.90 -43.92 50.55
N ASN A 410 15.60 -43.69 50.69
CA ASN A 410 14.74 -44.54 51.51
C ASN A 410 13.31 -44.56 50.93
N VAL A 411 12.61 -45.68 51.09
CA VAL A 411 11.17 -45.75 50.79
C VAL A 411 10.50 -46.24 52.05
N HIS A 412 9.33 -45.69 52.35
CA HIS A 412 8.61 -46.10 53.56
C HIS A 412 8.25 -47.59 53.47
N PRO A 413 8.49 -48.36 54.55
CA PRO A 413 8.29 -49.80 54.48
C PRO A 413 6.85 -50.26 54.24
N GLU A 414 5.87 -49.41 54.57
N GLU A 414 5.87 -49.41 54.58
CA GLU A 414 4.46 -49.77 54.40
CA GLU A 414 4.46 -49.80 54.40
C GLU A 414 3.78 -48.98 53.28
C GLU A 414 3.67 -48.90 53.44
N VAL A 415 4.26 -47.78 53.05
CA VAL A 415 3.56 -46.87 52.11
C VAL A 415 4.54 -46.53 51.01
N SER A 416 4.35 -47.14 49.86
CA SER A 416 5.36 -47.09 48.84
C SER A 416 5.47 -45.73 48.16
N SER A 417 4.46 -44.88 48.34
CA SER A 417 4.51 -43.54 47.74
C SER A 417 5.17 -42.54 48.66
N THR A 418 5.63 -43.00 49.83
CA THR A 418 6.33 -42.15 50.77
C THR A 418 7.84 -42.48 50.72
N GLY A 419 8.69 -41.48 50.60
CA GLY A 419 10.08 -41.73 50.22
C GLY A 419 10.09 -42.04 48.73
N ARG A 420 11.15 -42.68 48.25
CA ARG A 420 11.32 -42.89 46.80
C ARG A 420 11.34 -44.36 46.46
N LEU A 421 10.19 -44.90 46.04
CA LEU A 421 10.18 -46.26 45.54
C LEU A 421 11.07 -46.30 44.30
N GLY A 422 11.97 -47.29 44.24
CA GLY A 422 12.87 -47.50 43.10
C GLY A 422 14.18 -46.73 43.16
N TYR A 423 14.43 -46.08 44.29
CA TYR A 423 15.61 -45.21 44.44
C TYR A 423 16.93 -45.96 44.19
N GLU A 424 16.96 -47.28 44.46
CA GLU A 424 18.17 -48.08 44.23
C GLU A 424 18.52 -48.08 42.75
N TYR A 425 17.54 -48.36 41.91
CA TYR A 425 17.75 -48.36 40.47
C TYR A 425 18.07 -46.96 39.94
N TYR A 426 17.33 -45.96 40.46
CA TYR A 426 17.46 -44.60 39.97
C TYR A 426 18.84 -44.03 40.27
N ASN A 427 19.32 -44.28 41.48
CA ASN A 427 20.60 -43.76 41.93
C ASN A 427 21.73 -44.42 41.15
N LYS A 428 21.51 -45.68 40.77
CA LYS A 428 22.54 -46.41 40.05
C LYS A 428 22.48 -46.19 38.54
N LEU A 429 21.29 -46.18 37.97
CA LEU A 429 21.15 -46.24 36.52
C LEU A 429 20.78 -44.92 35.90
N GLY A 430 20.24 -44.01 36.73
CA GLY A 430 19.73 -42.71 36.28
C GLY A 430 18.25 -42.77 35.90
N TYR A 431 17.60 -43.89 36.19
CA TYR A 431 16.18 -44.05 35.90
C TYR A 431 15.60 -45.26 36.63
N VAL A 432 14.28 -45.25 36.86
CA VAL A 432 13.55 -46.44 37.31
C VAL A 432 13.14 -47.20 36.06
N PRO A 433 13.63 -48.44 35.93
CA PRO A 433 13.34 -49.23 34.76
C PRO A 433 11.87 -49.67 34.60
N TYR A 434 11.54 -50.03 33.36
CA TYR A 434 10.22 -50.46 32.94
C TYR A 434 9.90 -51.91 33.25
N ASP A 435 10.93 -52.72 33.52
CA ASP A 435 10.75 -54.16 33.61
C ASP A 435 11.25 -54.74 34.93
N VAL A 436 11.06 -54.01 36.03
CA VAL A 436 11.52 -54.46 37.34
C VAL A 436 10.39 -54.43 38.36
N LYS A 437 9.15 -54.56 37.89
CA LYS A 437 7.95 -54.63 38.74
C LYS A 437 7.73 -53.38 39.57
N ILE A 438 8.16 -52.23 39.05
CA ILE A 438 7.82 -50.96 39.70
C ILE A 438 7.01 -50.17 38.67
N ASN A 439 5.71 -50.13 38.85
CA ASN A 439 4.85 -49.42 37.89
C ASN A 439 5.01 -47.89 38.00
N GLU A 440 4.49 -47.17 37.00
CA GLU A 440 4.66 -45.72 36.95
C GLU A 440 6.14 -45.31 36.91
N ASN A 441 6.99 -46.21 36.40
CA ASN A 441 8.44 -45.97 36.44
C ASN A 441 8.91 -44.70 35.70
N ALA A 442 8.31 -44.37 34.56
CA ALA A 442 8.74 -43.17 33.82
C ALA A 442 8.29 -41.91 34.56
N ALA A 443 7.04 -41.91 35.02
CA ALA A 443 6.56 -40.78 35.80
C ALA A 443 7.44 -40.56 37.03
N ARG A 444 7.80 -41.63 37.73
CA ARG A 444 8.66 -41.46 38.90
C ARG A 444 9.99 -40.86 38.51
N THR A 445 10.60 -41.37 37.43
CA THR A 445 11.91 -40.90 37.04
C THR A 445 11.87 -39.41 36.76
N LEU A 446 10.86 -38.97 36.02
CA LEU A 446 10.77 -37.57 35.60
C LEU A 446 10.58 -36.63 36.78
N GLU A 447 9.66 -37.00 37.68
CA GLU A 447 9.48 -36.21 38.90
C GLU A 447 10.67 -36.20 39.85
N TYR A 448 11.34 -37.34 39.99
CA TYR A 448 12.56 -37.42 40.80
C TYR A 448 13.64 -36.46 40.26
N ALA A 449 13.78 -36.40 38.94
CA ALA A 449 14.81 -35.53 38.32
C ALA A 449 14.54 -34.07 38.68
N TYR A 450 13.29 -33.64 38.50
CA TYR A 450 12.85 -32.34 38.99
C TYR A 450 13.06 -32.20 40.51
N ASP A 451 12.66 -33.21 41.28
CA ASP A 451 12.87 -33.14 42.73
C ASP A 451 14.36 -32.94 43.09
N ASP A 452 15.23 -33.61 42.36
CA ASP A 452 16.68 -33.52 42.61
C ASP A 452 17.23 -32.17 42.19
N TRP A 453 16.66 -31.58 41.14
CA TRP A 453 16.95 -30.18 40.85
C TRP A 453 16.58 -29.28 42.05
N CYS A 454 15.44 -29.54 42.71
CA CYS A 454 15.04 -28.71 43.86
C CYS A 454 16.09 -28.85 44.96
N ILE A 455 16.51 -30.08 45.22
CA ILE A 455 17.53 -30.33 46.23
C ILE A 455 18.85 -29.64 45.85
N TYR A 456 19.24 -29.72 44.58
CA TYR A 456 20.44 -29.02 44.09
C TYR A 456 20.35 -27.53 44.44
N ARG A 457 19.17 -26.95 44.23
CA ARG A 457 18.98 -25.53 44.49
C ARG A 457 19.24 -25.21 45.95
N LEU A 458 18.68 -26.05 46.82
CA LEU A 458 18.78 -25.78 48.25
C LEU A 458 20.20 -26.04 48.74
N ALA A 459 20.82 -27.11 48.24
CA ALA A 459 22.21 -27.47 48.62
C ALA A 459 23.18 -26.36 48.24
N LYS A 460 22.98 -25.76 47.07
CA LYS A 460 23.79 -24.61 46.66
C LYS A 460 23.54 -23.42 47.57
N GLU A 461 22.27 -23.15 47.86
CA GLU A 461 21.90 -22.03 48.68
C GLU A 461 22.47 -22.19 50.06
N LEU A 462 22.52 -23.43 50.57
CA LEU A 462 22.97 -23.67 51.93
C LEU A 462 24.50 -23.80 52.03
N LYS A 463 25.19 -23.64 50.91
CA LYS A 463 26.64 -23.79 50.88
C LYS A 463 27.13 -25.20 51.27
N ARG A 464 26.40 -26.23 50.82
CA ARG A 464 26.80 -27.61 51.08
C ARG A 464 28.07 -27.96 50.31
N PRO A 465 28.74 -29.06 50.69
CA PRO A 465 29.93 -29.51 49.95
C PRO A 465 29.69 -29.59 48.45
N LYS A 466 30.72 -29.28 47.67
CA LYS A 466 30.58 -29.30 46.21
C LYS A 466 30.25 -30.70 45.72
N LYS A 467 30.65 -31.72 46.47
CA LYS A 467 30.34 -33.09 46.10
C LYS A 467 28.83 -33.34 46.11
N GLU A 468 28.14 -32.87 47.15
CA GLU A 468 26.66 -32.96 47.22
C GLU A 468 25.96 -32.15 46.12
N ILE A 469 26.35 -30.90 45.94
CA ILE A 469 25.81 -30.07 44.86
C ILE A 469 25.99 -30.74 43.49
N SER A 470 27.18 -31.32 43.23
CA SER A 470 27.39 -31.98 41.93
C SER A 470 26.51 -33.21 41.73
N LEU A 471 26.31 -33.98 42.81
CA LEU A 471 25.48 -35.19 42.76
C LEU A 471 24.07 -34.84 42.28
N PHE A 472 23.46 -33.86 42.95
CA PHE A 472 22.10 -33.48 42.61
C PHE A 472 21.99 -32.71 41.29
N ALA A 473 23.03 -31.96 40.93
CA ALA A 473 23.03 -31.31 39.63
C ALA A 473 23.04 -32.38 38.54
N LYS A 474 23.74 -33.47 38.79
CA LYS A 474 23.77 -34.57 37.83
C LYS A 474 22.43 -35.34 37.79
N ARG A 475 21.87 -35.62 38.95
CA ARG A 475 20.59 -36.32 38.96
C ARG A 475 19.46 -35.50 38.29
N ALA A 476 19.53 -34.18 38.40
CA ALA A 476 18.53 -33.31 37.73
C ALA A 476 18.44 -33.56 36.24
N MSE A 477 19.48 -34.14 35.65
CA MSE A 477 19.47 -34.35 34.19
C MSE A 477 18.98 -35.74 33.86
O MSE A 477 18.97 -36.14 32.70
CB MSE A 477 20.86 -34.13 33.57
CG MSE A 477 21.39 -32.70 33.62
SE MSE A 477 20.14 -31.42 32.90
CE MSE A 477 20.08 -31.82 31.04
N ASN A 478 18.56 -36.49 34.87
CA ASN A 478 18.13 -37.87 34.65
C ASN A 478 16.91 -37.96 33.73
N TYR A 479 16.18 -36.87 33.55
CA TYR A 479 15.11 -36.88 32.55
C TYR A 479 15.61 -37.28 31.15
N LYS A 480 16.85 -36.98 30.85
CA LYS A 480 17.37 -37.33 29.52
C LYS A 480 17.40 -38.85 29.29
N ASN A 481 17.51 -39.62 30.37
CA ASN A 481 17.64 -41.09 30.26
C ASN A 481 16.42 -41.83 29.72
N LEU A 482 15.27 -41.17 29.70
CA LEU A 482 14.08 -41.78 29.15
C LEU A 482 13.63 -41.12 27.85
N PHE A 483 14.46 -40.26 27.26
CA PHE A 483 14.04 -39.60 26.02
C PHE A 483 14.33 -40.47 24.82
N ASP A 484 13.29 -40.79 24.05
CA ASP A 484 13.43 -41.63 22.88
C ASP A 484 13.54 -40.78 21.61
N LYS A 485 14.76 -40.66 21.05
CA LYS A 485 15.00 -39.75 19.91
C LYS A 485 14.17 -40.09 18.68
N GLU A 486 13.83 -41.36 18.55
CA GLU A 486 12.98 -41.85 17.47
C GLU A 486 11.54 -41.32 17.49
N SER A 487 10.90 -41.30 18.67
CA SER A 487 9.53 -40.76 18.79
C SER A 487 9.51 -39.31 19.28
N LYS A 488 10.67 -38.85 19.77
CA LYS A 488 10.75 -37.55 20.43
C LYS A 488 9.88 -37.50 21.67
N LEU A 489 9.60 -38.67 22.26
CA LEU A 489 8.78 -38.74 23.47
C LEU A 489 9.53 -39.45 24.59
N MSE A 490 9.06 -39.26 25.83
CA MSE A 490 9.56 -40.05 26.96
C MSE A 490 9.03 -41.47 26.86
O MSE A 490 7.90 -41.71 26.44
CB MSE A 490 9.15 -39.42 28.30
CG MSE A 490 9.78 -38.06 28.57
SE MSE A 490 11.73 -38.16 28.63
CE MSE A 490 12.05 -36.24 28.81
N ARG A 491 9.85 -42.44 27.27
CA ARG A 491 9.56 -43.81 26.96
C ARG A 491 10.14 -44.69 28.05
N GLY A 492 9.36 -45.65 28.52
CA GLY A 492 9.88 -46.59 29.53
C GLY A 492 11.13 -47.30 29.01
N ARG A 493 12.04 -47.60 29.92
CA ARG A 493 13.34 -48.11 29.50
C ARG A 493 13.65 -49.30 30.37
N ASN A 494 13.98 -50.41 29.74
CA ASN A 494 14.34 -51.62 30.50
C ASN A 494 15.61 -51.46 31.30
N GLU A 495 15.78 -52.38 32.24
CA GLU A 495 16.92 -52.37 33.11
C GLU A 495 18.24 -52.52 32.31
N ASP A 496 18.18 -53.27 31.22
CA ASP A 496 19.38 -53.49 30.40
C ASP A 496 19.69 -52.32 29.49
N GLY A 497 18.87 -51.27 29.55
CA GLY A 497 19.18 -50.04 28.84
C GLY A 497 18.45 -49.86 27.53
N THR A 498 17.85 -50.93 27.02
CA THR A 498 17.06 -50.79 25.80
C THR A 498 15.70 -50.18 26.17
N PHE A 499 15.11 -49.47 25.21
CA PHE A 499 13.81 -48.86 25.41
C PHE A 499 12.78 -49.96 25.23
N GLN A 500 11.66 -49.88 25.95
CA GLN A 500 10.66 -50.95 25.89
C GLN A 500 9.90 -50.98 24.56
N SER A 501 9.63 -52.19 24.08
CA SER A 501 8.82 -52.42 22.89
C SER A 501 7.84 -53.54 23.18
N PRO A 502 6.67 -53.50 22.55
CA PRO A 502 6.33 -52.41 21.65
C PRO A 502 6.00 -51.15 22.45
N PHE A 503 6.26 -50.00 21.84
CA PHE A 503 6.01 -48.69 22.45
C PHE A 503 4.66 -48.13 22.04
N SER A 504 3.84 -47.82 23.01
CA SER A 504 2.52 -47.25 22.73
C SER A 504 2.39 -45.83 23.33
N PRO A 505 2.68 -44.78 22.54
CA PRO A 505 2.69 -43.38 23.08
C PRO A 505 1.33 -42.92 23.65
N LEU A 506 0.24 -43.53 23.22
CA LEU A 506 -1.10 -43.13 23.65
C LEU A 506 -1.62 -43.99 24.82
N LYS A 507 -0.84 -44.98 25.20
CA LYS A 507 -1.23 -45.85 26.31
C LYS A 507 -1.15 -45.14 27.66
N TRP A 508 -2.28 -45.05 28.33
CA TRP A 508 -2.35 -44.48 29.65
C TRP A 508 -1.83 -45.44 30.72
N GLY A 509 -1.31 -44.87 31.80
CA GLY A 509 -0.75 -45.65 32.87
C GLY A 509 0.52 -46.41 32.54
N ASP A 510 0.68 -47.54 33.18
CA ASP A 510 1.83 -48.38 32.93
C ASP A 510 3.13 -47.67 33.31
N ALA A 511 3.87 -47.20 32.34
CA ALA A 511 5.05 -46.44 32.64
C ALA A 511 4.74 -45.07 33.32
N PHE A 512 3.57 -44.57 33.05
CA PHE A 512 3.14 -43.28 33.48
C PHE A 512 1.99 -43.41 34.49
N THR A 513 1.51 -42.29 34.98
CA THR A 513 0.29 -42.27 35.72
C THR A 513 -0.54 -41.00 35.36
N GLU A 514 -1.86 -41.11 35.42
CA GLU A 514 -2.74 -39.99 35.07
C GLU A 514 -2.42 -39.50 33.67
N GLY A 515 -2.23 -40.43 32.77
CA GLY A 515 -1.93 -40.10 31.41
C GLY A 515 -0.97 -41.00 30.64
N ASN A 516 -0.67 -40.54 29.45
CA ASN A 516 0.18 -41.25 28.54
C ASN A 516 1.46 -40.48 28.26
N SER A 517 2.26 -40.92 27.33
CA SER A 517 3.51 -40.26 27.04
C SER A 517 3.32 -38.83 26.57
N TRP A 518 2.31 -38.63 25.78
CA TRP A 518 1.98 -37.33 25.22
C TRP A 518 1.67 -36.33 26.35
N HIS A 519 1.30 -36.83 27.52
CA HIS A 519 0.96 -35.96 28.63
C HIS A 519 2.13 -35.75 29.56
N TYR A 520 2.93 -36.79 29.74
CA TYR A 520 3.97 -36.74 30.75
C TYR A 520 5.31 -36.24 30.20
N THR A 521 5.47 -36.25 28.87
CA THR A 521 6.76 -35.98 28.27
C THR A 521 7.25 -34.59 28.67
N TRP A 522 6.29 -33.69 28.94
CA TRP A 522 6.58 -32.28 29.24
C TRP A 522 7.01 -32.00 30.66
N SER A 523 7.17 -33.05 31.46
CA SER A 523 7.45 -32.88 32.88
C SER A 523 8.92 -32.66 33.12
N VAL A 524 9.45 -31.57 32.57
CA VAL A 524 10.84 -31.17 32.81
C VAL A 524 10.80 -29.68 33.21
N PHE A 525 10.17 -29.42 34.34
CA PHE A 525 9.84 -28.11 34.77
C PHE A 525 11.08 -27.20 34.89
N HIS A 526 12.14 -27.77 35.43
CA HIS A 526 13.42 -27.13 35.66
C HIS A 526 14.31 -26.94 34.41
N ASP A 527 14.02 -27.64 33.32
CA ASP A 527 14.88 -27.56 32.12
C ASP A 527 14.15 -27.69 30.78
N PRO A 528 13.22 -26.82 30.48
CA PRO A 528 12.50 -26.94 29.21
C PRO A 528 13.48 -26.78 28.02
N GLN A 529 14.49 -25.92 28.14
CA GLN A 529 15.48 -25.77 27.06
C GLN A 529 16.17 -27.10 26.78
N GLY A 530 16.45 -27.84 27.81
CA GLY A 530 17.01 -29.14 27.66
C GLY A 530 16.09 -30.05 26.90
N LEU A 531 14.81 -29.98 27.18
CA LEU A 531 13.85 -30.79 26.43
C LEU A 531 13.72 -30.29 24.97
N ILE A 532 13.61 -28.99 24.78
CA ILE A 532 13.67 -28.43 23.42
C ILE A 532 14.91 -28.93 22.65
N ASP A 533 16.08 -28.89 23.30
CA ASP A 533 17.30 -29.42 22.70
C ASP A 533 17.17 -30.89 22.29
N LEU A 534 16.69 -31.73 23.20
CA LEU A 534 16.51 -33.16 22.94
C LEU A 534 15.65 -33.42 21.72
N MSE A 535 14.61 -32.62 21.53
CA MSE A 535 13.71 -32.81 20.40
C MSE A 535 14.21 -32.19 19.09
O MSE A 535 13.55 -32.29 18.06
CB MSE A 535 12.34 -32.22 20.72
CG MSE A 535 11.49 -33.04 21.71
SE MSE A 535 9.76 -32.15 21.94
CE MSE A 535 9.18 -33.17 23.52
N GLY A 536 15.37 -31.54 19.13
CA GLY A 536 15.99 -31.00 17.91
C GLY A 536 15.67 -29.53 17.64
N GLY A 537 15.37 -28.79 18.71
CA GLY A 537 15.17 -27.36 18.56
C GLY A 537 13.74 -26.86 18.70
N LYS A 538 13.63 -25.54 18.86
CA LYS A 538 12.35 -24.93 19.17
C LYS A 538 11.24 -25.17 18.12
N GLU A 539 11.60 -25.29 16.83
CA GLU A 539 10.58 -25.48 15.81
C GLU A 539 9.95 -26.86 15.94
N MSE A 540 10.79 -27.87 16.18
CA MSE A 540 10.28 -29.22 16.33
C MSE A 540 9.48 -29.32 17.63
O MSE A 540 8.44 -29.99 17.66
CB MSE A 540 11.44 -30.23 16.34
CG MSE A 540 10.98 -31.69 16.52
SE MSE A 540 9.54 -32.31 15.30
CE MSE A 540 8.95 -33.81 16.41
N PHE A 541 9.94 -28.67 18.69
CA PHE A 541 9.23 -28.67 19.98
C PHE A 541 7.81 -28.16 19.76
N VAL A 542 7.68 -27.03 19.07
CA VAL A 542 6.37 -26.43 18.81
C VAL A 542 5.54 -27.33 17.90
N THR A 543 6.19 -27.98 16.93
CA THR A 543 5.48 -29.00 16.13
C THR A 543 4.89 -30.11 17.01
N MSE A 544 5.68 -30.63 17.94
CA MSE A 544 5.15 -31.64 18.86
C MSE A 544 4.00 -31.08 19.75
O MSE A 544 2.96 -31.74 19.91
CB MSE A 544 6.28 -32.20 19.74
CG MSE A 544 7.38 -32.95 18.94
SE MSE A 544 6.73 -34.69 18.29
CE MSE A 544 6.79 -35.72 19.94
N MSE A 545 4.21 -29.89 20.32
CA MSE A 545 3.17 -29.25 21.16
C MSE A 545 1.86 -29.11 20.40
O MSE A 545 0.78 -29.46 20.88
CB MSE A 545 3.54 -27.80 21.50
CG MSE A 545 4.31 -27.56 22.73
SE MSE A 545 3.41 -26.67 24.31
CE MSE A 545 4.62 -27.88 25.16
N ASP A 546 1.98 -28.47 19.25
CA ASP A 546 0.80 -28.18 18.44
C ASP A 546 0.03 -29.47 18.14
N SER A 547 0.76 -30.56 17.95
CA SER A 547 0.12 -31.82 17.58
C SER A 547 -0.76 -32.42 18.69
N VAL A 548 -0.42 -32.12 19.94
CA VAL A 548 -1.26 -32.54 21.08
C VAL A 548 -2.69 -32.01 20.92
N PHE A 549 -2.82 -30.74 20.57
CA PHE A 549 -4.14 -30.15 20.31
C PHE A 549 -4.82 -30.60 19.01
N ALA A 550 -4.03 -30.85 17.96
CA ALA A 550 -4.60 -31.09 16.64
C ALA A 550 -5.11 -32.51 16.41
N VAL A 551 -4.55 -33.50 17.11
CA VAL A 551 -5.02 -34.87 16.94
C VAL A 551 -6.37 -35.10 17.61
N PRO A 552 -7.10 -36.13 17.16
CA PRO A 552 -8.29 -36.55 17.90
C PRO A 552 -7.87 -37.10 19.26
N PRO A 553 -8.81 -37.18 20.22
CA PRO A 553 -8.54 -37.69 21.56
C PRO A 553 -8.49 -39.21 21.55
N ILE A 554 -7.63 -39.77 20.69
CA ILE A 554 -7.51 -41.21 20.69
C ILE A 554 -6.67 -41.65 21.89
N PHE A 555 -6.86 -42.90 22.29
CA PHE A 555 -6.18 -43.40 23.48
C PHE A 555 -5.96 -44.89 23.39
N ASP A 556 -5.06 -45.40 24.24
CA ASP A 556 -4.88 -46.83 24.41
C ASP A 556 -5.14 -47.13 25.91
N ASP A 557 -6.26 -47.81 26.19
CA ASP A 557 -6.65 -48.07 27.58
C ASP A 557 -6.27 -49.46 28.06
N SER A 558 -5.39 -50.12 27.31
CA SER A 558 -5.12 -51.53 27.59
C SER A 558 -4.56 -51.79 28.98
N TYR A 559 -3.92 -50.80 29.60
CA TYR A 559 -3.50 -50.97 30.99
C TYR A 559 -4.69 -51.27 31.90
N TYR A 560 -5.84 -50.65 31.60
CA TYR A 560 -7.04 -50.74 32.45
C TYR A 560 -8.06 -51.79 32.01
N GLY A 561 -8.13 -52.06 30.71
CA GLY A 561 -9.10 -53.01 30.19
C GLY A 561 -10.44 -52.33 29.92
N GLN A 562 -10.49 -51.01 30.11
CA GLN A 562 -11.75 -50.30 30.02
C GLN A 562 -11.49 -48.79 29.95
N VAL A 563 -12.50 -48.03 29.52
CA VAL A 563 -12.34 -46.59 29.44
C VAL A 563 -12.58 -45.94 30.79
N ILE A 564 -11.51 -45.69 31.53
CA ILE A 564 -11.63 -45.09 32.86
C ILE A 564 -12.13 -43.66 32.75
N HIS A 565 -12.64 -43.11 33.86
CA HIS A 565 -13.37 -41.84 33.75
C HIS A 565 -12.47 -40.71 33.28
N GLU A 566 -11.18 -40.74 33.66
CA GLU A 566 -10.22 -39.70 33.23
C GLU A 566 -10.01 -39.68 31.72
N ILE A 567 -10.05 -40.84 31.10
CA ILE A 567 -10.01 -40.90 29.63
C ILE A 567 -11.31 -40.36 29.04
N ARG A 568 -12.45 -40.79 29.57
CA ARG A 568 -13.72 -40.28 29.03
C ARG A 568 -13.71 -38.76 29.10
N GLU A 569 -13.27 -38.24 30.24
CA GLU A 569 -13.28 -36.81 30.44
C GLU A 569 -12.45 -36.07 29.38
N MSE A 570 -11.31 -36.63 29.01
CA MSE A 570 -10.57 -36.05 27.89
C MSE A 570 -11.40 -36.09 26.61
O MSE A 570 -11.49 -35.07 25.91
CB MSE A 570 -9.24 -36.75 27.64
CG MSE A 570 -8.58 -36.30 26.35
SE MSE A 570 -7.05 -37.42 25.93
CE MSE A 570 -8.03 -39.05 25.46
N THR A 571 -12.00 -37.24 26.29
CA THR A 571 -12.66 -37.42 24.98
C THR A 571 -13.75 -36.43 24.67
N VAL A 572 -14.50 -36.01 25.68
CA VAL A 572 -15.65 -35.16 25.42
C VAL A 572 -15.31 -33.67 25.25
N MSE A 573 -14.08 -33.27 25.55
CA MSE A 573 -13.77 -31.81 25.64
C MSE A 573 -13.41 -31.11 24.33
O MSE A 573 -13.32 -29.88 24.32
CB MSE A 573 -12.70 -31.51 26.70
CG MSE A 573 -13.08 -31.92 28.11
SE MSE A 573 -14.75 -31.00 28.64
CE MSE A 573 -15.11 -32.07 30.23
N ASN A 574 -13.23 -31.87 23.24
CA ASN A 574 -12.86 -31.28 21.95
C ASN A 574 -11.57 -30.45 22.07
N MSE A 575 -10.52 -31.01 22.71
CA MSE A 575 -9.21 -30.31 22.81
C MSE A 575 -8.09 -31.29 22.47
O MSE A 575 -6.97 -31.24 23.03
CB MSE A 575 -8.98 -29.65 24.19
CG MSE A 575 -9.97 -28.55 24.58
SE MSE A 575 -9.32 -27.50 26.10
CE MSE A 575 -7.81 -26.56 25.17
N GLY A 576 -8.37 -32.18 21.53
CA GLY A 576 -7.38 -33.15 21.12
C GLY A 576 -6.92 -34.00 22.28
N ASN A 577 -5.61 -34.19 22.39
CA ASN A 577 -5.06 -34.90 23.50
C ASN A 577 -4.70 -34.01 24.68
N TYR A 578 -5.10 -32.75 24.68
CA TYR A 578 -4.82 -31.93 25.85
C TYR A 578 -5.89 -32.23 26.91
N ALA A 579 -5.55 -33.10 27.86
CA ALA A 579 -6.49 -33.51 28.89
C ALA A 579 -6.22 -32.67 30.12
N HIS A 580 -6.87 -31.52 30.20
CA HIS A 580 -6.55 -30.52 31.24
C HIS A 580 -6.60 -31.05 32.67
N GLY A 581 -7.45 -32.04 32.90
CA GLY A 581 -7.60 -32.62 34.22
C GLY A 581 -6.39 -33.45 34.64
N ASN A 582 -5.57 -33.93 33.71
CA ASN A 582 -4.39 -34.71 34.11
C ASN A 582 -3.30 -33.77 34.65
N GLN A 583 -3.03 -33.83 35.94
CA GLN A 583 -2.08 -32.90 36.55
C GLN A 583 -0.76 -32.73 35.81
N PRO A 584 -0.17 -33.83 35.30
CA PRO A 584 1.16 -33.69 34.71
C PRO A 584 1.17 -32.73 33.52
N ILE A 585 0.03 -32.53 32.88
CA ILE A 585 0.04 -31.70 31.70
C ILE A 585 -0.28 -30.22 31.96
N GLN A 586 -0.66 -29.89 33.20
CA GLN A 586 -1.27 -28.59 33.45
C GLN A 586 -0.34 -27.37 33.24
N HIS A 587 0.96 -27.57 33.32
CA HIS A 587 1.93 -26.50 33.05
C HIS A 587 2.24 -26.45 31.54
N MSE A 588 1.81 -27.46 30.79
CA MSE A 588 2.27 -27.64 29.39
C MSE A 588 2.14 -26.42 28.48
O MSE A 588 3.07 -26.08 27.75
CB MSE A 588 1.59 -28.83 28.71
CG MSE A 588 2.24 -29.24 27.41
SE MSE A 588 1.09 -30.17 26.11
CE MSE A 588 0.23 -28.52 25.72
N ILE A 589 0.99 -25.77 28.48
CA ILE A 589 0.72 -24.68 27.53
C ILE A 589 1.70 -23.54 27.76
N TYR A 590 2.10 -23.32 29.01
CA TYR A 590 3.08 -22.27 29.33
C TYR A 590 4.43 -22.50 28.65
N LEU A 591 4.72 -23.73 28.25
CA LEU A 591 6.01 -24.03 27.62
C LEU A 591 6.18 -23.40 26.24
N TYR A 592 5.08 -23.04 25.59
CA TYR A 592 5.20 -22.28 24.35
C TYR A 592 6.10 -21.04 24.55
N ASP A 593 6.01 -20.43 25.74
CA ASP A 593 6.81 -19.27 26.08
C ASP A 593 8.32 -19.57 25.93
N TYR A 594 8.73 -20.77 26.30
CA TYR A 594 10.16 -21.14 26.29
C TYR A 594 10.66 -21.43 24.88
N ALA A 595 9.73 -21.59 23.93
CA ALA A 595 10.08 -21.97 22.57
C ALA A 595 9.90 -20.76 21.65
N GLY A 596 9.66 -19.60 22.25
CA GLY A 596 9.60 -18.34 21.51
C GLY A 596 8.25 -18.03 20.92
N GLN A 597 7.20 -18.73 21.36
CA GLN A 597 5.87 -18.48 20.77
C GLN A 597 4.77 -18.20 21.83
N PRO A 598 4.97 -17.16 22.61
CA PRO A 598 4.04 -16.88 23.71
C PRO A 598 2.61 -16.68 23.27
N TRP A 599 2.41 -16.26 22.01
CA TRP A 599 1.07 -16.02 21.50
C TRP A 599 0.27 -17.31 21.44
N LYS A 600 0.95 -18.44 21.29
CA LYS A 600 0.25 -19.72 21.29
C LYS A 600 -0.20 -20.11 22.71
N ALA A 601 0.61 -19.80 23.70
CA ALA A 601 0.17 -19.93 25.11
C ALA A 601 -1.05 -19.05 25.34
N GLN A 602 -0.99 -17.81 24.89
CA GLN A 602 -2.11 -16.92 25.10
C GLN A 602 -3.40 -17.49 24.49
N TYR A 603 -3.31 -18.02 23.27
CA TYR A 603 -4.49 -18.57 22.61
C TYR A 603 -5.06 -19.76 23.40
N TRP A 604 -4.22 -20.73 23.69
CA TRP A 604 -4.70 -21.98 24.29
C TRP A 604 -5.12 -21.82 25.76
N LEU A 605 -4.38 -21.02 26.51
CA LEU A 605 -4.71 -20.75 27.92
C LEU A 605 -6.08 -20.13 27.99
N ARG A 606 -6.34 -19.18 27.09
CA ARG A 606 -7.64 -18.57 27.12
C ARG A 606 -8.77 -19.57 26.77
N GLN A 607 -8.50 -20.49 25.83
CA GLN A 607 -9.45 -21.57 25.50
C GLN A 607 -9.78 -22.39 26.76
N VAL A 608 -8.74 -22.78 27.47
CA VAL A 608 -8.93 -23.57 28.70
C VAL A 608 -9.77 -22.80 29.73
N MSE A 609 -9.41 -21.55 29.99
CA MSE A 609 -10.17 -20.78 30.97
C MSE A 609 -11.63 -20.58 30.56
O MSE A 609 -12.53 -20.63 31.42
CB MSE A 609 -9.51 -19.44 31.27
CG MSE A 609 -8.24 -19.64 32.11
SE MSE A 609 -7.32 -17.95 32.46
CE MSE A 609 -5.87 -18.16 31.14
N ASP A 610 -11.89 -20.32 29.28
CA ASP A 610 -13.27 -20.05 28.88
C ASP A 610 -14.11 -21.32 28.80
N ARG A 611 -13.48 -22.46 28.48
CA ARG A 611 -14.24 -23.67 28.14
C ARG A 611 -14.19 -24.78 29.22
N MSE A 612 -13.06 -24.91 29.93
CA MSE A 612 -12.89 -26.07 30.83
C MSE A 612 -13.36 -25.80 32.27
O MSE A 612 -13.28 -26.70 33.09
CB MSE A 612 -11.43 -26.52 30.89
CG MSE A 612 -10.87 -27.08 29.56
SE MSE A 612 -11.88 -28.65 29.00
CE MSE A 612 -13.11 -27.75 27.75
N TYR A 613 -13.80 -24.59 32.56
CA TYR A 613 -14.27 -24.25 33.92
C TYR A 613 -15.60 -23.50 33.80
N THR A 614 -16.59 -23.89 34.55
CA THR A 614 -17.86 -23.19 34.60
C THR A 614 -18.24 -23.05 36.09
N PRO A 615 -19.09 -22.10 36.42
CA PRO A 615 -19.42 -21.84 37.82
C PRO A 615 -20.49 -22.70 38.46
N GLY A 616 -21.09 -23.57 37.70
CA GLY A 616 -22.17 -24.37 38.19
C GLY A 616 -21.80 -25.66 38.94
N PRO A 617 -22.78 -26.47 39.31
CA PRO A 617 -22.51 -27.72 40.02
C PRO A 617 -21.58 -28.66 39.23
N ASP A 618 -21.70 -28.68 37.92
CA ASP A 618 -20.83 -29.42 37.03
C ASP A 618 -19.65 -28.55 36.50
N GLY A 619 -19.04 -27.80 37.39
CA GLY A 619 -18.08 -26.80 37.03
C GLY A 619 -16.72 -27.15 36.44
N TYR A 620 -16.08 -28.17 36.95
CA TYR A 620 -14.73 -28.56 36.58
C TYR A 620 -14.77 -29.62 35.46
N CYS A 621 -13.70 -29.79 34.71
CA CYS A 621 -13.65 -30.74 33.59
C CYS A 621 -13.15 -32.11 34.06
N GLY A 622 -12.83 -32.22 35.35
CA GLY A 622 -12.32 -33.47 35.97
C GLY A 622 -12.17 -33.23 37.46
N ASP A 623 -11.49 -34.12 38.17
CA ASP A 623 -11.34 -33.94 39.61
C ASP A 623 -10.65 -32.61 39.94
N GLU A 624 -11.09 -31.98 41.04
CA GLU A 624 -10.56 -30.70 41.50
C GLU A 624 -9.18 -30.83 42.15
N ASP A 625 -8.96 -32.00 42.72
CA ASP A 625 -7.66 -32.37 43.30
C ASP A 625 -7.01 -31.48 44.34
N ASN A 626 -7.76 -31.34 45.43
N ASN A 626 -7.73 -31.25 45.43
CA ASN A 626 -7.40 -30.54 46.60
CA ASN A 626 -7.11 -30.58 46.56
C ASN A 626 -6.67 -29.25 46.30
C ASN A 626 -6.64 -29.17 46.33
N GLY A 627 -7.28 -28.44 45.44
CA GLY A 627 -6.83 -27.11 45.24
C GLY A 627 -6.03 -26.96 43.98
N GLN A 628 -5.44 -28.04 43.49
CA GLN A 628 -4.54 -27.85 42.33
C GLN A 628 -5.28 -27.35 41.06
N THR A 629 -6.36 -28.01 40.69
CA THR A 629 -7.09 -27.59 39.51
C THR A 629 -7.75 -26.22 39.69
N SER A 630 -8.13 -25.88 40.92
CA SER A 630 -8.67 -24.56 41.20
C SER A 630 -7.61 -23.47 41.19
N ALA A 631 -6.50 -23.74 41.88
CA ALA A 631 -5.41 -22.78 41.92
C ALA A 631 -4.82 -22.56 40.53
N TRP A 632 -4.89 -23.57 39.65
CA TRP A 632 -4.48 -23.37 38.26
C TRP A 632 -5.26 -22.18 37.62
N TYR A 633 -6.58 -22.17 37.85
CA TYR A 633 -7.43 -21.11 37.33
C TYR A 633 -7.15 -19.75 37.97
N VAL A 634 -6.97 -19.73 39.29
CA VAL A 634 -6.63 -18.50 39.99
C VAL A 634 -5.36 -17.89 39.36
N PHE A 635 -4.28 -18.65 39.28
CA PHE A 635 -3.06 -18.12 38.67
C PHE A 635 -3.32 -17.72 37.21
N SER A 636 -3.88 -18.62 36.44
CA SER A 636 -3.97 -18.37 35.02
C SER A 636 -4.82 -17.17 34.73
N ALA A 637 -5.84 -16.95 35.55
CA ALA A 637 -6.68 -15.77 35.35
C ALA A 637 -5.91 -14.45 35.62
N LEU A 638 -4.97 -14.48 36.56
CA LEU A 638 -4.14 -13.31 36.88
C LEU A 638 -3.15 -13.08 35.74
N GLY A 639 -2.80 -14.16 35.07
CA GLY A 639 -2.03 -14.08 33.84
C GLY A 639 -0.64 -14.70 33.88
N PHE A 640 -0.34 -15.48 34.92
CA PHE A 640 0.97 -16.06 35.04
C PHE A 640 0.91 -17.31 35.94
N TYR A 641 1.96 -18.12 35.92
CA TYR A 641 1.89 -19.46 36.51
C TYR A 641 3.27 -19.96 36.92
N PRO A 642 3.37 -20.64 38.07
CA PRO A 642 4.67 -21.11 38.54
C PRO A 642 5.01 -22.45 37.90
N VAL A 643 5.43 -22.41 36.64
CA VAL A 643 5.84 -23.60 35.94
C VAL A 643 6.86 -24.37 36.74
N CYS A 644 7.83 -23.65 37.29
CA CYS A 644 8.92 -24.30 38.00
C CYS A 644 9.09 -23.79 39.44
N PRO A 645 8.26 -24.30 40.36
CA PRO A 645 8.48 -23.96 41.76
C PRO A 645 9.93 -24.29 42.14
N GLY A 646 10.51 -23.51 43.05
CA GLY A 646 11.97 -23.63 43.31
C GLY A 646 12.76 -22.53 42.60
N THR A 647 12.23 -22.02 41.50
CA THR A 647 12.74 -20.76 40.92
C THR A 647 11.93 -19.62 41.51
N ASP A 648 12.28 -18.39 41.18
CA ASP A 648 11.49 -17.28 41.68
C ASP A 648 10.56 -16.77 40.58
N GLU A 649 10.31 -17.59 39.58
CA GLU A 649 9.62 -17.10 38.39
C GLU A 649 8.17 -17.53 38.24
N TYR A 650 7.36 -16.64 37.66
CA TYR A 650 6.04 -16.97 37.20
C TYR A 650 6.04 -16.73 35.69
N VAL A 651 5.62 -17.74 34.94
CA VAL A 651 5.67 -17.68 33.48
C VAL A 651 4.40 -17.07 32.93
N MSE A 652 4.58 -16.16 31.97
CA MSE A 652 3.49 -15.36 31.46
C MSE A 652 2.49 -16.16 30.64
O MSE A 652 2.85 -16.88 29.71
CB MSE A 652 4.03 -14.18 30.65
CG MSE A 652 3.15 -12.96 30.66
SE MSE A 652 2.92 -12.18 32.43
CE MSE A 652 1.36 -11.16 31.98
N GLY A 653 1.21 -16.01 30.96
CA GLY A 653 0.14 -16.52 30.09
C GLY A 653 -0.66 -15.35 29.55
N THR A 654 -1.91 -15.27 29.94
CA THR A 654 -2.73 -14.15 29.48
C THR A 654 -3.81 -13.91 30.51
N PRO A 655 -3.96 -12.67 30.97
CA PRO A 655 -4.92 -12.36 32.03
C PRO A 655 -6.38 -12.39 31.57
N LEU A 656 -7.30 -12.79 32.46
CA LEU A 656 -8.72 -12.93 32.09
C LEU A 656 -9.57 -11.66 32.32
N PHE A 657 -9.17 -10.83 33.28
CA PHE A 657 -9.97 -9.66 33.66
C PHE A 657 -9.34 -8.34 33.19
N LYS A 658 -10.15 -7.28 33.10
CA LYS A 658 -9.57 -5.98 32.77
C LYS A 658 -8.69 -5.46 33.91
N LYS A 659 -8.94 -5.90 35.14
CA LYS A 659 -8.12 -5.45 36.25
C LYS A 659 -8.07 -6.44 37.40
N ALA A 660 -6.88 -6.66 37.92
CA ALA A 660 -6.71 -7.51 39.10
C ALA A 660 -5.76 -6.80 40.01
N THR A 661 -6.08 -6.78 41.30
CA THR A 661 -5.22 -6.16 42.30
C THR A 661 -4.83 -7.24 43.34
N LEU A 662 -3.54 -7.45 43.53
CA LEU A 662 -3.07 -8.38 44.55
C LEU A 662 -2.61 -7.60 45.76
N HIS A 663 -3.09 -7.99 46.94
CA HIS A 663 -2.62 -7.37 48.20
C HIS A 663 -1.73 -8.36 48.95
N PHE A 664 -0.43 -8.08 49.00
CA PHE A 664 0.55 -8.99 49.62
C PHE A 664 0.59 -8.83 51.14
N GLU A 665 1.04 -9.88 51.84
CA GLU A 665 1.09 -9.80 53.29
C GLU A 665 2.08 -8.75 53.75
N ASN A 666 3.05 -8.41 52.90
CA ASN A 666 4.06 -7.41 53.29
C ASN A 666 3.51 -5.98 53.19
N GLY A 667 2.21 -5.84 52.95
CA GLY A 667 1.56 -4.52 52.81
C GLY A 667 1.66 -3.80 51.48
N ASN A 668 2.40 -4.35 50.53
CA ASN A 668 2.45 -3.81 49.17
C ASN A 668 1.35 -4.46 48.33
N SER A 669 0.98 -3.81 47.23
CA SER A 669 -0.08 -4.26 46.34
C SER A 669 0.42 -4.18 44.91
N LEU A 670 -0.10 -5.04 44.04
CA LEU A 670 0.22 -5.04 42.64
C LEU A 670 -1.05 -4.97 41.80
N VAL A 671 -1.11 -4.00 40.88
CA VAL A 671 -2.26 -3.90 39.99
C VAL A 671 -1.88 -4.45 38.64
N ILE A 672 -2.71 -5.36 38.12
CA ILE A 672 -2.51 -5.88 36.77
C ILE A 672 -3.58 -5.25 35.93
N ASP A 673 -3.17 -4.28 35.11
CA ASP A 673 -4.14 -3.51 34.39
C ASP A 673 -4.19 -3.90 32.91
N ALA A 674 -5.36 -4.35 32.44
CA ALA A 674 -5.51 -4.86 31.07
C ALA A 674 -6.79 -4.30 30.49
N PRO A 675 -6.84 -2.97 30.33
CA PRO A 675 -8.13 -2.30 30.10
C PRO A 675 -8.84 -2.67 28.80
N ASN A 676 -8.08 -3.11 27.80
CA ASN A 676 -8.66 -3.51 26.52
C ASN A 676 -9.04 -4.99 26.50
N ASN A 677 -8.98 -5.66 27.65
CA ASN A 677 -9.32 -7.11 27.72
C ASN A 677 -10.74 -7.35 27.25
N SER A 678 -10.96 -8.42 26.51
CA SER A 678 -12.33 -8.77 26.11
C SER A 678 -12.37 -10.23 25.69
N THR A 679 -13.56 -10.72 25.33
CA THR A 679 -13.67 -12.08 24.84
C THR A 679 -12.80 -12.30 23.63
N GLU A 680 -12.66 -11.27 22.80
CA GLU A 680 -11.86 -11.34 21.58
C GLU A 680 -10.40 -10.98 21.74
N ASN A 681 -10.11 -10.08 22.68
CA ASN A 681 -8.75 -9.54 22.85
C ASN A 681 -7.99 -10.31 23.93
N PHE A 682 -7.47 -11.47 23.57
CA PHE A 682 -6.77 -12.31 24.52
C PHE A 682 -5.29 -12.41 24.23
N TYR A 683 -4.80 -11.69 23.23
CA TYR A 683 -3.35 -11.70 22.96
C TYR A 683 -2.69 -10.55 23.67
N ILE A 684 -1.45 -10.76 24.11
CA ILE A 684 -0.69 -9.68 24.72
C ILE A 684 0.09 -8.98 23.60
N ASP A 685 -0.28 -7.75 23.29
CA ASP A 685 0.44 -7.02 22.24
C ASP A 685 1.75 -6.45 22.82
N SER A 686 1.67 -5.95 24.03
CA SER A 686 2.86 -5.51 24.71
C SER A 686 2.52 -5.36 26.17
N MSE A 687 3.54 -5.16 26.98
CA MSE A 687 3.37 -5.20 28.39
C MSE A 687 4.41 -4.31 29.04
O MSE A 687 5.53 -4.22 28.57
CB MSE A 687 3.58 -6.65 28.83
CG MSE A 687 3.26 -6.94 30.23
SE MSE A 687 3.49 -8.91 30.40
CE MSE A 687 3.64 -8.82 32.30
N SER A 688 4.03 -3.63 30.12
CA SER A 688 5.03 -2.87 30.89
C SER A 688 4.87 -3.13 32.38
N PHE A 689 5.95 -2.93 33.11
CA PHE A 689 5.99 -3.19 34.53
C PHE A 689 6.52 -1.90 35.15
N ASN A 690 5.63 -1.19 35.85
CA ASN A 690 5.95 0.13 36.35
C ASN A 690 6.56 0.97 35.25
N GLY A 691 5.91 0.96 34.08
CA GLY A 691 6.35 1.81 32.97
C GLY A 691 7.50 1.27 32.13
N ALA A 692 8.23 0.29 32.64
CA ALA A 692 9.37 -0.26 31.91
C ALA A 692 8.87 -1.28 30.94
N ASP A 693 9.30 -1.15 29.69
CA ASP A 693 8.91 -2.11 28.67
C ASP A 693 9.36 -3.52 29.12
N HIS A 694 8.44 -4.47 29.08
CA HIS A 694 8.69 -5.81 29.63
C HIS A 694 8.36 -6.86 28.58
N THR A 695 9.35 -7.36 27.87
CA THR A 695 9.12 -8.30 26.77
C THR A 695 9.36 -9.73 27.26
N LYS A 696 9.87 -9.85 28.47
CA LYS A 696 10.20 -11.16 29.03
C LYS A 696 8.93 -11.99 29.24
N ASN A 697 9.06 -13.31 29.14
CA ASN A 697 7.89 -14.18 29.32
C ASN A 697 7.77 -14.65 30.76
N TYR A 698 8.38 -13.93 31.69
CA TYR A 698 8.26 -14.27 33.12
C TYR A 698 8.33 -13.02 34.00
N LEU A 699 7.82 -13.16 35.23
CA LEU A 699 7.88 -12.15 36.27
C LEU A 699 8.60 -12.77 37.45
N ARG A 700 9.33 -11.96 38.23
CA ARG A 700 10.06 -12.43 39.39
C ARG A 700 9.32 -12.17 40.70
N HIS A 701 9.33 -13.18 41.58
CA HIS A 701 8.69 -13.09 42.89
C HIS A 701 9.08 -11.79 43.59
N GLU A 702 10.37 -11.49 43.64
CA GLU A 702 10.83 -10.31 44.37
C GLU A 702 10.26 -8.99 43.83
N ASP A 703 10.17 -8.89 42.50
CA ASP A 703 9.63 -7.71 41.85
C ASP A 703 8.12 -7.56 42.12
N LEU A 704 7.38 -8.67 42.05
CA LEU A 704 5.95 -8.61 42.40
C LEU A 704 5.78 -8.07 43.82
N PHE A 705 6.53 -8.63 44.76
CA PHE A 705 6.41 -8.23 46.16
C PHE A 705 6.70 -6.74 46.41
N LYS A 706 7.47 -6.09 45.52
CA LYS A 706 7.70 -4.65 45.65
C LYS A 706 6.49 -3.82 45.31
N GLY A 707 5.54 -4.39 44.55
CA GLY A 707 4.29 -3.71 44.27
C GLY A 707 4.38 -2.86 43.03
N GLY A 708 3.29 -2.18 42.69
CA GLY A 708 3.34 -1.34 41.50
C GLY A 708 2.28 -1.73 40.51
N THR A 709 2.55 -1.48 39.23
CA THR A 709 1.52 -1.69 38.21
C THR A 709 2.12 -2.45 37.05
N ILE A 710 1.45 -3.50 36.61
CA ILE A 710 1.80 -4.14 35.35
C ILE A 710 0.68 -3.77 34.40
N LYS A 711 1.04 -3.26 33.22
CA LYS A 711 0.07 -2.85 32.25
C LYS A 711 0.14 -3.80 31.06
N VAL A 712 -0.98 -4.41 30.71
CA VAL A 712 -0.99 -5.37 29.59
C VAL A 712 -1.90 -4.85 28.48
N ASP A 713 -1.33 -4.62 27.29
CA ASP A 713 -2.13 -4.20 26.15
C ASP A 713 -2.65 -5.41 25.41
N MSE A 714 -3.97 -5.61 25.48
CA MSE A 714 -4.62 -6.79 24.97
C MSE A 714 -5.07 -6.53 23.55
O MSE A 714 -5.50 -5.44 23.22
CB MSE A 714 -5.87 -7.09 25.79
CG MSE A 714 -5.60 -7.24 27.26
SE MSE A 714 -4.23 -8.59 27.61
CE MSE A 714 -5.20 -10.20 27.09
N SER A 715 -4.99 -7.55 22.70
CA SER A 715 -5.35 -7.37 21.30
C SER A 715 -6.05 -8.62 20.78
N ASN A 716 -6.75 -8.50 19.65
CA ASN A 716 -7.37 -9.69 19.02
C ASN A 716 -6.46 -10.34 17.99
N ARG A 717 -5.24 -9.81 17.84
CA ARG A 717 -4.26 -10.34 16.89
C ARG A 717 -2.97 -10.68 17.61
N PRO A 718 -2.33 -11.79 17.24
CA PRO A 718 -1.06 -12.13 17.91
C PRO A 718 0.08 -11.19 17.55
N ASN A 719 0.94 -10.89 18.53
CA ASN A 719 2.16 -10.18 18.23
C ASN A 719 3.29 -11.19 18.05
N LEU A 720 3.65 -11.43 16.80
CA LEU A 720 4.59 -12.49 16.46
C LEU A 720 6.03 -12.20 16.82
N ASN A 721 6.30 -11.01 17.31
CA ASN A 721 7.68 -10.64 17.61
C ASN A 721 7.98 -10.54 19.09
N ARG A 722 6.94 -10.31 19.89
CA ARG A 722 7.19 -10.06 21.30
C ARG A 722 7.47 -11.38 22.01
N GLY A 723 8.51 -11.37 22.84
CA GLY A 723 8.83 -12.48 23.72
C GLY A 723 9.60 -13.62 23.06
N THR A 724 10.34 -13.30 21.99
CA THR A 724 11.03 -14.31 21.21
C THR A 724 12.55 -14.31 21.39
N LYS A 725 13.09 -13.29 22.07
CA LYS A 725 14.52 -13.20 22.27
C LYS A 725 15.04 -14.12 23.38
N GLU A 726 16.31 -14.47 23.28
CA GLU A 726 16.97 -15.22 24.31
C GLU A 726 16.75 -14.68 25.74
N GLU A 727 16.88 -13.37 25.93
CA GLU A 727 16.79 -12.76 27.25
C GLU A 727 15.34 -12.79 27.79
N ASP A 728 14.39 -13.08 26.91
CA ASP A 728 12.95 -13.17 27.27
C ASP A 728 12.56 -14.55 27.87
N MSE A 729 13.47 -15.52 27.74
CA MSE A 729 13.16 -16.90 28.12
C MSE A 729 13.18 -17.12 29.64
O MSE A 729 14.07 -16.64 30.34
CB MSE A 729 14.13 -17.87 27.45
CG MSE A 729 14.12 -17.80 25.91
SE MSE A 729 12.34 -18.21 25.19
CE MSE A 729 11.67 -16.49 24.65
N PRO A 730 12.18 -17.85 30.16
CA PRO A 730 12.25 -18.15 31.59
C PRO A 730 13.36 -19.17 31.83
N TYR A 731 13.56 -19.51 33.08
CA TYR A 731 14.68 -20.33 33.51
C TYR A 731 14.77 -21.76 32.93
N SER A 732 15.96 -22.13 32.45
CA SER A 732 16.30 -23.55 32.20
C SER A 732 17.65 -23.90 32.82
N PHE A 733 17.71 -25.06 33.46
CA PHE A 733 18.89 -25.51 34.16
C PHE A 733 20.07 -25.63 33.17
N SER A 734 19.78 -26.08 31.96
CA SER A 734 20.80 -26.24 30.92
C SER A 734 21.52 -24.93 30.62
N LYS A 735 20.84 -23.81 30.76
CA LYS A 735 21.45 -22.52 30.49
C LYS A 735 22.21 -22.03 31.72
N GLU A 736 21.54 -22.12 32.86
CA GLU A 736 22.15 -21.77 34.12
C GLU A 736 23.61 -22.19 34.05
N LYS B 1 -22.98 22.30 -43.32
CA LYS B 1 -22.64 22.73 -41.92
C LYS B 1 -22.22 24.19 -41.92
N ASP B 2 -22.78 24.99 -41.02
CA ASP B 2 -22.44 26.40 -41.04
C ASP B 2 -21.79 26.79 -39.73
N TRP B 3 -20.69 27.49 -39.82
CA TRP B 3 -20.03 28.03 -38.62
C TRP B 3 -20.14 29.54 -38.54
N THR B 4 -20.52 30.18 -39.65
CA THR B 4 -20.64 31.65 -39.65
C THR B 4 -21.69 32.12 -38.65
N GLN B 5 -22.68 31.29 -38.36
CA GLN B 5 -23.71 31.62 -37.37
C GLN B 5 -23.12 31.97 -35.99
N TYR B 6 -21.94 31.45 -35.67
CA TYR B 6 -21.33 31.73 -34.39
C TYR B 6 -20.44 32.98 -34.42
N VAL B 7 -20.18 33.52 -35.61
CA VAL B 7 -19.28 34.69 -35.69
C VAL B 7 -19.99 35.99 -35.36
N ASN B 8 -19.47 36.71 -34.38
CA ASN B 8 -20.04 38.03 -34.05
C ASN B 8 -19.07 39.11 -34.45
N PRO B 9 -19.29 39.76 -35.60
CA PRO B 9 -18.36 40.80 -36.03
C PRO B 9 -18.39 42.05 -35.11
N LEU B 10 -19.38 42.13 -34.23
CA LEU B 10 -19.46 43.25 -33.28
C LEU B 10 -18.65 43.02 -32.02
N MSE B 11 -18.11 41.81 -31.86
CA MSE B 11 -17.30 41.51 -30.67
C MSE B 11 -16.05 42.43 -30.65
O MSE B 11 -15.23 42.38 -31.58
CB MSE B 11 -16.89 40.05 -30.64
CG MSE B 11 -16.10 39.67 -29.36
SE MSE B 11 -15.49 37.84 -29.43
CE MSE B 11 -14.16 37.89 -27.98
N GLY B 12 -15.94 43.27 -29.63
CA GLY B 12 -14.83 44.23 -29.52
C GLY B 12 -15.17 45.67 -29.95
N SER B 13 -16.39 45.88 -30.47
CA SER B 13 -16.80 47.23 -30.89
C SER B 13 -17.29 48.13 -29.76
N GLN B 14 -17.62 47.54 -28.61
CA GLN B 14 -18.01 48.34 -27.44
C GLN B 14 -16.80 48.55 -26.55
N SER B 15 -16.08 49.61 -26.80
CA SER B 15 -14.73 49.70 -26.34
C SER B 15 -14.42 51.16 -26.32
N THR B 16 -13.65 51.62 -25.33
CA THR B 16 -13.32 53.04 -25.21
C THR B 16 -11.82 53.28 -25.05
N PHE B 17 -11.44 54.53 -25.25
CA PHE B 17 -10.07 54.98 -25.09
C PHE B 17 -9.48 54.66 -23.72
N GLU B 18 -10.26 54.82 -22.65
CA GLU B 18 -9.76 54.55 -21.30
C GLU B 18 -9.68 53.07 -20.91
N LEU B 19 -10.46 52.23 -21.59
CA LEU B 19 -10.47 50.80 -21.27
C LEU B 19 -10.88 50.03 -22.49
N SER B 20 -9.90 49.47 -23.19
CA SER B 20 -10.21 48.69 -24.37
C SER B 20 -10.85 47.36 -24.05
N THR B 21 -11.90 47.02 -24.81
CA THR B 21 -12.43 45.68 -24.77
C THR B 21 -12.30 45.08 -26.17
N GLY B 22 -11.31 45.55 -26.91
CA GLY B 22 -10.91 44.89 -28.15
C GLY B 22 -10.59 45.92 -29.23
N ASN B 23 -11.28 47.05 -29.17
CA ASN B 23 -11.15 48.13 -30.15
C ASN B 23 -11.23 47.59 -31.58
N THR B 24 -12.28 46.83 -31.88
CA THR B 24 -12.46 46.30 -33.24
C THR B 24 -13.59 47.08 -33.91
N TYR B 25 -13.74 46.86 -35.22
CA TYR B 25 -14.92 47.31 -35.96
C TYR B 25 -15.41 46.07 -36.74
N PRO B 26 -16.67 46.09 -37.19
CA PRO B 26 -17.17 44.93 -37.90
C PRO B 26 -16.59 44.87 -39.29
N ALA B 27 -15.65 43.98 -39.51
CA ALA B 27 -15.03 43.90 -40.82
C ALA B 27 -15.93 43.01 -41.70
N ILE B 28 -16.69 43.63 -42.60
CA ILE B 28 -17.49 42.89 -43.54
C ILE B 28 -16.58 42.67 -44.75
N ALA B 29 -16.19 41.42 -44.97
CA ALA B 29 -15.07 41.16 -45.86
C ALA B 29 -14.92 39.68 -46.14
N ARG B 30 -14.14 39.36 -47.19
CA ARG B 30 -13.68 37.99 -47.41
C ARG B 30 -12.46 37.75 -46.55
N PRO B 31 -12.14 36.48 -46.27
CA PRO B 31 -10.87 36.22 -45.56
C PRO B 31 -9.70 36.94 -46.21
N TRP B 32 -8.89 37.63 -45.41
CA TRP B 32 -7.72 38.38 -45.92
C TRP B 32 -8.06 39.34 -47.07
N GLY B 33 -9.31 39.81 -47.11
CA GLY B 33 -9.77 40.67 -48.21
C GLY B 33 -8.92 41.92 -48.35
N MSE B 34 -8.65 42.34 -49.60
CA MSE B 34 -7.90 43.55 -49.85
C MSE B 34 -8.65 44.75 -49.32
O MSE B 34 -8.05 45.68 -48.77
CB MSE B 34 -7.67 43.77 -51.34
CG MSE B 34 -6.84 45.03 -51.59
SE MSE B 34 -6.11 45.15 -53.39
CE MSE B 34 -7.39 46.40 -54.16
N ASN B 35 -9.96 44.74 -49.52
CA ASN B 35 -10.78 45.87 -49.14
C ASN B 35 -11.81 45.38 -48.14
N PHE B 36 -11.84 45.99 -46.96
CA PHE B 36 -12.89 45.68 -45.98
C PHE B 36 -13.95 46.76 -46.07
N TRP B 37 -15.18 46.42 -45.70
CA TRP B 37 -16.28 47.38 -45.60
C TRP B 37 -16.87 47.43 -44.19
N THR B 38 -17.24 48.64 -43.75
CA THR B 38 -17.80 48.78 -42.42
C THR B 38 -18.81 49.91 -42.32
N PRO B 39 -19.90 49.69 -41.58
CA PRO B 39 -20.70 50.86 -41.24
C PRO B 39 -19.83 51.84 -40.45
N GLN B 40 -20.02 53.13 -40.69
CA GLN B 40 -19.17 54.14 -40.04
C GLN B 40 -20.03 55.03 -39.12
N THR B 41 -19.84 54.85 -37.82
CA THR B 41 -20.49 55.70 -36.82
C THR B 41 -19.60 56.91 -36.48
N GLY B 42 -18.28 56.71 -36.46
CA GLY B 42 -17.36 57.81 -36.06
C GLY B 42 -17.21 58.92 -37.09
N LYS B 43 -16.84 60.11 -36.65
CA LYS B 43 -16.48 61.20 -37.57
C LYS B 43 -15.28 60.77 -38.44
N MSE B 44 -15.20 61.34 -39.64
CA MSE B 44 -14.10 61.07 -40.56
C MSE B 44 -12.73 61.22 -39.87
O MSE B 44 -12.43 62.28 -39.30
CB MSE B 44 -14.18 62.01 -41.75
CG MSE B 44 -13.32 61.58 -42.94
SE MSE B 44 -12.99 63.09 -44.10
CE MSE B 44 -12.94 62.29 -45.85
N GLY B 45 -11.92 60.18 -39.91
CA GLY B 45 -10.58 60.18 -39.29
C GLY B 45 -10.46 59.60 -37.90
N ASP B 46 -11.58 59.41 -37.21
CA ASP B 46 -11.58 58.92 -35.84
C ASP B 46 -11.20 57.47 -35.93
N GLY B 47 -10.25 57.06 -35.08
CA GLY B 47 -9.78 55.68 -35.14
C GLY B 47 -10.89 54.75 -34.69
N TRP B 48 -11.85 55.30 -33.95
CA TRP B 48 -12.98 54.53 -33.50
C TRP B 48 -14.07 54.72 -34.56
N GLN B 49 -13.93 54.05 -35.71
CA GLN B 49 -14.82 54.32 -36.84
C GLN B 49 -16.21 53.71 -36.66
N TYR B 50 -16.29 52.68 -35.83
CA TYR B 50 -17.58 52.11 -35.44
C TYR B 50 -17.54 51.81 -33.96
N THR B 51 -18.44 52.40 -33.19
CA THR B 51 -18.54 52.06 -31.77
C THR B 51 -19.94 51.56 -31.47
N TYR B 52 -20.04 50.57 -30.58
CA TYR B 52 -21.32 49.95 -30.29
C TYR B 52 -22.30 50.94 -29.68
N THR B 53 -21.78 51.89 -28.90
CA THR B 53 -22.69 52.79 -28.18
C THR B 53 -23.07 53.99 -29.04
N ALA B 54 -22.56 54.06 -30.27
CA ALA B 54 -22.91 55.17 -31.15
C ALA B 54 -24.37 55.08 -31.57
N ASN B 55 -24.99 56.23 -31.79
CA ASN B 55 -26.41 56.30 -32.14
C ASN B 55 -26.66 56.45 -33.63
N LYS B 56 -25.65 56.87 -34.37
CA LYS B 56 -25.83 57.19 -35.78
C LYS B 56 -24.76 56.64 -36.70
N ILE B 57 -25.19 56.31 -37.91
CA ILE B 57 -24.31 55.94 -38.98
C ILE B 57 -24.24 57.12 -39.95
N ARG B 58 -23.03 57.47 -40.37
CA ARG B 58 -22.86 58.58 -41.32
C ARG B 58 -22.27 58.13 -42.66
N GLY B 59 -22.01 56.84 -42.80
CA GLY B 59 -21.56 56.33 -44.07
C GLY B 59 -21.33 54.84 -44.04
N PHE B 60 -21.14 54.25 -45.24
CA PHE B 60 -20.69 52.87 -45.34
C PHE B 60 -19.37 52.95 -46.06
N LYS B 61 -18.33 52.45 -45.38
CA LYS B 61 -16.98 52.91 -45.66
C LYS B 61 -16.03 51.79 -46.01
N GLN B 62 -15.24 51.99 -47.05
CA GLN B 62 -14.14 51.09 -47.37
C GLN B 62 -12.99 51.45 -46.46
N THR B 63 -12.44 50.45 -45.78
CA THR B 63 -11.42 50.69 -44.78
C THR B 63 -10.31 49.66 -44.90
N HIS B 64 -9.11 50.01 -44.41
CA HIS B 64 -8.01 49.07 -44.34
C HIS B 64 -7.40 49.05 -42.96
N GLN B 65 -8.10 49.68 -42.02
CA GLN B 65 -7.49 49.98 -40.72
C GLN B 65 -7.23 48.74 -39.88
N PRO B 66 -5.99 48.58 -39.37
CA PRO B 66 -5.71 47.45 -38.48
C PRO B 66 -5.98 47.74 -37.01
N SER B 67 -5.93 48.99 -36.58
CA SER B 67 -6.20 49.35 -35.19
C SER B 67 -6.54 50.82 -35.15
N PRO B 68 -7.17 51.27 -34.07
CA PRO B 68 -7.48 52.67 -33.95
C PRO B 68 -6.21 53.50 -33.80
N TRP B 69 -5.18 52.91 -33.24
CA TRP B 69 -3.92 53.60 -33.04
C TRP B 69 -3.15 53.89 -34.34
N ILE B 70 -3.09 52.90 -35.20
CA ILE B 70 -2.49 52.98 -36.50
C ILE B 70 -3.29 53.77 -37.50
N ASN B 71 -4.60 53.69 -37.34
CA ASN B 71 -5.56 54.38 -38.18
C ASN B 71 -5.51 53.86 -39.61
N ASP B 72 -5.99 54.64 -40.56
CA ASP B 72 -6.51 54.18 -41.82
C ASP B 72 -5.94 54.80 -43.11
N TYR B 73 -6.14 54.13 -44.22
CA TYR B 73 -5.73 54.66 -45.52
C TYR B 73 -6.61 53.99 -46.58
N GLY B 74 -6.68 54.58 -47.78
CA GLY B 74 -7.50 54.01 -48.87
C GLY B 74 -8.97 53.94 -48.47
N GLN B 75 -9.51 55.08 -48.07
CA GLN B 75 -10.80 55.12 -47.38
C GLN B 75 -11.75 56.11 -48.05
N PHE B 76 -12.97 55.66 -48.32
CA PHE B 76 -14.02 56.52 -48.84
C PHE B 76 -15.34 55.91 -48.40
N SER B 77 -16.42 56.64 -48.57
CA SER B 77 -17.70 56.15 -48.07
C SER B 77 -18.86 56.46 -49.00
N ILE B 78 -19.96 55.72 -48.80
CA ILE B 78 -21.18 55.98 -49.53
C ILE B 78 -22.32 56.07 -48.49
N MSE B 79 -23.33 56.86 -48.78
CA MSE B 79 -24.44 57.06 -47.84
C MSE B 79 -25.72 57.40 -48.58
O MSE B 79 -25.77 58.43 -49.27
CB MSE B 79 -24.10 58.20 -46.87
CG MSE B 79 -25.18 58.47 -45.83
SE MSE B 79 -25.25 57.01 -44.49
CE MSE B 79 -26.87 57.57 -43.55
N PRO B 80 -26.75 56.52 -48.49
CA PRO B 80 -28.06 56.81 -49.08
C PRO B 80 -28.85 57.74 -48.16
N ILE B 81 -29.62 58.66 -48.73
CA ILE B 81 -30.40 59.62 -47.96
C ILE B 81 -31.66 59.97 -48.74
N VAL B 82 -32.57 60.69 -48.10
CA VAL B 82 -33.71 61.27 -48.81
C VAL B 82 -33.93 62.65 -48.24
N GLY B 83 -34.71 63.46 -48.95
CA GLY B 83 -35.01 64.81 -48.50
C GLY B 83 -34.17 65.83 -49.25
N GLN B 84 -33.21 66.42 -48.57
CA GLN B 84 -32.35 67.40 -49.23
C GLN B 84 -31.03 66.75 -49.55
N PRO B 85 -30.40 67.17 -50.66
CA PRO B 85 -29.09 66.61 -50.93
C PRO B 85 -28.07 67.26 -50.00
N VAL B 86 -27.60 66.54 -49.00
CA VAL B 86 -26.65 67.11 -48.05
C VAL B 86 -25.39 66.26 -47.99
N PHE B 87 -24.23 66.93 -48.01
CA PHE B 87 -22.96 66.24 -47.93
C PHE B 87 -22.42 66.18 -46.50
N ASP B 88 -22.70 67.21 -45.70
CA ASP B 88 -22.14 67.30 -44.36
C ASP B 88 -22.35 65.97 -43.61
N GLU B 89 -21.26 65.39 -43.12
CA GLU B 89 -21.30 64.04 -42.58
C GLU B 89 -22.19 63.95 -41.33
N GLU B 90 -22.48 65.10 -40.71
CA GLU B 90 -23.46 65.17 -39.62
C GLU B 90 -24.88 65.30 -40.12
N LYS B 91 -25.08 66.23 -41.05
CA LYS B 91 -26.40 66.47 -41.64
C LYS B 91 -26.96 65.22 -42.33
N ARG B 92 -26.10 64.43 -42.96
CA ARG B 92 -26.56 63.24 -43.66
C ARG B 92 -26.73 62.03 -42.74
N ALA B 93 -26.22 62.11 -41.52
CA ALA B 93 -26.19 60.92 -40.66
C ALA B 93 -27.61 60.47 -40.22
N SER B 94 -27.74 59.20 -39.84
CA SER B 94 -29.03 58.65 -39.44
C SER B 94 -28.91 57.84 -38.16
N TRP B 95 -29.85 58.06 -37.24
CA TRP B 95 -30.01 57.14 -36.14
C TRP B 95 -30.19 55.71 -36.68
N PHE B 96 -29.80 54.74 -35.86
CA PHE B 96 -30.10 53.32 -36.08
C PHE B 96 -30.07 52.64 -34.73
N ALA B 97 -30.50 51.37 -34.71
CA ALA B 97 -30.40 50.51 -33.52
C ALA B 97 -29.79 49.16 -33.89
N HIS B 98 -29.06 48.57 -32.97
CA HIS B 98 -28.53 47.26 -33.25
C HIS B 98 -29.68 46.27 -33.50
N LYS B 99 -30.87 46.52 -32.97
CA LYS B 99 -32.00 45.60 -33.19
C LYS B 99 -32.55 45.78 -34.61
N GLY B 100 -32.02 46.80 -35.30
CA GLY B 100 -32.39 47.08 -36.70
C GLY B 100 -31.22 46.75 -37.61
N GLU B 101 -30.27 45.96 -37.09
CA GLU B 101 -28.99 45.76 -37.78
C GLU B 101 -28.68 44.29 -37.86
N VAL B 102 -28.15 43.83 -38.99
CA VAL B 102 -27.67 42.42 -39.10
C VAL B 102 -26.21 42.44 -39.55
N ALA B 103 -25.31 41.93 -38.72
CA ALA B 103 -23.90 41.89 -39.08
C ALA B 103 -23.32 40.50 -39.14
N THR B 104 -22.89 40.07 -40.34
CA THR B 104 -22.20 38.79 -40.49
C THR B 104 -20.94 39.09 -41.28
N PRO B 105 -19.99 38.16 -41.29
CA PRO B 105 -18.78 38.46 -42.04
C PRO B 105 -19.05 38.63 -43.54
N TYR B 106 -20.16 38.10 -44.06
CA TYR B 106 -20.34 38.10 -45.52
C TYR B 106 -21.50 39.00 -45.97
N TYR B 107 -22.17 39.65 -45.02
CA TYR B 107 -23.38 40.42 -45.35
C TYR B 107 -23.67 41.35 -44.19
N TYR B 108 -23.98 42.59 -44.52
CA TYR B 108 -24.39 43.56 -43.50
C TYR B 108 -25.68 44.26 -43.92
N LYS B 109 -26.61 44.45 -42.98
CA LYS B 109 -27.86 45.17 -43.25
C LYS B 109 -28.17 46.09 -42.09
N VAL B 110 -28.72 47.24 -42.38
CA VAL B 110 -29.19 48.09 -41.31
C VAL B 110 -30.29 49.01 -41.80
N TYR B 111 -31.18 49.35 -40.89
CA TYR B 111 -32.27 50.26 -41.19
C TYR B 111 -31.85 51.66 -40.71
N LEU B 112 -31.88 52.63 -41.62
CA LEU B 112 -31.50 54.01 -41.31
C LEU B 112 -32.78 54.75 -40.98
N ALA B 113 -33.03 54.94 -39.68
CA ALA B 113 -34.28 55.51 -39.18
C ALA B 113 -34.65 56.91 -39.73
N GLU B 114 -33.65 57.74 -39.98
CA GLU B 114 -33.95 59.11 -40.37
C GLU B 114 -34.28 59.26 -41.85
N HIS B 115 -33.95 58.24 -42.64
CA HIS B 115 -34.21 58.31 -44.07
C HIS B 115 -35.21 57.26 -44.53
N ASP B 116 -35.58 56.35 -43.64
CA ASP B 116 -36.48 55.25 -44.03
C ASP B 116 -35.88 54.44 -45.17
N ILE B 117 -34.62 54.07 -45.03
CA ILE B 117 -33.91 53.32 -46.03
C ILE B 117 -33.25 52.12 -45.38
N VAL B 118 -33.30 50.97 -46.04
CA VAL B 118 -32.50 49.81 -45.64
C VAL B 118 -31.30 49.76 -46.57
N THR B 119 -30.13 49.54 -45.98
CA THR B 119 -28.89 49.36 -46.74
C THR B 119 -28.42 47.93 -46.52
N GLU B 120 -28.04 47.25 -47.60
CA GLU B 120 -27.42 45.93 -47.51
C GLU B 120 -26.11 45.94 -48.29
N MSE B 121 -25.14 45.18 -47.84
CA MSE B 121 -23.88 45.03 -48.55
C MSE B 121 -23.26 43.66 -48.41
O MSE B 121 -23.34 43.06 -47.42
CB MSE B 121 -22.89 46.14 -48.20
CG MSE B 121 -22.38 46.19 -46.82
SE MSE B 121 -21.33 47.74 -46.29
CE MSE B 121 -20.82 47.20 -44.52
N THR B 122 -22.63 43.22 -49.48
CA THR B 122 -21.98 41.95 -49.52
C THR B 122 -20.68 42.12 -50.30
N PRO B 123 -19.56 41.93 -49.67
CA PRO B 123 -18.30 42.14 -50.37
C PRO B 123 -17.73 40.87 -51.03
N THR B 124 -16.79 41.08 -51.93
CA THR B 124 -15.87 40.12 -52.47
C THR B 124 -14.47 40.52 -51.99
N GLU B 125 -13.41 40.00 -52.56
CA GLU B 125 -12.09 40.34 -52.10
C GLU B 125 -11.77 41.86 -52.25
N ARG B 126 -12.16 42.42 -53.37
CA ARG B 126 -11.81 43.78 -53.71
C ARG B 126 -13.00 44.67 -54.11
N ALA B 127 -14.15 44.04 -54.21
CA ALA B 127 -15.38 44.74 -54.63
C ALA B 127 -16.50 44.53 -53.63
N VAL B 128 -17.62 45.23 -53.85
CA VAL B 128 -18.79 45.07 -52.97
C VAL B 128 -20.05 45.44 -53.70
N LEU B 129 -21.15 44.78 -53.36
CA LEU B 129 -22.44 45.17 -53.90
C LEU B 129 -23.30 45.77 -52.78
N PHE B 130 -23.86 46.95 -53.05
CA PHE B 130 -24.83 47.57 -52.16
C PHE B 130 -26.21 47.44 -52.76
N ARG B 131 -27.20 47.13 -51.93
CA ARG B 131 -28.58 47.27 -52.32
C ARG B 131 -29.22 48.24 -51.34
N PHE B 132 -29.80 49.31 -51.86
CA PHE B 132 -30.47 50.30 -51.04
C PHE B 132 -31.95 50.16 -51.29
N THR B 133 -32.75 50.00 -50.22
CA THR B 133 -34.20 49.96 -50.36
C THR B 133 -34.78 51.29 -49.90
N PHE B 134 -35.28 52.05 -50.86
CA PHE B 134 -35.76 53.40 -50.62
C PHE B 134 -37.25 53.46 -50.34
N PRO B 135 -37.68 54.52 -49.64
CA PRO B 135 -39.08 54.77 -49.46
C PRO B 135 -39.64 55.50 -50.68
N GLU B 136 -40.96 55.67 -50.73
CA GLU B 136 -41.56 56.56 -51.71
C GLU B 136 -41.07 57.98 -51.49
N ASN B 137 -40.42 58.55 -52.50
CA ASN B 137 -39.92 59.91 -52.35
C ASN B 137 -39.55 60.48 -53.71
N ASP B 138 -39.82 61.78 -53.90
CA ASP B 138 -39.39 62.47 -55.11
C ASP B 138 -37.91 62.71 -55.10
N HIS B 139 -37.28 62.61 -53.93
CA HIS B 139 -35.90 63.02 -53.79
C HIS B 139 -35.07 62.09 -52.92
N SER B 140 -34.67 60.99 -53.54
CA SER B 140 -33.76 60.05 -52.93
C SER B 140 -32.40 60.34 -53.53
N TYR B 141 -31.36 60.20 -52.71
CA TYR B 141 -30.01 60.52 -53.14
C TYR B 141 -29.04 59.49 -52.61
N VAL B 142 -27.89 59.40 -53.27
CA VAL B 142 -26.78 58.67 -52.75
C VAL B 142 -25.56 59.59 -52.75
N VAL B 143 -24.89 59.63 -51.61
CA VAL B 143 -23.74 60.52 -51.42
C VAL B 143 -22.45 59.73 -51.47
N VAL B 144 -21.48 60.20 -52.22
CA VAL B 144 -20.17 59.59 -52.28
C VAL B 144 -19.11 60.56 -51.70
N ASP B 145 -18.39 60.10 -50.70
CA ASP B 145 -17.48 60.91 -49.99
C ASP B 145 -16.06 60.39 -50.13
N ALA B 146 -15.16 61.20 -50.70
CA ALA B 146 -13.80 60.74 -50.93
C ALA B 146 -12.80 61.08 -49.87
N PHE B 147 -13.23 61.73 -48.81
CA PHE B 147 -12.45 62.06 -47.67
C PHE B 147 -11.50 63.26 -47.96
N ASP B 148 -10.87 63.80 -46.94
CA ASP B 148 -10.04 64.98 -47.10
C ASP B 148 -8.60 64.49 -47.13
N LYS B 149 -7.92 65.86 -47.14
N LYS B 149 -7.90 65.85 -47.12
CA LYS B 149 -6.57 65.86 -47.61
CA LYS B 149 -6.43 65.78 -47.22
C LYS B 149 -6.84 65.44 -49.06
C LYS B 149 -6.00 65.43 -48.65
N GLY B 150 -5.84 65.46 -49.93
N GLY B 150 -6.86 65.78 -49.60
CA GLY B 150 -6.13 65.43 -51.37
CA GLY B 150 -6.55 65.62 -51.02
C GLY B 150 -7.16 64.39 -51.79
C GLY B 150 -7.27 64.45 -51.65
N SER B 151 -8.18 64.69 -52.53
CA SER B 151 -9.03 63.75 -53.28
C SER B 151 -9.59 64.17 -54.61
N TYR B 152 -10.28 63.25 -55.26
CA TYR B 152 -10.78 63.44 -56.61
C TYR B 152 -12.12 62.76 -56.88
N ILE B 153 -12.98 63.39 -57.68
CA ILE B 153 -14.30 62.80 -57.98
C ILE B 153 -14.77 63.17 -59.39
N LYS B 154 -15.49 62.26 -60.04
CA LYS B 154 -16.03 62.55 -61.36
C LYS B 154 -17.31 61.74 -61.62
N ILE B 155 -18.38 62.44 -61.98
CA ILE B 155 -19.65 61.80 -62.30
C ILE B 155 -19.74 61.61 -63.81
N ILE B 156 -20.12 60.40 -64.22
CA ILE B 156 -20.26 60.07 -65.64
C ILE B 156 -21.70 59.62 -65.86
N PRO B 157 -22.61 60.58 -66.11
CA PRO B 157 -24.05 60.27 -66.09
C PRO B 157 -24.49 59.22 -67.13
N GLU B 158 -23.83 59.18 -68.27
CA GLU B 158 -24.29 58.31 -69.33
C GLU B 158 -24.02 56.84 -69.01
N GLU B 159 -23.25 56.59 -67.94
CA GLU B 159 -23.06 55.24 -67.44
C GLU B 159 -23.57 55.09 -66.01
N ASN B 160 -24.46 55.98 -65.57
CA ASN B 160 -24.90 55.92 -64.19
C ASN B 160 -23.72 55.63 -63.27
N LYS B 161 -22.63 56.37 -63.43
CA LYS B 161 -21.39 55.99 -62.81
C LYS B 161 -20.69 57.13 -62.09
N ILE B 162 -20.05 56.81 -60.97
CA ILE B 162 -19.19 57.76 -60.27
C ILE B 162 -17.82 57.18 -60.06
N ILE B 163 -16.77 57.93 -60.42
CA ILE B 163 -15.41 57.53 -60.10
C ILE B 163 -14.71 58.59 -59.26
N GLY B 164 -13.62 58.20 -58.61
CA GLY B 164 -12.77 59.15 -57.90
C GLY B 164 -11.58 58.45 -57.30
N TYR B 165 -10.78 59.18 -56.53
CA TYR B 165 -9.76 58.54 -55.72
C TYR B 165 -9.66 59.29 -54.41
N THR B 166 -9.26 58.53 -53.39
CA THR B 166 -9.08 59.05 -52.06
C THR B 166 -7.58 58.93 -51.76
N THR B 167 -7.05 59.82 -50.92
CA THR B 167 -5.67 59.68 -50.49
C THR B 167 -5.48 59.79 -49.00
N ARG B 168 -6.54 60.16 -48.27
CA ARG B 168 -6.34 60.37 -46.84
C ARG B 168 -5.68 59.12 -46.25
N ASN B 169 -4.54 59.30 -45.60
CA ASN B 169 -3.85 58.17 -45.00
C ASN B 169 -3.20 58.55 -43.68
N SER B 170 -2.60 57.56 -43.03
CA SER B 170 -2.03 57.79 -41.71
C SER B 170 -0.52 57.71 -41.74
N GLY B 171 0.05 57.86 -42.93
CA GLY B 171 1.48 57.75 -43.14
C GLY B 171 1.83 56.38 -43.73
N GLY B 172 3.13 56.15 -43.92
CA GLY B 172 3.59 54.88 -44.43
C GLY B 172 3.20 54.66 -45.87
N VAL B 173 3.09 55.73 -46.65
CA VAL B 173 2.77 55.59 -48.08
C VAL B 173 3.70 56.41 -48.96
N PRO B 174 3.90 55.95 -50.20
CA PRO B 174 4.66 56.70 -51.20
C PRO B 174 3.96 58.00 -51.62
N GLU B 175 4.73 58.98 -52.07
CA GLU B 175 4.15 60.26 -52.51
C GLU B 175 2.97 60.10 -53.51
N ASN B 176 2.98 59.06 -54.34
CA ASN B 176 1.96 58.88 -55.39
C ASN B 176 0.75 58.04 -54.96
N PHE B 177 0.59 57.85 -53.65
CA PHE B 177 -0.46 56.99 -53.14
C PHE B 177 -1.89 57.48 -53.50
N LYS B 178 -2.70 56.58 -54.05
CA LYS B 178 -4.10 56.86 -54.37
C LYS B 178 -4.83 55.54 -54.36
N ASN B 179 -6.08 55.58 -53.90
CA ASN B 179 -6.98 54.45 -54.02
C ASN B 179 -8.11 54.83 -54.99
N TYR B 180 -8.16 54.17 -56.15
CA TYR B 180 -9.09 54.51 -57.22
C TYR B 180 -10.34 53.70 -57.11
N PHE B 181 -11.50 54.37 -57.14
CA PHE B 181 -12.78 53.65 -57.01
C PHE B 181 -13.77 53.90 -58.14
N ILE B 182 -14.58 52.89 -58.40
CA ILE B 182 -15.64 53.00 -59.40
C ILE B 182 -16.96 52.53 -58.77
N ILE B 183 -18.02 53.29 -59.03
CA ILE B 183 -19.35 53.00 -58.53
C ILE B 183 -20.33 53.01 -59.71
N GLU B 184 -20.96 51.87 -59.96
CA GLU B 184 -22.02 51.79 -60.99
C GLU B 184 -23.37 51.57 -60.36
N PHE B 185 -24.31 52.46 -60.63
CA PHE B 185 -25.69 52.27 -60.17
C PHE B 185 -26.53 51.62 -61.25
N ASP B 186 -27.59 50.92 -60.84
CA ASP B 186 -28.54 50.36 -61.81
C ASP B 186 -29.78 51.21 -61.98
N LYS B 187 -29.71 52.50 -61.68
CA LYS B 187 -30.85 53.39 -61.92
C LYS B 187 -30.32 54.71 -62.38
N PRO B 188 -30.91 55.26 -63.46
CA PRO B 188 -30.41 56.48 -64.08
C PRO B 188 -30.56 57.63 -63.09
N PHE B 189 -29.65 58.61 -63.15
CA PHE B 189 -29.72 59.79 -62.28
C PHE B 189 -30.68 60.82 -62.86
N THR B 190 -31.31 61.59 -61.99
CA THR B 190 -32.15 62.72 -62.40
C THR B 190 -31.58 63.96 -61.71
N TYR B 191 -30.70 63.70 -60.76
CA TYR B 191 -30.01 64.74 -60.03
C TYR B 191 -28.54 64.39 -59.96
N LYS B 192 -27.67 65.41 -60.05
CA LYS B 192 -26.23 65.19 -59.98
C LYS B 192 -25.47 66.47 -59.60
N ALA B 193 -24.58 66.34 -58.63
CA ALA B 193 -23.81 67.46 -58.12
C ALA B 193 -22.52 66.90 -57.58
N THR B 194 -21.42 67.59 -57.84
CA THR B 194 -20.18 67.24 -57.16
C THR B 194 -19.98 68.20 -56.02
N VAL B 195 -19.08 67.85 -55.11
CA VAL B 195 -18.90 68.67 -53.94
C VAL B 195 -17.45 69.06 -53.82
N GLU B 196 -17.20 70.35 -53.55
CA GLU B 196 -15.84 70.84 -53.36
C GLU B 196 -15.69 71.59 -52.03
N GLN B 197 -14.84 71.08 -51.16
CA GLN B 197 -14.66 71.70 -49.84
C GLN B 197 -16.00 71.99 -49.19
N GLY B 198 -16.96 71.09 -49.31
CA GLY B 198 -18.24 71.29 -48.66
C GLY B 198 -19.24 72.11 -49.44
N ASN B 199 -18.83 72.63 -50.60
CA ASN B 199 -19.77 73.35 -51.46
C ASN B 199 -20.37 72.50 -52.57
N LEU B 200 -21.69 72.44 -52.58
CA LEU B 200 -22.42 71.61 -53.54
C LEU B 200 -22.49 72.32 -54.88
N GLN B 201 -22.18 71.58 -55.93
CA GLN B 201 -22.02 72.18 -57.26
C GLN B 201 -22.84 71.36 -58.23
N GLU B 202 -24.10 71.74 -58.42
CA GLU B 202 -24.99 70.95 -59.24
C GLU B 202 -24.53 70.93 -60.70
N ASN B 203 -24.55 69.74 -61.31
CA ASN B 203 -24.21 69.59 -62.73
C ASN B 203 -22.75 69.87 -63.12
N VAL B 204 -21.88 70.04 -62.14
CA VAL B 204 -20.47 70.08 -62.43
C VAL B 204 -19.88 68.67 -62.26
N ALA B 205 -19.38 68.12 -63.37
CA ALA B 205 -18.97 66.70 -63.44
C ALA B 205 -17.71 66.27 -62.64
N GLU B 206 -16.71 67.13 -62.47
CA GLU B 206 -15.57 66.69 -61.66
C GLU B 206 -14.97 67.73 -60.71
N GLN B 207 -14.29 67.22 -59.69
CA GLN B 207 -13.58 68.06 -58.76
C GLN B 207 -12.25 67.42 -58.38
N THR B 208 -11.18 68.21 -58.39
CA THR B 208 -9.89 67.79 -57.84
C THR B 208 -9.61 68.80 -56.74
N THR B 209 -9.65 68.37 -55.48
CA THR B 209 -9.77 69.37 -54.41
C THR B 209 -9.34 68.75 -53.08
N ASP B 210 -9.44 69.48 -51.97
CA ASP B 210 -8.97 68.97 -50.68
C ASP B 210 -9.92 67.90 -50.16
N HIS B 211 -11.22 68.12 -50.33
CA HIS B 211 -12.21 67.13 -49.92
C HIS B 211 -13.28 67.00 -50.98
N ALA B 212 -13.17 65.98 -51.82
CA ALA B 212 -14.11 65.84 -52.93
C ALA B 212 -15.27 64.91 -52.56
N GLY B 213 -16.41 65.12 -53.21
CA GLY B 213 -17.55 64.23 -53.02
C GLY B 213 -18.52 64.34 -54.18
N ALA B 214 -19.52 63.45 -54.19
CA ALA B 214 -20.58 63.52 -55.18
C ALA B 214 -21.92 63.23 -54.51
N ILE B 215 -22.99 63.80 -55.06
CA ILE B 215 -24.34 63.39 -54.68
C ILE B 215 -25.16 63.13 -55.95
N ILE B 216 -25.74 61.93 -56.07
CA ILE B 216 -26.66 61.69 -57.17
C ILE B 216 -28.03 61.33 -56.64
N GLY B 217 -29.04 61.45 -57.50
CA GLY B 217 -30.39 61.22 -57.04
C GLY B 217 -31.42 60.91 -58.10
N PHE B 218 -32.60 60.54 -57.62
CA PHE B 218 -33.68 60.10 -58.48
C PHE B 218 -34.95 59.96 -57.63
N LYS B 219 -36.08 59.70 -58.29
CA LYS B 219 -37.37 59.45 -57.61
C LYS B 219 -37.51 57.97 -57.39
N THR B 220 -38.02 57.59 -56.22
CA THR B 220 -38.19 56.19 -55.91
C THR B 220 -39.64 55.93 -55.45
N ARG B 221 -40.17 54.76 -55.77
CA ARG B 221 -41.41 54.35 -55.17
C ARG B 221 -41.13 53.52 -53.91
N LYS B 222 -42.20 53.19 -53.18
CA LYS B 222 -42.08 52.51 -51.91
C LYS B 222 -41.36 51.20 -52.10
N GLY B 223 -40.29 51.01 -51.34
CA GLY B 223 -39.59 49.73 -51.38
C GLY B 223 -38.72 49.49 -52.61
N GLU B 224 -38.52 50.53 -53.41
CA GLU B 224 -37.72 50.37 -54.63
C GLU B 224 -36.26 50.10 -54.28
N GLN B 225 -35.67 49.10 -54.91
CA GLN B 225 -34.30 48.77 -54.60
C GLN B 225 -33.36 49.33 -55.67
N VAL B 226 -32.25 49.94 -55.22
CA VAL B 226 -31.21 50.45 -56.12
C VAL B 226 -29.91 49.76 -55.77
N ASN B 227 -29.23 49.20 -56.77
CA ASN B 227 -27.97 48.52 -56.50
C ASN B 227 -26.80 49.34 -56.97
N ALA B 228 -25.72 49.30 -56.20
CA ALA B 228 -24.50 49.98 -56.57
C ALA B 228 -23.39 48.95 -56.51
N ARG B 229 -22.77 48.70 -57.66
CA ARG B 229 -21.60 47.82 -57.75
C ARG B 229 -20.36 48.69 -57.55
N ILE B 230 -19.48 48.29 -56.64
CA ILE B 230 -18.32 49.10 -56.28
C ILE B 230 -17.03 48.28 -56.24
N ALA B 231 -15.94 48.85 -56.74
CA ALA B 231 -14.61 48.25 -56.55
C ALA B 231 -13.57 49.36 -56.42
N SER B 232 -12.40 49.01 -55.91
CA SER B 232 -11.29 49.96 -55.87
C SER B 232 -9.98 49.24 -56.18
N SER B 233 -8.96 50.05 -56.45
CA SER B 233 -7.64 49.54 -56.80
C SER B 233 -6.60 50.51 -56.28
N PHE B 234 -5.40 49.98 -56.02
CA PHE B 234 -4.30 50.82 -55.63
C PHE B 234 -3.42 51.06 -56.84
N ILE B 235 -3.87 50.55 -57.97
CA ILE B 235 -3.09 50.64 -59.19
C ILE B 235 -3.61 51.67 -60.19
N SER B 236 -4.88 51.58 -60.55
CA SER B 236 -5.42 52.48 -61.59
C SER B 236 -6.94 52.33 -61.67
N PHE B 237 -7.58 53.26 -62.39
CA PHE B 237 -9.00 53.12 -62.70
C PHE B 237 -9.28 51.86 -63.51
N GLU B 238 -8.38 51.56 -64.46
CA GLU B 238 -8.56 50.39 -65.31
C GLU B 238 -8.52 49.10 -64.49
N GLN B 239 -7.64 49.08 -63.49
CA GLN B 239 -7.54 47.93 -62.61
C GLN B 239 -8.78 47.86 -61.73
N ALA B 240 -9.26 49.01 -61.26
CA ALA B 240 -10.47 48.98 -60.42
C ALA B 240 -11.61 48.39 -61.24
N ALA B 241 -11.67 48.74 -62.51
CA ALA B 241 -12.73 48.23 -63.36
C ALA B 241 -12.62 46.71 -63.55
N ALA B 242 -11.41 46.18 -63.60
CA ALA B 242 -11.23 44.72 -63.67
C ALA B 242 -11.58 44.05 -62.34
N ASN B 243 -11.24 44.69 -61.21
CA ASN B 243 -11.63 44.19 -59.89
C ASN B 243 -13.14 44.06 -59.76
N MSE B 244 -13.87 44.97 -60.41
CA MSE B 244 -15.31 44.89 -60.37
C MSE B 244 -15.86 43.54 -60.81
O MSE B 244 -16.98 43.17 -60.45
CB MSE B 244 -15.93 45.92 -61.31
CG MSE B 244 -17.39 45.78 -61.18
SE MSE B 244 -17.84 47.09 -59.85
CE MSE B 244 -18.21 48.34 -61.23
N ASN B 245 -15.11 42.83 -61.64
CA ASN B 245 -15.62 41.61 -62.23
C ASN B 245 -15.76 40.48 -61.21
N GLU B 246 -15.21 40.68 -60.02
CA GLU B 246 -15.46 39.75 -58.90
C GLU B 246 -16.96 39.60 -58.59
N LEU B 247 -17.73 40.67 -58.83
CA LEU B 247 -19.15 40.68 -58.51
C LEU B 247 -19.96 39.92 -59.54
N GLY B 248 -19.39 39.74 -60.72
CA GLY B 248 -20.10 39.13 -61.84
C GLY B 248 -21.39 39.89 -62.09
N LYS B 249 -22.47 39.16 -62.35
CA LYS B 249 -23.81 39.76 -62.41
C LYS B 249 -24.65 39.38 -61.20
N ASP B 250 -24.00 38.97 -60.11
CA ASP B 250 -24.69 38.43 -58.93
C ASP B 250 -25.52 39.47 -58.18
N ASN B 251 -26.62 39.05 -57.58
CA ASN B 251 -27.37 39.94 -56.69
C ASN B 251 -26.90 39.74 -55.24
N ILE B 252 -27.49 40.48 -54.30
CA ILE B 252 -27.13 40.34 -52.88
C ILE B 252 -27.16 38.92 -52.36
N GLU B 253 -28.25 38.21 -52.63
CA GLU B 253 -28.44 36.86 -52.13
C GLU B 253 -27.34 35.93 -52.64
N GLN B 254 -27.04 36.02 -53.94
CA GLN B 254 -25.99 35.19 -54.51
C GLN B 254 -24.59 35.53 -53.94
N LEU B 255 -24.28 36.82 -53.83
CA LEU B 255 -22.99 37.21 -53.24
C LEU B 255 -22.91 36.90 -51.75
N ALA B 256 -24.02 37.08 -51.03
CA ALA B 256 -24.02 36.69 -49.63
C ALA B 256 -23.66 35.22 -49.51
N GLN B 257 -24.26 34.37 -50.34
CA GLN B 257 -24.02 32.94 -50.22
C GLN B 257 -22.56 32.60 -50.54
N LYS B 258 -22.02 33.25 -51.57
CA LYS B 258 -20.61 33.02 -51.93
C LYS B 258 -19.67 33.43 -50.80
N GLY B 259 -20.05 34.49 -50.06
CA GLY B 259 -19.21 34.96 -48.97
C GLY B 259 -19.32 34.03 -47.78
N LYS B 260 -20.53 33.57 -47.51
CA LYS B 260 -20.78 32.61 -46.44
C LYS B 260 -20.01 31.32 -46.71
N ASP B 261 -20.04 30.88 -47.98
CA ASP B 261 -19.31 29.70 -48.37
C ASP B 261 -17.82 29.90 -48.17
N ALA B 262 -17.33 31.07 -48.55
CA ALA B 262 -15.91 31.35 -48.44
C ALA B 262 -15.48 31.29 -46.96
N TRP B 263 -16.31 31.86 -46.09
CA TRP B 263 -16.03 31.81 -44.65
C TRP B 263 -16.13 30.40 -44.06
N ASN B 264 -17.16 29.65 -44.43
CA ASN B 264 -17.30 28.29 -43.90
C ASN B 264 -16.16 27.38 -44.34
N GLN B 265 -15.61 27.66 -45.50
CA GLN B 265 -14.48 26.87 -45.95
C GLN B 265 -13.26 27.03 -45.05
N VAL B 266 -13.01 28.23 -44.52
CA VAL B 266 -11.86 28.42 -43.64
C VAL B 266 -12.24 28.14 -42.17
N LEU B 267 -13.40 28.61 -41.73
CA LEU B 267 -13.84 28.33 -40.34
C LEU B 267 -13.99 26.85 -40.11
N GLY B 268 -14.52 26.13 -41.11
CA GLY B 268 -14.79 24.70 -40.96
C GLY B 268 -13.56 23.80 -40.93
N LYS B 269 -12.38 24.38 -41.10
CA LYS B 269 -11.13 23.62 -40.94
C LYS B 269 -10.93 23.24 -39.49
N ILE B 270 -11.60 23.95 -38.59
CA ILE B 270 -11.61 23.58 -37.18
C ILE B 270 -13.04 23.42 -36.69
N GLU B 271 -13.42 22.19 -36.35
CA GLU B 271 -14.79 21.89 -35.93
C GLU B 271 -14.78 21.55 -34.46
N VAL B 272 -15.40 22.40 -33.66
CA VAL B 272 -15.47 22.12 -32.23
C VAL B 272 -16.88 21.74 -31.83
N GLU B 273 -16.99 20.81 -30.90
CA GLU B 273 -18.28 20.30 -30.40
C GLU B 273 -18.19 20.12 -28.89
N GLY B 274 -19.34 20.02 -28.23
CA GLY B 274 -19.38 19.75 -26.81
C GLY B 274 -18.86 20.92 -26.00
N GLY B 275 -19.47 22.08 -26.25
CA GLY B 275 -19.22 23.29 -25.45
C GLY B 275 -20.56 24.00 -25.33
N ASN B 276 -20.58 25.18 -24.73
CA ASN B 276 -21.81 25.93 -24.67
C ASN B 276 -21.83 27.03 -25.75
N LEU B 277 -22.98 27.67 -25.95
CA LEU B 277 -23.09 28.63 -27.03
C LEU B 277 -22.14 29.82 -26.85
N ASP B 278 -21.88 30.24 -25.61
CA ASP B 278 -20.92 31.36 -25.45
C ASP B 278 -19.56 30.93 -26.01
N GLN B 279 -19.19 29.68 -25.76
CA GLN B 279 -17.87 29.21 -26.20
C GLN B 279 -17.80 29.06 -27.71
N TYR B 280 -18.84 28.51 -28.33
CA TYR B 280 -18.83 28.46 -29.79
C TYR B 280 -18.68 29.86 -30.40
N ARG B 281 -19.42 30.82 -29.86
CA ARG B 281 -19.37 32.17 -30.38
C ARG B 281 -18.01 32.84 -30.14
N THR B 282 -17.43 32.66 -28.95
CA THR B 282 -16.13 33.24 -28.66
C THR B 282 -15.13 32.59 -29.60
N PHE B 283 -15.20 31.26 -29.71
CA PHE B 283 -14.20 30.55 -30.51
C PHE B 283 -14.23 30.95 -31.98
N TYR B 284 -15.42 30.93 -32.58
CA TYR B 284 -15.49 31.23 -34.03
C TYR B 284 -15.34 32.69 -34.34
N SER B 285 -15.71 33.55 -33.38
CA SER B 285 -15.49 34.99 -33.57
C SER B 285 -14.00 35.26 -33.55
N CYS B 286 -13.29 34.62 -32.65
CA CYS B 286 -11.84 34.78 -32.62
C CYS B 286 -11.21 34.17 -33.86
N LEU B 287 -11.74 33.07 -34.35
CA LEU B 287 -11.13 32.48 -35.57
C LEU B 287 -11.33 33.43 -36.76
N TYR B 288 -12.55 33.94 -36.92
CA TYR B 288 -12.77 34.98 -37.95
C TYR B 288 -11.77 36.15 -37.83
N ARG B 289 -11.57 36.67 -36.63
CA ARG B 289 -10.58 37.75 -36.45
C ARG B 289 -9.16 37.32 -36.77
N SER B 290 -8.88 36.03 -36.75
CA SER B 290 -7.54 35.53 -37.03
C SER B 290 -7.29 35.35 -38.52
N LEU B 291 -8.30 35.63 -39.34
CA LEU B 291 -8.21 35.36 -40.77
C LEU B 291 -8.47 36.64 -41.61
N LEU B 292 -8.05 37.79 -41.09
CA LEU B 292 -8.30 39.08 -41.71
C LEU B 292 -7.00 39.80 -42.08
N PHE B 293 -5.98 39.69 -41.22
CA PHE B 293 -4.71 40.43 -41.36
C PHE B 293 -3.53 39.47 -41.29
N PRO B 294 -2.47 39.71 -42.08
CA PRO B 294 -2.36 40.83 -43.00
C PRO B 294 -3.32 40.62 -44.17
N ARG B 295 -3.75 41.72 -44.78
CA ARG B 295 -4.70 41.64 -45.87
C ARG B 295 -3.93 41.42 -47.16
N LYS B 296 -4.59 40.81 -48.15
CA LYS B 296 -4.05 40.83 -49.52
C LYS B 296 -3.85 42.27 -49.97
N PHE B 297 -2.73 42.54 -50.63
CA PHE B 297 -2.52 43.86 -51.19
C PHE B 297 -2.19 43.73 -52.67
N TYR B 298 -2.53 42.58 -53.26
CA TYR B 298 -2.25 42.32 -54.67
C TYR B 298 -3.56 42.21 -55.42
N GLU B 299 -3.50 42.43 -56.73
CA GLU B 299 -4.66 42.44 -57.58
C GLU B 299 -4.29 41.56 -58.79
N LEU B 300 -5.29 41.10 -59.56
CA LEU B 300 -5.02 40.20 -60.69
C LEU B 300 -5.05 40.92 -62.04
N ASP B 301 -3.95 40.80 -62.81
CA ASP B 301 -3.91 41.46 -64.12
C ASP B 301 -4.79 40.71 -65.14
N ALA B 302 -4.80 41.20 -66.38
CA ALA B 302 -5.67 40.60 -67.41
C ALA B 302 -5.44 39.11 -67.64
N ASN B 303 -4.28 38.61 -67.21
CA ASN B 303 -3.92 37.21 -67.43
C ASN B 303 -4.10 36.36 -66.17
N GLY B 304 -4.70 36.95 -65.15
CA GLY B 304 -4.91 36.26 -63.89
C GLY B 304 -3.70 36.24 -62.98
N GLN B 305 -2.67 37.03 -63.27
CA GLN B 305 -1.46 37.02 -62.44
C GLN B 305 -1.44 38.12 -61.39
N PRO B 306 -0.87 37.83 -60.22
CA PRO B 306 -0.85 38.82 -59.16
C PRO B 306 0.15 39.95 -59.46
N ILE B 307 -0.31 41.19 -59.25
CA ILE B 307 0.52 42.38 -59.35
C ILE B 307 0.16 43.25 -58.14
N HIS B 308 1.01 44.20 -57.78
CA HIS B 308 0.65 45.02 -56.64
C HIS B 308 1.20 46.41 -56.80
N TYR B 309 0.48 47.39 -56.27
CA TYR B 309 1.07 48.69 -56.05
C TYR B 309 1.99 48.45 -54.87
N SER B 310 3.22 48.94 -54.96
CA SER B 310 4.17 48.83 -53.85
C SER B 310 3.94 49.98 -52.87
N PRO B 311 3.51 49.68 -51.65
CA PRO B 311 3.39 50.76 -50.67
C PRO B 311 4.78 51.19 -50.20
N TYR B 312 5.82 50.57 -50.75
CA TYR B 312 7.21 50.85 -50.34
C TYR B 312 7.96 51.80 -51.30
N ASN B 313 7.77 51.62 -52.60
CA ASN B 313 8.44 52.49 -53.56
C ASN B 313 7.49 53.09 -54.59
N GLY B 314 6.20 52.81 -54.44
CA GLY B 314 5.18 53.39 -55.31
C GLY B 314 5.14 52.92 -56.75
N GLN B 315 5.96 51.92 -57.11
CA GLN B 315 5.88 51.31 -58.44
C GLN B 315 4.82 50.21 -58.44
N VAL B 316 4.38 49.80 -59.62
CA VAL B 316 3.46 48.67 -59.76
C VAL B 316 4.29 47.49 -60.22
N LEU B 317 4.30 46.40 -59.43
CA LEU B 317 5.25 45.29 -59.68
C LEU B 317 4.58 43.91 -59.64
N PRO B 318 5.19 42.91 -60.31
CA PRO B 318 4.60 41.56 -60.32
C PRO B 318 4.63 40.89 -58.97
N GLY B 319 3.63 40.06 -58.68
CA GLY B 319 3.72 39.15 -57.53
C GLY B 319 2.89 39.49 -56.30
N TYR B 320 3.07 38.70 -55.25
CA TYR B 320 2.28 38.86 -54.04
C TYR B 320 2.74 40.00 -53.14
N MSE B 321 1.82 40.48 -52.31
CA MSE B 321 2.07 41.53 -51.34
C MSE B 321 0.89 41.50 -50.36
O MSE B 321 -0.28 41.42 -50.79
CB MSE B 321 2.14 42.91 -52.03
CG MSE B 321 2.34 44.09 -51.08
SE MSE B 321 3.97 43.87 -49.99
CE MSE B 321 5.31 43.96 -51.44
N PHE B 322 1.16 41.56 -49.10
CA PHE B 322 0.15 41.65 -48.05
C PHE B 322 0.64 42.76 -47.16
N THR B 323 -0.21 43.27 -46.29
CA THR B 323 0.15 44.34 -45.37
C THR B 323 -0.83 44.44 -44.18
N ASP B 324 -0.70 45.48 -43.39
CA ASP B 324 -1.54 45.69 -42.21
C ASP B 324 -1.41 44.66 -41.09
N THR B 325 -0.16 44.44 -40.72
CA THR B 325 0.15 43.66 -39.57
C THR B 325 1.43 44.12 -38.87
N GLY B 326 1.48 43.95 -37.58
CA GLY B 326 2.67 44.23 -36.82
C GLY B 326 3.18 42.95 -36.22
N PHE B 327 4.36 42.56 -36.63
CA PHE B 327 4.95 41.32 -36.21
C PHE B 327 5.17 41.24 -34.71
N TRP B 328 5.44 42.37 -34.07
CA TRP B 328 5.56 42.38 -32.63
C TRP B 328 4.31 41.72 -31.97
N ASP B 329 3.14 41.92 -32.58
CA ASP B 329 1.94 41.19 -32.14
C ASP B 329 1.91 39.75 -32.65
N THR B 330 2.04 39.61 -33.97
CA THR B 330 1.56 38.44 -34.67
C THR B 330 2.56 37.30 -34.87
N PHE B 331 3.79 37.53 -34.54
CA PHE B 331 4.73 36.44 -34.57
C PHE B 331 4.35 35.37 -33.55
N ARG B 332 3.79 35.81 -32.43
CA ARG B 332 3.61 34.92 -31.30
C ARG B 332 2.73 33.68 -31.52
N CYS B 333 1.53 33.86 -32.07
CA CYS B 333 0.66 32.74 -32.41
C CYS B 333 -0.18 32.87 -33.71
N LEU B 334 -0.40 34.08 -34.16
CA LEU B 334 -1.20 34.29 -35.35
C LEU B 334 -0.57 33.68 -36.59
N PHE B 335 0.66 34.03 -36.87
CA PHE B 335 1.32 33.42 -38.01
C PHE B 335 1.49 31.90 -37.82
N PRO B 336 1.83 31.47 -36.61
CA PRO B 336 1.89 30.01 -36.40
C PRO B 336 0.54 29.31 -36.64
N LEU B 337 -0.58 29.98 -36.33
CA LEU B 337 -1.88 29.38 -36.67
C LEU B 337 -1.98 29.15 -38.17
N LEU B 338 -1.55 30.14 -38.96
CA LEU B 338 -1.53 29.99 -40.42
C LEU B 338 -0.66 28.82 -40.87
N ASN B 339 0.52 28.67 -40.26
CA ASN B 339 1.39 27.57 -40.67
C ASN B 339 0.79 26.19 -40.36
N LEU B 340 -0.04 26.13 -39.32
CA LEU B 340 -0.70 24.86 -38.99
C LEU B 340 -1.94 24.60 -39.87
N MSE B 341 -2.87 25.56 -39.94
CA MSE B 341 -4.16 25.34 -40.59
C MSE B 341 -4.31 25.92 -42.02
O MSE B 341 -5.14 25.42 -42.77
CB MSE B 341 -5.28 25.91 -39.69
CG MSE B 341 -5.23 25.35 -38.25
SE MSE B 341 -5.42 23.41 -38.19
CE MSE B 341 -6.92 23.15 -39.42
N TYR B 342 -3.51 26.93 -42.39
CA TYR B 342 -3.71 27.60 -43.68
C TYR B 342 -2.37 27.87 -44.36
N PRO B 343 -1.52 26.83 -44.46
CA PRO B 343 -0.16 27.10 -44.93
C PRO B 343 -0.15 27.64 -46.35
N SER B 344 -1.14 27.26 -47.17
CA SER B 344 -1.17 27.78 -48.53
C SER B 344 -1.30 29.30 -48.54
N VAL B 345 -1.97 29.86 -47.54
CA VAL B 345 -2.14 31.31 -47.47
C VAL B 345 -0.84 31.96 -47.01
N ASN B 346 -0.21 31.42 -45.98
CA ASN B 346 1.05 31.99 -45.55
C ASN B 346 2.12 31.89 -46.63
N LYS B 347 2.05 30.88 -47.49
CA LYS B 347 2.98 30.84 -48.62
C LYS B 347 2.90 32.14 -49.44
N GLU B 348 1.69 32.62 -49.75
CA GLU B 348 1.55 33.88 -50.47
C GLU B 348 2.14 35.05 -49.69
N MSE B 349 1.85 35.09 -48.38
CA MSE B 349 2.36 36.12 -47.48
C MSE B 349 3.88 36.17 -47.43
O MSE B 349 4.47 37.25 -47.42
CB MSE B 349 1.79 35.92 -46.08
CG MSE B 349 0.27 35.97 -46.08
SE MSE B 349 -0.47 35.53 -44.33
CE MSE B 349 -2.32 36.18 -44.57
N GLN B 350 4.52 35.00 -47.39
CA GLN B 350 5.96 34.95 -47.27
C GLN B 350 6.59 35.48 -48.55
N GLU B 351 5.96 35.14 -49.68
CA GLU B 351 6.41 35.70 -50.94
C GLU B 351 6.25 37.23 -50.95
N GLY B 352 5.20 37.73 -50.28
CA GLY B 352 5.03 39.20 -50.17
C GLY B 352 6.13 39.85 -49.34
N LEU B 353 6.57 39.16 -48.30
CA LEU B 353 7.65 39.64 -47.46
C LEU B 353 8.95 39.75 -48.28
N ILE B 354 9.21 38.75 -49.13
CA ILE B 354 10.37 38.82 -50.00
C ILE B 354 10.26 40.08 -50.86
N ASN B 355 9.08 40.30 -51.44
CA ASN B 355 8.87 41.50 -52.24
C ASN B 355 9.07 42.78 -51.42
N THR B 356 8.59 42.79 -50.18
CA THR B 356 8.82 43.94 -49.29
C THR B 356 10.30 44.26 -49.15
N TYR B 357 11.10 43.24 -48.83
CA TYR B 357 12.56 43.41 -48.76
C TYR B 357 13.15 43.90 -50.09
N LEU B 358 12.72 43.29 -51.20
CA LEU B 358 13.24 43.72 -52.50
C LEU B 358 12.85 45.17 -52.80
N GLU B 359 11.63 45.57 -52.46
CA GLU B 359 11.12 46.89 -52.84
C GLU B 359 11.52 48.04 -51.90
N SER B 360 11.92 47.70 -50.67
CA SER B 360 12.16 48.73 -49.67
C SER B 360 13.51 48.61 -48.99
N GLY B 361 14.22 47.51 -49.23
CA GLY B 361 15.50 47.24 -48.59
C GLY B 361 15.45 46.55 -47.22
N PHE B 362 14.26 46.49 -46.59
CA PHE B 362 14.06 45.84 -45.31
C PHE B 362 12.82 44.92 -45.29
N PHE B 363 12.85 43.88 -44.50
CA PHE B 363 11.65 43.15 -44.19
C PHE B 363 10.89 44.10 -43.24
N PRO B 364 9.57 44.08 -43.29
CA PRO B 364 8.76 44.93 -42.41
C PRO B 364 8.73 44.43 -40.97
N GLU B 365 8.36 45.30 -40.06
CA GLU B 365 8.01 44.88 -38.74
C GLU B 365 6.55 45.30 -38.49
N TRP B 366 6.26 46.59 -38.57
CA TRP B 366 4.89 47.11 -38.64
C TRP B 366 4.69 47.72 -39.99
N ALA B 367 3.70 47.25 -40.71
CA ALA B 367 3.38 47.79 -42.02
C ALA B 367 1.92 48.16 -42.21
N SER B 368 1.66 49.39 -42.67
CA SER B 368 0.30 49.86 -42.91
C SER B 368 0.18 51.17 -43.73
N PRO B 369 0.27 51.10 -45.02
CA PRO B 369 0.56 49.86 -45.73
C PRO B 369 2.08 49.67 -45.94
N GLY B 370 2.83 50.76 -45.90
CA GLY B 370 4.27 50.76 -45.92
C GLY B 370 4.85 50.68 -44.52
N HIS B 371 6.17 50.83 -44.39
CA HIS B 371 6.79 50.75 -43.11
C HIS B 371 6.24 51.85 -42.17
N ARG B 372 5.87 51.46 -40.98
CA ARG B 372 5.31 52.36 -40.00
C ARG B 372 6.05 52.28 -38.70
N GLY B 373 6.23 53.39 -38.01
CA GLY B 373 6.96 53.37 -36.78
C GLY B 373 6.10 53.01 -35.60
N CYS B 374 6.20 51.78 -35.17
CA CYS B 374 5.37 51.26 -34.08
C CYS B 374 5.99 49.98 -33.49
N MSE B 375 5.99 49.88 -32.17
CA MSE B 375 6.49 48.76 -31.42
C MSE B 375 8.03 48.51 -31.63
O MSE B 375 8.72 49.36 -32.08
CB MSE B 375 5.64 47.48 -31.57
CG MSE B 375 4.18 47.78 -31.52
SE MSE B 375 3.76 48.69 -29.86
CE MSE B 375 4.17 47.49 -28.75
N VAL B 376 8.48 47.31 -31.35
CA VAL B 376 9.87 46.93 -31.30
C VAL B 376 10.23 45.50 -31.77
N GLY B 377 11.52 45.23 -31.87
CA GLY B 377 12.04 43.95 -32.22
C GLY B 377 12.28 43.69 -33.69
N ASN B 378 12.90 42.57 -33.97
CA ASN B 378 13.23 42.09 -35.30
C ASN B 378 12.43 40.78 -35.57
N ASN B 379 11.15 40.79 -35.18
CA ASN B 379 10.38 39.55 -35.19
C ASN B 379 9.98 39.01 -36.57
N SER B 380 10.21 39.80 -37.62
CA SER B 380 10.13 39.23 -38.96
C SER B 380 11.01 37.97 -39.05
N ALA B 381 12.09 37.93 -38.28
CA ALA B 381 12.96 36.77 -38.30
C ALA B 381 12.21 35.52 -37.86
N SER B 382 11.39 35.68 -36.82
CA SER B 382 10.55 34.58 -36.35
C SER B 382 9.49 34.15 -37.38
N ILE B 383 8.85 35.14 -37.99
CA ILE B 383 7.85 34.89 -39.03
C ILE B 383 8.51 34.07 -40.15
N LEU B 384 9.61 34.58 -40.66
CA LEU B 384 10.25 33.98 -41.85
C LEU B 384 10.76 32.57 -41.59
N VAL B 385 11.38 32.39 -40.43
CA VAL B 385 11.99 31.09 -40.12
C VAL B 385 10.95 30.05 -39.70
N ASP B 386 9.96 30.48 -38.92
CA ASP B 386 8.90 29.56 -38.50
C ASP B 386 8.21 28.98 -39.74
N ALA B 387 7.92 29.83 -40.72
CA ALA B 387 7.30 29.36 -41.93
C ALA B 387 8.21 28.35 -42.60
N TYR B 388 9.48 28.74 -42.78
CA TYR B 388 10.38 27.89 -43.53
C TYR B 388 10.51 26.51 -42.87
N MSE B 389 10.63 26.49 -41.54
CA MSE B 389 10.91 25.22 -40.85
C MSE B 389 9.66 24.37 -40.79
O MSE B 389 9.75 23.16 -40.55
CB MSE B 389 11.47 25.46 -39.45
CG MSE B 389 12.78 26.25 -39.43
SE MSE B 389 14.27 25.41 -40.37
CE MSE B 389 15.70 26.48 -39.62
N LYS B 390 8.50 24.95 -41.05
CA LYS B 390 7.27 24.18 -41.13
C LYS B 390 6.82 23.93 -42.56
N GLY B 391 7.76 24.01 -43.49
CA GLY B 391 7.52 23.58 -44.87
C GLY B 391 6.81 24.62 -45.72
N VAL B 392 6.66 25.84 -45.22
CA VAL B 392 6.12 26.96 -46.00
C VAL B 392 7.33 27.74 -46.53
N LYS B 393 7.83 27.29 -47.66
CA LYS B 393 9.16 27.68 -48.12
C LYS B 393 9.09 28.67 -49.27
N VAL B 394 9.63 29.86 -49.07
CA VAL B 394 9.67 30.78 -50.18
C VAL B 394 10.54 30.20 -51.27
N ASP B 395 10.33 30.64 -52.51
CA ASP B 395 11.15 30.16 -53.61
C ASP B 395 12.58 30.70 -53.50
N ASP B 396 12.73 31.95 -53.08
CA ASP B 396 14.07 32.56 -53.13
C ASP B 396 14.78 32.53 -51.78
N ILE B 397 15.37 31.38 -51.48
CA ILE B 397 16.04 31.19 -50.19
C ILE B 397 17.30 32.04 -50.10
N LYS B 398 17.97 32.24 -51.22
CA LYS B 398 19.15 33.11 -51.25
C LYS B 398 18.78 34.49 -50.72
N THR B 399 17.71 35.07 -51.27
CA THR B 399 17.30 36.41 -50.87
C THR B 399 16.75 36.48 -49.44
N LEU B 400 16.01 35.44 -49.04
CA LEU B 400 15.50 35.37 -47.70
C LEU B 400 16.64 35.55 -46.69
N TYR B 401 17.70 34.75 -46.85
CA TYR B 401 18.79 34.77 -45.90
C TYR B 401 19.54 36.11 -45.96
N GLU B 402 19.75 36.63 -47.17
CA GLU B 402 20.39 37.94 -47.28
C GLU B 402 19.60 39.02 -46.52
N GLY B 403 18.28 39.01 -46.67
CA GLY B 403 17.44 39.99 -46.00
C GLY B 403 17.44 39.85 -44.49
N LEU B 404 17.51 38.62 -43.99
CA LEU B 404 17.59 38.41 -42.55
C LEU B 404 18.87 39.03 -42.02
N ILE B 405 19.99 38.71 -42.65
CA ILE B 405 21.27 39.22 -42.22
C ILE B 405 21.30 40.73 -42.30
N HIS B 406 20.70 41.26 -43.34
CA HIS B 406 20.65 42.68 -43.52
C HIS B 406 19.93 43.36 -42.33
N GLY B 407 18.86 42.79 -41.86
CA GLY B 407 18.13 43.37 -40.75
C GLY B 407 18.90 43.43 -39.46
N THR B 408 19.82 42.51 -39.29
CA THR B 408 20.64 42.40 -38.12
C THR B 408 21.71 43.53 -37.95
N GLU B 409 21.98 44.24 -39.00
CA GLU B 409 22.97 45.28 -38.94
C GLU B 409 22.62 46.60 -39.57
N ASN B 410 21.33 46.85 -39.72
CA ASN B 410 20.80 48.08 -40.26
C ASN B 410 19.49 48.50 -39.58
N VAL B 411 19.19 49.79 -39.52
CA VAL B 411 17.91 50.29 -39.09
C VAL B 411 17.41 51.21 -40.16
N HIS B 412 16.14 51.12 -40.50
CA HIS B 412 15.56 52.04 -41.49
C HIS B 412 15.79 53.50 -41.07
N PRO B 413 16.26 54.35 -41.99
CA PRO B 413 16.58 55.73 -41.55
C PRO B 413 15.36 56.62 -41.20
N GLU B 414 14.15 56.24 -41.61
CA GLU B 414 12.99 57.04 -41.29
C GLU B 414 11.99 56.33 -40.40
N VAL B 415 12.17 55.02 -40.23
CA VAL B 415 11.23 54.23 -39.42
C VAL B 415 12.03 53.36 -38.44
N SER B 416 12.12 53.83 -37.20
CA SER B 416 13.09 53.23 -36.28
C SER B 416 12.72 51.81 -35.85
N SER B 417 11.47 51.41 -36.08
CA SER B 417 11.03 50.07 -35.74
C SER B 417 11.20 49.06 -36.90
N THR B 418 11.78 49.52 -38.00
CA THR B 418 12.10 48.64 -39.13
C THR B 418 13.61 48.41 -39.16
N GLY B 419 14.01 47.16 -39.26
CA GLY B 419 15.41 46.82 -39.04
C GLY B 419 15.63 46.80 -37.53
N ARG B 420 16.89 46.90 -37.10
CA ARG B 420 17.21 46.83 -35.67
C ARG B 420 17.78 48.12 -35.08
N LEU B 421 16.93 48.94 -34.47
CA LEU B 421 17.45 50.08 -33.71
C LEU B 421 18.38 49.59 -32.59
N GLY B 422 19.53 50.24 -32.44
CA GLY B 422 20.49 49.90 -31.39
C GLY B 422 21.40 48.71 -31.73
N TYR B 423 21.39 48.29 -32.99
CA TYR B 423 22.14 47.10 -33.35
C TYR B 423 23.63 47.20 -33.04
N GLU B 424 24.22 48.39 -33.19
CA GLU B 424 25.65 48.57 -32.93
C GLU B 424 25.98 48.25 -31.50
N TYR B 425 25.16 48.73 -30.57
CA TYR B 425 25.38 48.43 -29.16
C TYR B 425 25.19 46.94 -28.94
N TYR B 426 24.11 46.40 -29.50
CA TYR B 426 23.74 45.03 -29.25
C TYR B 426 24.79 44.07 -29.77
N ASN B 427 25.27 44.33 -30.99
CA ASN B 427 26.31 43.49 -31.59
C ASN B 427 27.63 43.56 -30.83
N LYS B 428 27.90 44.71 -30.24
CA LYS B 428 29.15 44.92 -29.56
C LYS B 428 29.08 44.52 -28.08
N LEU B 429 27.99 44.91 -27.41
CA LEU B 429 27.87 44.71 -25.98
C LEU B 429 27.04 43.47 -25.58
N GLY B 430 26.17 43.01 -26.47
CA GLY B 430 25.29 41.88 -26.17
C GLY B 430 23.98 42.33 -25.55
N TYR B 431 23.74 43.64 -25.55
CA TYR B 431 22.46 44.22 -25.13
C TYR B 431 22.37 45.67 -25.59
N VAL B 432 21.15 46.20 -25.76
CA VAL B 432 20.95 47.62 -25.98
C VAL B 432 20.92 48.29 -24.60
N PRO B 433 21.80 49.26 -24.36
CA PRO B 433 21.92 49.92 -23.06
C PRO B 433 20.73 50.76 -22.65
N TYR B 434 20.61 50.97 -21.35
CA TYR B 434 19.51 51.73 -20.77
C TYR B 434 19.73 53.25 -20.85
N ASP B 435 20.96 53.68 -21.12
CA ASP B 435 21.30 55.10 -21.07
C ASP B 435 21.95 55.66 -22.34
N VAL B 436 21.48 55.24 -23.50
CA VAL B 436 21.99 55.73 -24.77
C VAL B 436 20.87 56.29 -25.62
N LYS B 437 19.81 56.75 -24.97
CA LYS B 437 18.70 57.40 -25.68
C LYS B 437 17.98 56.43 -26.61
N ILE B 438 17.98 55.15 -26.28
CA ILE B 438 17.19 54.19 -27.02
C ILE B 438 16.17 53.57 -26.06
N ASN B 439 14.94 54.07 -26.09
CA ASN B 439 13.90 53.57 -25.21
C ASN B 439 13.49 52.14 -25.55
N GLU B 440 12.80 51.49 -24.61
CA GLU B 440 12.39 50.08 -24.74
C GLU B 440 13.60 49.18 -24.95
N ASN B 441 14.73 49.56 -24.37
CA ASN B 441 16.01 48.92 -24.67
C ASN B 441 16.09 47.47 -24.23
N ALA B 442 15.50 47.16 -23.10
CA ALA B 442 15.47 45.78 -22.60
C ALA B 442 14.52 44.91 -23.40
N ALA B 443 13.35 45.45 -23.76
CA ALA B 443 12.41 44.71 -24.63
C ALA B 443 13.11 44.35 -25.94
N ARG B 444 13.83 45.31 -26.51
CA ARG B 444 14.49 45.08 -27.81
C ARG B 444 15.54 43.99 -27.69
N THR B 445 16.30 44.03 -26.60
CA THR B 445 17.38 43.08 -26.36
C THR B 445 16.84 41.67 -26.31
N LEU B 446 15.76 41.48 -25.53
CA LEU B 446 15.18 40.15 -25.34
C LEU B 446 14.63 39.59 -26.65
N GLU B 447 13.88 40.41 -27.39
CA GLU B 447 13.32 39.91 -28.64
C GLU B 447 14.39 39.67 -29.71
N TYR B 448 15.37 40.55 -29.81
CA TYR B 448 16.53 40.35 -30.71
C TYR B 448 17.19 38.99 -30.47
N ALA B 449 17.33 38.62 -29.20
CA ALA B 449 18.04 37.39 -28.86
C ALA B 449 17.26 36.19 -29.37
N TYR B 450 15.95 36.21 -29.16
CA TYR B 450 15.09 35.19 -29.75
C TYR B 450 15.17 35.25 -31.27
N ASP B 451 15.11 36.47 -31.82
CA ASP B 451 15.19 36.63 -33.26
C ASP B 451 16.48 36.00 -33.77
N ASP B 452 17.57 36.18 -33.03
CA ASP B 452 18.85 35.63 -33.43
C ASP B 452 18.87 34.13 -33.36
N TRP B 453 18.20 33.55 -32.37
CA TRP B 453 18.05 32.08 -32.34
C TRP B 453 17.31 31.58 -33.59
N CYS B 454 16.34 32.35 -34.08
CA CYS B 454 15.62 31.93 -35.27
C CYS B 454 16.59 31.91 -36.43
N ILE B 455 17.38 32.98 -36.59
CA ILE B 455 18.39 33.00 -37.65
C ILE B 455 19.38 31.82 -37.53
N TYR B 456 19.80 31.55 -36.30
CA TYR B 456 20.66 30.42 -36.04
C TYR B 456 20.06 29.14 -36.61
N ARG B 457 18.78 28.93 -36.34
CA ARG B 457 18.10 27.75 -36.83
C ARG B 457 18.18 27.69 -38.34
N LEU B 458 17.93 28.81 -38.99
CA LEU B 458 17.96 28.81 -40.45
C LEU B 458 19.39 28.68 -40.97
N ALA B 459 20.34 29.38 -40.34
CA ALA B 459 21.74 29.27 -40.73
C ALA B 459 22.22 27.82 -40.69
N LYS B 460 21.86 27.11 -39.63
CA LYS B 460 22.21 25.70 -39.47
C LYS B 460 21.54 24.86 -40.56
N GLU B 461 20.27 25.12 -40.83
CA GLU B 461 19.50 24.37 -41.81
C GLU B 461 20.06 24.56 -43.21
N LEU B 462 20.47 25.80 -43.51
CA LEU B 462 21.05 26.14 -44.79
C LEU B 462 22.52 25.74 -44.87
N LYS B 463 23.05 25.22 -43.77
CA LYS B 463 24.42 24.73 -43.77
C LYS B 463 25.43 25.84 -44.04
N ARG B 464 25.15 27.02 -43.51
CA ARG B 464 26.05 28.18 -43.62
C ARG B 464 27.37 27.89 -42.95
N PRO B 465 28.37 28.75 -43.17
CA PRO B 465 29.68 28.53 -42.56
C PRO B 465 29.58 28.44 -41.05
N LYS B 466 30.44 27.63 -40.44
CA LYS B 466 30.44 27.42 -38.99
C LYS B 466 30.50 28.73 -38.21
N LYS B 467 31.19 29.71 -38.80
CA LYS B 467 31.41 30.99 -38.13
C LYS B 467 30.11 31.80 -37.98
N GLU B 468 29.27 31.75 -39.01
CA GLU B 468 27.97 32.40 -38.94
C GLU B 468 27.04 31.69 -37.98
N ILE B 469 27.09 30.36 -38.01
CA ILE B 469 26.22 29.59 -37.13
C ILE B 469 26.59 29.90 -35.67
N SER B 470 27.89 29.94 -35.36
CA SER B 470 28.35 30.24 -34.00
C SER B 470 27.96 31.63 -33.53
N LEU B 471 28.06 32.60 -34.44
CA LEU B 471 27.72 33.98 -34.11
C LEU B 471 26.28 34.09 -33.63
N PHE B 472 25.35 33.48 -34.38
CA PHE B 472 23.96 33.60 -33.98
C PHE B 472 23.66 32.74 -32.77
N ALA B 473 24.35 31.62 -32.62
CA ALA B 473 24.19 30.81 -31.42
C ALA B 473 24.61 31.61 -30.17
N LYS B 474 25.68 32.37 -30.29
CA LYS B 474 26.10 33.23 -29.20
C LYS B 474 25.08 34.33 -28.92
N ARG B 475 24.64 35.03 -29.97
CA ARG B 475 23.70 36.12 -29.80
C ARG B 475 22.37 35.65 -29.22
N ALA B 476 21.95 34.44 -29.59
CA ALA B 476 20.74 33.86 -28.99
C ALA B 476 20.78 33.81 -27.45
N MSE B 477 21.96 33.83 -26.85
CA MSE B 477 22.07 33.81 -25.37
C MSE B 477 22.15 35.20 -24.76
O MSE B 477 22.42 35.35 -23.55
CB MSE B 477 23.27 32.99 -24.89
CG MSE B 477 23.24 31.54 -25.34
SE MSE B 477 21.70 30.57 -24.62
CE MSE B 477 22.42 28.77 -24.78
N ASN B 478 21.94 36.23 -25.58
CA ASN B 478 22.09 37.60 -25.10
C ASN B 478 21.06 37.99 -24.02
N TYR B 479 19.98 37.23 -23.90
CA TYR B 479 18.98 37.49 -22.84
C TYR B 479 19.66 37.43 -21.47
N LYS B 480 20.71 36.64 -21.36
CA LYS B 480 21.49 36.55 -20.13
C LYS B 480 22.07 37.89 -19.69
N ASN B 481 22.35 38.76 -20.64
CA ASN B 481 23.03 40.00 -20.32
C ASN B 481 22.17 41.00 -19.53
N LEU B 482 20.85 40.78 -19.51
CA LEU B 482 19.98 41.71 -18.81
C LEU B 482 19.37 41.12 -17.54
N PHE B 483 19.83 39.92 -17.16
CA PHE B 483 19.24 39.24 -16.00
C PHE B 483 19.85 39.70 -14.68
N ASP B 484 19.01 40.22 -13.80
CA ASP B 484 19.48 40.70 -12.49
C ASP B 484 19.35 39.62 -11.41
N LYS B 485 20.48 39.05 -11.00
CA LYS B 485 20.54 37.93 -10.04
C LYS B 485 19.85 38.22 -8.72
N GLU B 486 19.91 39.46 -8.25
CA GLU B 486 19.31 39.82 -6.96
C GLU B 486 17.77 39.82 -7.01
N SER B 487 17.19 40.33 -8.09
CA SER B 487 15.73 40.40 -8.19
C SER B 487 15.16 39.19 -8.94
N LYS B 488 16.03 38.50 -9.68
CA LYS B 488 15.61 37.42 -10.60
C LYS B 488 14.69 37.94 -11.71
N LEU B 489 14.89 39.20 -12.08
CA LEU B 489 14.16 39.83 -13.17
C LEU B 489 15.12 40.39 -14.22
N MSE B 490 14.62 40.57 -15.45
CA MSE B 490 15.33 41.36 -16.46
C MSE B 490 15.28 42.83 -16.06
O MSE B 490 14.28 43.29 -15.50
CB MSE B 490 14.70 41.21 -17.86
CG MSE B 490 14.73 39.80 -18.40
SE MSE B 490 16.56 39.07 -18.54
CE MSE B 490 16.01 37.30 -19.20
N ARG B 491 16.36 43.55 -16.36
CA ARG B 491 16.57 44.89 -15.82
C ARG B 491 17.42 45.68 -16.79
N GLY B 492 17.06 46.93 -17.05
CA GLY B 492 17.86 47.76 -17.95
C GLY B 492 19.32 47.83 -17.52
N ARG B 493 20.23 47.88 -18.50
CA ARG B 493 21.68 47.87 -18.23
C ARG B 493 22.38 49.05 -18.90
N ASN B 494 23.16 49.78 -18.11
CA ASN B 494 23.88 50.93 -18.62
C ASN B 494 25.00 50.56 -19.59
N GLU B 495 25.38 51.52 -20.42
CA GLU B 495 26.46 51.34 -21.37
C GLU B 495 27.75 50.84 -20.69
N ASP B 496 28.05 51.36 -19.50
CA ASP B 496 29.26 50.94 -18.77
C ASP B 496 29.18 49.54 -18.18
N GLY B 497 28.01 48.92 -18.28
CA GLY B 497 27.85 47.55 -17.80
C GLY B 497 27.15 47.39 -16.47
N THR B 498 26.96 48.48 -15.75
CA THR B 498 26.27 48.39 -14.48
C THR B 498 24.77 48.30 -14.77
N PHE B 499 24.02 47.64 -13.90
CA PHE B 499 22.56 47.64 -13.99
C PHE B 499 21.97 49.00 -13.61
N GLN B 500 20.87 49.40 -14.22
CA GLN B 500 20.35 50.73 -13.93
C GLN B 500 19.74 50.81 -12.53
N SER B 501 19.96 51.94 -11.86
CA SER B 501 19.37 52.20 -10.56
C SER B 501 18.78 53.60 -10.53
N PRO B 502 17.70 53.79 -9.77
CA PRO B 502 16.97 52.77 -9.01
C PRO B 502 16.12 51.89 -9.90
N PHE B 503 16.02 50.62 -9.56
CA PHE B 503 15.28 49.64 -10.37
C PHE B 503 13.86 49.51 -9.85
N SER B 504 12.88 49.73 -10.72
CA SER B 504 11.50 49.58 -10.33
C SER B 504 10.84 48.52 -11.22
N PRO B 505 10.79 47.28 -10.71
CA PRO B 505 10.27 46.21 -11.53
C PRO B 505 8.81 46.42 -12.00
N LEU B 506 8.03 47.24 -11.28
CA LEU B 506 6.62 47.48 -11.65
C LEU B 506 6.45 48.64 -12.62
N LYS B 507 7.55 49.27 -12.98
CA LYS B 507 7.50 50.42 -13.86
C LYS B 507 7.22 49.98 -15.30
N TRP B 508 6.14 50.47 -15.87
CA TRP B 508 5.77 50.17 -17.22
C TRP B 508 6.55 51.01 -18.22
N GLY B 509 6.87 50.46 -19.37
CA GLY B 509 7.60 51.23 -20.34
C GLY B 509 9.08 51.43 -19.97
N ASP B 510 9.69 52.49 -20.46
CA ASP B 510 11.09 52.78 -20.14
C ASP B 510 12.01 51.72 -20.73
N ALA B 511 12.54 50.86 -19.94
CA ALA B 511 13.28 49.77 -20.45
C ALA B 511 12.43 48.86 -21.36
N PHE B 512 11.16 48.75 -21.03
CA PHE B 512 10.24 47.84 -21.64
C PHE B 512 9.17 48.51 -22.49
N THR B 513 8.32 47.69 -23.12
CA THR B 513 7.20 48.24 -23.87
C THR B 513 5.94 47.46 -23.49
N GLU B 514 4.82 48.16 -23.41
CA GLU B 514 3.57 47.53 -23.10
C GLU B 514 3.76 46.60 -21.91
N GLY B 515 4.25 47.13 -20.80
CA GLY B 515 4.42 46.29 -19.63
C GLY B 515 5.67 46.62 -18.85
N ASN B 516 5.90 45.85 -17.80
CA ASN B 516 7.04 46.08 -16.93
C ASN B 516 7.90 44.81 -16.91
N SER B 517 8.88 44.76 -16.02
CA SER B 517 9.86 43.66 -16.03
C SER B 517 9.15 42.34 -15.68
N TRP B 518 8.16 42.43 -14.81
CA TRP B 518 7.33 41.26 -14.46
C TRP B 518 6.59 40.69 -15.68
N HIS B 519 6.38 41.51 -16.70
CA HIS B 519 5.74 41.00 -17.91
C HIS B 519 6.74 40.52 -18.94
N TYR B 520 7.88 41.20 -19.02
CA TYR B 520 8.80 40.97 -20.10
C TYR B 520 9.83 39.93 -19.73
N THR B 521 9.98 39.62 -18.45
CA THR B 521 11.09 38.73 -18.03
C THR B 521 11.00 37.35 -18.69
N TRP B 522 9.78 36.94 -19.00
CA TRP B 522 9.48 35.60 -19.53
C TRP B 522 9.81 35.45 -21.03
N SER B 523 10.27 36.53 -21.66
CA SER B 523 10.46 36.50 -23.11
C SER B 523 11.77 35.84 -23.51
N VAL B 524 11.84 34.54 -23.23
CA VAL B 524 12.96 33.70 -23.64
C VAL B 524 12.36 32.44 -24.27
N PHE B 525 11.61 32.64 -25.36
CA PHE B 525 10.82 31.59 -25.96
C PHE B 525 11.65 30.38 -26.38
N HIS B 526 12.82 30.64 -26.92
CA HIS B 526 13.76 29.61 -27.39
C HIS B 526 14.57 28.88 -26.30
N ASP B 527 14.57 29.41 -25.07
CA ASP B 527 15.33 28.78 -24.01
C ASP B 527 14.77 28.90 -22.58
N PRO B 528 13.59 28.36 -22.31
CA PRO B 528 13.03 28.48 -20.97
C PRO B 528 13.92 27.82 -19.89
N GLN B 529 14.52 26.68 -20.23
CA GLN B 529 15.42 26.03 -19.30
C GLN B 529 16.56 26.95 -18.95
N GLY B 530 17.07 27.69 -19.90
CA GLY B 530 18.09 28.66 -19.59
C GLY B 530 17.61 29.69 -18.57
N LEU B 531 16.37 30.13 -18.71
CA LEU B 531 15.75 31.05 -17.77
C LEU B 531 15.49 30.42 -16.40
N ILE B 532 14.99 29.22 -16.41
CA ILE B 532 14.90 28.42 -15.19
C ILE B 532 16.26 28.40 -14.47
N ASP B 533 17.33 28.07 -15.19
CA ASP B 533 18.66 27.98 -14.57
C ASP B 533 19.13 29.32 -14.01
N LEU B 534 18.91 30.40 -14.77
CA LEU B 534 19.25 31.73 -14.29
C LEU B 534 18.61 31.98 -12.93
N MSE B 535 17.37 31.54 -12.78
CA MSE B 535 16.59 31.80 -11.56
C MSE B 535 16.87 30.84 -10.39
O MSE B 535 16.35 31.03 -9.29
CB MSE B 535 15.09 31.80 -11.89
CG MSE B 535 14.62 33.02 -12.66
SE MSE B 535 12.66 33.10 -12.74
CE MSE B 535 12.46 34.62 -13.92
N GLY B 536 17.68 29.83 -10.64
CA GLY B 536 18.09 28.96 -9.54
C GLY B 536 17.35 27.64 -9.50
N GLY B 537 16.61 27.35 -10.57
CA GLY B 537 15.97 26.04 -10.70
C GLY B 537 14.47 26.08 -10.87
N LYS B 538 13.87 24.92 -11.10
CA LYS B 538 12.45 24.88 -11.45
C LYS B 538 11.54 25.32 -10.29
N GLU B 539 11.95 25.05 -9.06
CA GLU B 539 11.16 25.44 -7.89
C GLU B 539 11.12 26.97 -7.75
N MSE B 540 12.28 27.64 -7.84
CA MSE B 540 12.30 29.10 -7.76
CA MSE B 540 12.31 29.09 -7.75
C MSE B 540 11.57 29.75 -8.92
O MSE B 540 10.91 30.78 -8.76
CB MSE B 540 13.73 29.64 -7.68
CB MSE B 540 13.76 29.59 -7.62
CG MSE B 540 13.83 31.19 -7.75
CG MSE B 540 14.33 29.53 -6.19
SE MSE B 540 12.82 32.13 -6.35
SE MSE B 540 16.29 29.58 -6.11
CE MSE B 540 13.49 31.15 -4.82
CE MSE B 540 16.55 29.19 -4.21
N PHE B 541 11.69 29.17 -10.11
CA PHE B 541 11.01 29.67 -11.32
C PHE B 541 9.49 29.69 -11.11
N VAL B 542 8.97 28.59 -10.60
CA VAL B 542 7.56 28.46 -10.28
C VAL B 542 7.15 29.46 -9.19
N THR B 543 7.96 29.59 -8.14
CA THR B 543 7.72 30.61 -7.10
C THR B 543 7.57 31.99 -7.76
N MSE B 544 8.51 32.32 -8.64
CA MSE B 544 8.46 33.61 -9.31
C MSE B 544 7.18 33.76 -10.13
O MSE B 544 6.47 34.74 -9.98
CB MSE B 544 9.71 33.85 -10.18
CG MSE B 544 10.99 34.15 -9.39
SE MSE B 544 10.96 35.91 -8.51
CE MSE B 544 11.19 36.96 -10.15
N MSE B 545 6.87 32.78 -10.98
CA MSE B 545 5.65 32.80 -11.79
C MSE B 545 4.38 32.89 -10.93
O MSE B 545 3.46 33.66 -11.23
CB MSE B 545 5.55 31.57 -12.68
CG MSE B 545 4.36 31.64 -13.63
SE MSE B 545 4.73 30.66 -15.27
CE MSE B 545 6.38 31.62 -15.71
N ASP B 546 4.32 32.09 -9.88
CA ASP B 546 3.17 32.16 -8.97
C ASP B 546 2.96 33.57 -8.44
N SER B 547 4.05 34.28 -8.17
CA SER B 547 3.90 35.56 -7.52
C SER B 547 3.33 36.57 -8.50
N VAL B 548 3.36 36.27 -9.79
CA VAL B 548 2.76 37.17 -10.77
C VAL B 548 1.26 37.30 -10.47
N PHE B 549 0.65 36.18 -10.12
CA PHE B 549 -0.78 36.13 -9.82
C PHE B 549 -1.13 36.58 -8.41
N ALA B 550 -0.23 36.33 -7.47
CA ALA B 550 -0.54 36.52 -6.04
C ALA B 550 -0.51 37.97 -5.57
N VAL B 551 0.33 38.79 -6.17
CA VAL B 551 0.39 40.18 -5.73
C VAL B 551 -0.77 40.90 -6.39
N PRO B 552 -1.19 42.02 -5.80
CA PRO B 552 -2.26 42.81 -6.42
C PRO B 552 -1.74 43.52 -7.66
N PRO B 553 -2.65 44.09 -8.46
CA PRO B 553 -2.26 44.73 -9.71
C PRO B 553 -1.61 46.09 -9.48
N ILE B 554 -0.58 46.12 -8.63
CA ILE B 554 0.15 47.35 -8.38
C ILE B 554 1.00 47.73 -9.61
N PHE B 555 1.24 49.02 -9.80
CA PHE B 555 1.95 49.49 -10.99
C PHE B 555 2.68 50.82 -10.77
N ASP B 556 3.68 51.07 -11.59
CA ASP B 556 4.36 52.36 -11.58
C ASP B 556 4.17 53.00 -12.95
N ASP B 557 3.37 54.07 -13.02
CA ASP B 557 3.03 54.69 -14.30
C ASP B 557 3.83 55.95 -14.63
N SER B 558 4.90 56.19 -13.87
CA SER B 558 5.70 57.44 -13.99
C SER B 558 6.25 57.70 -15.40
N TYR B 559 6.50 56.66 -16.18
CA TYR B 559 6.95 56.89 -17.53
C TYR B 559 5.89 57.67 -18.30
N TYR B 560 4.62 57.40 -18.00
CA TYR B 560 3.49 58.04 -18.69
C TYR B 560 2.89 59.22 -17.93
N GLY B 561 3.05 59.22 -16.62
CA GLY B 561 2.53 60.31 -15.79
C GLY B 561 1.09 60.10 -15.36
N GLN B 562 0.51 58.99 -15.82
CA GLN B 562 -0.90 58.71 -15.60
C GLN B 562 -1.22 57.25 -16.01
N VAL B 563 -2.47 56.85 -15.84
CA VAL B 563 -2.90 55.48 -16.11
C VAL B 563 -3.38 55.22 -17.54
N ILE B 564 -2.50 54.72 -18.41
CA ILE B 564 -2.89 54.42 -19.77
C ILE B 564 -3.81 53.18 -19.72
N HIS B 565 -4.59 53.00 -20.79
CA HIS B 565 -5.63 51.97 -20.80
C HIS B 565 -5.06 50.57 -20.52
N GLU B 566 -3.87 50.28 -21.07
CA GLU B 566 -3.25 48.96 -20.88
C GLU B 566 -3.06 48.66 -19.39
N ILE B 567 -2.73 49.67 -18.60
CA ILE B 567 -2.59 49.50 -17.15
C ILE B 567 -3.97 49.34 -16.49
N ARG B 568 -4.91 50.21 -16.83
CA ARG B 568 -6.28 50.10 -16.32
C ARG B 568 -6.84 48.69 -16.58
N GLU B 569 -6.56 48.16 -17.76
CA GLU B 569 -7.10 46.86 -18.18
C GLU B 569 -6.62 45.73 -17.27
N MSE B 570 -5.36 45.79 -16.86
CA MSE B 570 -4.84 44.84 -15.86
C MSE B 570 -5.50 45.08 -14.52
O MSE B 570 -5.95 44.13 -13.87
CB MSE B 570 -3.33 45.00 -15.68
CG MSE B 570 -2.71 44.01 -14.67
SE MSE B 570 -0.94 44.65 -14.14
CE MSE B 570 -1.49 46.26 -13.29
N THR B 571 -5.56 46.34 -14.08
CA THR B 571 -6.08 46.61 -12.73
C THR B 571 -7.48 46.03 -12.48
N VAL B 572 -8.38 46.07 -13.48
CA VAL B 572 -9.78 45.72 -13.21
C VAL B 572 -10.06 44.21 -13.07
N MSE B 573 -9.12 43.38 -13.52
CA MSE B 573 -9.32 41.93 -13.55
C MSE B 573 -9.02 41.20 -12.23
O MSE B 573 -9.44 40.05 -12.06
CB MSE B 573 -8.45 41.33 -14.66
CG MSE B 573 -8.67 41.99 -15.99
SE MSE B 573 -10.53 41.73 -16.55
CE MSE B 573 -10.65 39.84 -16.10
N ASN B 574 -8.28 41.83 -11.33
CA ASN B 574 -7.88 41.18 -10.08
C ASN B 574 -7.22 39.85 -10.41
N MSE B 575 -6.33 39.85 -11.40
CA MSE B 575 -5.51 38.69 -11.63
C MSE B 575 -4.02 39.03 -11.45
O MSE B 575 -3.19 38.64 -12.27
CB MSE B 575 -5.80 38.08 -13.00
CG MSE B 575 -7.03 37.23 -12.94
SE MSE B 575 -7.49 36.62 -14.72
CE MSE B 575 -6.09 35.25 -14.87
N GLY B 576 -3.74 39.76 -10.38
CA GLY B 576 -2.40 40.23 -10.08
C GLY B 576 -1.81 40.97 -11.25
N ASN B 577 -0.54 40.67 -11.51
CA ASN B 577 0.15 41.28 -12.60
C ASN B 577 0.04 40.51 -13.90
N TYR B 578 -0.83 39.50 -13.94
CA TYR B 578 -1.02 38.79 -15.19
C TYR B 578 -1.94 39.59 -16.10
N ALA B 579 -1.32 40.45 -16.90
CA ALA B 579 -2.05 41.34 -17.79
C ALA B 579 -2.18 40.67 -19.14
N HIS B 580 -3.21 39.86 -19.30
CA HIS B 580 -3.27 38.94 -20.41
C HIS B 580 -3.20 39.64 -21.74
N GLY B 581 -3.74 40.86 -21.79
CA GLY B 581 -3.73 41.66 -22.99
C GLY B 581 -2.34 42.04 -23.45
N ASN B 582 -1.37 42.07 -22.54
CA ASN B 582 0.00 42.45 -22.87
C ASN B 582 0.68 41.35 -23.68
N GLN B 583 0.92 41.60 -24.97
CA GLN B 583 1.43 40.56 -25.83
C GLN B 583 2.60 39.78 -25.22
N PRO B 584 3.58 40.48 -24.64
CA PRO B 584 4.76 39.76 -24.20
C PRO B 584 4.51 38.70 -23.14
N ILE B 585 3.44 38.81 -22.36
CA ILE B 585 3.18 37.82 -21.32
C ILE B 585 2.30 36.66 -21.81
N GLN B 586 1.83 36.72 -23.05
CA GLN B 586 0.79 35.76 -23.50
C GLN B 586 1.19 34.28 -23.52
N HIS B 587 2.47 33.99 -23.67
CA HIS B 587 2.93 32.59 -23.63
C HIS B 587 3.26 32.14 -22.20
N MSE B 588 3.34 33.10 -21.27
CA MSE B 588 3.91 32.85 -19.95
C MSE B 588 3.37 31.62 -19.22
O MSE B 588 4.13 30.83 -18.64
CB MSE B 588 3.70 34.09 -19.05
CG MSE B 588 4.56 34.03 -17.79
SE MSE B 588 3.81 34.97 -16.24
CE MSE B 588 2.36 33.69 -15.86
N ILE B 589 2.06 31.45 -19.21
CA ILE B 589 1.46 30.35 -18.45
C ILE B 589 1.90 28.97 -18.94
N TYR B 590 2.09 28.84 -20.26
CA TYR B 590 2.61 27.60 -20.83
C TYR B 590 4.00 27.25 -20.27
N LEU B 591 4.72 28.25 -19.76
CA LEU B 591 6.05 27.97 -19.17
C LEU B 591 6.00 27.05 -17.96
N TYR B 592 4.87 27.00 -17.26
CA TYR B 592 4.72 26.02 -16.19
C TYR B 592 5.10 24.61 -16.67
N ASP B 593 4.82 24.29 -17.92
CA ASP B 593 5.10 22.97 -18.48
C ASP B 593 6.61 22.71 -18.42
N TYR B 594 7.41 23.76 -18.63
CA TYR B 594 8.84 23.58 -18.74
C TYR B 594 9.48 23.38 -17.37
N ALA B 595 8.76 23.80 -16.32
CA ALA B 595 9.19 23.54 -14.96
C ALA B 595 8.64 22.21 -14.41
N GLY B 596 7.98 21.43 -15.26
CA GLY B 596 7.46 20.14 -14.85
C GLY B 596 6.17 20.23 -14.03
N GLN B 597 5.42 21.31 -14.23
CA GLN B 597 4.17 21.49 -13.51
C GLN B 597 3.04 21.90 -14.47
N PRO B 598 2.74 21.03 -15.45
CA PRO B 598 1.70 21.41 -16.42
C PRO B 598 0.31 21.60 -15.79
N TRP B 599 0.07 21.01 -14.62
CA TRP B 599 -1.24 21.21 -13.96
C TRP B 599 -1.45 22.68 -13.59
N LYS B 600 -0.37 23.39 -13.31
CA LYS B 600 -0.51 24.83 -13.04
C LYS B 600 -0.97 25.56 -14.28
N ALA B 601 -0.50 25.13 -15.44
CA ALA B 601 -0.88 25.76 -16.69
C ALA B 601 -2.33 25.43 -16.99
N GLN B 602 -2.72 24.19 -16.72
CA GLN B 602 -4.08 23.78 -17.00
C GLN B 602 -5.01 24.62 -16.17
N TYR B 603 -4.67 24.82 -14.90
CA TYR B 603 -5.49 25.66 -14.03
C TYR B 603 -5.66 27.08 -14.57
N TRP B 604 -4.53 27.77 -14.78
CA TRP B 604 -4.58 29.19 -15.08
C TRP B 604 -5.11 29.43 -16.49
N LEU B 605 -4.73 28.58 -17.44
CA LEU B 605 -5.20 28.76 -18.80
C LEU B 605 -6.71 28.74 -18.86
N ARG B 606 -7.32 27.79 -18.14
CA ARG B 606 -8.76 27.68 -18.12
C ARG B 606 -9.41 28.94 -17.49
N GLN B 607 -8.81 29.44 -16.40
CA GLN B 607 -9.26 30.72 -15.79
C GLN B 607 -9.28 31.82 -16.84
N VAL B 608 -8.19 31.94 -17.61
CA VAL B 608 -8.10 32.98 -18.63
C VAL B 608 -9.18 32.84 -19.71
N MSE B 609 -9.37 31.61 -20.20
CA MSE B 609 -10.36 31.36 -21.24
C MSE B 609 -11.76 31.56 -20.75
O MSE B 609 -12.61 32.10 -21.47
CB MSE B 609 -10.20 29.95 -21.82
CG MSE B 609 -9.03 29.85 -22.78
SE MSE B 609 -8.77 28.03 -23.47
CE MSE B 609 -7.35 27.44 -22.24
N ASP B 610 -12.03 31.16 -19.52
CA ASP B 610 -13.36 31.37 -18.94
C ASP B 610 -13.67 32.83 -18.62
N ARG B 611 -12.64 33.62 -18.30
CA ARG B 611 -12.89 34.93 -17.69
C ARG B 611 -12.48 36.14 -18.50
N MSE B 612 -11.46 36.04 -19.33
CA MSE B 612 -11.05 37.26 -20.03
CA MSE B 612 -10.94 37.20 -20.06
C MSE B 612 -11.52 37.38 -21.45
O MSE B 612 -11.14 38.32 -22.13
CB MSE B 612 -9.58 37.58 -19.90
CB MSE B 612 -9.42 37.16 -20.15
CG MSE B 612 -8.71 36.45 -19.61
CG MSE B 612 -8.81 38.50 -19.79
SE MSE B 612 -7.56 37.09 -18.24
SE MSE B 612 -9.16 38.74 -17.90
CE MSE B 612 -8.72 38.58 -17.62
CE MSE B 612 -8.83 36.82 -17.54
N TYR B 613 -12.34 36.43 -21.88
CA TYR B 613 -12.99 36.50 -23.17
C TYR B 613 -14.48 36.28 -22.99
N THR B 614 -15.30 37.09 -23.58
CA THR B 614 -16.72 36.86 -23.63
C THR B 614 -17.19 37.16 -25.07
N PRO B 615 -18.30 36.57 -25.48
CA PRO B 615 -18.80 36.70 -26.85
C PRO B 615 -19.49 38.02 -27.23
N GLY B 616 -19.74 38.86 -26.27
CA GLY B 616 -20.44 40.08 -26.55
C GLY B 616 -19.65 41.26 -27.12
N PRO B 617 -20.31 42.39 -27.24
CA PRO B 617 -19.65 43.51 -27.88
C PRO B 617 -18.37 44.02 -27.19
N ASP B 618 -18.33 43.86 -25.88
CA ASP B 618 -17.21 44.20 -25.02
C ASP B 618 -16.44 42.93 -24.68
N GLY B 619 -16.31 42.06 -25.66
CA GLY B 619 -15.80 40.73 -25.53
C GLY B 619 -14.35 40.46 -25.09
N TYR B 620 -13.43 41.30 -25.50
CA TYR B 620 -12.01 41.11 -25.15
C TYR B 620 -11.61 41.84 -23.84
N CYS B 621 -10.42 41.52 -23.31
CA CYS B 621 -9.95 42.14 -22.07
C CYS B 621 -8.97 43.27 -22.36
N GLY B 622 -8.61 43.46 -23.62
CA GLY B 622 -7.84 44.63 -24.08
C GLY B 622 -7.86 44.62 -25.61
N ASP B 623 -6.96 45.33 -26.27
CA ASP B 623 -6.92 45.36 -27.74
C ASP B 623 -6.82 43.98 -28.34
N GLU B 624 -7.50 43.76 -29.47
CA GLU B 624 -7.51 42.47 -30.14
C GLU B 624 -6.19 42.21 -30.85
N ASP B 625 -5.55 43.29 -31.28
CA ASP B 625 -4.20 43.24 -31.82
C ASP B 625 -3.98 42.44 -33.05
N ASN B 626 -4.83 42.70 -34.03
CA ASN B 626 -4.58 42.18 -35.34
C ASN B 626 -4.55 40.71 -35.42
N GLY B 627 -5.39 40.05 -34.65
CA GLY B 627 -5.50 38.63 -34.74
C GLY B 627 -4.76 37.92 -33.63
N GLN B 628 -3.82 38.58 -32.97
CA GLN B 628 -2.99 37.85 -31.98
C GLN B 628 -3.75 37.40 -30.72
N THR B 629 -4.46 38.33 -30.09
CA THR B 629 -5.25 38.00 -28.91
C THR B 629 -6.39 37.04 -29.26
N SER B 630 -6.85 37.08 -30.50
CA SER B 630 -7.87 36.11 -30.93
C SER B 630 -7.30 34.74 -31.20
N ALA B 631 -6.19 34.68 -31.95
CA ALA B 631 -5.56 33.37 -32.25
C ALA B 631 -5.11 32.73 -30.95
N TRP B 632 -4.80 33.56 -29.94
CA TRP B 632 -4.38 32.97 -28.66
C TRP B 632 -5.49 32.08 -28.12
N TYR B 633 -6.73 32.55 -28.24
CA TYR B 633 -7.88 31.78 -27.78
C TYR B 633 -8.16 30.56 -28.65
N VAL B 634 -8.02 30.74 -29.95
CA VAL B 634 -8.19 29.59 -30.86
C VAL B 634 -7.24 28.42 -30.47
N PHE B 635 -5.94 28.71 -30.41
CA PHE B 635 -4.97 27.68 -30.03
C PHE B 635 -5.26 27.15 -28.66
N SER B 636 -5.42 28.05 -27.68
CA SER B 636 -5.55 27.62 -26.30
C SER B 636 -6.80 26.78 -26.08
N ALA B 637 -7.88 27.10 -26.81
CA ALA B 637 -9.11 26.30 -26.71
C ALA B 637 -8.93 24.89 -27.29
N LEU B 638 -8.07 24.77 -28.31
CA LEU B 638 -7.69 23.46 -28.82
C LEU B 638 -6.82 22.70 -27.83
N GLY B 639 -6.08 23.41 -26.99
CA GLY B 639 -5.34 22.71 -25.96
C GLY B 639 -3.84 22.77 -26.06
N PHE B 640 -3.33 23.58 -26.98
CA PHE B 640 -1.85 23.71 -27.17
C PHE B 640 -1.48 25.06 -27.80
N TYR B 641 -0.19 25.43 -27.75
CA TYR B 641 0.23 26.80 -28.13
C TYR B 641 1.68 26.82 -28.61
N PRO B 642 1.98 27.58 -29.68
CA PRO B 642 3.33 27.61 -30.21
C PRO B 642 4.16 28.62 -29.42
N VAL B 643 4.61 28.21 -28.23
CA VAL B 643 5.42 29.07 -27.39
C VAL B 643 6.63 29.57 -28.18
N CYS B 644 7.26 28.66 -28.92
CA CYS B 644 8.45 29.03 -29.67
C CYS B 644 8.36 28.76 -31.18
N PRO B 645 7.80 29.70 -31.93
CA PRO B 645 7.81 29.56 -33.39
C PRO B 645 9.24 29.45 -33.83
N GLY B 646 9.50 28.68 -34.88
CA GLY B 646 10.87 28.34 -35.17
C GLY B 646 11.20 26.91 -34.76
N THR B 647 10.49 26.39 -33.75
CA THR B 647 10.55 24.95 -33.44
C THR B 647 9.36 24.29 -34.11
N ASP B 648 9.28 22.97 -34.06
CA ASP B 648 8.13 22.26 -34.62
C ASP B 648 7.10 21.95 -33.50
N GLU B 649 7.18 22.65 -32.37
CA GLU B 649 6.47 22.24 -31.16
C GLU B 649 5.28 23.10 -30.81
N TYR B 650 4.23 22.45 -30.31
CA TYR B 650 3.10 23.13 -29.69
C TYR B 650 3.04 22.67 -28.24
N VAL B 651 3.15 23.61 -27.31
CA VAL B 651 3.18 23.29 -25.89
C VAL B 651 1.78 23.07 -25.31
N MSE B 652 1.63 22.03 -24.48
CA MSE B 652 0.33 21.57 -24.06
C MSE B 652 -0.27 22.46 -22.98
O MSE B 652 0.40 22.82 -22.02
CB MSE B 652 0.45 20.14 -23.52
CG MSE B 652 -0.84 19.38 -23.61
SE MSE B 652 -1.35 18.98 -25.47
CE MSE B 652 -3.24 18.79 -25.07
N GLY B 653 -1.56 22.83 -23.16
CA GLY B 653 -2.32 23.51 -22.12
C GLY B 653 -3.48 22.64 -21.68
N THR B 654 -4.71 23.09 -21.94
CA THR B 654 -5.89 22.27 -21.62
C THR B 654 -7.03 22.63 -22.56
N PRO B 655 -7.61 21.61 -23.21
CA PRO B 655 -8.62 21.87 -24.24
C PRO B 655 -9.92 22.37 -23.62
N LEU B 656 -10.69 23.15 -24.36
CA LEU B 656 -11.90 23.75 -23.81
C LEU B 656 -13.17 22.94 -24.16
N PHE B 657 -13.13 22.21 -25.27
CA PHE B 657 -14.28 21.48 -25.77
C PHE B 657 -14.16 19.97 -25.56
N LYS B 658 -15.29 19.27 -25.54
CA LYS B 658 -15.26 17.81 -25.50
C LYS B 658 -14.65 17.20 -26.75
N LYS B 659 -14.71 17.90 -27.87
CA LYS B 659 -14.17 17.36 -29.13
C LYS B 659 -13.77 18.46 -30.10
N ALA B 660 -12.62 18.31 -30.73
CA ALA B 660 -12.22 19.28 -31.76
C ALA B 660 -11.67 18.44 -32.90
N THR B 661 -11.99 18.85 -34.13
CA THR B 661 -11.50 18.13 -35.29
C THR B 661 -10.82 19.13 -36.21
N LEU B 662 -9.57 18.84 -36.56
CA LEU B 662 -8.78 19.73 -37.40
C LEU B 662 -8.67 19.10 -38.78
N HIS B 663 -8.96 19.86 -39.82
CA HIS B 663 -8.84 19.33 -41.18
C HIS B 663 -7.71 20.06 -41.85
N PHE B 664 -6.58 19.38 -42.06
CA PHE B 664 -5.39 20.02 -42.59
C PHE B 664 -5.42 20.12 -44.12
N GLU B 665 -4.66 21.05 -44.66
CA GLU B 665 -4.65 21.24 -46.12
C GLU B 665 -4.11 20.02 -46.85
N ASN B 666 -3.37 19.17 -46.16
CA ASN B 666 -2.84 17.95 -46.82
C ASN B 666 -3.89 16.83 -46.89
N GLY B 667 -5.09 17.10 -46.41
CA GLY B 667 -6.21 16.17 -46.57
C GLY B 667 -6.36 15.21 -45.38
N ASN B 668 -5.43 15.28 -44.44
CA ASN B 668 -5.54 14.48 -43.20
C ASN B 668 -6.34 15.22 -42.14
N SER B 669 -6.87 14.49 -41.15
CA SER B 669 -7.67 15.13 -40.09
C SER B 669 -7.21 14.62 -38.75
N LEU B 670 -7.34 15.45 -37.72
CA LEU B 670 -6.93 15.06 -36.37
C LEU B 670 -8.09 15.36 -35.43
N VAL B 671 -8.57 14.32 -34.77
CA VAL B 671 -9.61 14.48 -33.77
C VAL B 671 -8.99 14.57 -32.38
N ILE B 672 -9.30 15.64 -31.65
CA ILE B 672 -8.89 15.75 -30.24
C ILE B 672 -10.07 15.48 -29.34
N ASP B 673 -10.06 14.31 -28.71
CA ASP B 673 -11.24 13.80 -28.07
C ASP B 673 -11.16 13.87 -26.54
N ALA B 674 -11.94 14.78 -25.93
CA ALA B 674 -11.90 14.97 -24.47
C ALA B 674 -13.30 14.85 -23.85
N PRO B 675 -13.88 13.65 -23.88
CA PRO B 675 -15.31 13.46 -23.61
C PRO B 675 -15.74 13.87 -22.19
N ASN B 676 -14.85 13.77 -21.21
CA ASN B 676 -15.16 14.14 -19.82
C ASN B 676 -14.87 15.63 -19.50
N ASN B 677 -14.55 16.42 -20.52
CA ASN B 677 -14.35 17.84 -20.30
C ASN B 677 -15.59 18.46 -19.67
N SER B 678 -15.39 19.43 -18.79
CA SER B 678 -16.50 20.19 -18.21
C SER B 678 -15.97 21.45 -17.56
N THR B 679 -16.87 22.27 -17.02
CA THR B 679 -16.43 23.47 -16.33
C THR B 679 -15.47 23.11 -15.20
N GLU B 680 -15.72 21.97 -14.57
CA GLU B 680 -14.88 21.56 -13.43
C GLU B 680 -13.67 20.68 -13.82
N ASN B 681 -13.79 19.95 -14.91
CA ASN B 681 -12.75 18.99 -15.24
C ASN B 681 -11.75 19.57 -16.23
N PHE B 682 -10.92 20.49 -15.76
CA PHE B 682 -9.97 21.14 -16.66
C PHE B 682 -8.55 20.63 -16.52
N TYR B 683 -8.31 19.62 -15.69
CA TYR B 683 -6.97 19.04 -15.62
C TYR B 683 -6.84 17.86 -16.60
N ILE B 684 -5.65 17.65 -17.14
CA ILE B 684 -5.39 16.46 -17.93
C ILE B 684 -4.86 15.33 -17.07
N ASP B 685 -5.62 14.27 -16.90
CA ASP B 685 -5.13 13.11 -16.16
C ASP B 685 -4.21 12.19 -17.00
N SER B 686 -4.58 11.98 -18.24
CA SER B 686 -3.71 11.27 -19.17
C SER B 686 -4.06 11.64 -20.59
N MSE B 687 -3.15 11.31 -21.52
CA MSE B 687 -3.40 11.56 -22.94
C MSE B 687 -2.84 10.39 -23.75
O MSE B 687 -1.87 9.77 -23.35
CB MSE B 687 -2.64 12.79 -23.42
CG MSE B 687 -3.30 14.12 -23.28
SE MSE B 687 -2.01 15.45 -23.95
CE MSE B 687 -2.26 15.18 -25.82
N SER B 688 -3.44 10.11 -24.90
CA SER B 688 -2.86 9.14 -25.83
C SER B 688 -2.93 9.73 -27.22
N PHE B 689 -2.00 9.32 -28.09
CA PHE B 689 -1.93 9.89 -29.44
C PHE B 689 -1.88 8.64 -30.30
N ASN B 690 -2.95 8.39 -31.03
CA ASN B 690 -3.09 7.16 -31.82
C ASN B 690 -2.74 5.88 -31.03
N GLY B 691 -3.34 5.74 -29.86
CA GLY B 691 -3.15 4.55 -29.04
C GLY B 691 -1.87 4.44 -28.22
N ALA B 692 -0.95 5.38 -28.38
CA ALA B 692 0.26 5.39 -27.56
C ALA B 692 0.10 6.39 -26.41
N ASP B 693 0.46 5.97 -25.20
CA ASP B 693 0.46 6.89 -24.07
C ASP B 693 1.36 8.07 -24.40
N HIS B 694 0.90 9.26 -24.07
CA HIS B 694 1.62 10.47 -24.41
C HIS B 694 1.74 11.34 -23.17
N THR B 695 2.88 11.27 -22.49
CA THR B 695 3.08 12.04 -21.25
C THR B 695 3.78 13.38 -21.51
N LYS B 696 4.14 13.64 -22.76
CA LYS B 696 4.91 14.84 -23.11
C LYS B 696 4.07 16.11 -23.00
N ASN B 697 4.71 17.23 -22.63
CA ASN B 697 4.05 18.51 -22.57
C ASN B 697 4.10 19.25 -23.91
N TYR B 698 4.29 18.51 -25.00
CA TYR B 698 4.27 19.16 -26.31
C TYR B 698 3.86 18.18 -27.42
N LEU B 699 3.35 18.74 -28.51
CA LEU B 699 3.02 17.99 -29.71
C LEU B 699 3.91 18.49 -30.86
N ARG B 700 4.26 17.61 -31.80
CA ARG B 700 5.10 18.00 -32.92
C ARG B 700 4.25 18.21 -34.19
N HIS B 701 4.59 19.27 -34.91
CA HIS B 701 3.93 19.64 -36.15
C HIS B 701 3.74 18.44 -37.10
N GLU B 702 4.81 17.70 -37.37
CA GLU B 702 4.71 16.61 -38.35
C GLU B 702 3.79 15.49 -37.87
N ASP B 703 3.74 15.28 -36.56
CA ASP B 703 2.85 14.26 -36.01
C ASP B 703 1.40 14.68 -36.15
N LEU B 704 1.12 15.95 -35.90
CA LEU B 704 -0.25 16.43 -36.05
C LEU B 704 -0.69 16.27 -37.51
N PHE B 705 0.19 16.63 -38.44
CA PHE B 705 -0.14 16.59 -39.87
C PHE B 705 -0.44 15.18 -40.36
N LYS B 706 0.09 14.18 -39.67
CA LYS B 706 -0.17 12.80 -40.05
C LYS B 706 -1.59 12.40 -39.65
N GLY B 707 -2.19 13.14 -38.72
CA GLY B 707 -3.61 12.94 -38.39
C GLY B 707 -3.88 11.78 -37.45
N GLY B 708 -5.15 11.44 -37.29
CA GLY B 708 -5.54 10.33 -36.44
C GLY B 708 -6.32 10.90 -35.25
N THR B 709 -6.06 10.39 -34.05
CA THR B 709 -6.85 10.78 -32.89
C THR B 709 -6.01 10.94 -31.65
N ILE B 710 -6.31 11.96 -30.86
CA ILE B 710 -5.68 12.19 -29.57
C ILE B 710 -6.78 12.10 -28.52
N LYS B 711 -6.57 11.29 -27.49
CA LYS B 711 -7.57 11.14 -26.43
C LYS B 711 -7.03 11.84 -25.22
N VAL B 712 -7.87 12.64 -24.58
CA VAL B 712 -7.46 13.41 -23.41
C VAL B 712 -8.42 13.09 -22.28
N ASP B 713 -7.93 12.46 -21.23
CA ASP B 713 -8.79 12.14 -20.10
CA ASP B 713 -8.73 12.13 -20.07
C ASP B 713 -8.79 13.33 -19.13
N MSE B 714 -9.91 14.04 -19.11
CA MSE B 714 -10.04 15.23 -18.27
C MSE B 714 -10.46 14.85 -16.84
O MSE B 714 -11.24 13.95 -16.65
CB MSE B 714 -11.07 16.20 -18.85
CG MSE B 714 -10.89 16.51 -20.33
SE MSE B 714 -9.11 17.27 -20.62
CE MSE B 714 -9.32 18.92 -19.58
N SER B 715 -9.96 15.59 -15.86
CA SER B 715 -10.28 15.32 -14.46
C SER B 715 -10.47 16.64 -13.70
N ASN B 716 -11.19 16.61 -12.57
CA ASN B 716 -11.27 17.79 -11.69
C ASN B 716 -10.11 17.89 -10.67
N ARG B 717 -9.17 16.94 -10.72
CA ARG B 717 -8.00 16.96 -9.84
C ARG B 717 -6.72 16.85 -10.67
N PRO B 718 -5.66 17.56 -10.26
CA PRO B 718 -4.42 17.53 -11.02
C PRO B 718 -3.74 16.18 -10.89
N ASN B 719 -3.04 15.76 -11.92
CA ASN B 719 -2.19 14.58 -11.84
C ASN B 719 -0.74 15.05 -11.64
N LEU B 720 -0.21 14.89 -10.44
CA LEU B 720 1.13 15.43 -10.14
C LEU B 720 2.27 14.55 -10.66
N ASN B 721 1.93 13.44 -11.30
CA ASN B 721 2.95 12.56 -11.86
C ASN B 721 3.16 12.71 -13.38
N ARG B 722 2.19 13.29 -14.07
CA ARG B 722 2.28 13.34 -15.52
C ARG B 722 3.00 14.58 -16.02
N GLY B 723 3.92 14.39 -16.96
CA GLY B 723 4.57 15.52 -17.63
C GLY B 723 5.65 16.15 -16.80
N THR B 724 6.35 15.34 -16.02
CA THR B 724 7.34 15.85 -15.10
C THR B 724 8.72 15.26 -15.40
N LYS B 725 8.81 14.40 -16.40
CA LYS B 725 10.09 13.77 -16.76
C LYS B 725 10.88 14.64 -17.74
N GLU B 726 12.21 14.48 -17.75
CA GLU B 726 13.05 15.22 -18.70
C GLU B 726 12.56 15.06 -20.14
N GLU B 727 12.22 13.83 -20.54
CA GLU B 727 11.75 13.55 -21.90
C GLU B 727 10.35 14.12 -22.19
N ASP B 728 9.67 14.63 -21.16
CA ASP B 728 8.39 15.29 -21.34
C ASP B 728 8.51 16.79 -21.66
N MSE B 729 9.72 17.36 -21.54
CA MSE B 729 9.91 18.81 -21.62
C MSE B 729 9.98 19.27 -23.07
O MSE B 729 10.59 18.60 -23.91
CB MSE B 729 11.22 19.21 -20.95
CG MSE B 729 11.31 18.86 -19.48
SE MSE B 729 9.92 19.81 -18.47
CE MSE B 729 8.63 18.36 -18.28
N PRO B 730 9.38 20.44 -23.37
CA PRO B 730 9.55 21.04 -24.69
C PRO B 730 10.98 21.57 -24.90
N TYR B 731 11.23 22.11 -26.08
CA TYR B 731 12.55 22.51 -26.50
C TYR B 731 13.17 23.65 -25.68
N SER B 732 14.43 23.51 -25.31
CA SER B 732 15.21 24.66 -24.85
C SER B 732 16.58 24.67 -25.51
N PHE B 733 17.02 25.83 -25.98
CA PHE B 733 18.32 25.98 -26.67
C PHE B 733 19.50 25.45 -25.83
N SER B 734 19.42 25.69 -24.52
CA SER B 734 20.53 25.32 -23.61
C SER B 734 20.68 23.82 -23.55
N LYS B 735 19.60 23.09 -23.77
CA LYS B 735 19.65 21.65 -23.77
C LYS B 735 20.17 21.10 -25.09
N GLU B 736 19.89 21.80 -26.20
CA GLU B 736 20.44 21.42 -27.51
C GLU B 736 21.96 21.50 -27.43
N LEU B 737 22.43 22.70 -27.17
CA LEU B 737 23.86 22.97 -26.97
C LEU B 737 24.39 22.18 -25.79
N LYS C 1 18.15 39.87 17.64
CA LYS C 1 17.95 39.36 19.03
C LYS C 1 17.55 37.88 18.97
N ASP C 2 18.19 37.04 19.77
CA ASP C 2 17.85 35.64 19.73
C ASP C 2 17.32 35.17 21.07
N TRP C 3 16.21 34.43 21.03
CA TRP C 3 15.60 33.89 22.21
C TRP C 3 15.75 32.35 22.21
N THR C 4 16.01 31.77 21.05
CA THR C 4 16.15 30.30 20.98
C THR C 4 17.27 29.78 21.91
N GLN C 5 18.28 30.61 22.17
CA GLN C 5 19.39 30.23 23.06
C GLN C 5 18.89 29.80 24.43
N TYR C 6 17.75 30.30 24.85
CA TYR C 6 17.19 29.98 26.15
C TYR C 6 16.30 28.74 26.20
N VAL C 7 15.95 28.18 25.05
CA VAL C 7 15.05 27.03 25.01
C VAL C 7 15.79 25.73 25.21
N ASN C 8 15.39 24.96 26.22
CA ASN C 8 15.94 23.62 26.43
C ASN C 8 14.95 22.53 26.08
N PRO C 9 15.10 21.93 24.91
CA PRO C 9 14.17 20.89 24.48
C PRO C 9 14.28 19.65 25.33
N LEU C 10 15.33 19.55 26.15
CA LEU C 10 15.47 18.39 27.05
C LEU C 10 14.70 18.58 28.36
N MSE C 11 14.16 19.77 28.57
CA MSE C 11 13.41 20.00 29.82
C MSE C 11 12.19 19.08 29.92
O MSE C 11 11.28 19.13 29.09
CB MSE C 11 13.02 21.48 29.97
CG MSE C 11 12.34 21.79 31.30
SE MSE C 11 11.74 23.65 31.32
CE MSE C 11 10.53 23.59 32.86
N GLY C 12 12.18 18.20 30.93
CA GLY C 12 11.07 17.23 31.06
C GLY C 12 11.39 15.82 30.57
N SER C 13 12.56 15.63 29.95
CA SER C 13 12.96 14.31 29.45
C SER C 13 13.51 13.38 30.54
N GLN C 14 13.90 13.94 31.67
CA GLN C 14 14.39 13.11 32.76
C GLN C 14 13.20 12.94 33.67
N SER C 15 12.53 11.81 33.54
CA SER C 15 11.23 11.68 34.14
C SER C 15 10.92 10.20 34.20
N THR C 16 10.16 9.78 35.21
CA THR C 16 9.87 8.35 35.39
C THR C 16 8.40 8.06 35.62
N PHE C 17 8.05 6.80 35.45
CA PHE C 17 6.67 6.32 35.68
C PHE C 17 6.12 6.70 37.06
N GLU C 18 6.91 6.52 38.12
CA GLU C 18 6.42 6.75 39.48
C GLU C 18 6.41 8.22 39.87
N LEU C 19 7.19 9.04 39.18
CA LEU C 19 7.18 10.47 39.49
C LEU C 19 7.53 11.27 38.25
N SER C 20 6.53 11.92 37.67
CA SER C 20 6.79 12.66 36.47
C SER C 20 7.45 14.00 36.77
N THR C 21 8.47 14.33 35.97
CA THR C 21 9.04 15.68 36.01
C THR C 21 8.87 16.30 34.61
N GLY C 22 7.85 15.84 33.89
CA GLY C 22 7.37 16.49 32.66
C GLY C 22 6.93 15.47 31.60
N ASN C 23 7.57 14.30 31.61
CA ASN C 23 7.36 13.29 30.58
C ASN C 23 7.33 13.88 29.15
N THR C 24 8.32 14.70 28.82
CA THR C 24 8.42 15.25 27.48
C THR C 24 9.49 14.50 26.67
N TYR C 25 9.54 14.77 25.38
CA TYR C 25 10.68 14.38 24.56
C TYR C 25 11.10 15.64 23.78
N PRO C 26 12.35 15.63 23.27
CA PRO C 26 12.89 16.79 22.56
C PRO C 26 12.24 16.93 21.16
N ALA C 27 11.23 17.79 21.06
CA ALA C 27 10.53 17.98 19.79
C ALA C 27 11.31 18.93 18.94
N ILE C 28 12.00 18.38 17.94
CA ILE C 28 12.75 19.19 17.00
C ILE C 28 11.75 19.47 15.88
N ALA C 29 11.32 20.71 15.75
CA ALA C 29 10.14 21.01 14.94
C ALA C 29 10.03 22.50 14.66
N ARG C 30 9.18 22.86 13.71
CA ARG C 30 8.69 24.21 13.60
C ARG C 30 7.51 24.42 14.53
N PRO C 31 7.17 25.68 14.86
CA PRO C 31 5.97 25.89 15.68
C PRO C 31 4.74 25.19 15.05
N TRP C 32 4.01 24.45 15.88
CA TRP C 32 2.80 23.72 15.44
C TRP C 32 3.05 22.82 14.25
N GLY C 33 4.29 22.37 14.11
CA GLY C 33 4.67 21.57 12.94
C GLY C 33 3.83 20.31 12.76
N MSE C 34 3.52 19.94 11.51
CA MSE C 34 2.73 18.74 11.31
C MSE C 34 3.57 17.51 11.69
O MSE C 34 3.04 16.57 12.27
CB MSE C 34 2.30 18.59 9.85
CG MSE C 34 1.52 17.31 9.63
SE MSE C 34 0.69 17.32 7.83
CE MSE C 34 2.01 16.20 6.92
N ASN C 35 4.85 17.50 11.33
CA ASN C 35 5.71 16.37 11.66
C ASN C 35 6.81 16.80 12.63
N PHE C 36 6.88 16.15 13.81
CA PHE C 36 7.98 16.43 14.75
C PHE C 36 9.05 15.39 14.54
N TRP C 37 10.29 15.72 14.88
CA TRP C 37 11.38 14.74 14.81
C TRP C 37 12.09 14.65 16.16
N THR C 38 12.46 13.44 16.57
CA THR C 38 13.18 13.28 17.83
C THR C 38 14.20 12.14 17.76
N PRO C 39 15.34 12.28 18.46
CA PRO C 39 16.16 11.12 18.70
C PRO C 39 15.32 10.13 19.49
N GLN C 40 15.47 8.84 19.19
CA GLN C 40 14.68 7.80 19.84
C GLN C 40 15.62 6.93 20.65
N THR C 41 15.48 6.98 21.96
CA THR C 41 16.25 6.07 22.84
C THR C 41 15.40 4.85 23.22
N GLY C 42 14.08 5.05 23.30
CA GLY C 42 13.19 3.96 23.67
C GLY C 42 12.95 2.93 22.56
N LYS C 43 12.41 1.77 22.95
CA LYS C 43 12.08 0.74 21.95
C LYS C 43 10.82 1.13 21.18
N MSE C 44 10.69 0.64 19.95
CA MSE C 44 9.50 0.96 19.17
C MSE C 44 8.27 0.68 20.01
O MSE C 44 8.14 -0.40 20.61
CB MSE C 44 9.41 0.13 17.89
CG MSE C 44 8.13 0.40 17.06
SE MSE C 44 8.21 -0.73 15.48
CE MSE C 44 8.22 -2.51 16.39
N GLY C 45 7.35 1.65 20.08
CA GLY C 45 6.08 1.46 20.76
C GLY C 45 6.02 2.08 22.14
N ASP C 46 7.18 2.27 22.75
CA ASP C 46 7.26 2.83 24.09
C ASP C 46 6.89 4.30 24.09
N GLY C 47 5.95 4.68 24.94
CA GLY C 47 5.60 6.09 25.07
C GLY C 47 6.78 6.94 25.55
N TRP C 48 7.71 6.32 26.28
CA TRP C 48 8.95 6.99 26.69
C TRP C 48 9.95 6.82 25.58
N GLN C 49 9.76 7.57 24.50
CA GLN C 49 10.58 7.39 23.31
C GLN C 49 11.96 8.01 23.43
N TYR C 50 12.10 9.00 24.31
CA TYR C 50 13.42 9.57 24.62
C TYR C 50 13.46 9.79 26.11
N THR C 51 14.44 9.22 26.79
CA THR C 51 14.56 9.45 28.24
C THR C 51 15.98 9.94 28.53
N TYR C 52 16.14 10.94 29.38
CA TYR C 52 17.45 11.55 29.61
C TYR C 52 18.46 10.53 30.16
N THR C 53 17.98 9.55 30.94
CA THR C 53 18.94 8.59 31.53
C THR C 53 19.28 7.44 30.57
N ALA C 54 18.73 7.48 29.35
CA ALA C 54 19.05 6.41 28.38
C ALA C 54 20.50 6.47 27.91
N ASN C 55 21.09 5.31 27.63
CA ASN C 55 22.48 5.25 27.17
C ASN C 55 22.60 5.27 25.64
N LYS C 56 21.55 4.85 24.93
CA LYS C 56 21.65 4.56 23.49
C LYS C 56 20.53 5.18 22.64
N ILE C 57 20.89 5.58 21.44
CA ILE C 57 19.92 5.99 20.42
C ILE C 57 19.81 4.87 19.39
N ARG C 58 18.59 4.55 18.99
CA ARG C 58 18.39 3.51 17.99
C ARG C 58 17.68 3.98 16.70
N GLY C 59 17.38 5.27 16.64
CA GLY C 59 16.73 5.84 15.47
C GLY C 59 16.54 7.34 15.66
N PHE C 60 16.36 8.03 14.53
CA PHE C 60 15.88 9.40 14.52
C PHE C 60 14.50 9.32 13.92
N LYS C 61 13.50 9.74 14.69
CA LYS C 61 12.12 9.30 14.50
C LYS C 61 11.16 10.44 14.21
N GLN C 62 10.27 10.25 13.23
CA GLN C 62 9.19 11.19 13.03
C GLN C 62 8.08 10.76 13.97
N THR C 63 7.59 11.72 14.75
CA THR C 63 6.63 11.40 15.78
C THR C 63 5.54 12.47 15.83
N HIS C 64 4.36 12.07 16.32
CA HIS C 64 3.23 13.00 16.53
C HIS C 64 2.75 12.95 18.00
N GLN C 65 3.51 12.25 18.84
CA GLN C 65 2.99 11.88 20.16
C GLN C 65 2.76 13.07 21.08
N PRO C 66 1.57 13.17 21.67
CA PRO C 66 1.35 14.25 22.64
C PRO C 66 1.69 13.91 24.11
N SER C 67 1.78 12.63 24.45
CA SER C 67 2.14 12.23 25.82
C SER C 67 2.45 10.76 25.81
N PRO C 68 3.18 10.27 26.83
CA PRO C 68 3.49 8.85 26.78
C PRO C 68 2.22 8.01 26.96
N TRP C 69 1.21 8.60 27.58
CA TRP C 69 -0.03 7.89 27.88
C TRP C 69 -0.85 7.75 26.61
N ILE C 70 -0.99 8.80 25.84
CA ILE C 70 -1.67 8.77 24.56
C ILE C 70 -0.90 7.99 23.49
N ASN C 71 0.41 8.13 23.49
CA ASN C 71 1.28 7.41 22.58
C ASN C 71 1.14 7.95 21.13
N ASP C 72 1.69 7.21 20.16
CA ASP C 72 2.07 7.69 18.85
C ASP C 72 1.35 7.14 17.61
N TYR C 73 1.51 7.87 16.52
CA TYR C 73 0.99 7.52 15.22
C TYR C 73 1.82 8.18 14.10
N GLY C 74 1.79 7.63 12.90
CA GLY C 74 2.46 8.34 11.79
C GLY C 74 3.94 8.40 12.09
N GLN C 75 4.51 7.23 12.40
CA GLN C 75 5.84 7.14 12.97
C GLN C 75 6.75 6.18 12.18
N PHE C 76 7.95 6.65 11.87
CA PHE C 76 8.98 5.85 11.21
C PHE C 76 10.35 6.46 11.60
N SER C 77 11.44 5.76 11.34
CA SER C 77 12.74 6.28 11.73
C SER C 77 13.82 5.98 10.72
N ILE C 78 14.95 6.66 10.90
CA ILE C 78 16.11 6.44 10.09
C ILE C 78 17.30 6.35 11.05
N MSE C 79 18.30 5.55 10.68
CA MSE C 79 19.45 5.29 11.55
C MSE C 79 20.67 4.99 10.71
O MSE C 79 20.69 3.98 9.99
CB MSE C 79 19.20 4.07 12.44
CG MSE C 79 20.36 3.77 13.45
SE MSE C 79 20.50 5.20 14.80
CE MSE C 79 22.01 4.42 15.79
N PRO C 80 21.71 5.85 10.80
CA PRO C 80 22.93 5.58 10.06
C PRO C 80 23.77 4.62 10.88
N ILE C 81 24.49 3.71 10.21
CA ILE C 81 25.32 2.72 10.91
C ILE C 81 26.57 2.44 10.07
N VAL C 82 27.55 1.74 10.64
CA VAL C 82 28.67 1.20 9.84
C VAL C 82 28.94 -0.22 10.29
N GLY C 83 29.66 -1.01 9.49
CA GLY C 83 29.99 -2.37 9.91
C GLY C 83 29.08 -3.34 9.18
N GLN C 84 28.31 -4.13 9.92
CA GLN C 84 27.33 -5.01 9.29
C GLN C 84 26.02 -4.26 9.02
N PRO C 85 25.35 -4.57 7.90
CA PRO C 85 24.01 -4.01 7.74
C PRO C 85 23.04 -4.71 8.68
N VAL C 86 22.69 -4.07 9.78
CA VAL C 86 21.74 -4.69 10.69
C VAL C 86 20.48 -3.82 10.80
N PHE C 87 19.32 -4.46 10.77
CA PHE C 87 18.05 -3.74 10.91
C PHE C 87 17.58 -3.73 12.37
N ASP C 88 17.90 -4.78 13.11
CA ASP C 88 17.35 -4.93 14.45
C ASP C 88 17.55 -3.68 15.32
N GLU C 89 16.49 -3.23 16.01
CA GLU C 89 16.54 -1.96 16.74
C GLU C 89 17.49 -1.95 17.94
N GLU C 90 17.82 -3.14 18.48
CA GLU C 90 18.83 -3.21 19.52
C GLU C 90 20.24 -3.30 18.91
N LYS C 91 20.41 -4.16 17.91
CA LYS C 91 21.73 -4.35 17.33
C LYS C 91 22.29 -3.11 16.63
N ARG C 92 21.44 -2.25 16.11
CA ARG C 92 21.91 -1.09 15.35
C ARG C 92 22.11 0.12 16.27
N ALA C 93 21.69 0.02 17.51
CA ALA C 93 21.74 1.11 18.49
C ALA C 93 23.16 1.54 18.89
N SER C 94 23.32 2.79 19.25
CA SER C 94 24.60 3.31 19.63
C SER C 94 24.59 4.11 20.93
N TRP C 95 25.59 3.91 21.76
CA TRP C 95 25.78 4.70 22.94
C TRP C 95 25.97 6.14 22.48
N PHE C 96 25.66 7.06 23.35
CA PHE C 96 25.89 8.45 23.13
C PHE C 96 25.90 9.09 24.49
N ALA C 97 26.30 10.35 24.53
CA ALA C 97 26.22 11.14 25.75
C ALA C 97 25.63 12.56 25.51
N HIS C 98 25.03 13.14 26.55
CA HIS C 98 24.49 14.44 26.37
C HIS C 98 25.59 15.44 26.04
N LYS C 99 26.83 15.18 26.50
CA LYS C 99 27.94 16.09 26.18
C LYS C 99 28.36 15.96 24.72
N GLY C 100 27.83 14.95 24.03
CA GLY C 100 28.09 14.77 22.61
C GLY C 100 26.85 15.10 21.80
N GLU C 101 25.93 15.87 22.39
CA GLU C 101 24.61 16.15 21.79
C GLU C 101 24.27 17.64 21.88
N VAL C 102 23.70 18.20 20.82
CA VAL C 102 23.20 19.57 20.87
C VAL C 102 21.75 19.55 20.44
N ALA C 103 20.87 19.97 21.33
CA ALA C 103 19.44 19.98 21.02
C ALA C 103 18.88 21.39 21.10
N THR C 104 18.38 21.87 19.96
CA THR C 104 17.67 23.14 19.94
C THR C 104 16.32 22.91 19.23
N PRO C 105 15.39 23.86 19.32
CA PRO C 105 14.13 23.56 18.64
C PRO C 105 14.28 23.41 17.12
N TYR C 106 15.34 23.98 16.51
CA TYR C 106 15.42 24.02 15.03
C TYR C 106 16.50 23.12 14.45
N TYR C 107 17.27 22.45 15.32
CA TYR C 107 18.48 21.74 14.89
C TYR C 107 18.88 20.78 16.02
N TYR C 108 19.22 19.56 15.65
CA TYR C 108 19.67 18.56 16.62
C TYR C 108 20.91 17.88 16.08
N LYS C 109 21.91 17.64 16.95
CA LYS C 109 23.13 16.97 16.53
C LYS C 109 23.52 16.00 17.62
N VAL C 110 24.03 14.85 17.23
CA VAL C 110 24.51 13.89 18.22
C VAL C 110 25.61 13.04 17.61
N TYR C 111 26.55 12.64 18.46
CA TYR C 111 27.64 11.75 18.08
C TYR C 111 27.31 10.35 18.52
N LEU C 112 27.33 9.43 17.56
CA LEU C 112 26.94 8.06 17.82
C LEU C 112 28.24 7.23 17.99
N ALA C 113 28.58 6.98 19.23
CA ALA C 113 29.85 6.37 19.62
C ALA C 113 30.14 5.00 19.03
N GLU C 114 29.10 4.21 18.83
CA GLU C 114 29.38 2.87 18.37
C GLU C 114 29.59 2.79 16.87
N HIS C 115 29.19 3.84 16.15
CA HIS C 115 29.36 3.89 14.71
C HIS C 115 30.36 4.98 14.25
N ASP C 116 30.81 5.84 15.16
CA ASP C 116 31.67 6.96 14.82
C ASP C 116 31.00 7.84 13.75
N ILE C 117 29.73 8.17 14.01
CA ILE C 117 28.95 8.96 13.06
C ILE C 117 28.36 10.17 13.77
N VAL C 118 28.39 11.33 13.13
CA VAL C 118 27.59 12.46 13.62
C VAL C 118 26.33 12.55 12.78
N THR C 119 25.20 12.80 13.43
CA THR C 119 23.95 13.00 12.74
C THR C 119 23.47 14.40 13.08
N GLU C 120 23.02 15.12 12.06
CA GLU C 120 22.41 16.42 12.26
C GLU C 120 21.08 16.41 11.57
N MSE C 121 20.11 17.16 12.07
CA MSE C 121 18.82 17.26 11.40
CA MSE C 121 18.82 17.26 11.41
C MSE C 121 18.15 18.60 11.69
O MSE C 121 18.24 19.14 12.82
CB MSE C 121 17.91 16.08 11.78
CB MSE C 121 17.91 16.08 11.80
CG MSE C 121 17.36 16.13 13.22
CG MSE C 121 17.50 16.05 13.27
SE MSE C 121 16.41 14.51 13.72
SE MSE C 121 16.36 14.51 13.68
CE MSE C 121 15.94 15.03 15.56
CE MSE C 121 17.66 13.21 14.34
N THR C 122 17.51 19.15 10.67
CA THR C 122 16.82 20.41 10.77
C THR C 122 15.47 20.32 10.04
N PRO C 123 14.36 20.44 10.75
CA PRO C 123 13.06 20.26 10.13
C PRO C 123 12.42 21.52 9.61
N THR C 124 11.46 21.33 8.74
CA THR C 124 10.48 22.28 8.33
C THR C 124 9.14 21.81 8.93
N GLU C 125 8.04 22.39 8.49
CA GLU C 125 6.77 22.02 9.07
C GLU C 125 6.43 20.57 8.86
N ARG C 126 6.78 20.07 7.71
CA ARG C 126 6.43 18.73 7.24
C ARG C 126 7.58 17.88 6.68
N ALA C 127 8.73 18.48 6.51
CA ALA C 127 9.94 17.90 6.00
C ALA C 127 11.11 18.08 6.97
N VAL C 128 12.18 17.37 6.68
CA VAL C 128 13.41 17.49 7.41
C VAL C 128 14.62 17.16 6.53
N LEU C 129 15.74 17.79 6.81
CA LEU C 129 17.01 17.45 6.19
C LEU C 129 17.89 16.84 7.27
N PHE C 130 18.41 15.66 6.96
CA PHE C 130 19.43 14.98 7.74
C PHE C 130 20.81 15.14 7.07
N ARG C 131 21.86 15.36 7.84
CA ARG C 131 23.20 15.26 7.26
C ARG C 131 23.95 14.29 8.16
N PHE C 132 24.47 13.20 7.59
CA PHE C 132 25.20 12.20 8.37
C PHE C 132 26.66 12.34 8.02
N THR C 133 27.50 12.54 9.02
CA THR C 133 28.94 12.63 8.79
C THR C 133 29.55 11.26 9.12
N PHE C 134 29.97 10.53 8.10
CA PHE C 134 30.44 9.16 8.29
C PHE C 134 31.95 9.10 8.50
N PRO C 135 32.42 8.00 9.11
CA PRO C 135 33.86 7.83 9.18
C PRO C 135 34.35 7.17 7.90
N GLU C 136 35.67 7.04 7.74
CA GLU C 136 36.25 6.22 6.69
C GLU C 136 35.80 4.78 6.88
N ASN C 137 35.09 4.21 5.92
CA ASN C 137 34.59 2.84 6.06
C ASN C 137 34.11 2.34 4.70
N ASP C 138 34.39 1.09 4.37
CA ASP C 138 33.89 0.48 3.15
C ASP C 138 32.42 0.10 3.28
N HIS C 139 31.92 0.05 4.51
CA HIS C 139 30.58 -0.43 4.75
C HIS C 139 29.80 0.54 5.62
N SER C 140 29.36 1.63 5.01
CA SER C 140 28.48 2.60 5.67
C SER C 140 27.06 2.42 5.15
N TYR C 141 26.06 2.54 6.05
CA TYR C 141 24.67 2.27 5.67
C TYR C 141 23.73 3.27 6.33
N VAL C 142 22.52 3.36 5.77
CA VAL C 142 21.41 4.03 6.44
C VAL C 142 20.24 3.05 6.47
N VAL C 143 19.69 2.87 7.67
CA VAL C 143 18.54 2.03 7.89
C VAL C 143 17.26 2.88 7.93
N VAL C 144 16.25 2.45 7.21
CA VAL C 144 14.96 3.07 7.20
C VAL C 144 13.96 2.08 7.74
N ASP C 145 13.22 2.49 8.74
CA ASP C 145 12.36 1.63 9.49
C ASP C 145 10.92 2.12 9.45
N ALA C 146 10.05 1.42 8.78
CA ALA C 146 8.69 1.85 8.60
C ALA C 146 7.73 1.48 9.77
N PHE C 147 8.29 0.84 10.77
CA PHE C 147 7.58 0.38 11.96
C PHE C 147 6.64 -0.80 11.62
N ASP C 148 5.96 -1.33 12.61
CA ASP C 148 5.17 -2.54 12.42
C ASP C 148 3.69 -2.30 12.28
N LYS C 149 2.95 -3.38 12.38
CA LYS C 149 1.52 -3.42 12.27
C LYS C 149 1.04 -3.04 10.89
N GLY C 150 1.87 -3.28 9.92
CA GLY C 150 1.41 -3.07 8.54
C GLY C 150 2.09 -1.86 7.93
N SER C 151 3.14 -2.10 7.15
CA SER C 151 3.87 -1.02 6.49
C SER C 151 4.37 -1.40 5.09
N TYR C 152 5.08 -0.47 4.46
CA TYR C 152 5.45 -0.62 3.05
C TYR C 152 6.74 0.15 2.80
N ILE C 153 7.56 -0.43 1.93
CA ILE C 153 8.82 0.19 1.60
C ILE C 153 9.20 -0.15 0.15
N LYS C 154 9.78 0.82 -0.54
CA LYS C 154 10.29 0.60 -1.89
C LYS C 154 11.59 1.36 -2.09
N ILE C 155 12.61 0.68 -2.60
CA ILE C 155 13.85 1.34 -2.94
C ILE C 155 13.83 1.64 -4.45
N ILE C 156 14.11 2.90 -4.79
CA ILE C 156 14.16 3.37 -6.17
C ILE C 156 15.58 3.87 -6.45
N PRO C 157 16.47 2.95 -6.83
CA PRO C 157 17.89 3.26 -6.91
C PRO C 157 18.20 4.32 -7.96
N GLU C 158 17.44 4.35 -9.05
CA GLU C 158 17.74 5.30 -10.11
C GLU C 158 17.45 6.71 -9.65
N GLU C 159 16.75 6.84 -8.53
CA GLU C 159 16.55 8.18 -7.97
C GLU C 159 17.24 8.36 -6.61
N ASN C 160 18.09 7.41 -6.23
CA ASN C 160 18.71 7.43 -4.90
C ASN C 160 17.65 7.69 -3.86
N LYS C 161 16.52 7.00 -3.96
CA LYS C 161 15.35 7.33 -3.16
C LYS C 161 14.81 6.07 -2.52
N ILE C 162 14.19 6.24 -1.36
CA ILE C 162 13.40 5.19 -0.73
C ILE C 162 12.06 5.83 -0.39
N ILE C 163 10.96 5.14 -0.71
CA ILE C 163 9.67 5.59 -0.28
C ILE C 163 9.01 4.52 0.59
N GLY C 164 7.99 4.87 1.35
CA GLY C 164 7.29 3.83 2.11
C GLY C 164 6.07 4.41 2.78
N TYR C 165 5.32 3.58 3.49
CA TYR C 165 4.33 4.16 4.38
C TYR C 165 4.33 3.44 5.71
N THR C 166 3.90 4.14 6.75
CA THR C 166 3.80 3.55 8.06
C THR C 166 2.33 3.66 8.55
N THR C 167 1.90 2.71 9.36
CA THR C 167 0.54 2.78 9.88
C THR C 167 0.48 2.58 11.39
N ARG C 168 1.57 2.16 12.02
CA ARG C 168 1.49 1.87 13.44
C ARG C 168 0.84 3.04 14.20
N ASN C 169 -0.19 2.77 14.96
CA ASN C 169 -0.87 3.84 15.66
C ASN C 169 -1.44 3.37 17.00
N SER C 170 -2.02 4.31 17.74
CA SER C 170 -2.47 4.04 19.09
C SER C 170 -3.98 4.21 19.19
N GLY C 171 -4.68 4.15 18.07
CA GLY C 171 -6.13 4.28 18.07
C GLY C 171 -6.52 5.65 17.55
N GLY C 172 -7.83 5.88 17.45
CA GLY C 172 -8.35 7.16 16.94
C GLY C 172 -8.01 7.43 15.48
N VAL C 173 -7.89 6.37 14.66
CA VAL C 173 -7.65 6.60 13.23
C VAL C 173 -8.66 5.83 12.37
N PRO C 174 -8.94 6.35 11.17
CA PRO C 174 -9.79 5.59 10.22
C PRO C 174 -9.09 4.37 9.66
N GLU C 175 -9.87 3.47 9.06
CA GLU C 175 -9.33 2.23 8.56
C GLU C 175 -8.24 2.42 7.52
N ASN C 176 -8.35 3.47 6.73
CA ASN C 176 -7.39 3.67 5.65
C ASN C 176 -6.17 4.51 6.06
N PHE C 177 -5.98 4.69 7.36
CA PHE C 177 -4.86 5.50 7.87
C PHE C 177 -3.45 5.05 7.40
N LYS C 178 -2.72 5.96 6.78
CA LYS C 178 -1.33 5.76 6.41
C LYS C 178 -0.58 7.07 6.42
N ASN C 179 0.68 7.02 6.81
CA ASN C 179 1.57 8.16 6.64
C ASN C 179 2.62 7.80 5.59
N TYR C 180 2.61 8.54 4.48
CA TYR C 180 3.46 8.26 3.32
C TYR C 180 4.74 9.09 3.41
N PHE C 181 5.89 8.45 3.23
CA PHE C 181 7.15 9.20 3.28
C PHE C 181 8.04 8.96 2.07
N ILE C 182 8.91 9.94 1.81
CA ILE C 182 9.87 9.87 0.73
C ILE C 182 11.19 10.36 1.29
N ILE C 183 12.26 9.64 0.98
CA ILE C 183 13.60 9.96 1.46
C ILE C 183 14.56 9.98 0.26
N GLU C 184 15.20 11.12 0.02
CA GLU C 184 16.17 11.27 -1.08
C GLU C 184 17.58 11.48 -0.56
N PHE C 185 18.51 10.67 -1.03
CA PHE C 185 19.90 10.78 -0.63
C PHE C 185 20.74 11.46 -1.71
N ASP C 186 21.78 12.18 -1.31
CA ASP C 186 22.64 12.81 -2.31
C ASP C 186 23.86 11.96 -2.69
N LYS C 187 23.88 10.70 -2.28
CA LYS C 187 24.97 9.79 -2.66
C LYS C 187 24.36 8.52 -3.22
N PRO C 188 24.87 8.02 -4.37
CA PRO C 188 24.25 6.80 -4.91
C PRO C 188 24.49 5.58 -4.05
N PHE C 189 23.52 4.67 -4.00
CA PHE C 189 23.67 3.42 -3.27
C PHE C 189 24.61 2.50 -4.01
N THR C 190 25.50 1.82 -3.31
CA THR C 190 26.14 0.66 -3.92
C THR C 190 25.75 -0.61 -3.19
N TYR C 191 24.92 -0.47 -2.16
CA TYR C 191 24.31 -1.61 -1.48
C TYR C 191 22.84 -1.27 -1.26
N LYS C 192 21.95 -2.24 -1.43
CA LYS C 192 20.54 -2.01 -1.16
C LYS C 192 19.88 -3.31 -0.76
N ALA C 193 19.01 -3.21 0.24
CA ALA C 193 18.31 -4.36 0.76
C ALA C 193 16.99 -3.86 1.33
N THR C 194 15.91 -4.60 1.13
CA THR C 194 14.71 -4.30 1.90
C THR C 194 14.64 -5.34 3.00
N VAL C 195 13.76 -5.13 3.94
CA VAL C 195 13.65 -6.03 5.06
C VAL C 195 12.21 -6.39 5.29
N GLU C 196 12.02 -7.63 5.61
CA GLU C 196 10.71 -8.14 5.75
C GLU C 196 10.64 -8.96 7.01
N ASN C 197 9.98 -8.43 8.00
CA ASN C 197 9.83 -9.09 9.27
C ASN C 197 11.22 -9.60 9.78
N GLY C 198 12.19 -8.72 9.75
CA GLY C 198 13.55 -8.93 10.23
C GLY C 198 14.55 -9.61 9.31
N ASN C 199 14.05 -10.10 8.18
CA ASN C 199 14.85 -10.75 7.17
C ASN C 199 15.33 -9.75 6.12
N LEU C 200 16.62 -9.67 5.97
CA LEU C 200 17.24 -8.78 5.05
C LEU C 200 17.20 -9.38 3.66
N GLN C 201 16.66 -8.67 2.68
CA GLN C 201 16.54 -9.15 1.33
C GLN C 201 17.27 -8.25 0.34
N GLU C 202 18.50 -8.60 0.04
CA GLU C 202 19.34 -7.80 -0.84
C GLU C 202 18.79 -7.72 -2.25
N ASN C 203 18.83 -6.52 -2.76
CA ASN C 203 18.43 -6.24 -4.09
C ASN C 203 16.97 -6.55 -4.39
N VAL C 204 16.18 -6.72 -3.34
CA VAL C 204 14.75 -6.85 -3.49
C VAL C 204 14.10 -5.45 -3.21
N ALA C 205 13.48 -4.88 -4.22
CA ALA C 205 13.02 -3.51 -4.22
C ALA C 205 11.90 -3.07 -3.30
N GLU C 206 10.92 -3.95 -3.10
CA GLU C 206 9.66 -3.63 -2.45
C GLU C 206 9.27 -4.63 -1.38
N GLN C 207 8.65 -4.15 -0.32
CA GLN C 207 8.01 -5.02 0.67
C GLN C 207 6.68 -4.43 1.09
N THR C 208 5.68 -5.31 1.21
CA THR C 208 4.43 -4.96 1.84
C THR C 208 4.18 -6.05 2.88
N THR C 209 4.30 -5.69 4.15
CA THR C 209 4.49 -6.68 5.17
C THR C 209 4.23 -6.05 6.54
N ASP C 210 4.22 -6.87 7.59
CA ASP C 210 3.92 -6.29 8.88
C ASP C 210 4.92 -5.20 9.26
N HIS C 211 6.21 -5.51 9.17
CA HIS C 211 7.25 -4.55 9.58
C HIS C 211 8.25 -4.42 8.43
N ALA C 212 8.04 -3.44 7.55
CA ALA C 212 8.92 -3.22 6.39
C ALA C 212 10.09 -2.32 6.78
N GLY C 213 11.25 -2.55 6.15
CA GLY C 213 12.38 -1.64 6.28
C GLY C 213 13.28 -1.70 5.08
N ALA C 214 14.27 -0.83 5.04
CA ALA C 214 15.26 -0.84 3.97
C ALA C 214 16.62 -0.53 4.58
N ILE C 215 17.67 -1.05 3.92
CA ILE C 215 19.00 -0.65 4.27
C ILE C 215 19.73 -0.30 2.99
N ILE C 216 20.29 0.90 2.93
CA ILE C 216 21.13 1.24 1.78
C ILE C 216 22.52 1.57 2.26
N GLY C 217 23.48 1.56 1.33
CA GLY C 217 24.84 1.73 1.76
C GLY C 217 25.84 2.08 0.69
N PHE C 218 27.03 2.43 1.16
CA PHE C 218 28.07 2.90 0.28
C PHE C 218 29.39 2.94 1.04
N LYS C 219 30.44 3.25 0.29
CA LYS C 219 31.76 3.46 0.87
C LYS C 219 31.87 4.93 1.17
N THR C 220 32.47 5.27 2.32
CA THR C 220 32.66 6.68 2.66
C THR C 220 34.13 6.97 3.05
N ARG C 221 34.58 8.19 2.75
CA ARG C 221 35.84 8.77 3.22
C ARG C 221 35.65 9.33 4.63
N LYS C 222 36.74 9.61 5.32
CA LYS C 222 36.65 10.21 6.65
C LYS C 222 35.99 11.57 6.59
N GLY C 223 34.92 11.73 7.38
CA GLY C 223 34.24 12.98 7.46
C GLY C 223 33.31 13.22 6.29
N GLU C 224 33.05 12.18 5.50
CA GLU C 224 32.19 12.36 4.32
C GLU C 224 30.74 12.60 4.75
N GLN C 225 30.12 13.65 4.21
CA GLN C 225 28.74 14.00 4.57
C GLN C 225 27.77 13.46 3.54
N VAL C 226 26.72 12.81 4.01
CA VAL C 226 25.64 12.34 3.16
C VAL C 226 24.34 12.99 3.63
N ASN C 227 23.64 13.64 2.71
CA ASN C 227 22.40 14.34 3.09
C ASN C 227 21.20 13.52 2.68
N ALA C 228 20.18 13.51 3.53
CA ALA C 228 18.93 12.84 3.21
C ALA C 228 17.78 13.82 3.39
N ARG C 229 17.05 14.08 2.30
CA ARG C 229 15.87 14.92 2.36
C ARG C 229 14.65 14.03 2.56
N ILE C 230 13.84 14.37 3.55
CA ILE C 230 12.71 13.55 3.91
C ILE C 230 11.43 14.38 4.03
N ALA C 231 10.31 13.85 3.54
CA ALA C 231 9.03 14.46 3.89
C ALA C 231 7.98 13.37 3.99
N SER C 232 6.86 13.67 4.68
CA SER C 232 5.75 12.75 4.70
C SER C 232 4.42 13.46 4.55
N SER C 233 3.37 12.68 4.30
CA SER C 233 2.06 13.24 4.08
C SER C 233 1.07 12.25 4.60
N PHE C 234 -0.09 12.72 5.04
CA PHE C 234 -1.21 11.83 5.38
C PHE C 234 -2.14 11.61 4.19
N ILE C 235 -1.78 12.19 3.07
CA ILE C 235 -2.65 12.17 1.90
C ILE C 235 -2.20 11.22 0.79
N SER C 236 -0.94 11.34 0.34
CA SER C 236 -0.49 10.49 -0.75
C SER C 236 1.00 10.66 -0.95
N PHE C 237 1.59 9.79 -1.77
CA PHE C 237 2.97 9.96 -2.12
C PHE C 237 3.20 11.26 -2.89
N GLU C 238 2.27 11.61 -3.78
CA GLU C 238 2.42 12.85 -4.57
C GLU C 238 2.40 14.06 -3.64
N GLN C 239 1.56 13.99 -2.62
CA GLN C 239 1.53 15.08 -1.65
C GLN C 239 2.82 15.10 -0.82
N ALA C 240 3.35 13.94 -0.47
CA ALA C 240 4.63 13.91 0.26
C ALA C 240 5.72 14.59 -0.58
N ALA C 241 5.74 14.29 -1.88
CA ALA C 241 6.71 14.94 -2.78
C ALA C 241 6.55 16.45 -2.84
N ALA C 242 5.30 16.93 -2.82
CA ALA C 242 5.08 18.35 -2.76
C ALA C 242 5.58 18.94 -1.42
N ASN C 243 5.31 18.21 -0.33
CA ASN C 243 5.71 18.71 0.97
C ASN C 243 7.24 18.88 1.01
N MSE C 244 7.95 18.06 0.25
CA MSE C 244 9.40 18.12 0.26
C MSE C 244 9.95 19.46 -0.21
O MSE C 244 11.10 19.80 0.09
CB MSE C 244 9.99 17.05 -0.62
CG MSE C 244 11.45 17.19 -0.59
SE MSE C 244 12.06 15.79 0.57
CE MSE C 244 12.38 14.80 -1.05
N ASN C 245 9.17 20.20 -0.97
CA ASN C 245 9.64 21.47 -1.48
C ASN C 245 9.88 22.51 -0.38
N GLU C 246 9.37 22.25 0.83
CA GLU C 246 9.67 23.09 2.00
C GLU C 246 11.18 23.18 2.27
N LEU C 247 11.94 22.17 1.85
CA LEU C 247 13.39 22.14 2.06
C LEU C 247 14.12 23.01 1.03
N GLY C 248 13.46 23.28 -0.09
CA GLY C 248 14.12 23.93 -1.24
C GLY C 248 15.40 23.21 -1.61
N LYS C 249 16.46 23.97 -1.92
CA LYS C 249 17.77 23.39 -2.13
C LYS C 249 18.73 23.74 -0.99
N ASP C 250 18.17 24.09 0.18
CA ASP C 250 18.91 24.54 1.33
C ASP C 250 19.72 23.41 1.97
N ASN C 251 20.89 23.75 2.53
CA ASN C 251 21.65 22.79 3.32
C ASN C 251 21.36 22.93 4.84
N ILE C 252 22.08 22.19 5.66
CA ILE C 252 21.80 22.23 7.11
C ILE C 252 21.89 23.61 7.71
N GLU C 253 22.95 24.34 7.37
CA GLU C 253 23.15 25.64 7.96
C GLU C 253 22.00 26.57 7.60
N GLN C 254 21.62 26.56 6.33
CA GLN C 254 20.55 27.41 5.84
C GLN C 254 19.18 27.08 6.48
N LEU C 255 18.86 25.79 6.55
CA LEU C 255 17.62 25.37 7.14
C LEU C 255 17.57 25.63 8.65
N ALA C 256 18.68 25.35 9.34
CA ALA C 256 18.76 25.67 10.77
C ALA C 256 18.48 27.14 10.98
N GLN C 257 19.08 28.01 10.15
CA GLN C 257 18.88 29.44 10.33
C GLN C 257 17.41 29.83 10.11
N LYS C 258 16.78 29.23 9.10
CA LYS C 258 15.34 29.46 8.88
C LYS C 258 14.44 29.00 10.04
N GLY C 259 14.74 27.84 10.63
CA GLY C 259 13.96 27.36 11.78
C GLY C 259 14.20 28.22 13.00
N LYS C 260 15.46 28.63 13.19
CA LYS C 260 15.82 29.63 14.22
C LYS C 260 15.00 30.92 14.04
N ASP C 261 14.92 31.44 12.82
CA ASP C 261 14.16 32.66 12.59
C ASP C 261 12.67 32.40 12.89
N ALA C 262 12.16 31.28 12.41
CA ALA C 262 10.75 30.91 12.65
C ALA C 262 10.45 30.89 14.14
N TRP C 263 11.32 30.28 14.92
CA TRP C 263 11.14 30.29 16.37
C TRP C 263 11.28 31.68 16.99
N ASN C 264 12.28 32.46 16.58
CA ASN C 264 12.46 33.77 17.18
C ASN C 264 11.27 34.66 16.82
N GLN C 265 10.68 34.42 15.66
CA GLN C 265 9.48 35.22 15.31
C GLN C 265 8.34 35.04 16.32
N VAL C 266 8.13 33.81 16.79
CA VAL C 266 7.08 33.59 17.81
C VAL C 266 7.56 33.84 19.25
N LEU C 267 8.78 33.43 19.56
CA LEU C 267 9.24 33.61 20.95
C LEU C 267 9.38 35.10 21.23
N GLY C 268 9.77 35.84 20.19
CA GLY C 268 10.18 37.23 20.37
C GLY C 268 8.98 38.11 20.57
N LYS C 269 7.79 37.52 20.47
CA LYS C 269 6.54 38.26 20.69
C LYS C 269 6.41 38.61 22.15
N ILE C 270 7.19 37.91 22.99
CA ILE C 270 7.19 38.16 24.42
C ILE C 270 8.66 38.29 24.85
N GLU C 271 9.08 39.52 25.14
CA GLU C 271 10.48 39.81 25.49
C GLU C 271 10.59 40.04 26.97
N VAL C 272 11.36 39.22 27.68
CA VAL C 272 11.49 39.42 29.11
C VAL C 272 12.94 39.85 29.39
N GLU C 273 13.12 40.72 30.38
CA GLU C 273 14.45 41.18 30.80
C GLU C 273 14.43 41.40 32.30
N GLY C 274 15.60 41.54 32.90
CA GLY C 274 15.70 41.72 34.35
C GLY C 274 15.25 40.51 35.15
N GLY C 275 15.84 39.36 34.82
CA GLY C 275 15.72 38.14 35.60
C GLY C 275 17.04 37.39 35.52
N ASN C 276 17.10 36.19 36.08
CA ASN C 276 18.35 35.45 36.01
C ASN C 276 18.27 34.39 34.91
N LEU C 277 19.40 33.77 34.58
CA LEU C 277 19.45 32.84 33.44
C LEU C 277 18.51 31.63 33.60
N ASP C 278 18.34 31.15 34.82
CA ASP C 278 17.41 30.05 35.04
C ASP C 278 16.00 30.47 34.61
N GLN C 279 15.62 31.69 34.97
CA GLN C 279 14.27 32.19 34.69
C GLN C 279 14.07 32.37 33.18
N TYR C 280 15.06 32.93 32.50
CA TYR C 280 14.98 33.04 31.06
C TYR C 280 14.80 31.67 30.42
N ARG C 281 15.58 30.68 30.86
CA ARG C 281 15.53 29.37 30.27
C ARG C 281 14.18 28.69 30.60
N THR C 282 13.74 28.85 31.85
CA THR C 282 12.43 28.28 32.22
C THR C 282 11.34 28.97 31.37
N PHE C 283 11.41 30.30 31.28
CA PHE C 283 10.37 31.03 30.57
C PHE C 283 10.30 30.64 29.10
N TYR C 284 11.43 30.71 28.41
CA TYR C 284 11.40 30.42 26.96
C TYR C 284 11.23 28.95 26.64
N SER C 285 11.65 28.06 27.53
CA SER C 285 11.42 26.63 27.30
C SER C 285 9.91 26.34 27.43
N CYS C 286 9.27 26.94 28.42
CA CYS C 286 7.81 26.81 28.57
C CYS C 286 7.06 27.44 27.38
N LEU C 287 7.55 28.58 26.92
CA LEU C 287 6.95 29.22 25.73
C LEU C 287 7.08 28.33 24.49
N TYR C 288 8.27 27.76 24.31
CA TYR C 288 8.45 26.79 23.21
C TYR C 288 7.44 25.65 23.32
N ARG C 289 7.28 25.10 24.52
CA ARG C 289 6.36 23.98 24.74
C ARG C 289 4.89 24.36 24.56
N SER C 290 4.60 25.65 24.63
CA SER C 290 3.23 26.15 24.44
C SER C 290 2.89 26.38 22.98
N LEU C 291 3.86 26.20 22.08
CA LEU C 291 3.66 26.51 20.66
C LEU C 291 3.85 25.29 19.76
N LEU C 292 3.47 24.13 20.27
CA LEU C 292 3.65 22.85 19.57
C LEU C 292 2.33 22.16 19.28
N PHE C 293 1.38 22.25 20.22
CA PHE C 293 0.13 21.49 20.12
C PHE C 293 -1.05 22.44 20.32
N PRO C 294 -2.17 22.20 19.62
CA PRO C 294 -2.35 21.14 18.66
C PRO C 294 -1.49 21.37 17.43
N ARG C 295 -1.09 20.29 16.74
CA ARG C 295 -0.24 20.44 15.55
C ARG C 295 -1.10 20.69 14.33
N LYS C 296 -0.51 21.36 13.34
CA LYS C 296 -1.08 21.37 12.01
C LYS C 296 -1.29 19.95 11.52
N PHE C 297 -2.45 19.70 10.89
CA PHE C 297 -2.70 18.42 10.28
C PHE C 297 -3.20 18.65 8.84
N TYR C 298 -2.90 19.81 8.27
CA TYR C 298 -3.27 20.10 6.89
C TYR C 298 -2.01 20.25 6.07
N GLU C 299 -2.18 20.23 4.75
CA GLU C 299 -1.09 20.24 3.79
C GLU C 299 -1.57 21.18 2.68
N LEU C 300 -0.65 21.62 1.83
CA LEU C 300 -0.99 22.70 0.88
C LEU C 300 -1.16 22.06 -0.50
N ASP C 301 -2.28 22.34 -1.16
CA ASP C 301 -2.49 21.64 -2.42
C ASP C 301 -1.72 22.37 -3.52
N ALA C 302 -1.92 21.88 -4.75
CA ALA C 302 -1.19 22.40 -5.90
C ALA C 302 -1.35 23.89 -6.05
N ASN C 303 -2.44 24.45 -5.56
CA ASN C 303 -2.61 25.89 -5.64
C ASN C 303 -2.33 26.64 -4.34
N GLY C 304 -1.66 25.99 -3.39
CA GLY C 304 -1.33 26.62 -2.13
C GLY C 304 -2.47 26.73 -1.11
N GLN C 305 -3.56 26.00 -1.34
CA GLN C 305 -4.71 26.04 -0.43
C GLN C 305 -4.65 24.87 0.52
N PRO C 306 -5.17 25.07 1.74
CA PRO C 306 -5.09 23.97 2.70
C PRO C 306 -6.08 22.83 2.42
N ILE C 307 -5.60 21.61 2.56
CA ILE C 307 -6.42 20.43 2.49
C ILE C 307 -5.90 19.50 3.57
N HIS C 308 -6.68 18.48 3.91
CA HIS C 308 -6.28 17.59 4.99
C HIS C 308 -6.86 16.19 4.80
N TYR C 309 -6.06 15.19 5.17
CA TYR C 309 -6.61 13.89 5.43
C TYR C 309 -7.44 14.06 6.69
N SER C 310 -8.67 13.55 6.67
CA SER C 310 -9.52 13.57 7.84
C SER C 310 -9.22 12.36 8.74
N PRO C 311 -8.73 12.63 9.97
CA PRO C 311 -8.53 11.51 10.86
C PRO C 311 -9.87 11.04 11.46
N TYR C 312 -10.97 11.67 11.03
CA TYR C 312 -12.30 11.37 11.56
C TYR C 312 -13.13 10.51 10.61
N ASN C 313 -13.04 10.76 9.31
CA ASN C 313 -13.75 9.89 8.37
C ASN C 313 -12.90 9.36 7.21
N GLY C 314 -11.60 9.67 7.24
CA GLY C 314 -10.69 9.11 6.23
C GLY C 314 -10.74 9.68 4.83
N GLN C 315 -11.57 10.69 4.58
CA GLN C 315 -11.57 11.41 3.30
C GLN C 315 -10.51 12.50 3.28
N VAL C 316 -10.16 12.99 2.09
CA VAL C 316 -9.23 14.11 1.94
C VAL C 316 -10.10 15.32 1.59
N LEU C 317 -10.07 16.36 2.40
CA LEU C 317 -11.08 17.39 2.28
C LEU C 317 -10.44 18.77 2.35
N PRO C 318 -11.14 19.79 1.81
CA PRO C 318 -10.53 21.12 1.84
C PRO C 318 -10.54 21.68 3.27
N GLY C 319 -9.60 22.58 3.56
CA GLY C 319 -9.63 23.34 4.80
C GLY C 319 -8.58 22.98 5.83
N TYR C 320 -8.51 23.83 6.86
CA TYR C 320 -7.61 23.61 7.99
C TYR C 320 -8.05 22.42 8.85
N MSE C 321 -7.08 21.85 9.57
CA MSE C 321 -7.32 20.76 10.48
C MSE C 321 -6.09 20.74 11.39
O MSE C 321 -4.96 20.87 10.90
CB MSE C 321 -7.46 19.41 9.75
CG MSE C 321 -7.61 18.19 10.67
SE MSE C 321 -9.11 18.33 11.95
CE MSE C 321 -10.52 18.45 10.61
N PHE C 322 -6.33 20.58 12.68
CA PHE C 322 -5.27 20.46 13.69
C PHE C 322 -5.67 19.31 14.56
N THR C 323 -4.72 18.73 15.26
CA THR C 323 -4.98 17.68 16.23
C THR C 323 -3.90 17.53 17.33
N ASP C 324 -4.03 16.50 18.15
CA ASP C 324 -3.12 16.25 19.25
C ASP C 324 -3.18 17.21 20.42
N THR C 325 -4.39 17.39 20.91
CA THR C 325 -4.59 18.12 22.14
C THR C 325 -5.82 17.64 22.90
N GLY C 326 -5.78 17.77 24.21
CA GLY C 326 -6.87 17.46 25.07
C GLY C 326 -7.34 18.73 25.72
N PHE C 327 -8.55 19.13 25.41
CA PHE C 327 -9.12 20.36 25.89
C PHE C 327 -9.21 20.37 27.42
N TRP C 328 -9.46 19.21 27.99
CA TRP C 328 -9.45 19.12 29.47
C TRP C 328 -8.19 19.76 30.06
N ASP C 329 -7.05 19.62 29.37
CA ASP C 329 -5.83 20.34 29.75
C ASP C 329 -5.85 21.79 29.24
N THR C 330 -5.98 21.93 27.93
CA THR C 330 -5.61 23.15 27.27
C THR C 330 -6.65 24.29 27.22
N PHE C 331 -7.85 24.04 27.68
CA PHE C 331 -8.80 25.14 27.77
C PHE C 331 -8.35 26.23 28.79
N ARG C 332 -7.72 25.78 29.84
CA ARG C 332 -7.44 26.60 30.99
C ARG C 332 -6.57 27.83 30.73
N CYS C 333 -5.42 27.66 30.12
CA CYS C 333 -4.64 28.79 29.66
C CYS C 333 -3.89 28.66 28.31
N LEU C 334 -3.74 27.45 27.80
CA LEU C 334 -3.02 27.30 26.56
C LEU C 334 -3.73 27.95 25.39
N PHE C 335 -4.98 27.64 25.21
CA PHE C 335 -5.74 28.30 24.16
C PHE C 335 -5.89 29.80 24.43
N PRO C 336 -6.14 30.17 25.65
CA PRO C 336 -6.16 31.62 25.87
C PRO C 336 -4.84 32.31 25.51
N LEU C 337 -3.70 31.65 25.72
CA LEU C 337 -2.44 32.29 25.36
C LEU C 337 -2.44 32.56 23.85
N LEU C 338 -2.99 31.62 23.10
CA LEU C 338 -3.08 31.82 21.67
C LEU C 338 -3.98 32.98 21.31
N ASN C 339 -5.14 33.11 21.98
CA ASN C 339 -6.03 34.22 21.66
C ASN C 339 -5.41 35.58 21.99
N LEU C 340 -4.47 35.59 22.94
CA LEU C 340 -3.80 36.83 23.30
C LEU C 340 -2.66 37.17 22.35
N MSE C 341 -1.78 36.19 22.12
CA MSE C 341 -0.51 36.45 21.48
C MSE C 341 -0.46 35.99 20.04
O MSE C 341 0.31 36.55 19.26
CB MSE C 341 0.63 35.78 22.26
CG MSE C 341 0.85 36.35 23.68
SE MSE C 341 1.00 38.33 23.81
CE MSE C 341 2.36 38.66 22.48
N TYR C 342 -1.23 34.95 19.68
CA TYR C 342 -1.15 34.34 18.34
C TYR C 342 -2.53 34.11 17.71
N PRO C 343 -3.40 35.12 17.74
CA PRO C 343 -4.79 34.83 17.35
C PRO C 343 -4.96 34.35 15.92
N SER C 344 -4.06 34.75 15.02
CA SER C 344 -4.12 34.29 13.61
C SER C 344 -3.96 32.77 13.52
N VAL C 345 -3.19 32.20 14.43
CA VAL C 345 -2.96 30.78 14.40
C VAL C 345 -4.21 30.07 14.94
N ASN C 346 -4.78 30.60 16.02
CA ASN C 346 -5.95 29.94 16.57
C ASN C 346 -7.12 30.07 15.59
N LYS C 347 -7.12 31.10 14.76
CA LYS C 347 -8.14 31.16 13.69
C LYS C 347 -8.09 29.90 12.82
N GLU C 348 -6.90 29.47 12.45
CA GLU C 348 -6.78 28.23 11.68
C GLU C 348 -7.29 27.04 12.48
N MSE C 349 -6.96 27.00 13.77
CA MSE C 349 -7.36 25.89 14.59
C MSE C 349 -8.89 25.83 14.77
O MSE C 349 -9.49 24.75 14.78
CB MSE C 349 -6.70 25.98 15.96
CG MSE C 349 -5.19 25.90 15.89
SE MSE C 349 -4.41 26.36 17.65
CE MSE C 349 -2.57 25.78 17.17
N GLN C 350 -9.50 27.00 14.92
CA GLN C 350 -10.95 27.07 15.10
C GLN C 350 -11.65 26.56 13.83
N GLU C 351 -11.15 26.92 12.66
CA GLU C 351 -11.69 26.42 11.38
C GLU C 351 -11.48 24.92 11.34
N GLY C 352 -10.34 24.45 11.88
CA GLY C 352 -10.17 23.01 12.08
C GLY C 352 -11.24 22.30 12.91
N LEU C 353 -11.66 22.92 14.01
CA LEU C 353 -12.66 22.34 14.88
C LEU C 353 -14.01 22.25 14.17
N ILE C 354 -14.35 23.29 13.41
CA ILE C 354 -15.58 23.23 12.62
C ILE C 354 -15.51 22.01 11.71
N ASN C 355 -14.39 21.85 11.01
CA ASN C 355 -14.21 20.69 10.13
C ASN C 355 -14.32 19.36 10.89
N THR C 356 -13.80 19.33 12.12
CA THR C 356 -13.92 18.13 12.93
C THR C 356 -15.40 17.78 13.20
N TYR C 357 -16.19 18.81 13.50
CA TYR C 357 -17.60 18.58 13.75
C TYR C 357 -18.28 18.12 12.47
N LEU C 358 -17.94 18.75 11.35
CA LEU C 358 -18.58 18.36 10.09
C LEU C 358 -18.20 16.95 9.71
N GLU C 359 -16.98 16.55 10.03
CA GLU C 359 -16.48 15.25 9.57
C GLU C 359 -16.80 14.09 10.52
N SER C 360 -17.04 14.40 11.79
CA SER C 360 -17.19 13.36 12.81
C SER C 360 -18.53 13.44 13.52
N GLY C 361 -19.25 14.55 13.37
CA GLY C 361 -20.50 14.69 14.11
C GLY C 361 -20.37 15.35 15.47
N PHE C 362 -19.13 15.50 15.98
CA PHE C 362 -18.87 16.12 17.29
C PHE C 362 -17.66 17.01 17.26
N PHE C 363 -17.65 18.08 18.05
CA PHE C 363 -16.39 18.74 18.34
C PHE C 363 -15.55 17.76 19.17
N PRO C 364 -14.24 17.81 19.10
CA PRO C 364 -13.36 16.93 19.89
C PRO C 364 -13.20 17.36 21.34
N GLU C 365 -12.76 16.49 22.21
CA GLU C 365 -12.32 16.85 23.52
C GLU C 365 -10.85 16.42 23.60
N TRP C 366 -10.61 15.12 23.43
CA TRP C 366 -9.26 14.58 23.20
C TRP C 366 -9.16 13.99 21.80
N ALA C 367 -8.21 14.51 21.06
CA ALA C 367 -7.94 14.08 19.72
C ALA C 367 -6.50 13.76 19.48
N SER C 368 -6.25 12.56 18.98
CA SER C 368 -4.93 12.11 18.61
C SER C 368 -4.91 10.83 17.74
N PRO C 369 -4.99 10.95 16.43
CA PRO C 369 -5.38 12.16 15.72
C PRO C 369 -6.90 12.40 15.64
N GLY C 370 -7.67 11.32 15.65
CA GLY C 370 -9.11 11.33 15.74
C GLY C 370 -9.58 11.27 17.21
N HIS C 371 -10.87 11.08 17.42
CA HIS C 371 -11.38 11.09 18.76
C HIS C 371 -10.76 9.97 19.60
N ARG C 372 -10.23 10.31 20.75
CA ARG C 372 -9.61 9.37 21.66
C ARG C 372 -10.27 9.42 23.05
N GLY C 373 -10.41 8.26 23.69
CA GLY C 373 -11.04 8.22 24.98
C GLY C 373 -10.09 8.60 26.11
N CYS C 374 -10.23 9.83 26.58
CA CYS C 374 -9.35 10.33 27.63
C CYS C 374 -9.90 11.59 28.32
N MSE C 375 -9.78 11.59 29.64
CA MSE C 375 -10.23 12.68 30.49
C MSE C 375 -11.78 12.92 30.42
O MSE C 375 -12.47 12.07 30.12
CB MSE C 375 -9.44 13.97 30.27
CG MSE C 375 -8.00 13.80 30.29
SE MSE C 375 -7.42 12.82 31.92
CE MSE C 375 -7.97 13.99 33.17
N VAL C 376 -12.24 14.11 30.79
CA VAL C 376 -13.62 14.44 30.97
C VAL C 376 -14.01 15.88 30.56
N GLY C 377 -15.31 16.17 30.61
CA GLY C 377 -15.80 17.54 30.39
C GLY C 377 -16.21 17.81 28.96
N ASN C 378 -16.82 18.96 28.73
CA ASN C 378 -17.24 19.38 27.40
C ASN C 378 -16.51 20.70 27.08
N ASN C 379 -15.21 20.73 27.38
CA ASN C 379 -14.48 22.01 27.35
C ASN C 379 -14.12 22.58 25.98
N SER C 380 -14.38 21.82 24.93
CA SER C 380 -14.46 22.41 23.58
C SER C 380 -15.34 23.65 23.62
N ALA C 381 -16.39 23.64 24.45
CA ALA C 381 -17.28 24.81 24.51
C ALA C 381 -16.50 26.07 24.93
N SER C 382 -15.62 25.91 25.91
CA SER C 382 -14.74 27.00 26.38
C SER C 382 -13.76 27.44 25.27
N ILE C 383 -13.11 26.48 24.62
CA ILE C 383 -12.20 26.80 23.52
C ILE C 383 -12.95 27.65 22.47
N LEU C 384 -14.08 27.14 22.04
CA LEU C 384 -14.78 27.74 20.90
C LEU C 384 -15.32 29.11 21.28
N VAL C 385 -15.84 29.24 22.49
CA VAL C 385 -16.47 30.49 22.85
C VAL C 385 -15.41 31.54 23.18
N ASP C 386 -14.34 31.12 23.86
CA ASP C 386 -13.30 32.10 24.24
C ASP C 386 -12.73 32.72 22.97
N ALA C 387 -12.55 31.90 21.94
CA ALA C 387 -12.03 32.40 20.70
C ALA C 387 -12.98 33.42 20.08
N TYR C 388 -14.23 33.02 19.94
CA TYR C 388 -15.24 33.93 19.36
C TYR C 388 -15.29 35.28 20.08
N MSE C 389 -15.35 35.23 21.40
CA MSE C 389 -15.49 36.45 22.19
C MSE C 389 -14.24 37.31 22.12
O MSE C 389 -14.32 38.52 22.35
CB MSE C 389 -15.86 36.17 23.64
CG MSE C 389 -17.16 35.34 23.82
SE MSE C 389 -18.74 36.17 22.97
CE MSE C 389 -19.82 36.13 24.58
N LYS C 390 -13.11 36.71 21.79
CA LYS C 390 -11.86 37.46 21.65
C LYS C 390 -11.55 37.82 20.20
N GLY C 391 -12.58 37.83 19.37
CA GLY C 391 -12.43 38.26 17.99
C GLY C 391 -11.82 37.25 17.04
N VAL C 392 -11.68 36.00 17.48
CA VAL C 392 -11.27 34.90 16.60
C VAL C 392 -12.54 34.15 16.12
N LYS C 393 -13.11 34.60 15.00
CA LYS C 393 -14.46 34.20 14.60
C LYS C 393 -14.41 33.28 13.39
N VAL C 394 -14.94 32.07 13.53
CA VAL C 394 -14.96 31.15 12.41
C VAL C 394 -15.89 31.70 11.32
N ASP C 395 -15.71 31.20 10.11
CA ASP C 395 -16.54 31.62 8.96
C ASP C 395 -17.97 31.07 9.03
N ASP C 396 -18.17 29.94 9.70
CA ASP C 396 -19.48 29.31 9.76
C ASP C 396 -20.00 29.31 11.20
N ILE C 397 -20.53 30.44 11.62
CA ILE C 397 -21.07 30.64 12.97
C ILE C 397 -22.34 29.81 13.17
N LYS C 398 -23.12 29.63 12.09
CA LYS C 398 -24.28 28.75 12.20
C LYS C 398 -23.85 27.36 12.66
N THR C 399 -22.86 26.80 12.01
CA THR C 399 -22.46 25.45 12.35
C THR C 399 -21.80 25.40 13.72
N LEU C 400 -21.05 26.45 14.05
CA LEU C 400 -20.45 26.58 15.37
C LEU C 400 -21.52 26.38 16.44
N TYR C 401 -22.59 27.15 16.36
CA TYR C 401 -23.63 27.09 17.39
C TYR C 401 -24.37 25.74 17.41
N GLU C 402 -24.73 25.25 16.24
CA GLU C 402 -25.33 23.93 16.13
C GLU C 402 -24.45 22.86 16.79
N GLY C 403 -23.14 22.90 16.49
CA GLY C 403 -22.21 21.92 17.08
C GLY C 403 -22.15 22.02 18.59
N LEU C 404 -22.16 23.24 19.11
CA LEU C 404 -22.17 23.44 20.55
C LEU C 404 -23.42 22.80 21.18
N ILE C 405 -24.59 23.10 20.63
CA ILE C 405 -25.83 22.52 21.17
C ILE C 405 -25.82 21.01 21.06
N HIS C 406 -25.31 20.49 19.97
CA HIS C 406 -25.29 19.07 19.76
C HIS C 406 -24.45 18.37 20.85
N GLY C 407 -23.35 18.96 21.25
CA GLY C 407 -22.54 18.38 22.29
C GLY C 407 -23.25 18.28 23.65
N THR C 408 -24.21 19.17 23.89
CA THR C 408 -24.95 19.23 25.15
C THR C 408 -25.93 18.06 25.35
N GLU C 409 -26.25 17.40 24.27
CA GLU C 409 -27.28 16.37 24.27
C GLU C 409 -26.97 15.05 23.58
N ASN C 410 -25.70 14.78 23.39
CA ASN C 410 -25.21 13.56 22.86
C ASN C 410 -23.86 13.15 23.49
N VAL C 411 -23.59 11.86 23.49
CA VAL C 411 -22.28 11.33 23.77
C VAL C 411 -21.80 10.47 22.58
N HIS C 412 -20.54 10.54 22.20
CA HIS C 412 -20.08 9.74 21.09
C HIS C 412 -20.23 8.25 21.42
N PRO C 413 -20.77 7.45 20.48
CA PRO C 413 -21.05 6.06 20.82
C PRO C 413 -19.82 5.19 21.07
N GLU C 414 -18.65 5.58 20.57
CA GLU C 414 -17.44 4.80 20.81
C GLU C 414 -16.47 5.47 21.78
N VAL C 415 -16.57 6.78 21.93
CA VAL C 415 -15.58 7.50 22.73
C VAL C 415 -16.34 8.32 23.78
N SER C 416 -16.36 7.83 25.01
CA SER C 416 -17.26 8.38 26.02
C SER C 416 -16.85 9.78 26.46
N SER C 417 -15.58 10.14 26.24
CA SER C 417 -15.11 11.51 26.57
C SER C 417 -15.41 12.53 25.47
N THR C 418 -16.07 12.08 24.41
CA THR C 418 -16.45 12.99 23.32
C THR C 418 -17.95 13.20 23.39
N GLY C 419 -18.37 14.47 23.36
CA GLY C 419 -19.74 14.83 23.74
C GLY C 419 -19.87 14.73 25.26
N ARG C 420 -21.11 14.62 25.76
CA ARG C 420 -21.31 14.66 27.20
C ARG C 420 -21.83 13.36 27.79
N LEU C 421 -20.93 12.53 28.32
CA LEU C 421 -21.37 11.36 29.04
C LEU C 421 -22.20 11.81 30.25
N GLY C 422 -23.35 11.18 30.46
CA GLY C 422 -24.22 11.57 31.56
C GLY C 422 -25.14 12.74 31.28
N TYR C 423 -25.25 13.20 30.04
CA TYR C 423 -26.02 14.42 29.76
C TYR C 423 -27.50 14.26 30.16
N GLU C 424 -28.02 13.03 30.09
CA GLU C 424 -29.44 12.80 30.40
C GLU C 424 -29.72 13.10 31.86
N TYR C 425 -28.86 12.57 32.75
CA TYR C 425 -28.99 12.85 34.17
C TYR C 425 -28.74 14.32 34.45
N TYR C 426 -27.67 14.84 33.85
CA TYR C 426 -27.28 16.21 34.08
C TYR C 426 -28.37 17.17 33.63
N ASN C 427 -28.98 16.92 32.47
CA ASN C 427 -30.01 17.84 32.00
C ASN C 427 -31.30 17.79 32.84
N LYS C 428 -31.60 16.61 33.39
CA LYS C 428 -32.79 16.39 34.22
C LYS C 428 -32.58 16.78 35.69
N LEU C 429 -31.48 16.32 36.30
CA LEU C 429 -31.24 16.52 37.73
C LEU C 429 -30.41 17.74 38.09
N GLY C 430 -29.65 18.26 37.12
CA GLY C 430 -28.69 19.33 37.37
C GLY C 430 -27.33 18.82 37.86
N TYR C 431 -27.10 17.52 37.77
CA TYR C 431 -25.78 16.93 38.06
C TYR C 431 -25.70 15.51 37.54
N VAL C 432 -24.48 15.00 37.37
CA VAL C 432 -24.30 13.58 37.09
C VAL C 432 -24.15 12.89 38.43
N PRO C 433 -25.02 11.89 38.70
CA PRO C 433 -25.00 11.23 40.00
C PRO C 433 -23.78 10.33 40.25
N TYR C 434 -23.60 10.01 41.52
CA TYR C 434 -22.45 9.30 42.03
C TYR C 434 -22.65 7.80 41.96
N ASP C 435 -23.91 7.37 41.80
CA ASP C 435 -24.23 5.94 41.87
C ASP C 435 -24.96 5.41 40.62
N VAL C 436 -24.60 5.89 39.44
CA VAL C 436 -25.21 5.41 38.20
C VAL C 436 -24.15 4.88 37.23
N LYS C 437 -23.07 4.34 37.79
CA LYS C 437 -21.98 3.76 36.99
C LYS C 437 -21.40 4.74 35.98
N ILE C 438 -21.42 6.03 36.33
CA ILE C 438 -20.67 7.01 35.56
C ILE C 438 -19.59 7.63 36.44
N ASN C 439 -18.38 7.12 36.30
CA ASN C 439 -17.27 7.58 37.13
C ASN C 439 -16.88 9.03 36.85
N GLU C 440 -16.14 9.66 37.77
CA GLU C 440 -15.73 11.05 37.60
C GLU C 440 -16.94 11.99 37.48
N ASN C 441 -18.06 11.57 38.07
CA ASN C 441 -19.32 12.29 37.92
C ASN C 441 -19.31 13.72 38.44
N ALA C 442 -18.63 13.97 39.57
CA ALA C 442 -18.59 15.32 40.13
C ALA C 442 -17.72 16.25 39.26
N ALA C 443 -16.58 15.72 38.79
CA ALA C 443 -15.73 16.47 37.84
C ALA C 443 -16.52 16.87 36.60
N ARG C 444 -17.24 15.91 36.02
CA ARG C 444 -18.04 16.20 34.82
C ARG C 444 -19.09 17.28 35.10
N THR C 445 -19.75 17.17 36.24
CA THR C 445 -20.81 18.11 36.57
C THR C 445 -20.25 19.52 36.61
N LEU C 446 -19.13 19.68 37.32
CA LEU C 446 -18.54 21.00 37.52
C LEU C 446 -18.09 21.59 36.21
N GLU C 447 -17.40 20.79 35.39
CA GLU C 447 -16.96 21.34 34.12
C GLU C 447 -18.13 21.62 33.18
N TYR C 448 -19.12 20.72 33.15
CA TYR C 448 -20.32 20.99 32.32
C TYR C 448 -20.97 22.32 32.69
N ALA C 449 -21.01 22.65 33.98
CA ALA C 449 -21.68 23.89 34.38
C ALA C 449 -20.90 25.09 33.82
N TYR C 450 -19.57 24.99 33.85
CA TYR C 450 -18.74 26.04 33.27
C TYR C 450 -18.95 26.11 31.75
N ASP C 451 -18.95 24.93 31.10
CA ASP C 451 -19.12 24.85 29.68
C ASP C 451 -20.48 25.46 29.29
N ASP C 452 -21.48 25.23 30.13
CA ASP C 452 -22.80 25.80 29.91
C ASP C 452 -22.79 27.31 30.10
N TRP C 453 -22.03 27.82 31.07
CA TRP C 453 -21.88 29.26 31.13
C TRP C 453 -21.25 29.80 29.82
N CYS C 454 -20.31 29.06 29.23
CA CYS C 454 -19.72 29.51 27.96
C CYS C 454 -20.76 29.58 26.85
N ILE C 455 -21.62 28.56 26.78
CA ILE C 455 -22.67 28.55 25.79
C ILE C 455 -23.65 29.70 26.06
N TYR C 456 -24.02 29.88 27.32
CA TYR C 456 -24.81 31.05 27.64
C TYR C 456 -24.19 32.35 27.11
N ARG C 457 -22.87 32.51 27.28
CA ARG C 457 -22.22 33.75 26.82
C ARG C 457 -22.38 33.95 25.30
N LEU C 458 -22.18 32.87 24.56
CA LEU C 458 -22.27 32.96 23.11
C LEU C 458 -23.71 33.16 22.70
N ALA C 459 -24.63 32.42 23.33
CA ALA C 459 -26.04 32.50 22.96
C ALA C 459 -26.54 33.92 23.14
N LYS C 460 -26.12 34.56 24.23
CA LYS C 460 -26.48 35.95 24.49
C LYS C 460 -25.85 36.87 23.44
N GLU C 461 -24.56 36.64 23.14
CA GLU C 461 -23.87 37.43 22.13
C GLU C 461 -24.57 37.30 20.76
N LEU C 462 -24.99 36.09 20.43
CA LEU C 462 -25.61 35.81 19.13
C LEU C 462 -27.10 36.13 19.11
N LYS C 463 -27.62 36.63 20.24
CA LYS C 463 -29.05 36.95 20.35
C LYS C 463 -29.98 35.81 19.96
N ARG C 464 -29.69 34.64 20.52
CA ARG C 464 -30.58 33.49 20.42
C ARG C 464 -31.83 33.80 21.23
N PRO C 465 -32.87 32.98 21.11
CA PRO C 465 -34.13 33.16 21.86
C PRO C 465 -33.91 33.32 23.38
N LYS C 466 -34.68 34.18 24.02
CA LYS C 466 -34.59 34.41 25.45
C LYS C 466 -34.59 33.09 26.23
N LYS C 467 -35.45 32.18 25.80
CA LYS C 467 -35.63 30.87 26.42
C LYS C 467 -34.35 30.04 26.44
N GLU C 468 -33.64 30.07 25.32
CA GLU C 468 -32.41 29.33 25.15
C GLU C 468 -31.31 29.90 26.07
N ILE C 469 -31.19 31.22 26.05
CA ILE C 469 -30.22 31.93 26.89
C ILE C 469 -30.50 31.60 28.34
N SER C 470 -31.79 31.62 28.73
CA SER C 470 -32.15 31.29 30.10
C SER C 470 -31.80 29.88 30.49
N LEU C 471 -31.97 28.93 29.57
CA LEU C 471 -31.67 27.52 29.89
C LEU C 471 -30.21 27.39 30.28
N PHE C 472 -29.33 27.99 29.47
CA PHE C 472 -27.91 27.84 29.76
C PHE C 472 -27.47 28.67 30.98
N ALA C 473 -28.11 29.81 31.20
CA ALA C 473 -27.90 30.56 32.44
C ALA C 473 -28.18 29.71 33.68
N LYS C 474 -29.22 28.90 33.60
CA LYS C 474 -29.65 28.02 34.69
C LYS C 474 -28.66 26.88 34.88
N ARG C 475 -28.28 26.23 33.79
CA ARG C 475 -27.31 25.14 33.89
C ARG C 475 -25.96 25.64 34.40
N ALA C 476 -25.59 26.88 34.07
CA ALA C 476 -24.34 27.42 34.60
C ALA C 476 -24.26 27.37 36.12
N MSE C 477 -25.42 27.28 36.78
CA MSE C 477 -25.45 27.32 38.22
C MSE C 477 -25.46 25.91 38.79
O MSE C 477 -25.57 25.74 40.01
CB MSE C 477 -26.69 28.11 38.69
CG MSE C 477 -26.63 29.58 38.32
SE MSE C 477 -25.08 30.49 39.12
CE MSE C 477 -25.70 32.34 38.86
N ASN C 478 -25.30 24.91 37.91
CA ASN C 478 -25.38 23.50 38.35
C ASN C 478 -24.29 23.08 39.33
N TYR C 479 -23.21 23.85 39.42
CA TYR C 479 -22.18 23.53 40.40
C TYR C 479 -22.77 23.53 41.83
N LYS C 480 -23.84 24.27 42.03
CA LYS C 480 -24.39 24.40 43.37
C LYS C 480 -25.01 23.09 43.83
N ASN C 481 -25.33 22.23 42.87
CA ASN C 481 -26.03 21.00 43.16
C ASN C 481 -25.15 19.96 43.85
N LEU C 482 -23.82 20.16 43.81
CA LEU C 482 -22.88 19.22 44.44
C LEU C 482 -22.16 19.82 45.65
N PHE C 483 -22.60 21.00 46.08
CA PHE C 483 -21.93 21.69 47.17
C PHE C 483 -22.48 21.20 48.51
N ASP C 484 -21.60 20.64 49.34
CA ASP C 484 -22.02 20.09 50.62
C ASP C 484 -21.78 21.12 51.74
N LYS C 485 -22.85 21.74 52.24
CA LYS C 485 -22.73 22.79 53.29
C LYS C 485 -21.94 22.34 54.55
N GLU C 486 -22.11 21.09 54.96
CA GLU C 486 -21.38 20.63 56.14
C GLU C 486 -19.87 20.80 55.94
N SER C 487 -19.34 20.22 54.86
CA SER C 487 -17.90 20.23 54.66
C SER C 487 -17.39 21.51 53.97
N LYS C 488 -18.30 22.22 53.29
CA LYS C 488 -17.94 23.33 52.44
C LYS C 488 -17.15 22.89 51.20
N LEU C 489 -17.33 21.63 50.79
CA LEU C 489 -16.62 21.07 49.61
C LEU C 489 -17.60 20.48 48.60
N MSE C 490 -17.14 20.24 47.37
CA MSE C 490 -17.97 19.53 46.39
C MSE C 490 -17.96 18.05 46.76
O MSE C 490 -16.96 17.55 47.26
CB MSE C 490 -17.44 19.72 44.96
CG MSE C 490 -17.59 21.15 44.47
SE MSE C 490 -19.43 21.83 44.44
CE MSE C 490 -19.03 23.71 44.06
N ARG C 491 -19.06 17.35 46.47
CA ARG C 491 -19.26 15.98 46.96
C ARG C 491 -20.16 15.23 46.01
N GLY C 492 -19.83 13.98 45.74
CA GLY C 492 -20.69 13.17 44.88
C GLY C 492 -22.10 13.12 45.46
N ARG C 493 -23.09 13.13 44.56
CA ARG C 493 -24.48 13.10 44.98
C ARG C 493 -25.23 11.94 44.32
N ASN C 494 -26.02 11.22 45.12
CA ASN C 494 -26.72 10.05 44.61
C ASN C 494 -27.88 10.46 43.74
N GLU C 495 -28.33 9.53 42.91
CA GLU C 495 -29.47 9.75 42.04
C GLU C 495 -30.71 10.21 42.81
N ASP C 496 -30.90 9.67 44.01
CA ASP C 496 -32.05 10.04 44.83
C ASP C 496 -31.89 11.41 45.47
N GLY C 497 -30.70 11.99 45.33
CA GLY C 497 -30.53 13.36 45.80
C GLY C 497 -29.79 13.47 47.12
N THR C 498 -29.59 12.35 47.81
CA THR C 498 -28.75 12.38 49.01
C THR C 498 -27.27 12.47 48.61
N PHE C 499 -26.47 13.19 49.38
CA PHE C 499 -25.02 13.16 49.17
C PHE C 499 -24.44 11.79 49.53
N GLN C 500 -23.42 11.35 48.79
CA GLN C 500 -22.88 10.02 49.01
C GLN C 500 -22.15 9.91 50.35
N SER C 501 -22.31 8.77 51.01
CA SER C 501 -21.54 8.47 52.22
C SER C 501 -20.95 7.08 52.13
N PRO C 502 -19.80 6.85 52.78
CA PRO C 502 -19.14 7.91 53.54
C PRO C 502 -18.34 8.83 52.60
N PHE C 503 -18.25 10.09 52.97
CA PHE C 503 -17.57 11.10 52.16
C PHE C 503 -16.12 11.21 52.62
N SER C 504 -15.20 11.02 51.68
CA SER C 504 -13.79 11.20 51.97
C SER C 504 -13.20 12.33 51.09
N PRO C 505 -13.08 13.54 51.64
CA PRO C 505 -12.53 14.68 50.91
C PRO C 505 -11.15 14.43 50.31
N LEU C 506 -10.35 13.53 50.87
CA LEU C 506 -8.98 13.35 50.41
C LEU C 506 -8.85 12.23 49.39
N LYS C 507 -9.98 11.61 49.08
CA LYS C 507 -9.98 10.49 48.16
C LYS C 507 -9.85 10.97 46.71
N TRP C 508 -8.80 10.52 46.06
CA TRP C 508 -8.59 10.82 44.67
C TRP C 508 -9.45 9.98 43.75
N GLY C 509 -9.80 10.53 42.59
CA GLY C 509 -10.60 9.80 41.64
C GLY C 509 -12.05 9.59 42.06
N ASP C 510 -12.67 8.54 41.55
CA ASP C 510 -14.03 8.22 41.92
C ASP C 510 -15.00 9.29 41.41
N ALA C 511 -15.44 10.16 42.28
CA ALA C 511 -16.26 11.30 41.91
C ALA C 511 -15.49 12.32 41.06
N PHE C 512 -14.20 12.33 41.26
CA PHE C 512 -13.36 13.30 40.66
C PHE C 512 -12.36 12.68 39.69
N THR C 513 -11.59 13.50 39.06
CA THR C 513 -10.54 12.92 38.28
C THR C 513 -9.25 13.72 38.45
N GLU C 514 -8.13 13.01 38.39
CA GLU C 514 -6.81 13.62 38.68
C GLU C 514 -6.93 14.53 39.91
N GLY C 515 -7.28 13.96 41.05
CA GLY C 515 -7.40 14.77 42.24
C GLY C 515 -8.59 14.44 43.12
N ASN C 516 -8.75 15.21 44.20
CA ASN C 516 -9.80 14.92 45.17
C ASN C 516 -10.68 16.14 45.32
N SER C 517 -11.59 16.12 46.28
CA SER C 517 -12.53 17.26 46.40
C SER C 517 -11.80 18.56 46.67
N TRP C 518 -10.73 18.49 47.45
CA TRP C 518 -9.94 19.69 47.77
C TRP C 518 -9.30 20.33 46.53
N HIS C 519 -9.08 19.52 45.50
CA HIS C 519 -8.62 20.06 44.22
C HIS C 519 -9.76 20.57 43.32
N TYR C 520 -10.85 19.82 43.24
CA TYR C 520 -11.89 20.11 42.26
C TYR C 520 -12.92 21.14 42.73
N THR C 521 -13.00 21.36 44.05
CA THR C 521 -14.05 22.21 44.58
C THR C 521 -13.99 23.60 43.97
N TRP C 522 -12.79 24.05 43.64
CA TRP C 522 -12.56 25.39 43.10
C TRP C 522 -12.95 25.57 41.61
N SER C 523 -13.46 24.52 40.97
CA SER C 523 -13.70 24.60 39.53
C SER C 523 -15.03 25.31 39.25
N VAL C 524 -15.10 26.61 39.54
CA VAL C 524 -16.27 27.45 39.24
C VAL C 524 -15.72 28.75 38.63
N PHE C 525 -15.08 28.60 37.48
CA PHE C 525 -14.33 29.63 36.89
C PHE C 525 -15.17 30.91 36.62
N HIS C 526 -16.38 30.69 36.24
CA HIS C 526 -17.31 31.71 35.83
C HIS C 526 -18.07 32.39 36.99
N ASP C 527 -17.95 31.84 38.19
CA ASP C 527 -18.69 32.38 39.31
C ASP C 527 -17.98 32.23 40.69
N PRO C 528 -16.76 32.74 40.84
CA PRO C 528 -16.08 32.59 42.12
C PRO C 528 -16.91 33.27 43.26
N GLN C 529 -17.56 34.37 42.96
CA GLN C 529 -18.43 35.00 43.97
C GLN C 529 -19.53 34.06 44.42
N GLY C 530 -20.05 33.29 43.51
CA GLY C 530 -21.04 32.32 43.80
C GLY C 530 -20.50 31.27 44.78
N LEU C 531 -19.28 30.84 44.56
CA LEU C 531 -18.63 29.89 45.41
C LEU C 531 -18.36 30.46 46.82
N ILE C 532 -17.89 31.69 46.83
CA ILE C 532 -17.67 32.41 48.06
C ILE C 532 -18.97 32.50 48.86
N ASP C 533 -20.07 32.87 48.21
CA ASP C 533 -21.38 32.90 48.89
C ASP C 533 -21.74 31.51 49.48
N LEU C 534 -21.53 30.45 48.70
CA LEU C 534 -21.85 29.10 49.13
C LEU C 534 -21.10 28.77 50.41
N MSE C 535 -19.85 29.19 50.48
CA MSE C 535 -19.01 28.87 51.64
C MSE C 535 -19.27 29.79 52.84
O MSE C 535 -18.66 29.61 53.89
CB MSE C 535 -17.55 28.95 51.24
CG MSE C 535 -17.13 27.78 50.38
SE MSE C 535 -15.23 27.80 50.14
CE MSE C 535 -14.99 26.23 48.96
N GLY C 536 -20.13 30.78 52.67
CA GLY C 536 -20.48 31.69 53.76
C GLY C 536 -19.67 32.98 53.80
N GLY C 537 -19.11 33.39 52.67
CA GLY C 537 -18.45 34.70 52.60
C GLY C 537 -16.95 34.67 52.43
N LYS C 538 -16.37 35.82 52.11
N LYS C 538 -16.35 35.80 52.07
CA LYS C 538 -14.96 35.86 51.75
CA LYS C 538 -14.93 35.76 51.74
C LYS C 538 -14.04 35.32 52.86
C LYS C 538 -14.04 35.26 52.86
N GLU C 539 -14.39 35.55 54.13
CA GLU C 539 -13.57 35.09 55.25
C GLU C 539 -13.44 33.57 55.32
N MSE C 540 -14.57 32.88 55.28
CA MSE C 540 -14.58 31.42 55.27
C MSE C 540 -13.90 30.88 53.98
O MSE C 540 -13.19 29.87 54.03
CB MSE C 540 -16.02 30.91 55.40
CG MSE C 540 -16.18 29.38 55.65
SE MSE C 540 -14.83 28.57 56.82
CE MSE C 540 -15.54 26.78 57.11
N PHE C 541 -14.14 31.56 52.86
CA PHE C 541 -13.50 31.18 51.59
C PHE C 541 -11.98 31.22 51.72
N VAL C 542 -11.47 32.33 52.23
CA VAL C 542 -10.05 32.44 52.49
C VAL C 542 -9.56 31.41 53.51
N THR C 543 -10.32 31.15 54.57
CA THR C 543 -9.93 30.10 55.54
C THR C 543 -9.77 28.75 54.82
N MSE C 544 -10.75 28.44 53.96
CA MSE C 544 -10.74 27.19 53.21
C MSE C 544 -9.53 27.10 52.28
O MSE C 544 -8.80 26.09 52.28
CB MSE C 544 -12.08 27.02 52.45
CG MSE C 544 -13.32 26.64 53.36
SE MSE C 544 -13.13 24.87 54.19
CE MSE C 544 -13.33 23.79 52.55
N MSE C 545 -9.29 28.14 51.49
CA MSE C 545 -8.12 28.25 50.59
CA MSE C 545 -8.16 28.10 50.57
C MSE C 545 -6.82 28.02 51.32
O MSE C 545 -5.97 27.23 50.92
CB MSE C 545 -8.03 29.69 50.06
CB MSE C 545 -8.16 29.26 49.60
CG MSE C 545 -8.95 30.06 48.93
CG MSE C 545 -8.10 28.86 48.11
SE MSE C 545 -7.99 30.19 47.27
SE MSE C 545 -7.33 30.36 47.07
CE MSE C 545 -9.18 29.12 46.33
CE MSE C 545 -8.75 31.64 47.54
N ASP C 546 -6.66 28.80 52.39
CA ASP C 546 -5.45 28.72 53.25
C ASP C 546 -5.22 27.31 53.73
N SER C 547 -6.30 26.59 54.03
CA SER C 547 -6.10 25.26 54.59
C SER C 547 -5.58 24.28 53.54
N VAL C 548 -5.76 24.58 52.25
CA VAL C 548 -5.20 23.70 51.21
C VAL C 548 -3.67 23.58 51.38
N PHE C 549 -3.02 24.70 51.65
CA PHE C 549 -1.59 24.71 51.89
C PHE C 549 -1.21 24.24 53.28
N ALA C 550 -2.07 24.49 54.25
CA ALA C 550 -1.66 24.34 55.65
C ALA C 550 -1.64 22.90 56.09
N VAL C 551 -2.52 22.09 55.52
CA VAL C 551 -2.59 20.70 55.89
C VAL C 551 -1.50 19.95 55.18
N PRO C 552 -1.15 18.76 55.67
CA PRO C 552 -0.14 17.90 55.02
C PRO C 552 -0.69 17.20 53.77
N PRO C 553 0.22 16.78 52.87
CA PRO C 553 -0.16 16.14 51.60
C PRO C 553 -0.71 14.76 51.85
N ILE C 554 -1.60 14.64 52.81
CA ILE C 554 -2.23 13.35 53.10
C ILE C 554 -3.24 12.97 52.01
N PHE C 555 -3.46 11.68 51.78
CA PHE C 555 -4.32 11.27 50.66
C PHE C 555 -4.99 9.95 50.93
N ASP C 556 -5.99 9.66 50.13
CA ASP C 556 -6.67 8.37 50.14
C ASP C 556 -6.62 7.83 48.71
N ASP C 557 -5.87 6.75 48.51
CA ASP C 557 -5.65 6.23 47.17
C ASP C 557 -6.47 4.98 46.80
N SER C 558 -7.42 4.62 47.65
CA SER C 558 -8.18 3.35 47.50
C SER C 558 -8.85 3.16 46.15
N TYR C 559 -9.05 4.24 45.40
CA TYR C 559 -9.69 4.13 44.12
C TYR C 559 -8.76 3.53 43.08
N TYR C 560 -7.46 3.70 43.31
CA TYR C 560 -6.43 3.21 42.41
C TYR C 560 -5.77 1.97 42.97
N GLY C 561 -5.74 1.83 44.29
CA GLY C 561 -5.07 0.71 44.93
C GLY C 561 -3.56 0.87 44.81
N GLN C 562 -3.11 2.12 44.80
CA GLN C 562 -1.77 2.42 44.33
C GLN C 562 -1.48 3.90 44.45
N VAL C 563 -0.20 4.25 44.65
CA VAL C 563 0.16 5.68 44.68
C VAL C 563 0.50 6.05 43.27
N ILE C 564 -0.48 6.49 42.50
CA ILE C 564 -0.18 6.85 41.15
C ILE C 564 0.76 8.07 41.18
N HIS C 565 1.51 8.27 40.11
CA HIS C 565 2.50 9.35 40.08
C HIS C 565 1.93 10.72 40.44
N GLU C 566 0.68 10.98 40.04
CA GLU C 566 0.02 12.24 40.35
C GLU C 566 -0.05 12.49 41.84
N ILE C 567 -0.35 11.44 42.61
CA ILE C 567 -0.34 11.57 44.05
C ILE C 567 1.08 11.76 44.58
N ARG C 568 2.02 10.96 44.06
CA ARG C 568 3.40 11.04 44.54
C ARG C 568 3.95 12.45 44.32
N GLU C 569 3.66 13.01 43.14
CA GLU C 569 4.06 14.37 42.81
C GLU C 569 3.57 15.39 43.83
N MSE C 570 2.34 15.25 44.30
CA MSE C 570 1.86 16.15 45.35
C MSE C 570 2.69 15.99 46.61
O MSE C 570 3.15 16.98 47.21
CB MSE C 570 0.40 15.91 45.67
CG MSE C 570 -0.14 16.85 46.73
SE MSE C 570 -1.82 16.22 47.42
CE MSE C 570 -1.30 14.43 48.01
N THR C 571 2.91 14.73 47.01
CA THR C 571 3.50 14.46 48.33
C THR C 571 4.89 15.04 48.51
N VAL C 572 5.69 15.02 47.45
CA VAL C 572 7.09 15.34 47.62
C VAL C 572 7.36 16.85 47.77
N MSE C 573 6.39 17.68 47.40
CA MSE C 573 6.59 19.14 47.36
C MSE C 573 6.46 19.85 48.71
O MSE C 573 6.91 20.99 48.87
CB MSE C 573 5.64 19.81 46.33
CG MSE C 573 5.78 19.21 44.95
SE MSE C 573 7.61 19.33 44.34
CE MSE C 573 7.93 21.19 44.76
N ASN C 574 5.85 19.19 49.69
CA ASN C 574 5.49 19.82 50.97
C ASN C 574 4.77 21.18 50.76
N MSE C 575 3.76 21.19 49.91
CA MSE C 575 2.92 22.37 49.73
C MSE C 575 1.48 21.99 50.07
O MSE C 575 0.52 22.42 49.42
CB MSE C 575 3.03 22.92 48.31
CG MSE C 575 4.39 23.55 48.07
SE MSE C 575 4.45 24.45 46.36
CE MSE C 575 3.02 25.82 46.73
N GLY C 576 1.35 21.17 51.11
CA GLY C 576 0.04 20.65 51.52
C GLY C 576 -0.68 19.92 50.41
N ASN C 577 -1.95 20.22 50.23
CA ASN C 577 -2.70 19.65 49.15
C ASN C 577 -2.69 20.46 47.85
N TYR C 578 -1.88 21.51 47.78
CA TYR C 578 -1.77 22.22 46.52
C TYR C 578 -0.93 21.42 45.52
N ALA C 579 -1.58 20.57 44.73
CA ALA C 579 -0.85 19.73 43.78
C ALA C 579 -0.81 20.46 42.43
N HIS C 580 0.25 21.22 42.21
CA HIS C 580 0.25 22.20 41.12
C HIS C 580 0.10 21.53 39.75
N GLY C 581 0.59 20.29 39.62
CA GLY C 581 0.44 19.56 38.34
C GLY C 581 -0.99 19.13 38.04
N ASN C 582 -1.88 19.13 39.05
CA ASN C 582 -3.27 18.71 38.82
C ASN C 582 -3.99 19.85 38.09
N GLN C 583 -4.27 19.67 36.80
CA GLN C 583 -4.92 20.73 36.02
C GLN C 583 -6.06 21.46 36.73
N PRO C 584 -6.97 20.72 37.38
CA PRO C 584 -8.14 21.43 37.90
C PRO C 584 -7.80 22.50 38.95
N ILE C 585 -6.66 22.39 39.62
CA ILE C 585 -6.35 23.33 40.70
C ILE C 585 -5.53 24.55 40.22
N GLN C 586 -5.17 24.58 38.94
CA GLN C 586 -4.13 25.51 38.50
C GLN C 586 -4.50 26.99 38.52
N HIS C 587 -5.81 27.27 38.48
CA HIS C 587 -6.26 28.67 38.58
C HIS C 587 -6.47 29.05 40.05
N MSE C 588 -6.41 28.06 40.94
CA MSE C 588 -6.94 28.27 42.31
C MSE C 588 -6.36 29.49 43.06
O MSE C 588 -7.09 30.23 43.73
CB MSE C 588 -6.70 27.01 43.17
CG MSE C 588 -7.51 27.02 44.49
SE MSE C 588 -6.62 26.03 45.94
CE MSE C 588 -5.17 27.27 46.17
N ILE C 589 -5.04 29.64 42.99
CA ILE C 589 -4.37 30.68 43.75
C ILE C 589 -4.88 32.06 43.34
N TYR C 590 -5.18 32.22 42.04
CA TYR C 590 -5.69 33.51 41.54
C TYR C 590 -7.04 33.85 42.21
N LEU C 591 -7.71 32.85 42.77
CA LEU C 591 -9.01 33.09 43.41
C LEU C 591 -8.90 33.97 44.67
N TYR C 592 -7.71 34.01 45.29
CA TYR C 592 -7.49 34.96 46.39
C TYR C 592 -7.89 36.38 46.00
N ASP C 593 -7.66 36.73 44.73
CA ASP C 593 -8.07 38.04 44.22
C ASP C 593 -9.57 38.29 44.40
N TYR C 594 -10.38 37.24 44.27
CA TYR C 594 -11.85 37.45 44.28
C TYR C 594 -12.37 37.61 45.69
N ALA C 595 -11.54 37.30 46.67
CA ALA C 595 -11.91 37.38 48.09
C ALA C 595 -11.22 38.58 48.71
N GLY C 596 -10.70 39.45 47.85
CA GLY C 596 -10.09 40.68 48.30
C GLY C 596 -8.79 40.51 49.05
N GLN C 597 -8.07 39.42 48.79
CA GLN C 597 -6.70 39.28 49.34
C GLN C 597 -5.66 38.95 48.28
N PRO C 598 -5.46 39.86 47.31
CA PRO C 598 -4.53 39.58 46.20
C PRO C 598 -3.11 39.36 46.67
N TRP C 599 -2.77 39.90 47.84
CA TRP C 599 -1.42 39.71 48.39
C TRP C 599 -1.10 38.23 48.70
N LYS C 600 -2.14 37.46 49.03
CA LYS C 600 -1.89 36.04 49.25
C LYS C 600 -1.62 35.36 47.93
N ALA C 601 -2.28 35.81 46.86
CA ALA C 601 -2.00 35.18 45.57
C ALA C 601 -0.58 35.52 45.18
N GLN C 602 -0.18 36.77 45.42
CA GLN C 602 1.16 37.19 45.07
C GLN C 602 2.19 36.32 45.80
N TYR C 603 1.98 36.10 47.09
CA TYR C 603 2.89 35.24 47.85
C TYR C 603 2.96 33.82 47.24
N TRP C 604 1.80 33.18 47.10
CA TRP C 604 1.80 31.77 46.73
C TRP C 604 2.19 31.57 45.26
N LEU C 605 1.77 32.46 44.37
CA LEU C 605 2.20 32.32 42.97
C LEU C 605 3.71 32.39 42.82
N ARG C 606 4.34 33.32 43.53
CA ARG C 606 5.78 33.42 43.44
C ARG C 606 6.45 32.14 43.96
N GLN C 607 5.90 31.56 45.03
CA GLN C 607 6.42 30.27 45.57
C GLN C 607 6.38 29.18 44.49
N VAL C 608 5.24 29.09 43.81
CA VAL C 608 5.10 28.12 42.73
C VAL C 608 6.10 28.35 41.59
N MSE C 609 6.22 29.59 41.12
CA MSE C 609 7.14 29.87 40.04
C MSE C 609 8.59 29.58 40.42
O MSE C 609 9.37 29.05 39.63
CB MSE C 609 6.97 31.31 39.50
CG MSE C 609 5.70 31.46 38.71
SE MSE C 609 5.43 33.28 38.07
CE MSE C 609 4.13 33.86 39.37
N ASP C 610 8.94 29.91 41.67
CA ASP C 610 10.32 29.72 42.13
C ASP C 610 10.65 28.26 42.38
N ARG C 611 9.68 27.46 42.77
CA ARG C 611 9.95 26.11 43.28
C ARG C 611 9.47 24.93 42.43
N MSE C 612 8.37 25.08 41.69
CA MSE C 612 7.79 23.96 40.97
CA MSE C 612 7.78 23.94 40.97
C MSE C 612 8.31 23.82 39.55
O MSE C 612 8.00 22.86 38.84
CB MSE C 612 6.28 24.10 40.97
CB MSE C 612 6.26 24.05 40.89
CG MSE C 612 5.74 24.00 42.36
CG MSE C 612 5.64 24.91 41.93
SE MSE C 612 6.17 22.30 43.10
SE MSE C 612 4.66 24.01 43.31
CE MSE C 612 7.54 22.68 44.44
CE MSE C 612 5.85 22.48 43.43
N TYR C 613 9.08 24.80 39.11
CA TYR C 613 9.74 24.80 37.83
C TYR C 613 11.26 25.07 37.86
N THR C 614 12.04 24.26 37.20
CA THR C 614 13.44 24.46 37.04
C THR C 614 13.76 24.18 35.55
N PRO C 615 14.82 24.77 35.04
CA PRO C 615 15.20 24.67 33.65
C PRO C 615 15.90 23.37 33.20
N GLY C 616 16.18 22.50 34.11
CA GLY C 616 16.88 21.30 33.80
C GLY C 616 16.04 20.17 33.18
N PRO C 617 16.70 19.05 32.94
CA PRO C 617 16.03 17.95 32.32
C PRO C 617 14.81 17.44 33.12
N ASP C 618 14.85 17.56 34.43
CA ASP C 618 13.78 17.15 35.31
C ASP C 618 12.99 18.41 35.79
N GLY C 619 12.79 19.32 34.87
CA GLY C 619 12.29 20.63 35.11
C GLY C 619 10.88 20.85 35.66
N TYR C 620 9.94 20.05 35.21
CA TYR C 620 8.56 20.19 35.62
C TYR C 620 8.23 19.49 36.99
N CYS C 621 7.09 19.82 37.62
CA CYS C 621 6.70 19.13 38.86
C CYS C 621 5.68 17.99 38.64
N GLY C 622 5.35 17.73 37.38
CA GLY C 622 4.44 16.65 36.98
C GLY C 622 4.39 16.69 35.45
N ASP C 623 3.44 15.99 34.84
CA ASP C 623 3.30 16.01 33.38
C ASP C 623 3.16 17.43 32.84
N GLU C 624 3.78 17.70 31.69
CA GLU C 624 3.73 19.01 31.05
C GLU C 624 2.32 19.30 30.44
N ASP C 625 1.56 18.23 30.20
CA ASP C 625 0.12 18.40 29.91
CA ASP C 625 0.17 18.31 29.79
C ASP C 625 -0.10 19.17 28.59
N ASN C 626 0.71 18.88 27.59
CA ASN C 626 0.54 19.43 26.28
CA ASN C 626 0.59 19.48 26.26
C ASN C 626 0.43 20.95 26.19
N GLY C 627 1.31 21.66 26.87
CA GLY C 627 1.31 23.09 26.74
C GLY C 627 0.70 23.70 27.99
N GLN C 628 -0.25 23.03 28.62
CA GLN C 628 -0.98 23.70 29.72
C GLN C 628 -0.07 24.11 30.90
N THR C 629 0.72 23.16 31.40
CA THR C 629 1.53 23.43 32.57
C THR C 629 2.66 24.43 32.21
N SER C 630 3.10 24.41 30.96
CA SER C 630 4.07 25.37 30.47
C SER C 630 3.45 26.77 30.25
N ALA C 631 2.29 26.82 29.61
CA ALA C 631 1.64 28.13 29.37
C ALA C 631 1.23 28.79 30.70
N TRP C 632 0.92 27.97 31.71
CA TRP C 632 0.65 28.50 33.05
C TRP C 632 1.83 29.35 33.53
N TYR C 633 3.05 28.86 33.32
CA TYR C 633 4.23 29.64 33.71
C TYR C 633 4.41 30.92 32.87
N VAL C 634 4.20 30.81 31.57
CA VAL C 634 4.35 31.97 30.70
C VAL C 634 3.43 33.09 31.19
N PHE C 635 2.13 32.81 31.27
CA PHE C 635 1.18 33.78 31.81
C PHE C 635 1.58 34.25 33.20
N SER C 636 1.81 33.32 34.13
CA SER C 636 2.02 33.71 35.52
C SER C 636 3.25 34.60 35.66
N ALA C 637 4.28 34.31 34.86
CA ALA C 637 5.50 35.09 34.87
C ALA C 637 5.26 36.52 34.37
N LEU C 638 4.31 36.70 33.46
CA LEU C 638 3.97 38.05 33.02
C LEU C 638 3.17 38.74 34.11
N GLY C 639 2.53 37.98 34.98
CA GLY C 639 1.83 38.57 36.10
C GLY C 639 0.32 38.49 36.05
N PHE C 640 -0.24 37.75 35.09
CA PHE C 640 -1.69 37.59 35.04
C PHE C 640 -2.13 36.29 34.35
N TYR C 641 -3.41 35.94 34.51
CA TYR C 641 -3.87 34.61 34.12
C TYR C 641 -5.36 34.62 33.78
N PRO C 642 -5.75 33.89 32.73
CA PRO C 642 -7.14 33.77 32.28
C PRO C 642 -7.92 32.75 33.11
N VAL C 643 -8.24 33.12 34.33
CA VAL C 643 -8.99 32.24 35.20
C VAL C 643 -10.27 31.75 34.50
N CYS C 644 -10.98 32.66 33.82
CA CYS C 644 -12.22 32.31 33.17
C CYS C 644 -12.22 32.62 31.66
N PRO C 645 -11.70 31.69 30.85
CA PRO C 645 -11.85 31.97 29.40
C PRO C 645 -13.33 32.10 29.04
N GLY C 646 -13.61 32.96 28.07
CA GLY C 646 -15.00 33.29 27.75
C GLY C 646 -15.34 34.64 28.33
N THR C 647 -14.56 35.10 29.32
CA THR C 647 -14.58 36.53 29.69
C THR C 647 -13.47 37.20 28.91
N ASP C 648 -13.39 38.52 29.01
CA ASP C 648 -12.31 39.26 28.39
C ASP C 648 -11.22 39.56 29.42
N GLU C 649 -11.20 38.81 30.52
CA GLU C 649 -10.39 39.19 31.69
C GLU C 649 -9.14 38.35 31.95
N TYR C 650 -8.07 39.00 32.39
CA TYR C 650 -6.94 38.29 32.95
C TYR C 650 -6.78 38.72 34.41
N VAL C 651 -6.75 37.75 35.33
CA VAL C 651 -6.74 38.03 36.75
C VAL C 651 -5.30 38.28 37.25
N MSE C 652 -5.10 39.28 38.11
CA MSE C 652 -3.74 39.69 38.42
C MSE C 652 -3.03 38.73 39.39
O MSE C 652 -3.61 38.32 40.39
CB MSE C 652 -3.71 41.12 39.01
CG MSE C 652 -2.35 41.76 38.82
SE MSE C 652 -2.12 42.31 36.98
CE MSE C 652 -3.10 44.00 37.14
N GLY C 653 -1.78 38.39 39.07
CA GLY C 653 -0.92 37.61 39.97
C GLY C 653 0.25 38.47 40.43
N THR C 654 1.46 38.08 40.06
CA THR C 654 2.62 38.91 40.32
C THR C 654 3.68 38.58 39.28
N PRO C 655 4.23 39.61 38.62
CA PRO C 655 5.21 39.46 37.55
C PRO C 655 6.53 38.92 38.10
N LEU C 656 7.22 38.12 37.29
CA LEU C 656 8.50 37.52 37.70
C LEU C 656 9.72 38.38 37.31
N PHE C 657 9.60 39.12 36.20
CA PHE C 657 10.72 39.88 35.63
C PHE C 657 10.58 41.37 35.91
N LYS C 658 11.69 42.09 35.79
CA LYS C 658 11.69 43.52 35.97
C LYS C 658 11.03 44.20 34.78
N LYS C 659 11.08 43.54 33.62
CA LYS C 659 10.39 44.06 32.44
C LYS C 659 9.91 42.96 31.50
N ALA C 660 8.73 43.18 30.92
CA ALA C 660 8.26 42.30 29.86
C ALA C 660 7.58 43.16 28.80
N THR C 661 7.81 42.83 27.53
CA THR C 661 7.21 43.56 26.44
C THR C 661 6.46 42.56 25.56
N LEU C 662 5.18 42.82 25.33
CA LEU C 662 4.34 41.93 24.53
C LEU C 662 4.15 42.62 23.20
N HIS C 663 4.38 41.92 22.10
CA HIS C 663 4.13 42.49 20.78
C HIS C 663 2.96 41.73 20.17
N PHE C 664 1.80 42.40 20.09
CA PHE C 664 0.58 41.77 19.60
C PHE C 664 0.52 41.76 18.08
N GLU C 665 -0.30 40.85 17.55
CA GLU C 665 -0.41 40.74 16.11
C GLU C 665 -0.99 41.99 15.47
N ASN C 666 -1.72 42.81 16.23
CA ASN C 666 -2.25 44.07 15.69
C ASN C 666 -1.17 45.16 15.51
N GLY C 667 0.07 44.82 15.86
CA GLY C 667 1.19 45.75 15.75
C GLY C 667 1.40 46.71 16.91
N ASN C 668 0.56 46.65 17.94
CA ASN C 668 0.80 47.41 19.15
C ASN C 668 1.65 46.60 20.12
N SER C 669 2.25 47.28 21.08
CA SER C 669 3.08 46.66 22.12
C SER C 669 2.68 47.14 23.49
N LEU C 670 2.88 46.29 24.49
CA LEU C 670 2.59 46.67 25.85
C LEU C 670 3.82 46.34 26.67
N VAL C 671 4.32 47.32 27.40
CA VAL C 671 5.44 47.12 28.32
C VAL C 671 4.92 46.98 29.72
N ILE C 672 5.35 45.92 30.40
CA ILE C 672 5.02 45.76 31.79
C ILE C 672 6.29 45.97 32.58
N ASP C 673 6.25 47.03 33.38
CA ASP C 673 7.47 47.58 33.92
C ASP C 673 7.49 47.46 35.43
N ALA C 674 8.36 46.60 35.94
CA ALA C 674 8.42 46.31 37.38
C ALA C 674 9.88 46.42 37.86
N PRO C 675 10.41 47.65 37.86
CA PRO C 675 11.83 47.83 38.03
C PRO C 675 12.38 47.41 39.39
N ASN C 676 11.54 47.41 40.43
CA ASN C 676 11.98 47.03 41.77
C ASN C 676 11.77 45.53 42.06
N ASN C 677 11.41 44.77 41.02
CA ASN C 677 11.22 43.34 41.21
C ASN C 677 12.50 42.70 41.74
N SER C 678 12.37 41.78 42.68
CA SER C 678 13.53 40.99 43.13
C SER C 678 13.05 39.68 43.73
N THR C 679 13.99 38.83 44.15
CA THR C 679 13.63 37.61 44.85
C THR C 679 12.77 37.92 46.07
N GLU C 680 13.04 39.04 46.73
CA GLU C 680 12.26 39.38 47.93
C GLU C 680 11.04 40.26 47.66
N ASN C 681 11.06 41.00 46.57
CA ASN C 681 10.02 42.00 46.36
C ASN C 681 8.96 41.40 45.43
N PHE C 682 8.12 40.52 45.95
CA PHE C 682 7.10 39.86 45.11
C PHE C 682 5.69 40.38 45.32
N TYR C 683 5.52 41.38 46.17
CA TYR C 683 4.21 41.97 46.39
C TYR C 683 4.03 43.18 45.49
N ILE C 684 2.78 43.41 45.11
CA ILE C 684 2.43 44.56 44.32
C ILE C 684 1.94 45.65 45.26
N ASP C 685 2.69 46.73 45.37
CA ASP C 685 2.24 47.80 46.25
C ASP C 685 1.23 48.65 45.51
N SER C 686 1.51 48.94 44.25
CA SER C 686 0.58 49.70 43.42
C SER C 686 0.86 49.43 41.96
N MSE C 687 -0.10 49.79 41.10
CA MSE C 687 0.03 49.62 39.66
C MSE C 687 -0.61 50.80 38.96
O MSE C 687 -1.58 51.35 39.45
CB MSE C 687 -0.78 48.41 39.19
CG MSE C 687 -0.07 47.12 39.22
SE MSE C 687 -1.41 45.81 38.58
CE MSE C 687 -1.18 46.12 36.75
N SER C 688 -0.10 51.15 37.80
CA SER C 688 -0.74 52.15 36.96
C SER C 688 -0.78 51.63 35.53
N PHE C 689 -1.80 52.03 34.80
CA PHE C 689 -1.97 51.57 33.43
C PHE C 689 -2.09 52.84 32.59
N ASN C 690 -1.10 53.07 31.72
CA ASN C 690 -0.99 54.31 30.95
C ASN C 690 -1.21 55.57 31.80
N GLY C 691 -0.52 55.60 32.95
CA GLY C 691 -0.55 56.78 33.81
C GLY C 691 -1.71 56.83 34.78
N ALA C 692 -2.69 55.94 34.64
CA ALA C 692 -3.84 55.95 35.54
C ALA C 692 -3.70 54.89 36.61
N ASP C 693 -4.11 55.22 37.83
CA ASP C 693 -3.98 54.29 38.94
C ASP C 693 -4.89 53.10 38.69
N HIS C 694 -4.39 51.91 38.99
CA HIS C 694 -5.11 50.70 38.66
C HIS C 694 -5.13 49.75 39.89
N THR C 695 -6.22 49.80 40.66
CA THR C 695 -6.33 48.98 41.86
C THR C 695 -7.10 47.67 41.59
N LYS C 696 -7.58 47.52 40.36
CA LYS C 696 -8.36 46.33 39.99
C LYS C 696 -7.50 45.07 40.00
N ASN C 697 -8.10 43.94 40.35
CA ASN C 697 -7.40 42.64 40.29
C ASN C 697 -7.51 41.95 38.94
N TYR C 698 -7.75 42.73 37.88
CA TYR C 698 -7.77 42.17 36.54
C TYR C 698 -7.45 43.22 35.47
N LEU C 699 -7.07 42.71 34.30
CA LEU C 699 -6.81 43.50 33.10
C LEU C 699 -7.72 42.98 31.98
N ARG C 700 -8.12 43.86 31.08
CA ARG C 700 -9.07 43.49 30.01
C ARG C 700 -8.38 43.32 28.68
N HIS C 701 -8.77 42.30 27.94
CA HIS C 701 -8.20 41.96 26.63
C HIS C 701 -8.08 43.20 25.73
N GLU C 702 -9.18 43.92 25.56
CA GLU C 702 -9.19 45.06 24.65
C GLU C 702 -8.23 46.16 25.14
N ASP C 703 -8.09 46.30 26.44
CA ASP C 703 -7.16 47.30 26.95
C ASP C 703 -5.73 46.91 26.67
N LEU C 704 -5.39 45.64 26.92
CA LEU C 704 -4.03 45.18 26.60
C LEU C 704 -3.69 45.43 25.16
N PHE C 705 -4.61 45.04 24.27
CA PHE C 705 -4.43 45.21 22.83
C PHE C 705 -4.21 46.66 22.39
N LYS C 706 -4.65 47.65 23.17
CA LYS C 706 -4.40 49.03 22.78
C LYS C 706 -2.92 49.38 23.01
N GLY C 707 -2.26 48.63 23.89
CA GLY C 707 -0.84 48.86 24.10
C GLY C 707 -0.55 49.93 25.13
N GLY C 708 0.72 50.29 25.23
CA GLY C 708 1.16 51.33 26.16
C GLY C 708 2.07 50.73 27.22
N THR C 709 1.82 51.12 28.47
CA THR C 709 2.70 50.75 29.58
C THR C 709 1.92 50.51 30.83
N ILE C 710 2.31 49.45 31.54
CA ILE C 710 1.82 49.20 32.85
C ILE C 710 3.04 49.31 33.76
N LYS C 711 2.92 50.05 34.84
CA LYS C 711 4.01 50.17 35.77
C LYS C 711 3.56 49.43 37.02
N VAL C 712 4.41 48.54 37.54
CA VAL C 712 4.08 47.78 38.74
C VAL C 712 5.12 48.06 39.82
N ASP C 713 4.66 48.62 40.94
CA ASP C 713 5.54 48.97 42.07
C ASP C 713 5.67 47.81 43.05
N MSE C 714 6.82 47.14 43.02
CA MSE C 714 7.05 45.88 43.75
C MSE C 714 7.64 46.18 45.13
O MSE C 714 8.42 47.10 45.28
CB MSE C 714 8.05 45.00 42.99
CG MSE C 714 7.69 44.75 41.53
SE MSE C 714 5.97 43.85 41.33
CE MSE C 714 6.37 42.13 42.25
N SER C 715 7.27 45.38 46.13
CA SER C 715 7.72 45.59 47.51
C SER C 715 7.87 44.25 48.23
N ASN C 716 8.58 44.24 49.37
CA ASN C 716 8.76 43.00 50.12
C ASN C 716 7.69 42.85 51.19
N ARG C 717 6.76 43.81 51.25
CA ARG C 717 5.69 43.74 52.22
C ARG C 717 4.37 43.87 51.50
N PRO C 718 3.34 43.18 52.01
CA PRO C 718 2.03 43.17 51.39
C PRO C 718 1.26 44.50 51.56
N ASN C 719 0.57 44.95 50.52
CA ASN C 719 -0.32 46.10 50.66
C ASN C 719 -1.72 45.60 50.98
N LEU C 720 -2.06 45.66 52.25
CA LEU C 720 -3.32 45.15 52.75
C LEU C 720 -4.53 45.96 52.27
N ASN C 721 -4.29 47.12 51.68
CA ASN C 721 -5.43 47.94 51.24
C ASN C 721 -5.69 47.93 49.72
N ARG C 722 -4.76 47.42 48.94
CA ARG C 722 -4.97 47.45 47.50
C ARG C 722 -5.80 46.24 47.04
N GLY C 723 -6.77 46.50 46.17
CA GLY C 723 -7.54 45.44 45.52
C GLY C 723 -8.57 44.78 46.42
N THR C 724 -9.17 45.55 47.32
CA THR C 724 -10.14 45.01 48.25
C THR C 724 -11.56 45.55 48.02
N LYS C 725 -11.73 46.44 47.04
CA LYS C 725 -13.06 47.04 46.83
C LYS C 725 -13.91 46.21 45.89
N GLU C 726 -15.23 46.40 45.95
CA GLU C 726 -16.11 45.69 45.04
C GLU C 726 -15.72 45.92 43.57
N GLU C 727 -15.39 47.16 43.20
CA GLU C 727 -15.06 47.41 41.82
C GLU C 727 -13.71 46.83 41.40
N ASP C 728 -12.90 46.35 42.35
CA ASP C 728 -11.61 45.72 41.97
C ASP C 728 -11.77 44.25 41.58
N MSE C 729 -12.95 43.70 41.83
CA MSE C 729 -13.16 42.25 41.69
C MSE C 729 -13.33 41.82 40.23
O MSE C 729 -13.99 42.52 39.44
CB MSE C 729 -14.37 41.84 42.50
CG MSE C 729 -14.26 42.19 43.95
SE MSE C 729 -12.89 41.15 44.85
CE MSE C 729 -11.49 42.46 44.99
N PRO C 730 -12.71 40.71 39.86
CA PRO C 730 -12.95 40.21 38.50
C PRO C 730 -14.37 39.65 38.39
N TYR C 731 -14.73 39.22 37.18
CA TYR C 731 -16.08 38.77 36.84
C TYR C 731 -16.60 37.60 37.67
N SER C 732 -17.82 37.74 38.17
CA SER C 732 -18.59 36.56 38.61
C SER C 732 -19.99 36.60 38.00
N PHE C 733 -20.45 35.47 37.50
CA PHE C 733 -21.78 35.35 36.88
C PHE C 733 -22.85 35.77 37.88
N SER C 734 -22.64 35.43 39.14
CA SER C 734 -23.58 35.84 40.17
C SER C 734 -23.81 37.34 40.23
N LYS C 735 -22.81 38.13 39.90
CA LYS C 735 -22.94 39.57 39.91
C LYS C 735 -23.44 40.11 38.58
N GLU C 736 -23.34 39.31 37.52
CA GLU C 736 -23.75 39.78 36.20
C GLU C 736 -25.27 39.79 36.08
N LYS D 1 34.34 -43.75 -43.18
CA LYS D 1 33.74 -43.79 -41.81
C LYS D 1 32.22 -43.80 -41.94
N ASP D 2 31.56 -44.76 -41.29
CA ASP D 2 30.10 -44.84 -41.39
C ASP D 2 29.42 -44.55 -40.08
N TRP D 3 28.38 -43.72 -40.13
CA TRP D 3 27.61 -43.42 -38.93
C TRP D 3 26.19 -43.98 -38.99
N THR D 4 25.75 -44.39 -40.17
CA THR D 4 24.37 -44.87 -40.33
C THR D 4 24.20 -46.16 -39.54
N GLN D 5 25.29 -46.88 -39.31
CA GLN D 5 25.23 -48.11 -38.52
C GLN D 5 24.59 -47.86 -37.16
N TYR D 6 24.69 -46.64 -36.66
CA TYR D 6 24.19 -46.34 -35.31
C TYR D 6 22.76 -45.85 -35.32
N VAL D 7 22.21 -45.62 -36.52
CA VAL D 7 20.88 -45.06 -36.57
C VAL D 7 19.81 -46.16 -36.48
N ASN D 8 18.89 -46.01 -35.53
CA ASN D 8 17.78 -46.99 -35.37
C ASN D 8 16.46 -46.32 -35.74
N PRO D 9 15.98 -46.54 -36.98
CA PRO D 9 14.72 -45.92 -37.40
C PRO D 9 13.52 -46.43 -36.60
N LEU D 10 13.70 -47.49 -35.85
CA LEU D 10 12.58 -48.02 -35.05
C LEU D 10 12.48 -47.33 -33.69
N MSE D 11 13.41 -46.45 -33.39
CA MSE D 11 13.40 -45.80 -32.08
C MSE D 11 12.18 -44.90 -32.00
O MSE D 11 12.05 -43.95 -32.78
CB MSE D 11 14.68 -45.00 -31.84
CG MSE D 11 14.75 -44.41 -30.45
SE MSE D 11 16.36 -43.26 -30.27
CE MSE D 11 15.81 -42.24 -28.70
N GLY D 12 11.28 -45.20 -31.06
CA GLY D 12 10.05 -44.41 -30.88
C GLY D 12 8.82 -45.12 -31.43
N SER D 13 9.04 -46.26 -32.10
CA SER D 13 7.93 -47.03 -32.71
C SER D 13 7.11 -47.86 -31.70
N GLN D 14 7.63 -48.06 -30.50
CA GLN D 14 6.92 -48.85 -29.49
C GLN D 14 6.05 -47.94 -28.66
N SER D 15 4.98 -47.46 -29.25
CA SER D 15 4.28 -46.33 -28.72
C SER D 15 2.81 -46.54 -28.78
N THR D 16 2.11 -46.03 -27.77
CA THR D 16 0.67 -46.14 -27.72
C THR D 16 0.06 -44.76 -27.42
N PHE D 17 -1.24 -44.69 -27.58
CA PHE D 17 -2.03 -43.52 -27.26
C PHE D 17 -1.88 -43.08 -25.81
N GLU D 18 -1.73 -44.04 -24.90
CA GLU D 18 -1.72 -43.78 -23.46
C GLU D 18 -0.35 -43.41 -22.93
N LEU D 19 0.69 -43.92 -23.59
CA LEU D 19 2.04 -43.57 -23.20
C LEU D 19 2.90 -43.57 -24.45
N SER D 20 3.32 -42.38 -24.84
CA SER D 20 4.18 -42.24 -26.01
C SER D 20 5.60 -42.57 -25.57
N THR D 21 6.34 -43.31 -26.38
CA THR D 21 7.78 -43.38 -26.19
C THR D 21 8.44 -42.80 -27.45
N GLY D 22 7.75 -41.83 -28.07
CA GLY D 22 8.27 -41.13 -29.24
C GLY D 22 7.20 -40.90 -30.30
N ASN D 23 6.29 -41.87 -30.45
CA ASN D 23 5.26 -41.79 -31.48
C ASN D 23 5.85 -41.54 -32.86
N THR D 24 6.86 -42.34 -33.20
CA THR D 24 7.50 -42.24 -34.51
C THR D 24 7.17 -43.45 -35.37
N TYR D 25 7.47 -43.33 -36.67
CA TYR D 25 7.52 -44.50 -37.55
C TYR D 25 8.87 -44.49 -38.25
N PRO D 26 9.25 -45.63 -38.85
CA PRO D 26 10.56 -45.69 -39.49
C PRO D 26 10.50 -44.92 -40.81
N ALA D 27 11.07 -43.74 -40.84
CA ALA D 27 11.08 -42.93 -42.03
C ALA D 27 12.24 -43.39 -42.90
N ILE D 28 11.92 -44.15 -43.95
CA ILE D 28 12.96 -44.58 -44.87
C ILE D 28 12.95 -43.49 -45.94
N ALA D 29 14.02 -42.69 -45.98
CA ALA D 29 13.94 -41.40 -46.66
C ALA D 29 15.34 -40.82 -46.82
N ARG D 30 15.53 -39.90 -47.76
CA ARG D 30 16.72 -39.03 -47.76
C ARG D 30 16.52 -37.95 -46.72
N PRO D 31 17.58 -37.28 -46.28
CA PRO D 31 17.42 -36.11 -45.38
C PRO D 31 16.46 -35.09 -45.98
N TRP D 32 15.53 -34.60 -45.17
CA TRP D 32 14.49 -33.66 -45.63
C TRP D 32 13.75 -34.14 -46.90
N GLY D 33 13.67 -35.44 -47.09
CA GLY D 33 13.07 -35.97 -48.33
C GLY D 33 11.62 -35.47 -48.52
N MSE D 34 11.24 -35.20 -49.77
CA MSE D 34 9.86 -34.79 -50.02
C MSE D 34 8.89 -35.95 -49.73
O MSE D 34 7.85 -35.74 -49.14
CB MSE D 34 9.65 -34.31 -51.47
CG MSE D 34 8.21 -33.89 -51.72
SE MSE D 34 8.08 -32.96 -53.46
CE MSE D 34 7.41 -34.44 -54.50
N ASN D 35 9.24 -37.15 -50.17
CA ASN D 35 8.42 -38.31 -49.91
C ASN D 35 9.12 -39.32 -48.98
N PHE D 36 8.50 -39.67 -47.87
CA PHE D 36 9.05 -40.71 -46.98
C PHE D 36 8.34 -42.02 -47.31
N TRP D 37 9.02 -43.14 -47.02
CA TRP D 37 8.41 -44.45 -47.19
C TRP D 37 8.47 -45.22 -45.88
N THR D 38 7.42 -45.99 -45.59
CA THR D 38 7.43 -46.77 -44.36
C THR D 38 6.65 -48.06 -44.53
N PRO D 39 7.09 -49.12 -43.84
CA PRO D 39 6.20 -50.26 -43.71
C PRO D 39 4.96 -49.77 -42.98
N GLN D 40 3.78 -50.32 -43.33
CA GLN D 40 2.55 -49.92 -42.68
C GLN D 40 1.91 -51.11 -41.98
N THR D 41 1.86 -51.06 -40.65
CA THR D 41 1.16 -52.06 -39.86
C THR D 41 -0.27 -51.63 -39.50
N GLY D 42 -0.48 -50.33 -39.36
CA GLY D 42 -1.79 -49.79 -38.97
C GLY D 42 -2.78 -49.83 -40.12
N LYS D 43 -4.06 -49.76 -39.81
CA LYS D 43 -5.10 -49.66 -40.84
C LYS D 43 -5.08 -48.27 -41.47
N MSE D 44 -5.54 -48.15 -42.70
CA MSE D 44 -5.60 -46.84 -43.35
C MSE D 44 -6.25 -45.82 -42.46
O MSE D 44 -7.32 -46.07 -41.89
CB MSE D 44 -6.35 -46.93 -44.71
CG MSE D 44 -6.64 -45.55 -45.31
SE MSE D 44 -7.43 -45.80 -47.09
CE MSE D 44 -9.21 -46.37 -46.42
N GLY D 45 -5.60 -44.67 -42.31
CA GLY D 45 -6.16 -43.56 -41.59
C GLY D 45 -5.64 -43.45 -40.17
N ASP D 46 -5.09 -44.53 -39.63
CA ASP D 46 -4.66 -44.53 -38.24
C ASP D 46 -3.33 -43.75 -38.17
N GLY D 47 -3.23 -42.77 -37.30
CA GLY D 47 -1.96 -42.05 -37.16
C GLY D 47 -0.86 -42.97 -36.63
N TRP D 48 -1.24 -44.06 -35.98
CA TRP D 48 -0.21 -45.06 -35.60
C TRP D 48 -0.03 -46.01 -36.77
N GLN D 49 0.75 -45.56 -37.75
CA GLN D 49 0.80 -46.29 -39.01
C GLN D 49 1.81 -47.45 -38.97
N TYR D 50 2.76 -47.38 -38.04
CA TYR D 50 3.66 -48.51 -37.77
C TYR D 50 3.88 -48.57 -36.27
N THR D 51 3.65 -49.75 -35.66
CA THR D 51 3.89 -49.88 -34.22
C THR D 51 4.78 -51.10 -34.02
N TYR D 52 5.69 -51.01 -33.05
CA TYR D 52 6.66 -52.09 -32.92
C TYR D 52 5.95 -53.40 -32.55
N THR D 53 4.89 -53.29 -31.79
CA THR D 53 4.19 -54.45 -31.25
CA THR D 53 4.23 -54.50 -31.28
C THR D 53 3.22 -55.08 -32.24
N ALA D 54 3.03 -54.46 -33.40
CA ALA D 54 2.16 -55.03 -34.44
C ALA D 54 2.80 -56.23 -35.11
N ASN D 55 1.96 -57.22 -35.42
CA ASN D 55 2.41 -58.48 -36.03
C ASN D 55 2.34 -58.56 -37.55
N LYS D 56 1.61 -57.63 -38.20
CA LYS D 56 1.43 -57.74 -39.66
C LYS D 56 1.63 -56.44 -40.40
N ILE D 57 2.17 -56.57 -41.60
CA ILE D 57 2.33 -55.44 -42.50
C ILE D 57 1.28 -55.58 -43.60
N ARG D 58 0.62 -54.48 -43.94
CA ARG D 58 -0.44 -54.54 -44.98
C ARG D 58 -0.15 -53.62 -46.16
N GLY D 59 0.99 -52.93 -46.12
CA GLY D 59 1.40 -52.14 -47.29
C GLY D 59 2.74 -51.48 -47.02
N PHE D 60 3.39 -51.05 -48.08
CA PHE D 60 4.56 -50.19 -47.96
C PHE D 60 4.10 -48.85 -48.48
N LYS D 61 4.14 -47.86 -47.61
CA LYS D 61 3.35 -46.67 -47.84
C LYS D 61 4.20 -45.41 -48.02
N GLN D 62 3.81 -44.57 -48.98
CA GLN D 62 4.33 -43.22 -49.07
C GLN D 62 3.62 -42.36 -48.03
N THR D 63 4.39 -41.67 -47.20
CA THR D 63 3.79 -40.88 -46.13
C THR D 63 4.43 -39.49 -46.04
N HIS D 64 3.70 -38.53 -45.48
CA HIS D 64 4.23 -37.20 -45.21
C HIS D 64 3.98 -36.83 -43.74
N GLN D 65 3.56 -37.80 -42.94
CA GLN D 65 3.03 -37.53 -41.61
C GLN D 65 4.07 -37.07 -40.62
N PRO D 66 3.79 -35.95 -39.94
CA PRO D 66 4.74 -35.45 -38.98
C PRO D 66 4.48 -35.99 -37.58
N SER D 67 3.25 -36.42 -37.29
CA SER D 67 2.93 -36.99 -35.98
C SER D 67 1.57 -37.68 -36.09
N PRO D 68 1.27 -38.60 -35.15
CA PRO D 68 0.02 -39.30 -35.28
C PRO D 68 -1.17 -38.34 -35.08
N TRP D 69 -0.94 -37.26 -34.37
CA TRP D 69 -1.95 -36.29 -34.14
C TRP D 69 -2.33 -35.46 -35.36
N ILE D 70 -1.34 -34.98 -36.06
CA ILE D 70 -1.50 -34.22 -37.28
C ILE D 70 -2.01 -35.12 -38.44
N ASN D 71 -1.50 -36.33 -38.44
CA ASN D 71 -1.91 -37.34 -39.39
C ASN D 71 -1.32 -36.97 -40.77
N ASP D 72 -1.85 -37.53 -41.83
CA ASP D 72 -1.18 -37.67 -43.10
C ASP D 72 -1.90 -37.08 -44.33
N TYR D 73 -1.13 -36.97 -45.43
CA TYR D 73 -1.57 -36.49 -46.72
C TYR D 73 -0.64 -37.06 -47.81
N GLY D 74 -1.09 -37.09 -49.06
CA GLY D 74 -0.19 -37.53 -50.14
C GLY D 74 0.24 -38.98 -49.89
N GLN D 75 -0.75 -39.85 -49.70
CA GLN D 75 -0.50 -41.18 -49.18
C GLN D 75 -1.13 -42.26 -50.04
N PHE D 76 -0.31 -43.23 -50.42
CA PHE D 76 -0.74 -44.42 -51.12
C PHE D 76 0.23 -45.56 -50.78
N SER D 77 -0.13 -46.78 -51.15
CA SER D 77 0.70 -47.93 -50.77
C SER D 77 0.77 -48.98 -51.84
N ILE D 78 1.75 -49.87 -51.71
CA ILE D 78 1.94 -51.03 -52.58
C ILE D 78 2.15 -52.26 -51.70
N MSE D 79 1.61 -53.41 -52.09
CA MSE D 79 1.74 -54.65 -51.29
C MSE D 79 1.85 -55.85 -52.20
O MSE D 79 0.94 -56.11 -52.99
CB MSE D 79 0.51 -54.83 -50.42
CG MSE D 79 0.52 -56.10 -49.61
SE MSE D 79 1.86 -55.89 -48.12
CE MSE D 79 1.83 -57.77 -47.58
N PRO D 80 2.98 -56.59 -52.13
CA PRO D 80 3.11 -57.78 -52.98
C PRO D 80 2.43 -58.93 -52.24
N ILE D 81 1.79 -59.83 -52.97
CA ILE D 81 1.05 -60.94 -52.36
C ILE D 81 1.14 -62.15 -53.28
N VAL D 82 0.74 -63.32 -52.80
CA VAL D 82 0.54 -64.51 -53.67
C VAL D 82 -0.76 -65.20 -53.29
N GLY D 83 -1.27 -66.05 -54.18
CA GLY D 83 -2.49 -66.81 -53.89
C GLY D 83 -3.69 -66.20 -54.60
N GLN D 84 -4.65 -65.71 -53.83
CA GLN D 84 -5.80 -65.01 -54.42
C GLN D 84 -5.49 -63.53 -54.59
N PRO D 85 -6.03 -62.90 -55.65
CA PRO D 85 -5.81 -61.46 -55.77
C PRO D 85 -6.76 -60.70 -54.86
N VAL D 86 -6.27 -60.23 -53.72
CA VAL D 86 -7.16 -59.60 -52.75
C VAL D 86 -6.69 -58.19 -52.46
N PHE D 87 -7.62 -57.25 -52.44
CA PHE D 87 -7.33 -55.87 -52.21
C PHE D 87 -7.54 -55.45 -50.76
N ASP D 88 -8.46 -56.13 -50.10
CA ASP D 88 -8.81 -55.77 -48.75
C ASP D 88 -7.54 -55.62 -47.88
N GLU D 89 -7.46 -54.55 -47.08
CA GLU D 89 -6.21 -54.25 -46.35
C GLU D 89 -5.95 -55.23 -45.20
N GLU D 90 -6.99 -55.95 -44.76
CA GLU D 90 -6.76 -57.04 -43.81
C GLU D 90 -6.40 -58.34 -44.49
N LYS D 91 -7.18 -58.72 -45.50
CA LYS D 91 -6.96 -59.97 -46.18
C LYS D 91 -5.59 -60.04 -46.83
N ARG D 92 -5.04 -58.91 -47.24
CA ARG D 92 -3.77 -58.98 -47.95
C ARG D 92 -2.54 -58.93 -47.00
N ALA D 93 -2.79 -58.65 -45.73
CA ALA D 93 -1.69 -58.40 -44.76
C ALA D 93 -0.86 -59.66 -44.52
N SER D 94 0.39 -59.51 -44.09
CA SER D 94 1.19 -60.69 -43.72
C SER D 94 1.92 -60.53 -42.37
N TRP D 95 1.93 -61.61 -41.60
CA TRP D 95 2.85 -61.71 -40.48
C TRP D 95 4.27 -61.35 -40.87
N PHE D 96 4.98 -60.75 -39.91
CA PHE D 96 6.43 -60.62 -40.00
C PHE D 96 6.99 -60.61 -38.58
N ALA D 97 8.31 -60.57 -38.47
CA ALA D 97 8.95 -60.37 -37.16
C ALA D 97 10.13 -59.44 -37.33
N HIS D 98 10.52 -58.82 -36.24
CA HIS D 98 11.61 -57.88 -36.32
C HIS D 98 12.94 -58.57 -36.65
N LYS D 99 13.08 -59.83 -36.29
CA LYS D 99 14.28 -60.59 -36.70
C LYS D 99 14.28 -60.97 -38.18
N GLY D 100 13.17 -60.71 -38.89
CA GLY D 100 13.23 -60.84 -40.34
C GLY D 100 13.06 -59.49 -41.06
N GLU D 101 13.47 -58.42 -40.39
CA GLU D 101 13.35 -57.05 -40.85
C GLU D 101 14.70 -56.34 -40.71
N VAL D 102 15.07 -55.50 -41.68
CA VAL D 102 16.27 -54.68 -41.55
C VAL D 102 15.84 -53.26 -41.87
N ALA D 103 15.90 -52.37 -40.88
CA ALA D 103 15.51 -50.97 -41.08
C ALA D 103 16.71 -50.06 -40.93
N THR D 104 17.06 -49.35 -42.00
CA THR D 104 18.10 -48.30 -41.97
C THR D 104 17.49 -47.06 -42.65
N PRO D 105 18.11 -45.88 -42.51
CA PRO D 105 17.48 -44.74 -43.19
C PRO D 105 17.44 -44.84 -44.71
N TYR D 106 18.35 -45.63 -45.28
CA TYR D 106 18.49 -45.62 -46.73
C TYR D 106 18.01 -46.91 -47.38
N TYR D 107 17.60 -47.87 -46.57
CA TYR D 107 17.23 -49.21 -47.06
C TYR D 107 16.36 -49.94 -46.02
N TYR D 108 15.26 -50.55 -46.48
CA TYR D 108 14.40 -51.31 -45.61
C TYR D 108 14.11 -52.65 -46.27
N LYS D 109 14.17 -53.74 -45.50
CA LYS D 109 13.89 -55.08 -46.02
C LYS D 109 13.04 -55.82 -45.01
N VAL D 110 12.06 -56.60 -45.51
CA VAL D 110 11.28 -57.41 -44.60
C VAL D 110 10.82 -58.68 -45.28
N TYR D 111 10.71 -59.75 -44.49
CA TYR D 111 10.22 -61.00 -45.02
C TYR D 111 8.78 -61.14 -44.60
N LEU D 112 7.89 -61.22 -45.60
CA LEU D 112 6.46 -61.30 -45.37
C LEU D 112 6.11 -62.76 -45.28
N ALA D 113 5.91 -63.25 -44.06
CA ALA D 113 5.95 -64.69 -43.83
C ALA D 113 4.80 -65.41 -44.50
N GLU D 114 3.62 -64.80 -44.51
CA GLU D 114 2.43 -65.47 -45.05
C GLU D 114 2.38 -65.52 -46.58
N HIS D 115 3.21 -64.72 -47.25
CA HIS D 115 3.31 -64.79 -48.71
C HIS D 115 4.62 -65.37 -49.18
N ASP D 116 5.52 -65.67 -48.26
CA ASP D 116 6.87 -66.08 -48.65
C ASP D 116 7.51 -65.11 -49.66
N ILE D 117 7.39 -63.80 -49.39
CA ILE D 117 7.97 -62.75 -50.22
C ILE D 117 8.94 -61.86 -49.42
N VAL D 118 10.09 -61.59 -50.01
CA VAL D 118 10.97 -60.53 -49.45
C VAL D 118 10.68 -59.19 -50.15
N THR D 119 10.50 -58.12 -49.38
CA THR D 119 10.40 -56.77 -49.96
C THR D 119 11.60 -55.93 -49.53
N GLU D 120 12.21 -55.25 -50.50
CA GLU D 120 13.29 -54.29 -50.23
C GLU D 120 12.93 -52.96 -50.87
N MSE D 121 13.29 -51.85 -50.22
CA MSE D 121 13.07 -50.54 -50.85
C MSE D 121 14.17 -49.55 -50.47
O MSE D 121 14.69 -49.58 -49.35
CB MSE D 121 11.68 -49.99 -50.47
CG MSE D 121 11.50 -49.59 -49.00
SE MSE D 121 9.65 -49.18 -48.56
CE MSE D 121 9.86 -48.61 -46.67
N THR D 122 14.51 -48.71 -51.44
CA THR D 122 15.53 -47.70 -51.32
C THR D 122 15.05 -46.39 -51.95
N PRO D 123 14.78 -45.39 -51.15
CA PRO D 123 14.27 -44.15 -51.68
C PRO D 123 15.35 -43.16 -52.09
N THR D 124 14.95 -42.25 -52.94
CA THR D 124 15.62 -41.01 -53.23
C THR D 124 14.82 -39.87 -52.58
N GLU D 125 15.07 -38.62 -52.94
CA GLU D 125 14.28 -37.55 -52.32
C GLU D 125 12.78 -37.60 -52.59
N ARG D 126 12.44 -37.99 -53.81
CA ARG D 126 11.07 -38.01 -54.29
C ARG D 126 10.56 -39.34 -54.88
N ALA D 127 11.47 -40.29 -55.04
CA ALA D 127 11.19 -41.53 -55.71
C ALA D 127 11.65 -42.69 -54.84
N VAL D 128 11.29 -43.91 -55.26
CA VAL D 128 11.74 -45.09 -54.52
C VAL D 128 11.84 -46.30 -55.45
N LEU D 129 12.83 -47.14 -55.20
CA LEU D 129 12.90 -48.44 -55.89
C LEU D 129 12.47 -49.56 -54.95
N PHE D 130 11.50 -50.34 -55.40
CA PHE D 130 11.13 -51.58 -54.72
C PHE D 130 11.71 -52.79 -55.45
N ARG D 131 12.16 -53.77 -54.69
CA ARG D 131 12.54 -55.08 -55.24
C ARG D 131 11.78 -56.16 -54.47
N PHE D 132 10.92 -56.90 -55.17
CA PHE D 132 10.13 -57.93 -54.52
C PHE D 132 10.72 -59.28 -54.88
N THR D 133 11.01 -60.12 -53.89
CA THR D 133 11.48 -61.47 -54.22
C THR D 133 10.37 -62.46 -53.98
N PHE D 134 9.85 -63.04 -55.06
CA PHE D 134 8.67 -63.88 -55.00
C PHE D 134 9.05 -65.35 -54.91
N PRO D 135 8.18 -66.18 -54.34
CA PRO D 135 8.44 -67.62 -54.38
C PRO D 135 7.87 -68.22 -55.67
N GLU D 136 8.04 -69.52 -55.86
CA GLU D 136 7.36 -70.20 -56.96
C GLU D 136 5.85 -70.09 -56.82
N ASN D 137 5.18 -69.48 -57.81
CA ASN D 137 3.74 -69.40 -57.73
C ASN D 137 3.14 -69.06 -59.08
N ASP D 138 2.02 -69.68 -59.42
CA ASP D 138 1.30 -69.32 -60.62
C ASP D 138 0.53 -68.02 -60.40
N HIS D 139 0.28 -67.68 -59.14
CA HIS D 139 -0.51 -66.50 -58.82
C HIS D 139 0.23 -65.51 -57.89
N SER D 140 1.15 -64.76 -58.47
CA SER D 140 1.81 -63.66 -57.76
C SER D 140 1.25 -62.33 -58.23
N TYR D 141 0.99 -61.42 -57.26
CA TYR D 141 0.37 -60.12 -57.56
C TYR D 141 1.10 -58.99 -56.82
N VAL D 142 0.86 -57.78 -57.29
CA VAL D 142 1.20 -56.58 -56.54
C VAL D 142 -0.05 -55.72 -56.51
N VAL D 143 -0.43 -55.30 -55.30
CA VAL D 143 -1.56 -54.43 -55.04
C VAL D 143 -1.12 -52.98 -54.93
N VAL D 144 -1.78 -52.10 -55.67
CA VAL D 144 -1.57 -50.65 -55.53
C VAL D 144 -2.84 -50.02 -54.95
N ASP D 145 -2.71 -49.30 -53.86
CA ASP D 145 -3.80 -48.78 -53.10
C ASP D 145 -3.68 -47.24 -53.09
N ALA D 146 -4.64 -46.55 -53.69
CA ALA D 146 -4.56 -45.09 -53.79
C ALA D 146 -5.25 -44.38 -52.64
N PHE D 147 -5.74 -45.16 -51.72
CA PHE D 147 -6.41 -44.67 -50.57
C PHE D 147 -7.81 -44.11 -50.96
N ASP D 148 -8.58 -43.75 -49.97
CA ASP D 148 -9.91 -43.30 -50.19
C ASP D 148 -10.06 -41.76 -50.17
N LYS D 149 -11.29 -41.32 -50.05
CA LYS D 149 -11.68 -39.92 -50.09
C LYS D 149 -11.50 -39.28 -51.48
N GLY D 150 -11.46 -40.12 -52.47
CA GLY D 150 -11.37 -39.63 -53.85
C GLY D 150 -9.99 -39.87 -54.46
N SER D 151 -9.87 -40.91 -55.25
CA SER D 151 -8.58 -41.24 -55.87
C SER D 151 -8.77 -41.65 -57.31
N TYR D 152 -7.65 -41.96 -57.96
CA TYR D 152 -7.67 -42.29 -59.38
C TYR D 152 -6.57 -43.28 -59.68
N ILE D 153 -6.85 -44.20 -60.59
CA ILE D 153 -5.86 -45.17 -60.97
C ILE D 153 -6.06 -45.58 -62.44
N LYS D 154 -4.94 -45.80 -63.13
CA LYS D 154 -4.97 -46.32 -64.49
C LYS D 154 -3.84 -47.29 -64.73
N ILE D 155 -4.20 -48.46 -65.26
CA ILE D 155 -3.19 -49.42 -65.67
C ILE D 155 -2.89 -49.23 -67.15
N ILE D 156 -1.60 -49.12 -67.47
CA ILE D 156 -1.13 -48.97 -68.83
C ILE D 156 -0.23 -50.15 -69.19
N PRO D 157 -0.84 -51.26 -69.66
CA PRO D 157 -0.05 -52.49 -69.80
C PRO D 157 1.03 -52.41 -70.86
N GLU D 158 0.82 -51.61 -71.88
CA GLU D 158 1.84 -51.48 -72.91
C GLU D 158 3.11 -50.81 -72.36
N GLU D 159 3.09 -50.30 -71.12
CA GLU D 159 4.30 -49.77 -70.51
C GLU D 159 4.58 -50.45 -69.16
N ASN D 160 3.89 -51.56 -68.89
CA ASN D 160 4.01 -52.21 -67.60
C ASN D 160 3.96 -51.18 -66.52
N LYS D 161 2.96 -50.31 -66.58
CA LYS D 161 2.92 -49.14 -65.73
C LYS D 161 1.56 -49.00 -65.08
N ILE D 162 1.56 -48.42 -63.89
CA ILE D 162 0.32 -47.99 -63.27
C ILE D 162 0.53 -46.54 -62.84
N ILE D 163 -0.43 -45.68 -63.14
CA ILE D 163 -0.41 -44.30 -62.64
C ILE D 163 -1.65 -44.07 -61.81
N GLY D 164 -1.68 -42.98 -61.05
CA GLY D 164 -2.84 -42.67 -60.25
C GLY D 164 -2.63 -41.38 -59.48
N TYR D 165 -3.64 -40.96 -58.74
CA TYR D 165 -3.42 -39.93 -57.75
C TYR D 165 -4.20 -40.24 -56.49
N THR D 166 -3.70 -39.71 -55.38
CA THR D 166 -4.34 -39.92 -54.10
C THR D 166 -4.65 -38.53 -53.55
N THR D 167 -5.74 -38.42 -52.80
CA THR D 167 -6.08 -37.14 -52.18
C THR D 167 -6.35 -37.18 -50.69
N ARG D 168 -6.47 -38.36 -50.10
CA ARG D 168 -6.79 -38.45 -48.67
C ARG D 168 -5.82 -37.57 -47.87
N ASN D 169 -6.36 -36.63 -47.09
CA ASN D 169 -5.54 -35.73 -46.31
C ASN D 169 -6.19 -35.42 -44.95
N SER D 170 -5.50 -34.63 -44.14
CA SER D 170 -5.95 -34.38 -42.78
C SER D 170 -6.30 -32.91 -42.58
N GLY D 171 -6.56 -32.22 -43.69
CA GLY D 171 -6.82 -30.79 -43.69
C GLY D 171 -5.59 -30.02 -44.12
N GLY D 172 -5.72 -28.70 -44.20
CA GLY D 172 -4.62 -27.82 -44.62
C GLY D 172 -4.16 -27.97 -46.06
N VAL D 173 -5.07 -28.33 -46.96
CA VAL D 173 -4.74 -28.42 -48.37
C VAL D 173 -5.65 -27.53 -49.22
N PRO D 174 -5.17 -27.08 -50.38
CA PRO D 174 -6.04 -26.38 -51.38
C PRO D 174 -7.08 -27.31 -51.98
N GLU D 175 -8.17 -26.73 -52.50
CA GLU D 175 -9.23 -27.52 -53.12
C GLU D 175 -8.74 -28.47 -54.22
N ASN D 176 -7.66 -28.12 -54.91
CA ASN D 176 -7.18 -28.92 -56.02
C ASN D 176 -6.11 -29.97 -55.66
N PHE D 177 -5.96 -30.21 -54.37
CA PHE D 177 -4.89 -31.08 -53.90
C PHE D 177 -4.92 -32.49 -54.50
N LYS D 178 -3.78 -32.90 -55.05
CA LYS D 178 -3.60 -34.28 -55.50
C LYS D 178 -2.12 -34.62 -55.39
N ASN D 179 -1.83 -35.88 -55.09
CA ASN D 179 -0.46 -36.38 -55.21
C ASN D 179 -0.44 -37.38 -56.37
N TYR D 180 0.31 -37.07 -57.42
CA TYR D 180 0.31 -37.85 -58.67
C TYR D 180 1.44 -38.85 -58.61
N PHE D 181 1.16 -40.14 -58.87
CA PHE D 181 2.20 -41.14 -58.79
C PHE D 181 2.28 -42.04 -60.02
N ILE D 182 3.48 -42.53 -60.27
CA ILE D 182 3.75 -43.42 -61.39
C ILE D 182 4.56 -44.60 -60.87
N ILE D 183 4.14 -45.81 -61.23
CA ILE D 183 4.81 -47.04 -60.84
C ILE D 183 5.16 -47.84 -62.10
N GLU D 184 6.44 -48.09 -62.33
CA GLU D 184 6.87 -48.86 -63.49
C GLU D 184 7.50 -50.17 -63.06
N PHE D 185 6.92 -51.29 -63.53
CA PHE D 185 7.45 -52.63 -63.26
C PHE D 185 8.37 -53.13 -64.37
N ASP D 186 9.33 -53.98 -64.02
CA ASP D 186 10.22 -54.55 -65.02
C ASP D 186 9.82 -55.96 -65.45
N LYS D 187 8.62 -56.38 -65.07
CA LYS D 187 8.07 -57.64 -65.57
C LYS D 187 6.67 -57.38 -66.13
N PRO D 188 6.37 -57.88 -67.33
CA PRO D 188 5.02 -57.62 -67.86
C PRO D 188 3.92 -58.30 -67.07
N PHE D 189 2.71 -57.73 -67.12
CA PHE D 189 1.55 -58.28 -66.40
C PHE D 189 0.86 -59.38 -67.20
N THR D 190 0.39 -60.44 -66.53
CA THR D 190 -0.51 -61.38 -67.23
C THR D 190 -1.85 -61.39 -66.51
N TYR D 191 -1.94 -60.61 -65.45
CA TYR D 191 -3.18 -60.37 -64.80
C TYR D 191 -3.27 -58.88 -64.51
N LYS D 192 -4.43 -58.30 -64.74
CA LYS D 192 -4.64 -56.90 -64.42
C LYS D 192 -6.08 -56.64 -64.05
N ALA D 193 -6.26 -55.82 -63.02
CA ALA D 193 -7.58 -55.45 -62.54
C ALA D 193 -7.52 -54.13 -61.84
N THR D 194 -8.52 -53.29 -62.05
CA THR D 194 -8.68 -52.16 -61.15
C THR D 194 -9.66 -52.48 -60.03
N VAL D 195 -9.70 -51.59 -59.05
CA VAL D 195 -10.56 -51.77 -57.89
C VAL D 195 -11.37 -50.50 -57.64
N GLU D 196 -12.66 -50.71 -57.42
CA GLU D 196 -13.63 -49.62 -57.31
C GLU D 196 -14.47 -49.95 -56.10
N ASN D 197 -14.38 -49.07 -55.12
CA ASN D 197 -14.81 -49.35 -53.77
CA ASN D 197 -14.91 -49.35 -53.79
C ASN D 197 -14.99 -50.84 -53.44
N GLY D 198 -13.84 -51.50 -53.36
CA GLY D 198 -13.77 -52.88 -52.90
C GLY D 198 -13.91 -53.91 -53.99
N ASN D 199 -14.45 -53.50 -55.13
CA ASN D 199 -14.79 -54.44 -56.18
C ASN D 199 -13.69 -54.58 -57.19
N LEU D 200 -13.19 -55.78 -57.36
CA LEU D 200 -12.20 -56.07 -58.34
C LEU D 200 -12.83 -56.07 -59.75
N GLN D 201 -12.20 -55.41 -60.71
CA GLN D 201 -12.67 -55.25 -62.08
C GLN D 201 -11.63 -55.66 -63.07
N GLU D 202 -11.59 -56.92 -63.37
CA GLU D 202 -10.53 -57.41 -64.20
C GLU D 202 -10.54 -56.76 -65.55
N ASN D 203 -9.38 -56.37 -66.00
CA ASN D 203 -9.25 -55.81 -67.30
C ASN D 203 -9.97 -54.50 -67.57
N VAL D 204 -10.44 -53.82 -66.54
CA VAL D 204 -11.00 -52.48 -66.70
C VAL D 204 -9.81 -51.57 -66.37
N ALA D 205 -9.42 -50.75 -67.32
CA ALA D 205 -8.22 -49.98 -67.24
C ALA D 205 -8.11 -48.92 -66.17
N GLU D 206 -9.21 -48.26 -65.86
CA GLU D 206 -9.22 -47.03 -65.07
C GLU D 206 -10.35 -46.91 -64.11
N GLN D 207 -10.12 -46.24 -62.99
CA GLN D 207 -11.17 -45.93 -62.06
C GLN D 207 -10.97 -44.51 -61.50
N THR D 208 -12.05 -43.75 -61.42
CA THR D 208 -12.05 -42.49 -60.68
C THR D 208 -13.19 -42.64 -59.69
N THR D 209 -12.83 -42.86 -58.43
CA THR D 209 -13.80 -43.33 -57.46
C THR D 209 -13.34 -42.98 -56.05
N ASP D 210 -14.14 -43.29 -55.04
CA ASP D 210 -13.79 -42.90 -53.69
C ASP D 210 -12.46 -43.56 -53.32
N HIS D 211 -12.36 -44.86 -53.53
CA HIS D 211 -11.16 -45.59 -53.15
C HIS D 211 -10.67 -46.43 -54.33
N ALA D 212 -9.79 -45.86 -55.14
CA ALA D 212 -9.28 -46.54 -56.31
C ALA D 212 -8.10 -47.47 -55.97
N GLY D 213 -7.96 -48.55 -56.72
CA GLY D 213 -6.84 -49.49 -56.56
C GLY D 213 -6.56 -50.28 -57.82
N ALA D 214 -5.45 -51.01 -57.82
CA ALA D 214 -5.10 -51.89 -58.93
C ALA D 214 -4.44 -53.12 -58.38
N ILE D 215 -4.64 -54.25 -59.07
CA ILE D 215 -3.87 -55.43 -58.76
C ILE D 215 -3.37 -55.92 -60.10
N ILE D 216 -2.06 -56.04 -60.21
CA ILE D 216 -1.47 -56.68 -61.37
C ILE D 216 -0.81 -57.98 -60.91
N GLY D 217 -0.49 -58.87 -61.83
CA GLY D 217 0.11 -60.13 -61.43
C GLY D 217 0.71 -60.87 -62.58
N PHE D 218 1.37 -61.98 -62.24
CA PHE D 218 2.18 -62.78 -63.15
C PHE D 218 2.54 -64.10 -62.48
N LYS D 219 3.13 -65.02 -63.24
CA LYS D 219 3.67 -66.27 -62.69
C LYS D 219 5.10 -65.99 -62.32
N THR D 220 5.54 -66.51 -61.17
CA THR D 220 6.93 -66.35 -60.73
C THR D 220 7.58 -67.70 -60.43
N ARG D 221 8.90 -67.75 -60.67
CA ARG D 221 9.71 -68.87 -60.23
C ARG D 221 10.26 -68.60 -58.83
N LYS D 222 10.78 -69.64 -58.19
CA LYS D 222 11.35 -69.44 -56.87
C LYS D 222 12.46 -68.40 -56.92
N GLY D 223 12.38 -67.37 -56.07
CA GLY D 223 13.47 -66.40 -55.98
C GLY D 223 13.42 -65.28 -57.02
N GLU D 224 12.37 -65.26 -57.82
CA GLU D 224 12.33 -64.34 -58.94
C GLU D 224 12.13 -62.92 -58.44
N GLN D 225 12.97 -62.00 -58.88
CA GLN D 225 12.86 -60.62 -58.40
C GLN D 225 12.10 -59.75 -59.40
N VAL D 226 11.20 -58.91 -58.89
CA VAL D 226 10.50 -57.95 -59.70
C VAL D 226 10.73 -56.58 -59.10
N ASN D 227 11.23 -55.66 -59.91
CA ASN D 227 11.51 -54.30 -59.46
C ASN D 227 10.40 -53.36 -59.87
N ALA D 228 10.06 -52.44 -58.98
CA ALA D 228 9.08 -51.42 -59.34
C ALA D 228 9.70 -50.06 -59.01
N ARG D 229 9.79 -49.19 -60.02
CA ARG D 229 10.27 -47.83 -59.83
C ARG D 229 9.07 -46.93 -59.65
N ILE D 230 9.09 -46.14 -58.58
CA ILE D 230 7.91 -45.36 -58.20
C ILE D 230 8.34 -43.93 -57.92
N ALA D 231 7.54 -42.95 -58.34
CA ALA D 231 7.78 -41.57 -57.92
C ALA D 231 6.46 -40.84 -57.84
N SER D 232 6.43 -39.72 -57.11
CA SER D 232 5.20 -38.95 -57.02
C SER D 232 5.53 -37.47 -57.11
N SER D 233 4.51 -36.67 -57.40
CA SER D 233 4.67 -35.23 -57.50
C SER D 233 3.41 -34.57 -56.97
N PHE D 234 3.53 -33.34 -56.47
CA PHE D 234 2.33 -32.58 -56.08
C PHE D 234 1.97 -31.63 -57.19
N ILE D 235 2.69 -31.73 -58.29
CA ILE D 235 2.49 -30.80 -59.39
C ILE D 235 1.71 -31.41 -60.57
N SER D 236 2.17 -32.54 -61.11
CA SER D 236 1.59 -33.14 -62.30
C SER D 236 2.15 -34.54 -62.57
N PHE D 237 1.50 -35.30 -63.45
CA PHE D 237 2.07 -36.58 -63.91
C PHE D 237 3.40 -36.39 -64.65
N GLU D 238 3.51 -35.34 -65.47
CA GLU D 238 4.75 -35.08 -66.19
C GLU D 238 5.87 -34.77 -65.18
N GLN D 239 5.56 -34.00 -64.15
CA GLN D 239 6.56 -33.73 -63.14
C GLN D 239 6.92 -35.03 -62.39
N ALA D 240 5.92 -35.87 -62.10
CA ALA D 240 6.20 -37.15 -61.42
C ALA D 240 7.12 -38.02 -62.30
N ALA D 241 6.86 -38.06 -63.60
CA ALA D 241 7.78 -38.72 -64.53
C ALA D 241 9.19 -38.13 -64.44
N ALA D 242 9.32 -36.82 -64.30
CA ALA D 242 10.65 -36.22 -64.21
C ALA D 242 11.31 -36.67 -62.89
N ASN D 243 10.54 -36.70 -61.81
CA ASN D 243 11.10 -37.06 -60.49
C ASN D 243 11.62 -38.49 -60.50
N MSE D 244 11.00 -39.31 -61.32
CA MSE D 244 11.40 -40.70 -61.49
CA MSE D 244 11.42 -40.69 -61.46
C MSE D 244 12.86 -40.81 -61.95
O MSE D 244 13.53 -41.83 -61.71
CB MSE D 244 10.43 -41.37 -62.47
CB MSE D 244 10.54 -41.41 -62.45
CG MSE D 244 10.94 -42.58 -63.18
CG MSE D 244 11.01 -42.80 -62.61
SE MSE D 244 9.65 -44.02 -62.92
SE MSE D 244 9.78 -43.89 -61.72
CE MSE D 244 9.95 -44.13 -60.96
CE MSE D 244 9.01 -44.66 -63.41
N ASN D 245 13.36 -39.78 -62.61
CA ASN D 245 14.71 -39.81 -63.08
C ASN D 245 15.74 -39.88 -61.95
N GLU D 246 15.35 -39.53 -60.73
CA GLU D 246 16.27 -39.62 -59.60
C GLU D 246 16.76 -41.05 -59.39
N LEU D 247 15.94 -42.01 -59.80
CA LEU D 247 16.26 -43.44 -59.67
C LEU D 247 17.16 -43.95 -60.79
N GLY D 248 17.17 -43.24 -61.91
CA GLY D 248 17.80 -43.74 -63.15
C GLY D 248 17.40 -45.19 -63.27
N LYS D 249 18.34 -46.02 -63.71
CA LYS D 249 18.11 -47.45 -63.71
C LYS D 249 18.98 -48.11 -62.63
N ASP D 250 19.36 -47.35 -61.60
CA ASP D 250 20.18 -47.93 -60.52
C ASP D 250 19.43 -49.08 -59.89
N ASN D 251 20.17 -50.09 -59.37
CA ASN D 251 19.51 -51.17 -58.65
C ASN D 251 19.49 -50.92 -57.12
N ILE D 252 18.93 -51.87 -56.39
CA ILE D 252 18.77 -51.73 -54.95
C ILE D 252 20.10 -51.43 -54.28
N GLU D 253 21.14 -52.20 -54.64
CA GLU D 253 22.47 -52.02 -54.04
C GLU D 253 23.02 -50.63 -54.32
N GLN D 254 22.85 -50.16 -55.55
CA GLN D 254 23.38 -48.86 -55.93
C GLN D 254 22.64 -47.70 -55.26
N LEU D 255 21.31 -47.80 -55.19
CA LEU D 255 20.54 -46.74 -54.51
C LEU D 255 20.73 -46.78 -53.00
N ALA D 256 20.86 -47.98 -52.44
CA ALA D 256 21.17 -48.06 -51.03
C ALA D 256 22.48 -47.32 -50.73
N GLN D 257 23.49 -47.51 -51.59
CA GLN D 257 24.80 -46.90 -51.32
C GLN D 257 24.69 -45.38 -51.42
N LYS D 258 23.96 -44.91 -52.42
CA LYS D 258 23.81 -43.48 -52.57
C LYS D 258 23.04 -42.89 -51.39
N GLY D 259 22.07 -43.61 -50.86
CA GLY D 259 21.33 -43.07 -49.69
C GLY D 259 22.16 -43.12 -48.40
N LYS D 260 22.92 -44.18 -48.25
CA LYS D 260 23.91 -44.28 -47.16
C LYS D 260 24.94 -43.13 -47.22
N ASP D 261 25.45 -42.85 -48.41
CA ASP D 261 26.37 -41.74 -48.58
C ASP D 261 25.72 -40.40 -48.21
N ALA D 262 24.48 -40.18 -48.68
CA ALA D 262 23.75 -38.94 -48.40
C ALA D 262 23.57 -38.78 -46.89
N TRP D 263 23.22 -39.86 -46.21
CA TRP D 263 23.10 -39.81 -44.74
C TRP D 263 24.46 -39.62 -44.03
N ASN D 264 25.49 -40.33 -44.46
CA ASN D 264 26.78 -40.14 -43.81
C ASN D 264 27.32 -38.74 -43.98
N GLN D 265 26.97 -38.13 -45.10
CA GLN D 265 27.37 -36.78 -45.38
C GLN D 265 26.85 -35.79 -44.33
N VAL D 266 25.61 -35.95 -43.91
CA VAL D 266 25.08 -35.07 -42.86
C VAL D 266 25.37 -35.54 -41.43
N LEU D 267 25.24 -36.84 -41.17
CA LEU D 267 25.52 -37.38 -39.83
C LEU D 267 26.99 -37.14 -39.45
N GLY D 268 27.86 -37.29 -40.43
CA GLY D 268 29.30 -37.13 -40.20
C GLY D 268 29.79 -35.71 -39.95
N LYS D 269 28.90 -34.72 -40.00
CA LYS D 269 29.30 -33.37 -39.59
C LYS D 269 29.52 -33.30 -38.08
N ILE D 270 29.06 -34.31 -37.36
CA ILE D 270 29.30 -34.36 -35.93
C ILE D 270 29.81 -35.75 -35.60
N GLU D 271 31.08 -35.83 -35.25
CA GLU D 271 31.72 -37.09 -34.92
C GLU D 271 31.88 -37.18 -33.42
N VAL D 272 31.25 -38.18 -32.81
CA VAL D 272 31.50 -38.40 -31.39
C VAL D 272 32.32 -39.67 -31.16
N GLU D 273 33.13 -39.65 -30.11
CA GLU D 273 33.87 -40.84 -29.73
C GLU D 273 34.09 -40.92 -28.23
N GLY D 274 34.55 -42.08 -27.74
CA GLY D 274 34.72 -42.22 -26.29
C GLY D 274 33.39 -42.26 -25.58
N GLY D 275 32.48 -43.09 -26.09
CA GLY D 275 31.20 -43.31 -25.41
C GLY D 275 30.89 -44.78 -25.54
N ASN D 276 29.71 -45.20 -25.09
CA ASN D 276 29.35 -46.59 -25.26
C ASN D 276 28.35 -46.72 -26.40
N LEU D 277 28.12 -47.96 -26.83
CA LEU D 277 27.29 -48.20 -28.01
C LEU D 277 25.88 -47.65 -27.80
N ASP D 278 25.36 -47.70 -26.57
CA ASP D 278 24.00 -47.14 -26.32
C ASP D 278 23.99 -45.68 -26.70
N GLN D 279 25.04 -44.99 -26.29
CA GLN D 279 25.14 -43.56 -26.51
C GLN D 279 25.34 -43.22 -27.98
N TYR D 280 26.19 -43.96 -28.68
CA TYR D 280 26.35 -43.72 -30.11
C TYR D 280 25.00 -43.90 -30.83
N ARG D 281 24.31 -44.98 -30.52
CA ARG D 281 22.99 -45.22 -31.11
C ARG D 281 21.97 -44.13 -30.77
N THR D 282 21.90 -43.76 -29.50
CA THR D 282 20.93 -42.72 -29.12
C THR D 282 21.27 -41.43 -29.87
N PHE D 283 22.53 -41.05 -29.82
CA PHE D 283 22.96 -39.78 -30.43
C PHE D 283 22.66 -39.75 -31.93
N TYR D 284 23.11 -40.76 -32.67
CA TYR D 284 22.92 -40.70 -34.14
C TYR D 284 21.49 -40.95 -34.57
N SER D 285 20.74 -41.75 -33.81
CA SER D 285 19.30 -41.90 -34.10
C SER D 285 18.64 -40.54 -33.89
N CYS D 286 19.01 -39.83 -32.82
CA CYS D 286 18.42 -38.49 -32.63
C CYS D 286 18.84 -37.50 -33.71
N LEU D 287 20.08 -37.60 -34.18
CA LEU D 287 20.52 -36.70 -35.27
C LEU D 287 19.72 -37.01 -36.55
N TYR D 288 19.66 -38.28 -36.92
CA TYR D 288 18.80 -38.68 -38.04
C TYR D 288 17.41 -38.04 -37.88
N ARG D 289 16.82 -38.12 -36.69
CA ARG D 289 15.48 -37.59 -36.49
C ARG D 289 15.41 -36.07 -36.58
N SER D 290 16.56 -35.43 -36.41
CA SER D 290 16.63 -33.97 -36.49
C SER D 290 16.81 -33.50 -37.92
N LEU D 291 16.90 -34.44 -38.88
CA LEU D 291 17.20 -34.04 -40.25
C LEU D 291 16.11 -34.50 -41.26
N LEU D 292 14.88 -34.56 -40.79
CA LEU D 292 13.75 -35.02 -41.60
C LEU D 292 12.72 -33.93 -41.87
N PHE D 293 12.44 -33.08 -40.87
CA PHE D 293 11.37 -32.07 -40.93
C PHE D 293 11.98 -30.71 -40.62
N PRO D 294 11.51 -29.66 -41.29
CA PRO D 294 10.42 -29.76 -42.28
C PRO D 294 10.97 -30.41 -43.54
N ARG D 295 10.08 -31.06 -44.31
CA ARG D 295 10.49 -31.76 -45.54
C ARG D 295 10.57 -30.81 -46.71
N LYS D 296 11.41 -31.14 -47.68
CA LYS D 296 11.37 -30.43 -48.95
C LYS D 296 9.96 -30.57 -49.54
N PHE D 297 9.39 -29.48 -50.08
CA PHE D 297 8.12 -29.56 -50.78
C PHE D 297 8.25 -28.92 -52.18
N TYR D 298 9.47 -28.91 -52.70
CA TYR D 298 9.73 -28.37 -54.02
C TYR D 298 10.30 -29.46 -54.89
N GLU D 299 10.25 -29.20 -56.19
CA GLU D 299 10.61 -30.19 -57.18
C GLU D 299 11.48 -29.48 -58.21
N LEU D 300 12.17 -30.23 -59.06
CA LEU D 300 13.13 -29.61 -59.95
C LEU D 300 12.66 -29.61 -61.40
N ASP D 301 12.68 -28.44 -62.03
CA ASP D 301 12.27 -28.35 -63.41
C ASP D 301 13.40 -28.82 -64.32
N ALA D 302 13.18 -28.74 -65.63
CA ALA D 302 14.12 -29.30 -66.61
C ALA D 302 15.48 -28.59 -66.60
N ASN D 303 15.55 -27.41 -65.99
CA ASN D 303 16.81 -26.71 -65.88
C ASN D 303 17.41 -26.88 -64.52
N GLY D 304 16.85 -27.78 -63.72
CA GLY D 304 17.38 -28.03 -62.40
C GLY D 304 16.95 -27.03 -61.35
N GLN D 305 16.00 -26.16 -61.69
CA GLN D 305 15.58 -25.07 -60.78
C GLN D 305 14.36 -25.47 -59.94
N PRO D 306 14.28 -24.96 -58.71
CA PRO D 306 13.23 -25.36 -57.82
C PRO D 306 11.87 -24.73 -58.17
N ILE D 307 10.82 -25.54 -58.16
CA ILE D 307 9.46 -25.08 -58.28
C ILE D 307 8.64 -25.86 -57.27
N HIS D 308 7.45 -25.36 -56.93
CA HIS D 308 6.58 -26.07 -55.98
C HIS D 308 5.12 -25.89 -56.25
N TYR D 309 4.37 -26.95 -55.98
CA TYR D 309 2.95 -26.83 -55.70
C TYR D 309 2.81 -26.04 -54.40
N SER D 310 1.99 -24.99 -54.42
CA SER D 310 1.69 -24.24 -53.17
C SER D 310 0.60 -24.96 -52.38
N PRO D 311 0.93 -25.42 -51.17
CA PRO D 311 -0.12 -26.03 -50.37
C PRO D 311 -0.94 -24.94 -49.71
N TYR D 312 -0.63 -23.69 -50.06
CA TYR D 312 -1.34 -22.53 -49.53
C TYR D 312 -2.35 -21.95 -50.53
N ASN D 313 -2.06 -22.01 -51.83
CA ASN D 313 -3.01 -21.47 -52.82
C ASN D 313 -3.21 -22.35 -54.02
N GLY D 314 -2.54 -23.51 -54.03
CA GLY D 314 -2.75 -24.48 -55.09
C GLY D 314 -2.19 -24.11 -56.44
N GLN D 315 -1.44 -23.00 -56.53
CA GLN D 315 -0.76 -22.71 -57.79
C GLN D 315 0.62 -23.36 -57.83
N VAL D 316 1.17 -23.50 -59.03
CA VAL D 316 2.54 -23.98 -59.23
C VAL D 316 3.44 -22.76 -59.41
N LEU D 317 4.46 -22.66 -58.58
CA LEU D 317 5.21 -21.42 -58.43
C LEU D 317 6.70 -21.68 -58.31
N PRO D 318 7.51 -20.72 -58.78
CA PRO D 318 8.95 -20.92 -58.64
C PRO D 318 9.43 -20.75 -57.21
N GLY D 319 10.49 -21.49 -56.88
CA GLY D 319 11.16 -21.26 -55.62
C GLY D 319 11.03 -22.38 -54.61
N TYR D 320 11.72 -22.20 -53.50
CA TYR D 320 11.75 -23.22 -52.47
C TYR D 320 10.46 -23.20 -51.66
N MSE D 321 10.14 -24.36 -51.13
CA MSE D 321 9.08 -24.60 -50.21
C MSE D 321 9.36 -25.84 -49.35
O MSE D 321 9.78 -26.84 -49.81
CB MSE D 321 7.78 -24.75 -50.91
CG MSE D 321 6.60 -25.00 -50.04
SE MSE D 321 6.09 -23.56 -48.76
CE MSE D 321 5.73 -22.21 -50.26
N PHE D 322 9.02 -25.72 -48.09
CA PHE D 322 9.17 -26.78 -47.15
C PHE D 322 7.89 -26.80 -46.34
N THR D 323 7.62 -27.90 -45.67
CA THR D 323 6.48 -28.01 -44.75
C THR D 323 6.58 -29.14 -43.68
N ASP D 324 5.49 -29.40 -42.98
CA ASP D 324 5.46 -30.41 -41.95
C ASP D 324 6.35 -30.13 -40.74
N THR D 325 6.20 -28.96 -40.18
CA THR D 325 6.81 -28.65 -38.92
C THR D 325 5.89 -27.71 -38.14
N GLY D 326 5.96 -27.81 -36.82
CA GLY D 326 5.32 -26.91 -35.89
C GLY D 326 6.38 -26.11 -35.15
N PHE D 327 6.38 -24.81 -35.39
CA PHE D 327 7.36 -23.95 -34.80
C PHE D 327 7.23 -23.95 -33.26
N TRP D 328 6.04 -24.15 -32.73
CA TRP D 328 5.89 -24.24 -31.28
C TRP D 328 6.84 -25.30 -30.73
N ASP D 329 7.08 -26.36 -31.49
CA ASP D 329 8.10 -27.34 -31.09
C ASP D 329 9.48 -26.83 -31.46
N THR D 330 9.65 -26.54 -32.75
CA THR D 330 10.96 -26.57 -33.35
C THR D 330 11.76 -25.26 -33.30
N PHE D 331 11.17 -24.19 -32.83
CA PHE D 331 11.94 -22.97 -32.59
C PHE D 331 13.03 -23.19 -31.50
N ARG D 332 12.72 -24.03 -30.55
CA ARG D 332 13.53 -24.13 -29.37
C ARG D 332 14.97 -24.56 -29.56
N CYS D 333 15.19 -25.70 -30.22
CA CYS D 333 16.52 -26.07 -30.61
C CYS D 333 16.69 -26.70 -32.03
N LEU D 334 15.59 -27.12 -32.67
CA LEU D 334 15.72 -27.79 -33.95
C LEU D 334 16.25 -26.85 -35.04
N PHE D 335 15.56 -25.75 -35.22
CA PHE D 335 16.03 -24.76 -36.17
C PHE D 335 17.40 -24.17 -35.77
N PRO D 336 17.60 -23.86 -34.51
CA PRO D 336 18.96 -23.51 -34.07
C PRO D 336 20.04 -24.54 -34.48
N LEU D 337 19.75 -25.84 -34.35
CA LEU D 337 20.73 -26.84 -34.78
C LEU D 337 21.07 -26.67 -36.26
N LEU D 338 20.07 -26.37 -37.08
CA LEU D 338 20.32 -26.20 -38.50
C LEU D 338 21.17 -24.93 -38.75
N ASN D 339 20.93 -23.88 -37.98
CA ASN D 339 21.75 -22.65 -38.14
C ASN D 339 23.21 -22.84 -37.75
N LEU D 340 23.48 -23.77 -36.86
CA LEU D 340 24.80 -24.07 -36.48
C LEU D 340 25.46 -25.07 -37.46
N MSE D 341 24.78 -26.16 -37.75
CA MSE D 341 25.38 -27.24 -38.52
C MSE D 341 25.03 -27.35 -40.04
O MSE D 341 25.78 -27.90 -40.78
CB MSE D 341 25.12 -28.58 -37.84
CG MSE D 341 25.51 -28.73 -36.44
SE MSE D 341 27.47 -28.35 -36.19
CE MSE D 341 28.14 -29.63 -37.51
N TYR D 342 23.87 -26.88 -40.41
CA TYR D 342 23.40 -26.99 -41.77
C TYR D 342 22.75 -25.69 -42.29
N PRO D 343 23.47 -24.59 -42.16
CA PRO D 343 22.93 -23.31 -42.55
C PRO D 343 22.48 -23.22 -44.02
N SER D 344 23.16 -23.89 -44.94
CA SER D 344 22.74 -23.87 -46.33
C SER D 344 21.32 -24.44 -46.45
N VAL D 345 21.03 -25.45 -45.65
CA VAL D 345 19.75 -26.03 -45.70
C VAL D 345 18.66 -25.09 -45.20
N ASN D 346 18.90 -24.48 -44.04
CA ASN D 346 17.95 -23.50 -43.52
C ASN D 346 17.77 -22.32 -44.45
N LYS D 347 18.83 -21.97 -45.19
CA LYS D 347 18.69 -20.93 -46.19
C LYS D 347 17.53 -21.24 -47.16
N GLU D 348 17.49 -22.47 -47.67
CA GLU D 348 16.36 -22.88 -48.52
C GLU D 348 15.02 -22.78 -47.79
N MSE D 349 15.01 -23.25 -46.54
CA MSE D 349 13.79 -23.21 -45.70
C MSE D 349 13.29 -21.79 -45.48
O MSE D 349 12.08 -21.53 -45.60
CB MSE D 349 14.01 -23.91 -44.37
CG MSE D 349 14.20 -25.41 -44.49
SE MSE D 349 14.91 -26.16 -42.87
CE MSE D 349 14.92 -28.03 -43.43
N GLN D 350 14.20 -20.87 -45.18
CA GLN D 350 13.78 -19.51 -44.91
C GLN D 350 13.19 -18.87 -46.14
N GLU D 351 13.75 -19.18 -47.32
CA GLU D 351 13.16 -18.70 -48.58
C GLU D 351 11.76 -19.33 -48.76
N GLY D 352 11.62 -20.58 -48.33
CA GLY D 352 10.32 -21.24 -48.30
C GLY D 352 9.32 -20.48 -47.43
N LEU D 353 9.77 -20.03 -46.26
CA LEU D 353 8.90 -19.23 -45.40
C LEU D 353 8.42 -17.91 -46.06
N ILE D 354 9.33 -17.21 -46.73
CA ILE D 354 8.94 -16.00 -47.45
C ILE D 354 7.87 -16.34 -48.50
N ASN D 355 8.07 -17.43 -49.24
CA ASN D 355 7.05 -17.88 -50.17
C ASN D 355 5.70 -18.19 -49.49
N THR D 356 5.76 -18.78 -48.30
CA THR D 356 4.52 -19.12 -47.56
C THR D 356 3.75 -17.83 -47.24
N TYR D 357 4.49 -16.84 -46.79
CA TYR D 357 3.87 -15.54 -46.52
C TYR D 357 3.28 -14.90 -47.79
N LEU D 358 4.01 -14.97 -48.91
CA LEU D 358 3.53 -14.37 -50.15
C LEU D 358 2.29 -15.08 -50.67
N GLU D 359 2.26 -16.41 -50.48
CA GLU D 359 1.21 -17.24 -51.05
C GLU D 359 -0.05 -17.31 -50.17
N SER D 360 0.11 -17.08 -48.87
CA SER D 360 -0.99 -17.27 -47.93
C SER D 360 -1.32 -16.02 -47.13
N GLY D 361 -0.43 -15.02 -47.15
CA GLY D 361 -0.62 -13.82 -46.32
C GLY D 361 -0.08 -13.88 -44.89
N PHE D 362 0.34 -15.07 -44.46
CA PHE D 362 0.88 -15.25 -43.12
C PHE D 362 2.11 -16.16 -43.16
N PHE D 363 3.07 -15.91 -42.27
CA PHE D 363 4.05 -16.94 -41.98
C PHE D 363 3.32 -18.04 -41.24
N PRO D 364 3.78 -19.29 -41.41
CA PRO D 364 3.14 -20.44 -40.78
C PRO D 364 3.56 -20.56 -39.31
N GLU D 365 2.78 -21.30 -38.53
CA GLU D 365 3.20 -21.71 -37.21
C GLU D 365 3.24 -23.23 -37.24
N TRP D 366 2.08 -23.87 -37.46
CA TRP D 366 1.99 -25.33 -37.75
C TRP D 366 1.55 -25.48 -39.21
N ALA D 367 2.36 -26.19 -39.98
CA ALA D 367 2.02 -26.43 -41.38
C ALA D 367 2.16 -27.89 -41.76
N SER D 368 1.08 -28.45 -42.31
CA SER D 368 1.02 -29.81 -42.77
C SER D 368 -0.14 -30.13 -43.73
N PRO D 369 0.03 -29.90 -45.00
CA PRO D 369 1.15 -29.16 -45.58
C PRO D 369 0.94 -27.62 -45.57
N GLY D 370 -0.32 -27.24 -45.65
CA GLY D 370 -0.80 -25.88 -45.53
C GLY D 370 -1.03 -25.52 -44.06
N HIS D 371 -1.59 -24.36 -43.81
CA HIS D 371 -1.78 -23.91 -42.47
C HIS D 371 -2.69 -24.86 -41.71
N ARG D 372 -2.28 -25.27 -40.52
CA ARG D 372 -3.05 -26.15 -39.67
C ARG D 372 -3.29 -25.63 -38.23
N GLY D 373 -4.45 -25.90 -37.66
CA GLY D 373 -4.74 -25.40 -36.35
C GLY D 373 -4.18 -26.31 -35.28
N CYS D 374 -3.08 -25.90 -34.73
CA CYS D 374 -2.43 -26.71 -33.70
C CYS D 374 -1.44 -25.90 -32.88
N MSE D 375 -1.46 -26.09 -31.58
CA MSE D 375 -0.58 -25.39 -30.70
C MSE D 375 -0.76 -23.83 -30.66
O MSE D 375 -1.75 -23.33 -31.06
CB MSE D 375 0.87 -25.79 -30.93
CG MSE D 375 1.10 -27.29 -30.94
SE MSE D 375 0.17 -28.21 -29.48
CE MSE D 375 1.19 -27.60 -28.08
N VAL D 376 0.26 -23.14 -30.20
CA VAL D 376 0.18 -21.73 -29.93
C VAL D 376 1.43 -20.93 -30.20
N GLY D 377 1.30 -19.62 -30.11
CA GLY D 377 2.43 -18.70 -30.20
C GLY D 377 2.67 -18.12 -31.59
N ASN D 378 3.66 -17.23 -31.69
CA ASN D 378 4.03 -16.56 -32.93
C ASN D 378 5.52 -16.84 -33.16
N ASN D 379 5.90 -18.10 -32.96
CA ASN D 379 7.29 -18.46 -32.86
C ASN D 379 7.99 -18.51 -34.20
N SER D 380 7.25 -18.35 -35.29
CA SER D 380 7.92 -18.09 -36.56
C SER D 380 8.87 -16.89 -36.40
N ALA D 381 8.52 -15.94 -35.52
CA ALA D 381 9.39 -14.78 -35.33
C ALA D 381 10.78 -15.22 -34.84
N SER D 382 10.83 -16.18 -33.94
CA SER D 382 12.11 -16.69 -33.46
C SER D 382 12.85 -17.39 -34.62
N ILE D 383 12.13 -18.22 -35.36
CA ILE D 383 12.74 -18.93 -36.52
C ILE D 383 13.40 -17.92 -37.49
N LEU D 384 12.58 -17.00 -37.96
CA LEU D 384 13.03 -16.01 -38.92
C LEU D 384 14.23 -15.16 -38.42
N VAL D 385 14.11 -14.63 -37.20
CA VAL D 385 15.15 -13.75 -36.67
C VAL D 385 16.41 -14.51 -36.26
N ASP D 386 16.26 -15.71 -35.71
CA ASP D 386 17.45 -16.45 -35.32
C ASP D 386 18.29 -16.74 -36.56
N ALA D 387 17.62 -17.08 -37.67
CA ALA D 387 18.33 -17.36 -38.92
C ALA D 387 19.06 -16.12 -39.40
N TYR D 388 18.34 -15.01 -39.52
CA TYR D 388 18.97 -13.76 -39.96
C TYR D 388 20.21 -13.37 -39.14
N MSE D 389 20.10 -13.46 -37.82
CA MSE D 389 21.16 -13.00 -36.90
C MSE D 389 22.35 -13.96 -36.92
O MSE D 389 23.43 -13.62 -36.44
CB MSE D 389 20.62 -12.86 -35.48
CG MSE D 389 19.46 -11.85 -35.36
SE MSE D 389 19.87 -10.01 -35.99
CE MSE D 389 21.06 -9.56 -34.52
N LYS D 390 22.14 -15.14 -37.48
CA LYS D 390 23.21 -16.13 -37.55
C LYS D 390 23.70 -16.24 -38.98
N GLY D 391 23.36 -15.24 -39.79
CA GLY D 391 23.92 -15.15 -41.14
C GLY D 391 23.18 -15.93 -42.21
N VAL D 392 22.01 -16.48 -41.89
CA VAL D 392 21.18 -17.16 -42.90
C VAL D 392 20.14 -16.12 -43.32
N LYS D 393 20.43 -15.42 -44.42
CA LYS D 393 19.73 -14.18 -44.76
C LYS D 393 18.94 -14.34 -46.06
N VAL D 394 17.62 -14.29 -45.96
CA VAL D 394 16.78 -14.36 -47.15
C VAL D 394 17.13 -13.21 -48.08
N ASP D 395 16.81 -13.35 -49.37
CA ASP D 395 17.04 -12.32 -50.36
C ASP D 395 16.18 -11.08 -50.11
N ASP D 396 14.94 -11.26 -49.67
CA ASP D 396 13.98 -10.14 -49.58
C ASP D 396 13.66 -9.74 -48.14
N ILE D 397 14.56 -8.96 -47.54
CA ILE D 397 14.44 -8.60 -46.13
C ILE D 397 13.25 -7.68 -45.91
N LYS D 398 12.89 -6.90 -46.92
CA LYS D 398 11.76 -5.98 -46.79
C LYS D 398 10.47 -6.78 -46.53
N THR D 399 10.23 -7.77 -47.38
CA THR D 399 9.09 -8.67 -47.21
C THR D 399 9.18 -9.43 -45.89
N LEU D 400 10.37 -9.89 -45.52
CA LEU D 400 10.56 -10.55 -44.23
C LEU D 400 9.98 -9.66 -43.12
N TYR D 401 10.43 -8.40 -43.06
CA TYR D 401 10.04 -7.55 -41.94
C TYR D 401 8.54 -7.28 -41.97
N GLU D 402 8.01 -6.98 -43.14
CA GLU D 402 6.58 -6.72 -43.27
C GLU D 402 5.74 -7.89 -42.77
N GLY D 403 6.18 -9.11 -43.11
CA GLY D 403 5.47 -10.29 -42.69
C GLY D 403 5.50 -10.49 -41.18
N LEU D 404 6.63 -10.14 -40.55
CA LEU D 404 6.71 -10.24 -39.10
C LEU D 404 5.73 -9.27 -38.46
N ILE D 405 5.75 -8.01 -38.92
CA ILE D 405 4.84 -7.00 -38.36
C ILE D 405 3.39 -7.43 -38.57
N HIS D 406 3.08 -7.90 -39.77
CA HIS D 406 1.73 -8.37 -40.10
C HIS D 406 1.26 -9.44 -39.12
N GLY D 407 2.19 -10.31 -38.72
CA GLY D 407 1.83 -11.38 -37.79
C GLY D 407 1.51 -10.91 -36.37
N THR D 408 2.02 -9.73 -35.98
CA THR D 408 1.75 -9.19 -34.64
C THR D 408 0.38 -8.56 -34.50
N GLU D 409 -0.28 -8.27 -35.61
CA GLU D 409 -1.57 -7.59 -35.53
C GLU D 409 -2.70 -8.23 -36.34
N ASN D 410 -2.60 -9.53 -36.58
CA ASN D 410 -3.57 -10.26 -37.38
C ASN D 410 -3.63 -11.71 -36.93
N VAL D 411 -4.79 -12.34 -37.08
CA VAL D 411 -4.90 -13.79 -36.86
C VAL D 411 -5.58 -14.34 -38.09
N HIS D 412 -5.12 -15.50 -38.56
CA HIS D 412 -5.73 -16.12 -39.74
C HIS D 412 -7.20 -16.43 -39.46
N PRO D 413 -8.07 -16.17 -40.46
CA PRO D 413 -9.53 -16.29 -40.27
C PRO D 413 -10.07 -17.70 -40.21
N GLU D 414 -9.28 -18.69 -40.63
CA GLU D 414 -9.68 -20.09 -40.51
C GLU D 414 -8.84 -20.87 -39.50
N VAL D 415 -7.61 -20.43 -39.25
CA VAL D 415 -6.66 -21.21 -38.45
C VAL D 415 -6.13 -20.38 -37.31
N SER D 416 -6.67 -20.57 -36.12
CA SER D 416 -6.40 -19.64 -35.03
C SER D 416 -4.95 -19.65 -34.55
N SER D 417 -4.21 -20.72 -34.86
CA SER D 417 -2.80 -20.78 -34.46
C SER D 417 -1.86 -20.11 -35.48
N THR D 418 -2.41 -19.56 -36.53
CA THR D 418 -1.63 -18.84 -37.52
C THR D 418 -1.88 -17.33 -37.33
N GLY D 419 -0.83 -16.54 -37.22
CA GLY D 419 -0.93 -15.16 -36.73
C GLY D 419 -1.09 -15.22 -35.20
N ARG D 420 -1.54 -14.12 -34.61
CA ARG D 420 -1.61 -14.02 -33.16
C ARG D 420 -3.04 -13.93 -32.63
N LEU D 421 -3.60 -15.08 -32.26
CA LEU D 421 -4.89 -15.09 -31.57
C LEU D 421 -4.81 -14.27 -30.28
N GLY D 422 -5.77 -13.36 -30.12
CA GLY D 422 -5.79 -12.46 -28.96
C GLY D 422 -4.92 -11.22 -29.05
N TYR D 423 -4.44 -10.87 -30.24
CA TYR D 423 -3.47 -9.76 -30.36
C TYR D 423 -4.03 -8.41 -29.89
N GLU D 424 -5.33 -8.21 -30.06
CA GLU D 424 -5.99 -6.96 -29.67
C GLU D 424 -5.79 -6.73 -28.19
N TYR D 425 -6.13 -7.75 -27.40
CA TYR D 425 -5.97 -7.68 -25.97
C TYR D 425 -4.51 -7.54 -25.59
N TYR D 426 -3.65 -8.31 -26.26
CA TYR D 426 -2.25 -8.36 -25.88
C TYR D 426 -1.64 -6.98 -26.14
N ASN D 427 -1.97 -6.40 -27.30
CA ASN D 427 -1.44 -5.09 -27.67
C ASN D 427 -1.94 -3.96 -26.75
N LYS D 428 -3.17 -4.07 -26.26
CA LYS D 428 -3.74 -3.04 -25.40
C LYS D 428 -3.39 -3.22 -23.91
N LEU D 429 -3.43 -4.46 -23.41
CA LEU D 429 -3.28 -4.71 -21.98
C LEU D 429 -1.94 -5.28 -21.55
N GLY D 430 -1.19 -5.84 -22.49
CA GLY D 430 0.12 -6.42 -22.18
C GLY D 430 0.04 -7.90 -21.85
N TYR D 431 -1.13 -8.49 -22.06
CA TYR D 431 -1.33 -9.93 -21.85
C TYR D 431 -2.65 -10.33 -22.49
N VAL D 432 -2.79 -11.62 -22.85
CA VAL D 432 -4.06 -12.19 -23.31
C VAL D 432 -4.81 -12.66 -22.07
N PRO D 433 -5.98 -12.06 -21.78
CA PRO D 433 -6.69 -12.36 -20.52
C PRO D 433 -7.19 -13.81 -20.42
N TYR D 434 -7.45 -14.23 -19.19
CA TYR D 434 -7.92 -15.55 -18.83
C TYR D 434 -9.42 -15.77 -19.02
N ASP D 435 -10.18 -14.68 -19.08
CA ASP D 435 -11.66 -14.76 -19.13
C ASP D 435 -12.25 -14.17 -20.40
N VAL D 436 -11.56 -14.28 -21.52
CA VAL D 436 -12.09 -13.73 -22.77
C VAL D 436 -12.34 -14.79 -23.84
N LYS D 437 -12.50 -16.04 -23.43
CA LYS D 437 -12.77 -17.15 -24.36
C LYS D 437 -11.60 -17.51 -25.28
N ILE D 438 -10.38 -17.14 -24.91
CA ILE D 438 -9.21 -17.59 -25.64
C ILE D 438 -8.38 -18.50 -24.72
N ASN D 439 -8.45 -19.79 -24.98
CA ASN D 439 -7.71 -20.77 -24.19
C ASN D 439 -6.19 -20.65 -24.35
N GLU D 440 -5.44 -21.17 -23.39
CA GLU D 440 -4.00 -21.16 -23.48
C GLU D 440 -3.50 -19.73 -23.43
N ASN D 441 -4.24 -18.86 -22.76
CA ASN D 441 -3.92 -17.44 -22.74
C ASN D 441 -2.59 -17.07 -22.08
N ALA D 442 -2.14 -17.81 -21.07
CA ALA D 442 -0.86 -17.44 -20.47
C ALA D 442 0.29 -17.93 -21.32
N ALA D 443 0.16 -19.14 -21.85
CA ALA D 443 1.18 -19.67 -22.78
C ALA D 443 1.38 -18.67 -23.89
N ARG D 444 0.27 -18.28 -24.53
CA ARG D 444 0.36 -17.31 -25.62
C ARG D 444 1.09 -16.05 -25.21
N THR D 445 0.80 -15.53 -24.02
CA THR D 445 1.39 -14.24 -23.66
C THR D 445 2.88 -14.38 -23.49
N LEU D 446 3.30 -15.49 -22.89
CA LEU D 446 4.70 -15.66 -22.58
C LEU D 446 5.47 -15.84 -23.88
N GLU D 447 4.93 -16.63 -24.81
CA GLU D 447 5.62 -16.81 -26.07
C GLU D 447 5.58 -15.56 -26.96
N TYR D 448 4.48 -14.81 -26.95
CA TYR D 448 4.44 -13.53 -27.71
C TYR D 448 5.52 -12.54 -27.25
N ALA D 449 5.78 -12.51 -25.94
CA ALA D 449 6.76 -11.57 -25.38
C ALA D 449 8.15 -11.91 -25.89
N TYR D 450 8.47 -13.20 -25.91
CA TYR D 450 9.74 -13.63 -26.44
C TYR D 450 9.75 -13.34 -27.95
N ASP D 451 8.63 -13.63 -28.61
CA ASP D 451 8.57 -13.40 -30.05
C ASP D 451 8.79 -11.91 -30.29
N ASP D 452 8.31 -11.08 -29.36
CA ASP D 452 8.45 -9.63 -29.51
C ASP D 452 9.88 -9.20 -29.27
N TRP D 453 10.55 -9.84 -28.32
CA TRP D 453 11.96 -9.60 -28.17
C TRP D 453 12.73 -9.94 -29.47
N CYS D 454 12.33 -11.03 -30.15
CA CYS D 454 12.95 -11.41 -31.41
C CYS D 454 12.75 -10.30 -32.44
N ILE D 455 11.53 -9.81 -32.58
CA ILE D 455 11.27 -8.70 -33.50
C ILE D 455 12.08 -7.42 -33.12
N TYR D 456 12.21 -7.14 -31.84
CA TYR D 456 13.02 -6.00 -31.37
C TYR D 456 14.45 -6.15 -31.81
N ARG D 457 14.96 -7.37 -31.69
CA ARG D 457 16.32 -7.64 -32.10
C ARG D 457 16.55 -7.30 -33.55
N LEU D 458 15.67 -7.80 -34.42
CA LEU D 458 15.78 -7.55 -35.88
C LEU D 458 15.52 -6.07 -36.23
N ALA D 459 14.55 -5.45 -35.56
CA ALA D 459 14.23 -4.06 -35.84
C ALA D 459 15.46 -3.19 -35.58
N LYS D 460 16.17 -3.48 -34.50
CA LYS D 460 17.36 -2.72 -34.15
C LYS D 460 18.51 -3.02 -35.13
N GLU D 461 18.66 -4.29 -35.48
CA GLU D 461 19.65 -4.66 -36.49
C GLU D 461 19.32 -3.99 -37.82
N LEU D 462 18.04 -3.85 -38.15
CA LEU D 462 17.67 -3.29 -39.45
C LEU D 462 17.66 -1.76 -39.46
N LYS D 463 17.97 -1.13 -38.34
CA LYS D 463 17.89 0.33 -38.25
C LYS D 463 16.48 0.87 -38.51
N ARG D 464 15.47 0.18 -38.00
CA ARG D 464 14.09 0.67 -38.11
C ARG D 464 13.91 1.94 -37.26
N PRO D 465 12.80 2.66 -37.46
CA PRO D 465 12.49 3.86 -36.66
C PRO D 465 12.54 3.60 -35.15
N LYS D 466 13.16 4.49 -34.39
CA LYS D 466 13.36 4.24 -32.97
C LYS D 466 12.04 3.91 -32.26
N LYS D 467 10.95 4.49 -32.75
CA LYS D 467 9.60 4.20 -32.24
C LYS D 467 9.22 2.71 -32.36
N GLU D 468 9.55 2.07 -33.47
CA GLU D 468 9.26 0.65 -33.62
C GLU D 468 10.11 -0.15 -32.63
N ILE D 469 11.40 0.16 -32.58
CA ILE D 469 12.32 -0.53 -31.67
C ILE D 469 11.79 -0.47 -30.24
N SER D 470 11.30 0.71 -29.83
CA SER D 470 10.80 0.91 -28.45
C SER D 470 9.56 0.11 -28.16
N LEU D 471 8.67 0.02 -29.13
CA LEU D 471 7.43 -0.69 -28.93
C LEU D 471 7.68 -2.20 -28.62
N PHE D 472 8.62 -2.79 -29.35
CA PHE D 472 8.89 -4.22 -29.16
C PHE D 472 9.78 -4.44 -27.98
N ALA D 473 10.61 -3.46 -27.63
CA ALA D 473 11.41 -3.56 -26.43
C ALA D 473 10.44 -3.60 -25.26
N LYS D 474 9.32 -2.91 -25.44
CA LYS D 474 8.35 -2.76 -24.38
C LYS D 474 7.53 -4.03 -24.32
N ARG D 475 7.12 -4.55 -25.46
CA ARG D 475 6.36 -5.80 -25.44
C ARG D 475 7.18 -7.01 -24.97
N ALA D 476 8.47 -7.02 -25.26
CA ALA D 476 9.35 -8.07 -24.74
C ALA D 476 9.21 -8.22 -23.21
N MSE D 477 8.71 -7.19 -22.52
CA MSE D 477 8.64 -7.26 -21.06
C MSE D 477 7.27 -7.70 -20.60
O MSE D 477 7.02 -7.78 -19.40
CB MSE D 477 8.99 -5.90 -20.42
CG MSE D 477 10.43 -5.54 -20.59
SE MSE D 477 11.69 -6.88 -19.94
CE MSE D 477 13.31 -5.76 -20.07
N ASN D 478 6.38 -8.01 -21.55
CA ASN D 478 5.01 -8.39 -21.18
C ASN D 478 4.88 -9.65 -20.32
N TYR D 479 5.92 -10.49 -20.27
CA TYR D 479 5.86 -11.65 -19.40
C TYR D 479 5.61 -11.22 -17.94
N LYS D 480 6.03 -10.01 -17.58
CA LYS D 480 5.90 -9.50 -16.19
C LYS D 480 4.43 -9.35 -15.80
N ASN D 481 3.59 -9.19 -16.80
CA ASN D 481 2.18 -8.98 -16.61
C ASN D 481 1.43 -10.19 -16.06
N LEU D 482 2.04 -11.37 -16.14
CA LEU D 482 1.40 -12.55 -15.60
C LEU D 482 2.11 -13.10 -14.38
N PHE D 483 3.07 -12.36 -13.85
CA PHE D 483 3.79 -12.84 -12.67
C PHE D 483 3.03 -12.60 -11.37
N ASP D 484 2.76 -13.67 -10.63
CA ASP D 484 1.99 -13.61 -9.38
C ASP D 484 2.95 -13.66 -8.19
N LYS D 485 3.13 -12.52 -7.51
CA LYS D 485 4.08 -12.39 -6.41
C LYS D 485 3.80 -13.33 -5.24
N GLU D 486 2.54 -13.66 -4.96
CA GLU D 486 2.23 -14.61 -3.87
C GLU D 486 2.91 -15.94 -4.12
N SER D 487 2.70 -16.46 -5.33
CA SER D 487 3.11 -17.82 -5.66
C SER D 487 4.46 -17.90 -6.33
N LYS D 488 4.95 -16.75 -6.83
CA LYS D 488 6.21 -16.70 -7.59
C LYS D 488 6.08 -17.50 -8.89
N LEU D 489 4.85 -17.57 -9.39
CA LEU D 489 4.55 -18.29 -10.65
C LEU D 489 3.76 -17.46 -11.62
N MSE D 490 3.80 -17.87 -12.88
CA MSE D 490 2.96 -17.29 -13.89
C MSE D 490 1.54 -17.77 -13.70
O MSE D 490 1.28 -18.94 -13.35
CB MSE D 490 3.49 -17.63 -15.29
CG MSE D 490 4.85 -17.04 -15.55
SE MSE D 490 4.82 -15.10 -15.63
CE MSE D 490 6.68 -14.76 -16.10
N ARG D 491 0.59 -16.87 -13.94
CA ARG D 491 -0.78 -17.14 -13.54
C ARG D 491 -1.71 -16.42 -14.46
N GLY D 492 -2.80 -17.08 -14.83
CA GLY D 492 -3.80 -16.45 -15.69
C GLY D 492 -4.36 -15.17 -15.10
N ARG D 493 -4.66 -14.19 -15.96
CA ARG D 493 -5.07 -12.86 -15.49
C ARG D 493 -6.31 -12.36 -16.22
N ASN D 494 -7.34 -11.99 -15.46
CA ASN D 494 -8.62 -11.56 -16.05
C ASN D 494 -8.49 -10.23 -16.77
N GLU D 495 -9.47 -9.94 -17.62
CA GLU D 495 -9.49 -8.70 -18.40
C GLU D 495 -9.45 -7.42 -17.53
N ASP D 496 -10.07 -7.47 -16.36
CA ASP D 496 -10.10 -6.29 -15.46
C ASP D 496 -8.79 -6.05 -14.76
N GLY D 497 -7.88 -7.01 -14.87
CA GLY D 497 -6.57 -6.87 -14.27
C GLY D 497 -6.38 -7.76 -13.07
N THR D 498 -7.45 -8.34 -12.53
CA THR D 498 -7.31 -9.24 -11.38
C THR D 498 -6.77 -10.62 -11.81
N PHE D 499 -5.93 -11.23 -10.97
CA PHE D 499 -5.43 -12.59 -11.28
C PHE D 499 -6.55 -13.58 -11.09
N GLN D 500 -6.63 -14.59 -11.96
CA GLN D 500 -7.73 -15.54 -11.86
C GLN D 500 -7.67 -16.37 -10.58
N SER D 501 -8.86 -16.58 -10.01
CA SER D 501 -9.04 -17.39 -8.79
C SER D 501 -10.20 -18.34 -9.02
N PRO D 502 -10.12 -19.54 -8.46
CA PRO D 502 -8.98 -20.08 -7.73
C PRO D 502 -7.79 -20.41 -8.64
N PHE D 503 -6.58 -20.28 -8.10
CA PHE D 503 -5.35 -20.58 -8.81
C PHE D 503 -4.88 -21.97 -8.48
N SER D 504 -4.65 -22.78 -9.49
CA SER D 504 -4.13 -24.10 -9.27
C SER D 504 -2.86 -24.28 -10.09
N PRO D 505 -1.69 -24.12 -9.47
CA PRO D 505 -0.44 -24.15 -10.22
C PRO D 505 -0.17 -25.50 -10.85
N LEU D 506 -0.78 -26.56 -10.32
CA LEU D 506 -0.58 -27.90 -10.85
C LEU D 506 -1.62 -28.27 -11.90
N LYS D 507 -2.49 -27.32 -12.25
CA LYS D 507 -3.49 -27.56 -13.27
C LYS D 507 -2.90 -27.53 -14.68
N TRP D 508 -3.07 -28.61 -15.42
CA TRP D 508 -2.61 -28.68 -16.80
C TRP D 508 -3.57 -28.02 -17.77
N GLY D 509 -3.07 -27.42 -18.81
CA GLY D 509 -3.95 -26.85 -19.80
C GLY D 509 -4.61 -25.58 -19.31
N ASP D 510 -5.75 -25.23 -19.88
CA ASP D 510 -6.50 -24.03 -19.48
C ASP D 510 -5.73 -22.77 -19.85
N ALA D 511 -5.11 -22.12 -18.89
CA ALA D 511 -4.23 -20.99 -19.16
C ALA D 511 -2.94 -21.34 -19.93
N PHE D 512 -2.51 -22.56 -19.79
CA PHE D 512 -1.30 -23.06 -20.37
C PHE D 512 -1.61 -24.14 -21.41
N THR D 513 -0.59 -24.60 -22.09
CA THR D 513 -0.77 -25.73 -22.96
C THR D 513 0.36 -26.70 -22.78
N GLU D 514 0.05 -27.97 -22.88
CA GLU D 514 1.05 -28.99 -22.70
C GLU D 514 1.77 -28.79 -21.37
N GLY D 515 1.01 -28.65 -20.30
CA GLY D 515 1.65 -28.51 -19.00
C GLY D 515 0.94 -27.53 -18.08
N ASN D 516 1.57 -27.25 -16.95
CA ASN D 516 0.95 -26.39 -15.93
C ASN D 516 1.83 -25.17 -15.67
N SER D 517 1.48 -24.34 -14.69
CA SER D 517 2.28 -23.16 -14.42
C SER D 517 3.71 -23.50 -14.05
N TRP D 518 3.91 -24.59 -13.31
CA TRP D 518 5.26 -24.98 -12.96
C TRP D 518 6.13 -25.34 -14.18
N HIS D 519 5.49 -25.66 -15.29
CA HIS D 519 6.24 -25.97 -16.52
C HIS D 519 6.47 -24.71 -17.36
N TYR D 520 5.43 -23.89 -17.47
CA TYR D 520 5.43 -22.73 -18.34
C TYR D 520 6.06 -21.46 -17.74
N THR D 521 6.22 -21.43 -16.41
CA THR D 521 6.74 -20.23 -15.78
C THR D 521 8.15 -19.84 -16.26
N TRP D 522 8.94 -20.83 -16.67
CA TRP D 522 10.31 -20.57 -17.09
C TRP D 522 10.43 -20.06 -18.51
N SER D 523 9.31 -19.75 -19.13
CA SER D 523 9.33 -19.40 -20.56
C SER D 523 9.68 -17.93 -20.76
N VAL D 524 10.87 -17.54 -20.32
CA VAL D 524 11.38 -16.18 -20.47
C VAL D 524 12.81 -16.27 -20.98
N PHE D 525 12.95 -16.85 -22.16
CA PHE D 525 14.24 -17.20 -22.75
C PHE D 525 15.17 -16.02 -22.88
N HIS D 526 14.60 -14.91 -23.29
CA HIS D 526 15.29 -13.66 -23.49
C HIS D 526 15.69 -12.86 -22.22
N ASP D 527 15.08 -13.20 -21.10
CA ASP D 527 15.32 -12.45 -19.87
C ASP D 527 15.34 -13.25 -18.56
N PRO D 528 16.19 -14.24 -18.45
CA PRO D 528 16.22 -15.06 -17.23
C PRO D 528 16.54 -14.21 -15.95
N GLN D 529 17.38 -13.22 -16.09
CA GLN D 529 17.61 -12.30 -15.00
C GLN D 529 16.36 -11.52 -14.57
N GLY D 530 15.55 -11.13 -15.53
CA GLY D 530 14.29 -10.51 -15.26
C GLY D 530 13.38 -11.44 -14.47
N LEU D 531 13.32 -12.71 -14.83
CA LEU D 531 12.58 -13.67 -14.04
C LEU D 531 13.18 -13.87 -12.64
N ILE D 532 14.49 -13.91 -12.56
CA ILE D 532 15.19 -14.06 -11.32
C ILE D 532 14.86 -12.89 -10.39
N ASP D 533 14.87 -11.69 -10.94
CA ASP D 533 14.52 -10.51 -10.14
C ASP D 533 13.06 -10.61 -9.66
N LEU D 534 12.14 -10.98 -10.54
CA LEU D 534 10.74 -11.12 -10.12
C LEU D 534 10.58 -12.07 -8.96
N MSE D 535 11.37 -13.12 -8.94
CA MSE D 535 11.24 -14.12 -7.90
C MSE D 535 11.91 -13.70 -6.59
O MSE D 535 11.79 -14.39 -5.57
CB MSE D 535 11.78 -15.44 -8.38
CG MSE D 535 10.79 -16.17 -9.23
SE MSE D 535 11.42 -17.96 -9.66
CE MSE D 535 10.24 -18.13 -11.18
N GLY D 536 12.63 -12.57 -6.61
CA GLY D 536 13.27 -12.07 -5.41
C GLY D 536 14.72 -12.48 -5.31
N GLY D 537 15.36 -12.70 -6.46
CA GLY D 537 16.79 -13.02 -6.47
C GLY D 537 17.19 -14.44 -6.80
N LYS D 538 18.48 -14.62 -7.05
CA LYS D 538 18.99 -15.91 -7.52
C LYS D 538 18.83 -17.06 -6.53
N GLU D 539 18.89 -16.78 -5.23
CA GLU D 539 18.66 -17.84 -4.25
C GLU D 539 17.22 -18.36 -4.25
N MSE D 540 16.24 -17.45 -4.30
CA MSE D 540 14.85 -17.91 -4.36
C MSE D 540 14.56 -18.63 -5.67
O MSE D 540 13.80 -19.59 -5.70
CB MSE D 540 13.88 -16.75 -4.18
CG MSE D 540 12.41 -17.15 -4.32
SE MSE D 540 11.86 -18.47 -2.96
CE MSE D 540 12.22 -17.37 -1.39
N PHE D 541 15.11 -18.12 -6.76
CA PHE D 541 14.96 -18.73 -8.08
C PHE D 541 15.48 -20.18 -8.06
N VAL D 542 16.63 -20.40 -7.46
CA VAL D 542 17.17 -21.75 -7.33
C VAL D 542 16.28 -22.61 -6.42
N THR D 543 15.73 -21.98 -5.37
CA THR D 543 14.82 -22.69 -4.49
C THR D 543 13.61 -23.23 -5.26
N MSE D 544 13.01 -22.37 -6.06
CA MSE D 544 11.85 -22.75 -6.89
C MSE D 544 12.23 -23.82 -7.92
O MSE D 544 11.50 -24.79 -8.06
CB MSE D 544 11.27 -21.51 -7.56
CG MSE D 544 10.76 -20.46 -6.58
SE MSE D 544 9.04 -21.03 -5.89
CE MSE D 544 7.92 -20.45 -7.36
N MSE D 545 13.36 -23.64 -8.62
CA MSE D 545 13.85 -24.63 -9.60
C MSE D 545 14.00 -25.97 -8.93
O MSE D 545 13.52 -26.99 -9.43
CB MSE D 545 15.26 -24.27 -10.07
CG MSE D 545 15.37 -23.29 -11.18
SE MSE D 545 15.94 -24.06 -12.93
CE MSE D 545 14.58 -22.97 -13.54
N ASP D 546 14.73 -25.97 -7.82
CA ASP D 546 14.96 -27.20 -7.08
C ASP D 546 13.63 -27.89 -6.74
N SER D 547 12.62 -27.10 -6.42
CA SER D 547 11.35 -27.65 -5.96
C SER D 547 10.66 -28.40 -7.10
N VAL D 548 10.92 -27.99 -8.34
CA VAL D 548 10.34 -28.71 -9.48
C VAL D 548 10.70 -30.20 -9.41
N PHE D 549 11.96 -30.49 -9.13
CA PHE D 549 12.41 -31.88 -9.06
C PHE D 549 12.02 -32.61 -7.78
N ALA D 550 11.80 -31.87 -6.70
CA ALA D 550 11.70 -32.47 -5.36
C ALA D 550 10.27 -32.83 -4.99
N VAL D 551 9.30 -32.16 -5.59
CA VAL D 551 7.92 -32.45 -5.27
C VAL D 551 7.49 -33.67 -6.07
N PRO D 552 6.45 -34.35 -5.59
CA PRO D 552 5.84 -35.44 -6.34
C PRO D 552 5.11 -34.92 -7.58
N PRO D 553 4.92 -35.78 -8.59
CA PRO D 553 4.23 -35.47 -9.86
C PRO D 553 2.72 -35.42 -9.68
N ILE D 554 2.29 -34.63 -8.70
CA ILE D 554 0.87 -34.40 -8.52
C ILE D 554 0.41 -33.49 -9.66
N PHE D 555 -0.82 -33.69 -10.08
CA PHE D 555 -1.39 -32.91 -11.18
C PHE D 555 -2.87 -32.68 -10.97
N ASP D 556 -3.39 -31.64 -11.62
CA ASP D 556 -4.83 -31.38 -11.70
C ASP D 556 -5.25 -31.54 -13.16
N ASP D 557 -6.01 -32.59 -13.45
CA ASP D 557 -6.40 -32.86 -14.83
C ASP D 557 -7.80 -32.36 -15.19
N SER D 558 -8.39 -31.50 -14.33
CA SER D 558 -9.77 -30.97 -14.52
C SER D 558 -10.07 -30.55 -15.94
N TYR D 559 -9.08 -29.95 -16.60
CA TYR D 559 -9.35 -29.36 -17.90
C TYR D 559 -9.69 -30.41 -18.91
N TYR D 560 -9.15 -31.60 -18.70
CA TYR D 560 -9.32 -32.73 -19.61
C TYR D 560 -10.33 -33.72 -19.02
N GLY D 561 -10.54 -33.64 -17.71
CA GLY D 561 -11.40 -34.62 -16.99
C GLY D 561 -10.85 -36.05 -16.99
N GLN D 562 -9.59 -36.22 -17.35
CA GLN D 562 -8.96 -37.55 -17.48
C GLN D 562 -7.43 -37.42 -17.56
N VAL D 563 -6.71 -38.52 -17.38
CA VAL D 563 -5.23 -38.45 -17.44
C VAL D 563 -4.65 -38.60 -18.86
N ILE D 564 -4.40 -37.49 -19.54
CA ILE D 564 -3.85 -37.56 -20.90
C ILE D 564 -2.44 -38.12 -20.85
N HIS D 565 -1.93 -38.58 -21.98
CA HIS D 565 -0.69 -39.32 -21.95
C HIS D 565 0.49 -38.45 -21.49
N GLU D 566 0.45 -37.17 -21.78
CA GLU D 566 1.55 -36.31 -21.39
C GLU D 566 1.68 -36.27 -19.87
N ILE D 567 0.54 -36.30 -19.20
CA ILE D 567 0.55 -36.34 -17.75
C ILE D 567 1.11 -37.69 -17.26
N ARG D 568 0.63 -38.77 -17.86
N ARG D 568 0.63 -38.77 -17.85
CA ARG D 568 1.03 -40.10 -17.45
CA ARG D 568 1.06 -40.09 -17.44
C ARG D 568 2.55 -40.22 -17.62
C ARG D 568 2.57 -40.18 -17.59
N GLU D 569 3.06 -39.72 -18.73
CA GLU D 569 4.50 -39.75 -19.00
C GLU D 569 5.29 -39.02 -17.91
N MSE D 570 4.79 -37.87 -17.46
CA MSE D 570 5.44 -37.22 -16.32
C MSE D 570 5.46 -38.11 -15.09
O MSE D 570 6.51 -38.27 -14.43
CB MSE D 570 4.72 -35.92 -15.92
CG MSE D 570 5.41 -35.22 -14.74
SE MSE D 570 4.32 -33.77 -14.05
CE MSE D 570 2.69 -34.74 -13.61
N THR D 571 4.31 -38.68 -14.74
CA THR D 571 4.21 -39.40 -13.47
C THR D 571 5.16 -40.57 -13.32
N VAL D 572 5.47 -41.27 -14.41
CA VAL D 572 6.22 -42.52 -14.28
C VAL D 572 7.74 -42.33 -14.22
N MSE D 573 8.19 -41.09 -14.46
CA MSE D 573 9.63 -40.84 -14.62
C MSE D 573 10.43 -40.63 -13.36
O MSE D 573 11.66 -40.73 -13.41
CB MSE D 573 9.90 -39.67 -15.57
CG MSE D 573 9.54 -39.99 -17.01
SE MSE D 573 10.11 -41.75 -17.68
CE MSE D 573 9.07 -41.76 -19.30
N ASN D 574 9.77 -40.34 -12.23
CA ASN D 574 10.47 -40.14 -10.98
C ASN D 574 11.39 -38.91 -11.13
N MSE D 575 10.84 -37.83 -11.70
CA MSE D 575 11.61 -36.59 -11.77
C MSE D 575 10.78 -35.41 -11.24
O MSE D 575 10.94 -34.27 -11.66
CB MSE D 575 12.12 -36.33 -13.20
CG MSE D 575 13.16 -37.39 -13.68
SE MSE D 575 14.17 -36.78 -15.25
CE MSE D 575 15.43 -35.53 -14.34
N GLY D 576 9.90 -35.72 -10.29
CA GLY D 576 9.05 -34.68 -9.69
C GLY D 576 8.12 -34.12 -10.76
N ASN D 577 7.95 -32.81 -10.78
CA ASN D 577 7.22 -32.18 -11.86
C ASN D 577 8.04 -31.86 -13.11
N TYR D 578 9.29 -32.32 -13.16
CA TYR D 578 10.11 -32.10 -14.36
C TYR D 578 9.73 -33.13 -15.42
N ALA D 579 8.90 -32.71 -16.36
CA ALA D 579 8.35 -33.57 -17.39
C ALA D 579 9.11 -33.25 -18.69
N HIS D 580 10.19 -33.97 -18.92
CA HIS D 580 11.11 -33.61 -20.00
C HIS D 580 10.45 -33.49 -21.38
N GLY D 581 9.35 -34.23 -21.56
CA GLY D 581 8.66 -34.25 -22.84
C GLY D 581 7.84 -32.99 -23.10
N ASN D 582 7.52 -32.20 -22.06
CA ASN D 582 6.79 -30.95 -22.28
C ASN D 582 7.74 -29.91 -22.88
N GLN D 583 7.50 -29.52 -24.12
CA GLN D 583 8.42 -28.62 -24.84
C GLN D 583 8.77 -27.36 -24.08
N PRO D 584 7.78 -26.77 -23.40
CA PRO D 584 8.08 -25.51 -22.74
C PRO D 584 9.15 -25.60 -21.64
N ILE D 585 9.37 -26.78 -21.08
CA ILE D 585 10.27 -26.91 -19.94
C ILE D 585 11.66 -27.32 -20.37
N GLN D 586 11.84 -27.56 -21.66
CA GLN D 586 13.06 -28.24 -22.08
C GLN D 586 14.35 -27.45 -21.94
N HIS D 587 14.24 -26.13 -21.88
CA HIS D 587 15.41 -25.28 -21.62
C HIS D 587 15.66 -25.08 -20.12
N MSE D 588 14.69 -25.46 -19.30
CA MSE D 588 14.67 -25.10 -17.88
C MSE D 588 15.97 -25.39 -17.12
O MSE D 588 16.49 -24.49 -16.46
CB MSE D 588 13.49 -25.78 -17.16
CG MSE D 588 13.11 -25.06 -15.86
SE MSE D 588 12.39 -26.29 -14.52
CE MSE D 588 14.00 -27.37 -14.47
N ILE D 589 16.50 -26.60 -17.23
CA ILE D 589 17.73 -26.94 -16.50
C ILE D 589 18.91 -25.99 -16.77
N TYR D 590 19.05 -25.55 -18.02
CA TYR D 590 20.11 -24.60 -18.42
C TYR D 590 20.00 -23.29 -17.62
N LEU D 591 18.83 -23.01 -17.07
CA LEU D 591 18.67 -21.75 -16.32
C LEU D 591 19.45 -21.72 -14.99
N TYR D 592 19.80 -22.88 -14.46
CA TYR D 592 20.68 -22.88 -13.29
C TYR D 592 21.97 -22.06 -13.57
N ASP D 593 22.45 -22.10 -14.82
CA ASP D 593 23.61 -21.33 -15.22
C ASP D 593 23.43 -19.85 -14.92
N TYR D 594 22.24 -19.33 -15.18
CA TYR D 594 21.96 -17.91 -15.01
C TYR D 594 21.85 -17.48 -13.54
N ALA D 595 21.73 -18.45 -12.64
CA ALA D 595 21.57 -18.13 -11.23
C ALA D 595 22.88 -18.44 -10.51
N GLY D 596 23.92 -18.68 -11.29
CA GLY D 596 25.24 -18.92 -10.73
C GLY D 596 25.43 -20.32 -10.17
N GLN D 597 24.66 -21.30 -10.65
CA GLN D 597 24.89 -22.66 -10.14
C GLN D 597 24.96 -23.71 -11.26
N PRO D 598 25.95 -23.57 -12.15
CA PRO D 598 26.09 -24.46 -13.31
C PRO D 598 26.24 -25.93 -12.95
N TRP D 599 26.79 -26.22 -11.76
CA TRP D 599 26.99 -27.60 -11.31
C TRP D 599 25.62 -28.31 -11.20
N LYS D 600 24.57 -27.56 -10.88
CA LYS D 600 23.25 -28.17 -10.78
C LYS D 600 22.71 -28.53 -12.15
N ALA D 601 22.95 -27.66 -13.14
CA ALA D 601 22.59 -28.00 -14.52
C ALA D 601 23.35 -29.23 -14.96
N GLN D 602 24.65 -29.25 -14.67
CA GLN D 602 25.46 -30.40 -15.04
C GLN D 602 24.86 -31.69 -14.47
N TYR D 603 24.48 -31.64 -13.19
CA TYR D 603 23.92 -32.81 -12.56
C TYR D 603 22.62 -33.27 -13.26
N TRP D 604 21.66 -32.35 -13.39
CA TRP D 604 20.31 -32.69 -13.90
C TRP D 604 20.33 -33.00 -15.38
N LEU D 605 21.16 -32.29 -16.13
CA LEU D 605 21.31 -32.57 -17.56
C LEU D 605 21.79 -33.97 -17.80
N ARG D 606 22.82 -34.37 -17.05
CA ARG D 606 23.28 -35.75 -17.18
C ARG D 606 22.20 -36.78 -16.78
N GLN D 607 21.40 -36.47 -15.76
CA GLN D 607 20.31 -37.35 -15.34
C GLN D 607 19.34 -37.53 -16.52
N VAL D 608 18.98 -36.44 -17.17
CA VAL D 608 18.06 -36.51 -18.30
C VAL D 608 18.62 -37.35 -19.47
N MSE D 609 19.86 -37.07 -19.84
CA MSE D 609 20.51 -37.80 -20.93
C MSE D 609 20.66 -39.29 -20.66
O MSE D 609 20.51 -40.15 -21.55
CB MSE D 609 21.85 -37.15 -21.26
CG MSE D 609 21.67 -35.85 -22.03
SE MSE D 609 23.40 -35.05 -22.55
CE MSE D 609 23.44 -33.67 -21.11
N ASP D 610 20.99 -39.61 -19.41
CA ASP D 610 21.20 -40.99 -19.04
C ASP D 610 19.89 -41.78 -18.92
N ARG D 611 18.85 -41.12 -18.44
CA ARG D 611 17.63 -41.82 -18.00
C ARG D 611 16.46 -41.65 -18.96
N MSE D 612 16.35 -40.49 -19.60
CA MSE D 612 15.13 -40.17 -20.37
C MSE D 612 15.23 -40.56 -21.85
O MSE D 612 14.26 -40.40 -22.61
CB MSE D 612 14.80 -38.70 -20.26
CG MSE D 612 14.45 -38.23 -18.86
SE MSE D 612 12.78 -39.13 -18.24
CE MSE D 612 13.61 -40.36 -16.94
N TYR D 613 16.42 -41.00 -22.26
CA TYR D 613 16.68 -41.46 -23.61
C TYR D 613 17.38 -42.82 -23.62
N THR D 614 16.82 -43.73 -24.39
CA THR D 614 17.34 -45.06 -24.61
C THR D 614 17.27 -45.34 -26.12
N PRO D 615 18.14 -46.21 -26.62
CA PRO D 615 18.26 -46.40 -28.06
C PRO D 615 17.25 -47.40 -28.68
N GLY D 616 16.42 -47.98 -27.86
CA GLY D 616 15.51 -49.02 -28.26
C GLY D 616 14.20 -48.54 -28.90
N PRO D 617 13.32 -49.46 -29.25
CA PRO D 617 12.07 -49.05 -29.89
C PRO D 617 11.20 -48.10 -29.01
N ASP D 618 11.28 -48.26 -27.72
CA ASP D 618 10.62 -47.42 -26.74
C ASP D 618 11.60 -46.32 -26.21
N GLY D 619 12.37 -45.75 -27.08
CA GLY D 619 13.50 -44.90 -26.77
C GLY D 619 13.30 -43.54 -26.10
N TYR D 620 12.26 -42.83 -26.49
CA TYR D 620 11.98 -41.51 -25.97
C TYR D 620 11.10 -41.53 -24.72
N CYS D 621 11.12 -40.46 -23.93
CA CYS D 621 10.23 -40.35 -22.78
C CYS D 621 8.86 -39.71 -23.08
N GLY D 622 8.62 -39.32 -24.33
CA GLY D 622 7.35 -38.72 -24.77
C GLY D 622 7.45 -38.49 -26.27
N ASP D 623 6.49 -37.78 -26.86
CA ASP D 623 6.54 -37.51 -28.31
C ASP D 623 7.86 -36.92 -28.77
N GLU D 624 8.34 -37.35 -29.94
CA GLU D 624 9.60 -36.86 -30.45
C GLU D 624 9.47 -35.45 -31.04
N ASP D 625 8.27 -35.13 -31.49
CA ASP D 625 7.95 -33.77 -31.97
C ASP D 625 8.82 -33.18 -33.08
N ASN D 626 8.87 -33.89 -34.20
CA ASN D 626 9.60 -33.46 -35.39
C ASN D 626 10.98 -32.92 -35.23
N GLY D 627 11.71 -33.58 -34.35
CA GLY D 627 13.09 -33.26 -34.25
C GLY D 627 13.39 -32.46 -33.00
N GLN D 628 12.40 -31.87 -32.33
CA GLN D 628 12.75 -31.00 -31.17
C GLN D 628 13.33 -31.80 -30.03
N THR D 629 12.61 -32.84 -29.61
CA THR D 629 13.08 -33.71 -28.53
C THR D 629 14.40 -34.44 -28.90
N SER D 630 14.57 -34.74 -30.17
CA SER D 630 15.82 -35.35 -30.63
C SER D 630 16.99 -34.35 -30.64
N ALA D 631 16.74 -33.18 -31.21
CA ALA D 631 17.82 -32.19 -31.32
C ALA D 631 18.24 -31.73 -29.92
N TRP D 632 17.32 -31.84 -28.96
CA TRP D 632 17.65 -31.49 -27.60
C TRP D 632 18.81 -32.37 -27.14
N TYR D 633 18.75 -33.67 -27.47
CA TYR D 633 19.77 -34.60 -27.05
C TYR D 633 21.07 -34.36 -27.81
N VAL D 634 20.96 -34.02 -29.10
CA VAL D 634 22.14 -33.74 -29.91
C VAL D 634 22.94 -32.57 -29.32
N PHE D 635 22.27 -31.46 -29.07
CA PHE D 635 22.92 -30.31 -28.45
C PHE D 635 23.45 -30.67 -27.05
N SER D 636 22.56 -31.19 -26.20
CA SER D 636 22.94 -31.45 -24.83
C SER D 636 24.13 -32.42 -24.72
N ALA D 637 24.21 -33.42 -25.61
CA ALA D 637 25.35 -34.33 -25.57
C ALA D 637 26.67 -33.64 -25.93
N LEU D 638 26.58 -32.62 -26.78
CA LEU D 638 27.76 -31.84 -27.15
C LEU D 638 28.21 -30.97 -25.99
N GLY D 639 27.26 -30.59 -25.12
CA GLY D 639 27.57 -29.84 -23.92
C GLY D 639 27.00 -28.45 -23.84
N PHE D 640 26.17 -28.09 -24.82
CA PHE D 640 25.55 -26.76 -24.80
C PHE D 640 24.23 -26.70 -25.55
N TYR D 641 23.50 -25.60 -25.37
CA TYR D 641 22.12 -25.50 -25.84
C TYR D 641 21.67 -24.08 -26.11
N PRO D 642 20.92 -23.88 -27.23
CA PRO D 642 20.45 -22.53 -27.58
C PRO D 642 19.19 -22.15 -26.79
N VAL D 643 19.38 -21.81 -25.52
CA VAL D 643 18.26 -21.43 -24.69
C VAL D 643 17.46 -20.28 -25.34
N CYS D 644 18.18 -19.33 -25.91
CA CYS D 644 17.51 -18.16 -26.47
C CYS D 644 17.89 -17.89 -27.92
N PRO D 645 17.25 -18.62 -28.87
CA PRO D 645 17.42 -18.31 -30.29
C PRO D 645 17.18 -16.82 -30.51
N GLY D 646 17.93 -16.22 -31.43
CA GLY D 646 17.90 -14.75 -31.54
C GLY D 646 19.12 -14.09 -30.90
N THR D 647 19.73 -14.78 -29.94
CA THR D 647 21.06 -14.40 -29.44
C THR D 647 22.09 -15.21 -30.22
N ASP D 648 23.37 -14.89 -30.05
CA ASP D 648 24.43 -15.71 -30.65
C ASP D 648 24.96 -16.74 -29.64
N GLU D 649 24.19 -17.01 -28.59
CA GLU D 649 24.70 -17.79 -27.47
C GLU D 649 24.20 -19.24 -27.36
N TYR D 650 25.10 -20.13 -26.96
CA TYR D 650 24.74 -21.48 -26.50
C TYR D 650 25.16 -21.62 -25.03
N VAL D 651 24.22 -21.99 -24.18
CA VAL D 651 24.41 -21.99 -22.74
C VAL D 651 25.00 -23.33 -22.35
N MSE D 652 25.97 -23.33 -21.43
CA MSE D 652 26.73 -24.54 -21.18
C MSE D 652 25.94 -25.54 -20.34
O MSE D 652 25.31 -25.17 -19.33
CB MSE D 652 28.04 -24.20 -20.47
CG MSE D 652 29.15 -25.22 -20.70
SE MSE D 652 29.81 -25.15 -22.55
CE MSE D 652 30.56 -26.94 -22.56
N GLY D 653 26.01 -26.80 -20.73
CA GLY D 653 25.55 -27.91 -19.88
C GLY D 653 26.72 -28.77 -19.48
N THR D 654 26.72 -30.01 -19.93
CA THR D 654 27.83 -30.92 -19.70
C THR D 654 27.86 -31.98 -20.82
N PRO D 655 29.02 -32.16 -21.43
CA PRO D 655 29.17 -33.06 -22.58
C PRO D 655 29.12 -34.51 -22.17
N LEU D 656 28.56 -35.33 -23.05
CA LEU D 656 28.39 -36.75 -22.77
C LEU D 656 29.58 -37.58 -23.19
N PHE D 657 30.27 -37.18 -24.24
CA PHE D 657 31.37 -38.02 -24.76
C PHE D 657 32.77 -37.52 -24.39
N LYS D 658 33.75 -38.40 -24.51
CA LYS D 658 35.15 -38.03 -24.30
C LYS D 658 35.65 -37.12 -25.41
N LYS D 659 35.07 -37.22 -26.61
CA LYS D 659 35.44 -36.31 -27.68
C LYS D 659 34.31 -36.16 -28.70
N ALA D 660 34.06 -34.93 -29.12
CA ALA D 660 33.11 -34.62 -30.19
C ALA D 660 33.78 -33.63 -31.13
N THR D 661 33.65 -33.85 -32.43
CA THR D 661 34.21 -32.90 -33.40
C THR D 661 33.09 -32.40 -34.30
N LEU D 662 32.96 -31.08 -34.42
CA LEU D 662 31.96 -30.50 -35.30
C LEU D 662 32.62 -29.98 -36.57
N HIS D 663 32.07 -30.33 -37.73
CA HIS D 663 32.60 -29.85 -39.00
C HIS D 663 31.59 -28.90 -39.63
N PHE D 664 31.90 -27.61 -39.59
CA PHE D 664 30.99 -26.59 -40.05
C PHE D 664 31.00 -26.42 -41.56
N GLU D 665 29.93 -25.87 -42.11
CA GLU D 665 29.86 -25.72 -43.56
C GLU D 665 30.93 -24.75 -44.07
N ASN D 666 31.40 -23.85 -43.20
CA ASN D 666 32.45 -22.92 -43.63
C ASN D 666 33.85 -23.55 -43.76
N GLY D 667 33.96 -24.85 -43.53
CA GLY D 667 35.24 -25.55 -43.65
C GLY D 667 36.03 -25.64 -42.37
N ASN D 668 35.63 -24.93 -41.33
CA ASN D 668 36.32 -25.04 -40.04
C ASN D 668 35.73 -26.14 -39.20
N SER D 669 36.46 -26.55 -38.15
CA SER D 669 36.05 -27.64 -37.27
C SER D 669 36.34 -27.30 -35.81
N LEU D 670 35.48 -27.80 -34.92
CA LEU D 670 35.67 -27.52 -33.50
C LEU D 670 35.74 -28.84 -32.78
N VAL D 671 36.80 -29.03 -31.99
CA VAL D 671 36.96 -30.25 -31.23
C VAL D 671 36.59 -29.98 -29.77
N ILE D 672 35.73 -30.84 -29.21
CA ILE D 672 35.35 -30.75 -27.81
C ILE D 672 35.93 -31.93 -27.08
N ASP D 673 36.99 -31.65 -26.34
CA ASP D 673 37.81 -32.63 -25.65
C ASP D 673 37.40 -32.74 -24.20
N ALA D 674 37.09 -33.95 -23.74
CA ALA D 674 36.74 -34.16 -22.32
C ALA D 674 37.27 -35.51 -21.89
N PRO D 675 38.60 -35.62 -21.82
CA PRO D 675 39.19 -36.96 -21.75
C PRO D 675 38.88 -37.73 -20.47
N ASN D 676 38.45 -37.03 -19.43
CA ASN D 676 38.18 -37.71 -18.15
C ASN D 676 36.68 -37.97 -18.02
N ASN D 677 35.94 -37.83 -19.12
CA ASN D 677 34.50 -38.04 -19.03
C ASN D 677 34.19 -39.48 -18.64
N SER D 678 33.13 -39.69 -17.87
CA SER D 678 32.73 -41.05 -17.49
C SER D 678 31.32 -41.04 -16.91
N THR D 679 30.79 -42.21 -16.58
CA THR D 679 29.49 -42.30 -15.94
C THR D 679 29.46 -41.42 -14.69
N GLU D 680 30.51 -41.47 -13.87
CA GLU D 680 30.56 -40.64 -12.65
C GLU D 680 31.07 -39.22 -12.83
N ASN D 681 31.97 -39.00 -13.79
CA ASN D 681 32.54 -37.64 -13.92
C ASN D 681 31.71 -36.74 -14.85
N PHE D 682 30.66 -36.16 -14.33
CA PHE D 682 29.73 -35.38 -15.16
C PHE D 682 29.76 -33.90 -14.84
N TYR D 683 30.61 -33.50 -13.89
CA TYR D 683 30.75 -32.08 -13.54
C TYR D 683 31.89 -31.45 -14.32
N ILE D 684 31.72 -30.18 -14.69
CA ILE D 684 32.82 -29.44 -15.31
C ILE D 684 33.66 -28.82 -14.20
N ASP D 685 34.89 -29.28 -14.05
CA ASP D 685 35.76 -28.74 -12.97
C ASP D 685 36.50 -27.50 -13.45
N SER D 686 36.75 -27.45 -14.76
CA SER D 686 37.39 -26.33 -15.40
C SER D 686 37.32 -26.58 -16.89
N MSE D 687 37.58 -25.55 -17.68
CA MSE D 687 37.38 -25.65 -19.12
C MSE D 687 38.23 -24.61 -19.81
O MSE D 687 38.44 -23.53 -19.27
CB MSE D 687 35.90 -25.42 -19.42
CG MSE D 687 35.56 -25.17 -20.87
SE MSE D 687 33.57 -25.15 -20.98
CE MSE D 687 33.26 -23.85 -22.35
N SER D 688 38.71 -24.91 -21.00
CA SER D 688 39.43 -23.91 -21.79
C SER D 688 38.92 -23.93 -23.22
N PHE D 689 39.06 -22.78 -23.88
CA PHE D 689 38.69 -22.60 -25.28
C PHE D 689 39.95 -22.09 -25.99
N ASN D 690 40.51 -22.92 -26.87
CA ASN D 690 41.75 -22.56 -27.52
C ASN D 690 42.80 -22.13 -26.48
N GLY D 691 42.93 -22.91 -25.40
CA GLY D 691 43.97 -22.66 -24.38
C GLY D 691 43.52 -21.72 -23.29
N ALA D 692 42.66 -20.76 -23.67
CA ALA D 692 42.12 -19.73 -22.78
C ALA D 692 41.16 -20.28 -21.73
N ASP D 693 41.46 -20.03 -20.46
CA ASP D 693 40.58 -20.51 -19.42
C ASP D 693 39.21 -19.88 -19.69
N HIS D 694 38.14 -20.64 -19.51
CA HIS D 694 36.83 -20.16 -19.89
C HIS D 694 35.88 -20.50 -18.75
N THR D 695 35.43 -19.48 -18.03
CA THR D 695 34.56 -19.68 -16.90
C THR D 695 33.14 -19.24 -17.24
N LYS D 696 32.95 -18.65 -18.43
CA LYS D 696 31.61 -18.20 -18.81
C LYS D 696 30.66 -19.40 -19.04
N ASN D 697 29.39 -19.21 -18.69
CA ASN D 697 28.40 -20.28 -18.86
C ASN D 697 27.77 -20.32 -20.25
N TYR D 698 28.44 -19.73 -21.24
CA TYR D 698 27.95 -19.73 -22.61
C TYR D 698 29.10 -19.67 -23.64
N LEU D 699 28.77 -20.08 -24.86
CA LEU D 699 29.68 -20.03 -25.99
C LEU D 699 28.99 -19.16 -27.04
N ARG D 700 29.79 -18.45 -27.82
CA ARG D 700 29.29 -17.61 -28.91
C ARG D 700 29.42 -18.28 -30.28
N HIS D 701 28.35 -18.19 -31.05
CA HIS D 701 28.26 -18.69 -32.44
C HIS D 701 29.47 -18.35 -33.31
N GLU D 702 29.86 -17.07 -33.31
CA GLU D 702 30.95 -16.60 -34.15
C GLU D 702 32.25 -17.29 -33.71
N ASP D 703 32.43 -17.45 -32.41
CA ASP D 703 33.64 -18.10 -31.89
C ASP D 703 33.69 -19.58 -32.26
N LEU D 704 32.56 -20.27 -32.17
CA LEU D 704 32.54 -21.68 -32.55
C LEU D 704 32.91 -21.85 -34.02
N PHE D 705 32.32 -21.02 -34.87
CA PHE D 705 32.57 -21.07 -36.32
C PHE D 705 34.04 -20.84 -36.68
N LYS D 706 34.81 -20.14 -35.82
CA LYS D 706 36.23 -19.97 -36.11
C LYS D 706 36.97 -21.28 -35.95
N GLY D 707 36.41 -22.19 -35.17
CA GLY D 707 37.05 -23.49 -35.01
C GLY D 707 38.01 -23.56 -33.84
N GLY D 708 38.65 -24.69 -33.67
CA GLY D 708 39.62 -24.81 -32.61
C GLY D 708 39.35 -25.96 -31.65
N THR D 709 39.70 -25.75 -30.39
CA THR D 709 39.64 -26.83 -29.42
C THR D 709 39.10 -26.30 -28.11
N ILE D 710 38.05 -26.94 -27.61
CA ILE D 710 37.58 -26.75 -26.24
C ILE D 710 37.99 -27.97 -25.42
N LYS D 711 38.53 -27.71 -24.24
CA LYS D 711 38.92 -28.80 -23.37
C LYS D 711 38.11 -28.66 -22.11
N VAL D 712 37.43 -29.73 -21.72
CA VAL D 712 36.60 -29.73 -20.50
C VAL D 712 37.18 -30.74 -19.54
N ASP D 713 37.51 -30.28 -18.33
CA ASP D 713 38.03 -31.16 -17.28
C ASP D 713 36.84 -31.64 -16.49
N MSE D 714 36.57 -32.95 -16.59
CA MSE D 714 35.42 -33.56 -15.94
C MSE D 714 35.77 -34.09 -14.56
O MSE D 714 36.85 -34.67 -14.35
CB MSE D 714 34.85 -34.69 -16.80
CG MSE D 714 34.71 -34.32 -18.27
SE MSE D 714 33.43 -32.87 -18.49
CE MSE D 714 31.80 -33.74 -17.74
N SER D 715 34.83 -33.92 -13.63
CA SER D 715 35.05 -34.34 -12.27
C SER D 715 33.80 -35.05 -11.74
N ASN D 716 33.97 -35.91 -10.73
CA ASN D 716 32.84 -36.54 -10.06
C ASN D 716 32.29 -35.74 -8.90
N ARG D 717 32.86 -34.56 -8.63
CA ARG D 717 32.32 -33.70 -7.57
C ARG D 717 32.08 -32.32 -8.17
N PRO D 718 31.12 -31.56 -7.66
CA PRO D 718 30.89 -30.25 -8.27
C PRO D 718 31.94 -29.23 -7.86
N ASN D 719 32.14 -28.24 -8.71
CA ASN D 719 32.94 -27.08 -8.37
C ASN D 719 32.02 -25.90 -8.07
N LEU D 720 31.83 -25.63 -6.77
CA LEU D 720 30.86 -24.64 -6.32
C LEU D 720 31.30 -23.23 -6.67
N ASN D 721 32.52 -23.10 -7.17
CA ASN D 721 33.09 -21.77 -7.42
C ASN D 721 33.12 -21.37 -8.89
N ARG D 722 33.14 -22.36 -9.77
CA ARG D 722 33.27 -22.03 -11.19
C ARG D 722 31.95 -21.51 -11.78
N GLY D 723 32.03 -20.42 -12.54
CA GLY D 723 30.89 -19.92 -13.32
C GLY D 723 29.85 -19.17 -12.52
N THR D 724 30.28 -18.54 -11.44
CA THR D 724 29.35 -17.86 -10.53
C THR D 724 29.42 -16.33 -10.60
N LYS D 725 30.36 -15.78 -11.38
CA LYS D 725 30.52 -14.32 -11.47
C LYS D 725 29.57 -13.71 -12.46
N GLU D 726 29.30 -12.41 -12.32
CA GLU D 726 28.43 -11.69 -13.25
C GLU D 726 28.88 -11.75 -14.76
N GLU D 727 30.18 -11.67 -15.04
CA GLU D 727 30.66 -11.77 -16.44
C GLU D 727 30.49 -13.17 -17.00
N ASP D 728 30.27 -14.15 -16.14
CA ASP D 728 30.06 -15.53 -16.57
C ASP D 728 28.62 -15.77 -17.04
N MSE D 729 27.74 -14.81 -16.79
CA MSE D 729 26.30 -14.99 -17.07
C MSE D 729 25.94 -14.90 -18.53
O MSE D 729 26.47 -14.04 -19.24
CB MSE D 729 25.47 -13.95 -16.30
CG MSE D 729 25.55 -14.10 -14.77
SE MSE D 729 25.11 -15.88 -14.10
CE MSE D 729 26.82 -16.74 -14.16
N PRO D 730 25.02 -15.77 -19.01
CA PRO D 730 24.61 -15.57 -20.41
C PRO D 730 23.63 -14.40 -20.50
N TYR D 731 23.18 -14.11 -21.70
CA TYR D 731 22.35 -12.96 -22.02
C TYR D 731 21.03 -12.81 -21.27
N SER D 732 20.75 -11.60 -20.75
CA SER D 732 19.39 -11.22 -20.33
C SER D 732 19.07 -9.82 -20.76
N PHE D 733 17.85 -9.66 -21.30
CA PHE D 733 17.44 -8.40 -21.89
C PHE D 733 17.52 -7.28 -20.83
N SER D 734 17.06 -7.58 -19.62
CA SER D 734 17.04 -6.59 -18.55
C SER D 734 18.44 -6.05 -18.32
N LYS D 735 19.44 -6.85 -18.64
CA LYS D 735 20.82 -6.46 -18.38
C LYS D 735 21.37 -5.66 -19.53
N GLU D 736 20.87 -5.94 -20.72
CA GLU D 736 21.21 -5.11 -21.87
C GLU D 736 20.90 -3.65 -21.61
CA CA E . -6.51 -34.97 37.80
C1 GOL F . -5.05 -37.77 43.38
O1 GOL F . -4.00 -37.31 44.20
C2 GOL F . -5.63 -39.06 43.95
O2 GOL F . -6.59 -39.60 43.07
C3 GOL F . -6.25 -38.77 45.31
O3 GOL F . -7.56 -38.26 45.20
C1 GOL G . -3.93 -15.40 56.01
O1 GOL G . -4.18 -15.81 57.35
C2 GOL G . -3.66 -13.89 55.94
O2 GOL G . -3.08 -13.59 54.70
C3 GOL G . -4.96 -13.11 56.11
O3 GOL G . -4.68 -11.72 56.22
C1 GOL H . -12.59 -11.05 29.25
O1 GOL H . -12.32 -12.35 29.77
C2 GOL H . -13.28 -10.24 30.36
O2 GOL H . -14.57 -10.74 30.59
C3 GOL H . -13.38 -8.74 30.07
O3 GOL H . -14.31 -8.57 29.02
C1 GOL I . -26.60 -16.09 57.61
O1 GOL I . -26.10 -15.45 56.47
C2 GOL I . -27.64 -15.18 58.24
O2 GOL I . -28.56 -14.84 57.21
C3 GOL I . -28.39 -15.98 59.29
O3 GOL I . -29.73 -15.53 59.31
CA CA J . -2.02 44.30 -26.22
C1 GOL K . -9.06 26.99 -47.70
O1 GOL K . -9.42 25.66 -48.00
C2 GOL K . -7.55 27.12 -47.49
O2 GOL K . -7.13 26.39 -46.33
C3 GOL K . -7.25 28.60 -47.27
O3 GOL K . -7.54 29.28 -48.47
C1 GOL L . -17.24 21.13 -21.89
O1 GOL L . -18.62 20.93 -21.97
C2 GOL L . -16.94 22.62 -21.95
O2 GOL L . -18.08 23.46 -22.03
C3 GOL L . -16.02 22.99 -20.80
O3 GOL L . -15.24 24.03 -21.29
C1 GOL M . -0.14 47.36 -31.56
O1 GOL M . 0.87 46.77 -32.36
C2 GOL M . -0.04 48.88 -31.66
O2 GOL M . -0.73 49.49 -30.59
C3 GOL M . -0.69 49.30 -32.99
O3 GOL M . -2.08 49.04 -32.96
C1 GOL N . -13.46 57.77 -29.76
O1 GOL N . -14.47 58.43 -30.49
C2 GOL N . -14.08 56.97 -28.61
O2 GOL N . -14.83 57.86 -27.77
C3 GOL N . -12.97 56.35 -27.79
O3 GOL N . -13.41 56.05 -26.49
CA CA O . -1.45 17.14 35.28
C1 GOL P . 12.72 38.27 40.27
O1 GOL P . 12.05 37.08 39.86
C2 GOL P . 13.63 38.76 39.16
O2 GOL P . 14.64 37.80 38.88
C3 GOL P . 14.30 40.05 39.61
O3 GOL P . 15.34 40.29 38.67
C1 GOL Q . 4.10 35.18 14.22
O1 GOL Q . 4.42 36.41 13.58
C2 GOL Q . 2.59 35.04 14.41
O2 GOL Q . 2.13 35.71 15.55
C3 GOL Q . 2.27 33.57 14.61
O3 GOL Q . 2.36 32.92 13.37
C1 GOL R . -13.31 24.94 3.37
O1 GOL R . -12.07 25.57 3.54
C2 GOL R . -13.54 24.10 4.63
O2 GOL R . -13.17 24.81 5.79
C3 GOL R . -14.98 23.58 4.64
O3 GOL R . -15.41 23.31 5.95
C1 GOL S . -3.38 12.16 28.57
O1 GOL S . -2.07 12.60 28.30
C2 GOL S . -3.82 12.67 29.95
O2 GOL S . -2.96 12.09 30.90
C3 GOL S . -3.81 14.20 30.04
O3 GOL S . -4.88 14.77 29.31
CA CA T . 5.82 -32.85 -26.06
C1 GOL U . 1.31 -31.98 -33.04
O1 GOL U . 1.99 -33.20 -33.20
C2 GOL U . 1.42 -31.48 -31.60
O2 GOL U . 0.99 -32.50 -30.71
C3 GOL U . 2.86 -31.10 -31.25
O3 GOL U . 3.23 -29.90 -31.90
C1 GOL V . 25.74 -29.31 -44.67
O1 GOL V . 27.06 -29.74 -44.45
C2 GOL V . 25.31 -29.84 -46.02
O2 GOL V . 26.06 -31.00 -46.40
C3 GOL V . 23.81 -30.16 -45.95
O3 GOL V . 23.42 -30.60 -47.23
C1 GOL W . 32.45 -41.61 -21.43
O1 GOL W . 32.94 -42.90 -21.68
C2 GOL W . 30.92 -41.59 -21.55
O2 GOL W . 30.34 -42.84 -21.78
C3 GOL W . 30.25 -40.88 -20.38
O3 GOL W . 28.93 -40.53 -20.76
C1 GOL X . 21.49 -54.47 -50.63
O1 GOL X . 21.73 -55.86 -50.64
C2 GOL X . 22.42 -53.73 -49.68
O2 GOL X . 23.01 -54.61 -48.72
C3 GOL X . 21.59 -52.74 -48.91
O3 GOL X . 22.33 -52.21 -47.83
#